data_5NR5
#
_entry.id   5NR5
#
_entity_poly.entity_id   1
_entity_poly.type   'polypeptide(L)'
_entity_poly.pdbx_seq_one_letter_code
;GSHMASMDPLDKIINDIKKEANDSGVTLAPLSVPKPKLEELSEQQKIILAEYIAEVGLQNITAITLSKKLNITVEKAKNY
IKNSNRLGRTNNLKTIGILQEEVSSMEAKSMTW
;
_entity_poly.pdbx_strand_id   A
#
# COMPACT_ATOMS: atom_id res chain seq x y z
N GLY A 1 -4.49 -0.28 -20.16
CA GLY A 1 -3.72 -1.53 -20.03
C GLY A 1 -4.62 -2.75 -20.04
N SER A 2 -4.38 -3.71 -19.13
CA SER A 2 -5.20 -4.92 -18.94
C SER A 2 -5.27 -5.31 -17.46
N HIS A 3 -6.47 -5.65 -16.97
CA HIS A 3 -6.75 -6.06 -15.59
C HIS A 3 -8.00 -6.93 -15.50
N MET A 4 -8.14 -7.73 -14.44
CA MET A 4 -9.30 -8.61 -14.19
C MET A 4 -9.57 -8.77 -12.69
N ALA A 5 -10.85 -8.85 -12.33
CA ALA A 5 -11.33 -9.18 -10.99
C ALA A 5 -12.41 -10.28 -11.00
N SER A 6 -12.48 -11.03 -9.89
CA SER A 6 -13.50 -12.04 -9.62
C SER A 6 -13.62 -12.29 -8.11
N MET A 7 -14.68 -12.98 -7.67
CA MET A 7 -14.91 -13.42 -6.30
C MET A 7 -15.07 -14.95 -6.21
N ASP A 8 -14.31 -15.59 -5.32
CA ASP A 8 -14.32 -17.03 -5.04
C ASP A 8 -14.15 -17.32 -3.53
N PRO A 9 -14.56 -18.50 -3.03
CA PRO A 9 -14.36 -18.87 -1.62
C PRO A 9 -12.90 -19.15 -1.23
N LEU A 10 -12.03 -19.31 -2.22
CA LEU A 10 -10.63 -19.71 -2.08
C LEU A 10 -9.63 -18.55 -2.32
N ASP A 11 -9.89 -17.39 -1.73
CA ASP A 11 -8.98 -16.22 -1.74
C ASP A 11 -8.24 -15.96 -0.41
N LYS A 12 -8.50 -16.79 0.62
CA LYS A 12 -8.14 -16.51 2.03
C LYS A 12 -7.33 -17.62 2.69
N ILE A 13 -7.92 -18.81 2.73
CA ILE A 13 -7.39 -20.02 3.39
C ILE A 13 -6.92 -21.10 2.40
N ILE A 14 -6.95 -20.80 1.10
CA ILE A 14 -6.73 -21.74 -0.02
C ILE A 14 -5.53 -22.70 0.15
N ASN A 15 -4.38 -22.16 0.58
CA ASN A 15 -3.08 -22.85 0.57
C ASN A 15 -2.19 -22.46 1.77
N ASP A 16 -2.80 -21.98 2.86
CA ASP A 16 -2.10 -21.22 3.91
C ASP A 16 -1.36 -22.07 4.97
N ILE A 17 -1.20 -23.37 4.69
CA ILE A 17 -0.55 -24.36 5.58
C ILE A 17 0.22 -25.46 4.82
N LYS A 18 0.69 -25.15 3.60
CA LYS A 18 1.47 -26.06 2.75
C LYS A 18 2.76 -25.45 2.19
N LYS A 19 2.68 -24.22 1.66
CA LYS A 19 3.72 -23.55 0.88
C LYS A 19 3.72 -22.04 1.11
N GLU A 20 4.91 -21.44 1.08
CA GLU A 20 5.13 -19.98 1.13
C GLU A 20 5.99 -19.50 -0.04
N ALA A 21 5.77 -18.25 -0.46
CA ALA A 21 6.40 -17.61 -1.62
C ALA A 21 6.41 -16.07 -1.50
N ASN A 22 7.09 -15.40 -2.42
CA ASN A 22 7.15 -13.93 -2.50
C ASN A 22 7.20 -13.48 -3.98
N ASP A 23 6.36 -12.51 -4.35
CA ASP A 23 6.23 -11.97 -5.71
C ASP A 23 6.12 -10.43 -5.70
N SER A 24 6.57 -9.77 -6.76
CA SER A 24 6.61 -8.30 -6.89
C SER A 24 5.29 -7.65 -7.31
N GLY A 25 4.28 -8.45 -7.67
CA GLY A 25 2.92 -7.95 -7.88
C GLY A 25 1.91 -9.06 -8.16
N VAL A 26 1.17 -9.45 -7.12
CA VAL A 26 0.03 -10.38 -7.18
C VAL A 26 -1.06 -9.97 -6.18
N THR A 27 -2.32 -10.01 -6.62
CA THR A 27 -3.55 -9.71 -5.84
C THR A 27 -3.64 -8.26 -5.29
N LEU A 28 -4.87 -7.79 -5.02
CA LEU A 28 -5.15 -6.42 -4.56
C LEU A 28 -6.23 -6.28 -3.47
N ALA A 29 -6.54 -7.38 -2.80
CA ALA A 29 -7.61 -7.47 -1.80
C ALA A 29 -7.34 -8.54 -0.73
N PRO A 30 -7.12 -8.15 0.56
CA PRO A 30 -6.93 -9.11 1.65
C PRO A 30 -8.24 -9.57 2.31
N LEU A 31 -9.28 -8.72 2.31
CA LEU A 31 -10.57 -8.96 2.98
C LEU A 31 -11.71 -8.19 2.28
N SER A 32 -11.99 -8.53 1.02
CA SER A 32 -13.11 -7.98 0.24
C SER A 32 -13.11 -6.45 0.11
N VAL A 33 -11.92 -5.86 0.00
CA VAL A 33 -11.64 -4.42 -0.01
C VAL A 33 -10.33 -4.14 -0.78
N PRO A 34 -10.19 -3.03 -1.54
CA PRO A 34 -8.98 -2.75 -2.33
C PRO A 34 -7.81 -2.24 -1.46
N LYS A 35 -7.32 -3.12 -0.58
CA LYS A 35 -6.31 -2.92 0.49
C LYS A 35 -6.69 -1.84 1.54
N PRO A 36 -6.91 -2.20 2.82
CA PRO A 36 -7.30 -1.23 3.86
C PRO A 36 -6.10 -0.37 4.30
N LYS A 37 -6.35 0.90 4.63
CA LYS A 37 -5.32 1.87 5.04
C LYS A 37 -4.77 1.59 6.45
N LEU A 38 -3.45 1.76 6.63
CA LEU A 38 -2.71 1.44 7.84
C LEU A 38 -1.64 2.50 8.14
N GLU A 39 -1.46 2.85 9.42
CA GLU A 39 -0.49 3.88 9.87
C GLU A 39 0.08 3.59 11.27
N GLU A 40 0.52 2.35 11.46
CA GLU A 40 0.94 1.79 12.76
C GLU A 40 2.46 1.60 12.87
N LEU A 41 3.16 2.70 13.17
CA LEU A 41 4.59 2.79 13.46
C LEU A 41 4.86 3.56 14.77
N SER A 42 6.06 3.36 15.35
CA SER A 42 6.56 4.16 16.48
C SER A 42 6.97 5.56 16.02
N GLU A 43 7.23 6.51 16.92
CA GLU A 43 7.53 7.92 16.56
C GLU A 43 8.75 8.04 15.62
N GLN A 44 9.85 7.35 15.93
CA GLN A 44 11.06 7.35 15.09
C GLN A 44 10.82 6.58 13.79
N GLN A 45 10.17 5.42 13.87
CA GLN A 45 9.80 4.61 12.71
C GLN A 45 8.94 5.41 11.72
N LYS A 46 7.93 6.14 12.21
CA LYS A 46 7.06 7.00 11.39
C LYS A 46 7.85 8.09 10.69
N ILE A 47 8.83 8.72 11.36
CA ILE A 47 9.71 9.73 10.75
C ILE A 47 10.62 9.09 9.67
N ILE A 48 11.17 7.89 9.88
CA ILE A 48 12.00 7.23 8.84
C ILE A 48 11.16 6.92 7.60
N LEU A 49 9.96 6.38 7.82
CA LEU A 49 8.98 6.08 6.75
C LEU A 49 8.61 7.36 5.98
N ALA A 50 8.28 8.43 6.71
CA ALA A 50 7.89 9.71 6.16
C ALA A 50 9.02 10.43 5.43
N GLU A 51 10.19 10.60 6.06
CA GLU A 51 11.35 11.29 5.46
C GLU A 51 11.85 10.61 4.18
N TYR A 52 11.65 9.29 4.05
CA TYR A 52 11.99 8.55 2.83
C TYR A 52 11.08 8.96 1.66
N ILE A 53 9.77 8.80 1.83
CA ILE A 53 8.72 9.13 0.87
C ILE A 53 8.69 10.64 0.58
N ALA A 54 9.00 11.49 1.55
CA ALA A 54 9.07 12.94 1.37
C ALA A 54 10.29 13.38 0.53
N GLU A 55 11.36 12.58 0.50
CA GLU A 55 12.55 12.81 -0.32
C GLU A 55 12.44 12.16 -1.72
N VAL A 56 11.86 10.95 -1.82
CA VAL A 56 11.85 10.17 -3.08
C VAL A 56 10.47 10.02 -3.73
N GLY A 57 9.42 10.51 -3.07
CA GLY A 57 8.12 10.85 -3.70
C GLY A 57 7.12 9.70 -3.81
N LEU A 58 7.21 8.70 -2.92
CA LEU A 58 6.43 7.44 -2.91
C LEU A 58 6.49 6.61 -4.21
N GLN A 59 7.39 6.95 -5.12
CA GLN A 59 7.47 6.41 -6.50
C GLN A 59 8.83 5.80 -6.84
N ASN A 60 9.79 5.90 -5.91
CA ASN A 60 11.13 5.27 -6.00
C ASN A 60 11.42 4.32 -4.82
N ILE A 61 10.48 4.17 -3.88
CA ILE A 61 10.62 3.23 -2.75
C ILE A 61 10.37 1.77 -3.18
N THR A 62 10.96 0.83 -2.45
CA THR A 62 10.84 -0.61 -2.69
C THR A 62 10.68 -1.33 -1.36
N ALA A 63 9.90 -2.42 -1.32
CA ALA A 63 9.70 -3.20 -0.10
C ALA A 63 11.00 -3.81 0.43
N ILE A 64 11.97 -4.08 -0.46
CA ILE A 64 13.30 -4.57 -0.14
C ILE A 64 14.07 -3.51 0.66
N THR A 65 14.07 -2.27 0.16
CA THR A 65 14.84 -1.16 0.73
C THR A 65 14.11 -0.61 1.94
N LEU A 66 12.79 -0.44 1.89
CA LEU A 66 11.94 -0.03 3.01
C LEU A 66 11.99 -1.05 4.17
N SER A 67 12.12 -2.35 3.87
CA SER A 67 12.44 -3.41 4.86
C SER A 67 13.72 -3.13 5.65
N LYS A 68 14.67 -2.47 4.99
CA LYS A 68 16.01 -2.19 5.51
C LYS A 68 16.21 -0.75 6.01
N LYS A 69 15.35 0.21 5.61
CA LYS A 69 15.32 1.58 6.15
C LYS A 69 14.86 1.55 7.62
N LEU A 70 13.88 0.72 7.93
CA LEU A 70 13.22 0.61 9.24
C LEU A 70 13.60 -0.64 10.05
N ASN A 71 14.43 -1.54 9.48
CA ASN A 71 14.76 -2.85 10.04
C ASN A 71 13.52 -3.71 10.35
N ILE A 72 12.61 -3.80 9.37
CA ILE A 72 11.34 -4.53 9.43
C ILE A 72 11.40 -5.82 8.57
N THR A 73 10.24 -6.39 8.22
CA THR A 73 10.11 -7.44 7.20
C THR A 73 9.69 -6.86 5.85
N VAL A 74 9.94 -7.59 4.77
CA VAL A 74 9.40 -7.26 3.43
C VAL A 74 7.86 -7.29 3.43
N GLU A 75 7.22 -8.02 4.34
CA GLU A 75 5.77 -8.18 4.41
C GLU A 75 5.13 -6.97 5.10
N LYS A 76 5.81 -6.34 6.07
CA LYS A 76 5.44 -5.01 6.55
C LYS A 76 5.65 -3.97 5.46
N ALA A 77 6.85 -3.95 4.90
CA ALA A 77 7.30 -2.93 3.96
C ALA A 77 6.38 -2.84 2.71
N LYS A 78 5.97 -4.01 2.19
CA LYS A 78 5.09 -4.15 1.02
C LYS A 78 3.66 -3.78 1.35
N ASN A 79 3.23 -3.94 2.61
CA ASN A 79 1.89 -3.55 3.02
C ASN A 79 1.64 -2.05 2.81
N TYR A 80 2.59 -1.19 3.21
CA TYR A 80 2.52 0.27 3.07
C TYR A 80 2.39 0.67 1.60
N ILE A 81 3.18 0.05 0.73
CA ILE A 81 3.22 0.34 -0.71
C ILE A 81 1.88 -0.02 -1.38
N LYS A 82 1.14 -1.01 -0.85
CA LYS A 82 -0.15 -1.48 -1.36
C LYS A 82 -1.34 -0.66 -0.87
N ASN A 83 -1.35 -0.16 0.37
CA ASN A 83 -2.46 0.65 0.88
C ASN A 83 -2.22 2.14 0.69
N SER A 84 -1.01 2.60 0.99
CA SER A 84 -0.64 4.01 0.90
C SER A 84 0.16 4.30 -0.36
N ASN A 85 -0.52 4.79 -1.40
CA ASN A 85 0.07 5.00 -2.71
C ASN A 85 -0.39 6.29 -3.41
N ARG A 86 -1.71 6.45 -3.63
CA ARG A 86 -2.29 7.65 -4.28
C ARG A 86 -2.43 8.85 -3.33
N LEU A 87 -2.42 8.61 -2.02
CA LEU A 87 -2.42 9.65 -0.97
C LEU A 87 -1.17 10.55 -1.09
N GLY A 88 -0.02 9.98 -1.46
CA GLY A 88 1.24 10.70 -1.71
C GLY A 88 1.46 11.16 -3.16
N ARG A 89 0.45 11.07 -4.05
CA ARG A 89 0.52 11.55 -5.45
C ARG A 89 -0.20 12.89 -5.60
N THR A 90 -1.51 12.87 -5.87
CA THR A 90 -2.35 14.05 -6.01
C THR A 90 -3.82 13.71 -5.77
N ASN A 91 -4.44 14.42 -4.82
CA ASN A 91 -5.83 14.23 -4.37
C ASN A 91 -6.48 15.55 -3.86
N ASN A 92 -5.88 16.71 -4.16
CA ASN A 92 -6.30 18.04 -3.71
C ASN A 92 -7.11 18.80 -4.78
N LEU A 93 -8.07 18.10 -5.43
CA LEU A 93 -8.90 18.63 -6.51
C LEU A 93 -10.29 17.95 -6.52
N LYS A 94 -11.25 18.56 -7.23
CA LYS A 94 -12.68 18.20 -7.24
C LYS A 94 -13.21 17.84 -8.63
N THR A 95 -12.31 17.66 -9.60
CA THR A 95 -12.61 17.18 -10.95
C THR A 95 -11.43 16.38 -11.50
N ILE A 96 -11.71 15.16 -11.92
CA ILE A 96 -10.75 14.18 -12.45
C ILE A 96 -11.26 13.42 -13.70
N GLY A 97 -12.46 13.74 -14.18
CA GLY A 97 -13.13 12.98 -15.26
C GLY A 97 -13.47 11.52 -14.93
N ILE A 98 -13.41 11.15 -13.64
CA ILE A 98 -13.79 9.84 -13.08
C ILE A 98 -13.05 8.68 -13.79
N LEU A 99 -11.75 8.88 -14.05
CA LEU A 99 -10.84 7.93 -14.72
C LEU A 99 -11.32 7.43 -16.11
N GLN A 100 -12.16 8.23 -16.78
CA GLN A 100 -12.94 7.84 -17.98
C GLN A 100 -12.85 8.89 -19.11
N GLU A 101 -11.80 9.71 -19.14
CA GLU A 101 -11.61 10.75 -20.16
C GLU A 101 -11.16 10.17 -21.52
N GLU A 102 -9.98 9.54 -21.56
CA GLU A 102 -9.37 8.92 -22.75
C GLU A 102 -9.18 9.88 -23.95
N VAL A 103 -8.63 11.07 -23.69
CA VAL A 103 -8.33 12.11 -24.71
C VAL A 103 -6.90 12.64 -24.55
N SER A 104 -6.19 12.81 -25.68
CA SER A 104 -4.88 13.49 -25.80
C SER A 104 -3.77 13.01 -24.85
N SER A 105 -3.78 11.72 -24.48
CA SER A 105 -2.77 11.10 -23.58
C SER A 105 -2.55 9.61 -23.90
N MET A 106 -3.63 8.85 -24.08
CA MET A 106 -3.61 7.41 -24.40
C MET A 106 -4.45 7.10 -25.65
N GLU A 107 -4.18 7.83 -26.73
CA GLU A 107 -4.87 7.74 -28.03
C GLU A 107 -4.41 6.52 -28.87
N ALA A 108 -4.42 5.33 -28.27
CA ALA A 108 -3.87 4.08 -28.81
C ALA A 108 -4.82 2.88 -28.58
N LYS A 109 -4.55 1.77 -29.29
CA LYS A 109 -5.25 0.47 -29.19
C LYS A 109 -4.30 -0.72 -29.26
N SER A 110 -4.82 -1.91 -28.95
CA SER A 110 -4.17 -3.22 -29.11
C SER A 110 -5.11 -4.24 -29.77
N MET A 111 -4.56 -5.36 -30.26
CA MET A 111 -5.29 -6.40 -31.00
C MET A 111 -4.79 -7.81 -30.66
N THR A 112 -5.62 -8.82 -30.92
CA THR A 112 -5.31 -10.24 -30.73
C THR A 112 -4.90 -10.90 -32.04
N TRP A 113 -3.94 -11.81 -31.94
CA TRP A 113 -3.48 -12.72 -33.00
C TRP A 113 -3.91 -14.17 -32.74
N GLY A 1 -54.55 -4.05 -32.01
CA GLY A 1 -53.86 -3.51 -33.20
C GLY A 1 -52.67 -4.37 -33.59
N SER A 2 -51.53 -3.74 -33.94
CA SER A 2 -50.29 -4.43 -34.33
C SER A 2 -49.59 -5.09 -33.13
N HIS A 3 -48.93 -6.24 -33.37
CA HIS A 3 -48.19 -7.01 -32.36
C HIS A 3 -46.69 -6.64 -32.38
N MET A 4 -46.36 -5.52 -31.73
CA MET A 4 -44.98 -5.02 -31.58
C MET A 4 -44.80 -4.32 -30.23
N ALA A 5 -43.70 -4.65 -29.54
CA ALA A 5 -43.28 -4.01 -28.30
C ALA A 5 -41.76 -4.06 -28.10
N SER A 6 -41.26 -3.22 -27.19
CA SER A 6 -39.82 -3.04 -26.91
C SER A 6 -39.53 -2.84 -25.42
N MET A 7 -38.51 -3.52 -24.91
CA MET A 7 -38.00 -3.40 -23.54
C MET A 7 -36.56 -3.94 -23.47
N ASP A 8 -35.65 -3.15 -22.89
CA ASP A 8 -34.22 -3.49 -22.72
C ASP A 8 -33.70 -3.11 -21.31
N PRO A 9 -32.66 -3.79 -20.79
CA PRO A 9 -32.11 -3.53 -19.46
C PRO A 9 -31.17 -2.32 -19.37
N LEU A 10 -30.92 -1.63 -20.48
CA LEU A 10 -29.98 -0.53 -20.63
C LEU A 10 -30.67 0.82 -20.89
N ASP A 11 -31.77 1.10 -20.16
CA ASP A 11 -32.52 2.37 -20.21
C ASP A 11 -32.45 3.20 -18.91
N LYS A 12 -31.72 2.71 -17.90
CA LYS A 12 -31.74 3.25 -16.52
C LYS A 12 -30.39 3.82 -16.06
N ILE A 13 -29.36 2.97 -16.14
CA ILE A 13 -27.99 3.22 -15.67
C ILE A 13 -26.92 2.89 -16.75
N ILE A 14 -27.33 2.78 -18.02
CA ILE A 14 -26.44 2.52 -19.16
C ILE A 14 -25.18 3.41 -19.14
N ASN A 15 -24.00 2.79 -19.20
CA ASN A 15 -22.70 3.49 -19.18
C ASN A 15 -21.61 2.80 -20.03
N ASP A 16 -21.95 1.75 -20.79
CA ASP A 16 -20.98 0.92 -21.51
C ASP A 16 -20.54 1.49 -22.88
N ILE A 17 -20.92 2.74 -23.14
CA ILE A 17 -20.69 3.50 -24.38
C ILE A 17 -20.42 4.99 -24.13
N LYS A 18 -19.86 5.30 -22.94
CA LYS A 18 -19.55 6.67 -22.51
C LYS A 18 -18.10 6.89 -22.07
N LYS A 19 -17.54 5.96 -21.29
CA LYS A 19 -16.20 6.06 -20.66
C LYS A 19 -15.37 4.78 -20.84
N GLU A 20 -14.06 4.92 -20.73
CA GLU A 20 -13.05 3.84 -20.80
C GLU A 20 -12.27 3.70 -19.48
N ALA A 21 -11.49 2.62 -19.35
CA ALA A 21 -10.62 2.32 -18.22
C ALA A 21 -9.39 1.51 -18.68
N ASN A 22 -8.28 1.59 -17.92
CA ASN A 22 -7.02 0.91 -18.25
C ASN A 22 -6.99 -0.58 -17.82
N ASP A 23 -7.76 -0.95 -16.80
CA ASP A 23 -8.00 -2.33 -16.33
C ASP A 23 -9.48 -2.53 -15.97
N SER A 24 -10.00 -3.72 -16.28
CA SER A 24 -11.34 -4.16 -15.88
C SER A 24 -11.35 -5.70 -15.71
N GLY A 25 -11.30 -6.14 -14.45
CA GLY A 25 -11.41 -7.55 -14.04
C GLY A 25 -10.30 -8.07 -13.11
N VAL A 26 -9.27 -7.25 -12.85
CA VAL A 26 -8.15 -7.57 -11.96
C VAL A 26 -7.78 -6.37 -11.09
N THR A 27 -7.74 -6.57 -9.77
CA THR A 27 -7.41 -5.54 -8.76
C THR A 27 -6.88 -6.12 -7.46
N LEU A 28 -6.15 -5.30 -6.69
CA LEU A 28 -5.46 -5.65 -5.46
C LEU A 28 -6.29 -5.25 -4.24
N ALA A 29 -7.17 -6.16 -3.81
CA ALA A 29 -8.35 -5.82 -3.03
C ALA A 29 -8.78 -6.96 -2.08
N PRO A 30 -8.53 -6.87 -0.76
CA PRO A 30 -8.81 -7.96 0.18
C PRO A 30 -10.28 -8.05 0.61
N LEU A 31 -10.95 -6.92 0.80
CA LEU A 31 -12.33 -6.80 1.30
C LEU A 31 -13.09 -5.66 0.60
N SER A 32 -13.34 -5.82 -0.70
CA SER A 32 -14.15 -4.89 -1.52
C SER A 32 -13.66 -3.44 -1.50
N VAL A 33 -12.33 -3.28 -1.45
CA VAL A 33 -11.61 -2.01 -1.31
C VAL A 33 -10.19 -2.16 -1.87
N PRO A 34 -9.60 -1.16 -2.56
CA PRO A 34 -8.25 -1.26 -3.15
C PRO A 34 -7.14 -1.10 -2.08
N LYS A 35 -7.05 -2.09 -1.18
CA LYS A 35 -6.21 -2.18 0.03
C LYS A 35 -6.51 -1.07 1.08
N PRO A 36 -7.06 -1.41 2.26
CA PRO A 36 -7.46 -0.40 3.26
C PRO A 36 -6.23 0.28 3.89
N LYS A 37 -6.36 1.56 4.26
CA LYS A 37 -5.28 2.38 4.81
C LYS A 37 -4.72 1.79 6.11
N LEU A 38 -3.39 1.83 6.28
CA LEU A 38 -2.68 1.39 7.47
C LEU A 38 -1.34 2.12 7.63
N GLU A 39 -1.10 2.65 8.83
CA GLU A 39 0.22 2.96 9.39
C GLU A 39 0.22 2.52 10.87
N GLU A 40 1.23 1.75 11.29
CA GLU A 40 1.33 1.22 12.65
C GLU A 40 2.80 1.17 13.10
N LEU A 41 3.36 2.36 13.32
CA LEU A 41 4.79 2.62 13.55
C LEU A 41 5.00 3.39 14.87
N SER A 42 6.19 3.26 15.45
CA SER A 42 6.65 4.13 16.56
C SER A 42 6.96 5.55 16.04
N GLU A 43 7.21 6.53 16.90
CA GLU A 43 7.44 7.93 16.49
C GLU A 43 8.63 8.07 15.53
N GLN A 44 9.78 7.45 15.86
CA GLN A 44 10.99 7.48 15.02
C GLN A 44 10.79 6.66 13.74
N GLN A 45 10.16 5.48 13.86
CA GLN A 45 9.79 4.61 12.74
C GLN A 45 8.89 5.34 11.73
N LYS A 46 7.88 6.08 12.20
CA LYS A 46 7.00 6.90 11.36
C LYS A 46 7.79 8.02 10.66
N ILE A 47 8.72 8.68 11.35
CA ILE A 47 9.55 9.75 10.75
C ILE A 47 10.51 9.19 9.70
N ILE A 48 11.17 8.04 9.88
CA ILE A 48 12.04 7.45 8.85
C ILE A 48 11.22 7.09 7.60
N LEU A 49 10.05 6.47 7.82
CA LEU A 49 9.10 6.10 6.77
C LEU A 49 8.64 7.34 5.98
N ALA A 50 8.28 8.41 6.70
CA ALA A 50 7.89 9.69 6.14
C ALA A 50 9.03 10.41 5.40
N GLU A 51 10.20 10.57 6.03
CA GLU A 51 11.36 11.24 5.41
C GLU A 51 11.81 10.56 4.11
N TYR A 52 11.65 9.24 3.99
CA TYR A 52 11.99 8.50 2.77
C TYR A 52 11.06 8.91 1.61
N ILE A 53 9.75 8.79 1.78
CA ILE A 53 8.70 9.15 0.83
C ILE A 53 8.70 10.66 0.55
N ALA A 54 9.05 11.50 1.52
CA ALA A 54 9.15 12.95 1.36
C ALA A 54 10.37 13.36 0.52
N GLU A 55 11.43 12.57 0.52
CA GLU A 55 12.64 12.78 -0.29
C GLU A 55 12.52 12.15 -1.69
N VAL A 56 11.93 10.95 -1.81
CA VAL A 56 11.88 10.19 -3.09
C VAL A 56 10.48 10.16 -3.74
N GLY A 57 9.48 10.71 -3.06
CA GLY A 57 8.19 11.11 -3.64
C GLY A 57 7.15 10.00 -3.77
N LEU A 58 7.26 8.94 -2.96
CA LEU A 58 6.50 7.68 -3.03
C LEU A 58 6.61 6.91 -4.36
N GLN A 59 7.44 7.39 -5.28
CA GLN A 59 7.58 6.88 -6.66
C GLN A 59 8.81 5.99 -6.85
N ASN A 60 9.75 6.03 -5.89
CA ASN A 60 11.05 5.34 -5.99
C ASN A 60 11.36 4.42 -4.80
N ILE A 61 10.41 4.23 -3.88
CA ILE A 61 10.55 3.28 -2.77
C ILE A 61 10.32 1.82 -3.22
N THR A 62 10.92 0.88 -2.50
CA THR A 62 10.80 -0.56 -2.74
C THR A 62 10.68 -1.30 -1.43
N ALA A 63 9.88 -2.35 -1.33
CA ALA A 63 9.68 -3.12 -0.11
C ALA A 63 10.99 -3.73 0.43
N ILE A 64 11.96 -3.98 -0.44
CA ILE A 64 13.30 -4.48 -0.14
C ILE A 64 14.13 -3.41 0.59
N THR A 65 14.03 -2.16 0.12
CA THR A 65 14.77 -1.03 0.69
C THR A 65 14.05 -0.52 1.93
N LEU A 66 12.72 -0.43 1.88
CA LEU A 66 11.85 -0.06 2.98
C LEU A 66 11.95 -1.06 4.14
N SER A 67 12.09 -2.38 3.87
CA SER A 67 12.35 -3.39 4.89
C SER A 67 13.69 -3.20 5.61
N LYS A 68 14.63 -2.50 4.96
CA LYS A 68 15.99 -2.27 5.43
C LYS A 68 16.22 -0.88 6.02
N LYS A 69 15.48 0.14 5.57
CA LYS A 69 15.49 1.52 6.11
C LYS A 69 15.02 1.57 7.56
N LEU A 70 14.09 0.67 7.89
CA LEU A 70 13.31 0.64 9.13
C LEU A 70 13.55 -0.66 9.95
N ASN A 71 14.41 -1.57 9.46
CA ASN A 71 14.73 -2.87 10.07
C ASN A 71 13.47 -3.73 10.36
N ILE A 72 12.71 -4.03 9.30
CA ILE A 72 11.39 -4.69 9.32
C ILE A 72 11.32 -5.84 8.31
N THR A 73 10.21 -6.59 8.29
CA THR A 73 9.96 -7.62 7.28
C THR A 73 9.58 -6.99 5.93
N VAL A 74 9.81 -7.71 4.83
CA VAL A 74 9.35 -7.33 3.48
C VAL A 74 7.82 -7.35 3.39
N GLU A 75 7.13 -8.17 4.19
CA GLU A 75 5.67 -8.27 4.20
C GLU A 75 5.04 -7.12 5.00
N LYS A 76 5.76 -6.60 6.01
CA LYS A 76 5.39 -5.40 6.74
C LYS A 76 5.62 -4.15 5.89
N ALA A 77 6.78 -4.09 5.24
CA ALA A 77 7.18 -3.00 4.35
C ALA A 77 6.23 -2.85 3.15
N LYS A 78 5.91 -3.94 2.44
CA LYS A 78 5.05 -3.88 1.25
C LYS A 78 3.61 -3.54 1.61
N ASN A 79 3.17 -3.87 2.82
CA ASN A 79 1.83 -3.53 3.27
C ASN A 79 1.54 -2.01 3.21
N TYR A 80 2.56 -1.19 3.49
CA TYR A 80 2.50 0.27 3.39
C TYR A 80 2.40 0.71 1.94
N ILE A 81 3.21 0.12 1.05
CA ILE A 81 3.25 0.42 -0.38
C ILE A 81 1.92 0.03 -1.06
N LYS A 82 1.26 -1.04 -0.62
CA LYS A 82 0.01 -1.54 -1.20
C LYS A 82 -1.21 -0.68 -0.84
N ASN A 83 -1.30 -0.16 0.40
CA ASN A 83 -2.39 0.72 0.77
C ASN A 83 -2.06 2.17 0.40
N SER A 84 -0.85 2.61 0.71
CA SER A 84 -0.45 4.00 0.52
C SER A 84 0.26 4.18 -0.83
N ASN A 85 -0.52 4.42 -1.88
CA ASN A 85 -0.02 4.46 -3.26
C ASN A 85 -0.67 5.55 -4.13
N ARG A 86 -2.01 5.62 -4.16
CA ARG A 86 -2.77 6.61 -4.96
C ARG A 86 -2.86 7.99 -4.30
N LEU A 87 -2.44 8.12 -3.04
CA LEU A 87 -2.36 9.39 -2.31
C LEU A 87 -1.15 10.25 -2.72
N GLY A 88 0.03 9.64 -2.81
CA GLY A 88 1.26 10.32 -3.23
C GLY A 88 1.45 10.28 -4.75
N ARG A 89 1.22 11.40 -5.43
CA ARG A 89 1.11 11.52 -6.90
C ARG A 89 2.26 12.33 -7.53
N THR A 90 2.50 12.10 -8.81
CA THR A 90 3.56 12.74 -9.62
C THR A 90 3.29 14.22 -9.94
N ASN A 91 2.01 14.63 -9.98
CA ASN A 91 1.62 16.00 -10.29
C ASN A 91 1.69 16.92 -9.06
N ASN A 92 2.49 17.99 -9.17
CA ASN A 92 2.69 19.05 -8.17
C ASN A 92 3.05 20.37 -8.89
N LEU A 93 3.18 21.49 -8.15
CA LEU A 93 3.54 22.81 -8.68
C LEU A 93 2.55 23.35 -9.74
N LYS A 94 1.26 22.99 -9.60
CA LYS A 94 0.16 23.26 -10.54
C LYS A 94 -1.03 24.02 -9.93
N THR A 95 -0.93 24.41 -8.66
CA THR A 95 -1.90 25.24 -7.95
C THR A 95 -1.18 26.07 -6.88
N ILE A 96 -1.36 27.39 -6.97
CA ILE A 96 -0.74 28.40 -6.09
C ILE A 96 -1.71 29.55 -5.73
N GLY A 97 -2.98 29.47 -6.15
CA GLY A 97 -3.96 30.56 -6.05
C GLY A 97 -3.69 31.76 -6.97
N ILE A 98 -2.69 31.65 -7.86
CA ILE A 98 -2.31 32.64 -8.90
C ILE A 98 -2.07 34.05 -8.29
N LEU A 99 -1.60 34.11 -7.04
CA LEU A 99 -1.31 35.32 -6.26
C LEU A 99 -2.50 36.32 -6.17
N GLN A 100 -3.74 35.82 -6.21
CA GLN A 100 -4.97 36.64 -6.27
C GLN A 100 -6.05 36.24 -5.25
N GLU A 101 -5.65 35.70 -4.09
CA GLU A 101 -6.55 35.19 -3.04
C GLU A 101 -6.24 35.79 -1.65
N GLU A 102 -7.28 36.06 -0.86
CA GLU A 102 -7.22 36.74 0.45
C GLU A 102 -6.85 35.78 1.60
N VAL A 103 -5.68 35.16 1.48
CA VAL A 103 -5.13 34.17 2.44
C VAL A 103 -3.63 34.43 2.68
N SER A 104 -3.15 34.12 3.89
CA SER A 104 -1.76 34.25 4.37
C SER A 104 -1.22 35.70 4.46
N SER A 105 -1.26 36.48 3.39
CA SER A 105 -0.84 37.89 3.36
C SER A 105 -1.74 38.79 4.24
N MET A 106 -3.03 38.44 4.32
CA MET A 106 -4.00 38.92 5.30
C MET A 106 -4.88 37.75 5.76
N GLU A 107 -5.27 37.74 7.04
CA GLU A 107 -6.10 36.68 7.64
C GLU A 107 -7.06 37.19 8.76
N ALA A 108 -7.08 38.51 9.00
CA ALA A 108 -7.89 39.15 10.05
C ALA A 108 -9.35 39.38 9.61
N LYS A 109 -10.27 39.43 10.59
CA LYS A 109 -11.73 39.66 10.41
C LYS A 109 -12.26 40.88 11.18
N SER A 110 -11.38 41.67 11.81
CA SER A 110 -11.72 42.88 12.58
C SER A 110 -11.89 44.13 11.69
N MET A 111 -12.59 45.14 12.20
CA MET A 111 -12.84 46.42 11.54
C MET A 111 -11.69 47.42 11.77
N THR A 112 -11.50 48.34 10.81
CA THR A 112 -10.63 49.52 10.95
C THR A 112 -11.37 50.71 11.57
N TRP A 113 -10.61 51.74 11.99
CA TRP A 113 -11.09 52.91 12.73
C TRP A 113 -11.18 54.18 11.86
N GLY A 1 -45.85 -24.76 9.02
CA GLY A 1 -44.85 -25.68 9.60
C GLY A 1 -44.78 -25.57 11.11
N SER A 2 -43.83 -26.29 11.73
CA SER A 2 -43.58 -26.27 13.19
C SER A 2 -42.08 -26.39 13.51
N HIS A 3 -41.44 -27.51 13.13
CA HIS A 3 -39.99 -27.74 13.28
C HIS A 3 -39.48 -28.61 12.12
N MET A 4 -38.98 -27.97 11.06
CA MET A 4 -38.56 -28.61 9.80
C MET A 4 -37.35 -27.92 9.14
N ALA A 5 -36.41 -27.46 9.98
CA ALA A 5 -35.24 -26.70 9.55
C ALA A 5 -34.00 -26.95 10.43
N SER A 6 -32.85 -26.46 9.94
CA SER A 6 -31.52 -26.61 10.54
C SER A 6 -30.77 -25.27 10.58
N MET A 7 -29.74 -25.20 11.43
CA MET A 7 -28.89 -24.01 11.65
C MET A 7 -27.43 -24.33 11.33
N ASP A 8 -26.93 -23.86 10.19
CA ASP A 8 -25.59 -24.19 9.66
C ASP A 8 -25.03 -23.06 8.77
N PRO A 9 -23.73 -22.70 8.87
CA PRO A 9 -23.14 -21.59 8.11
C PRO A 9 -22.71 -21.92 6.67
N LEU A 10 -22.85 -23.16 6.22
CA LEU A 10 -22.37 -23.65 4.93
C LEU A 10 -23.52 -23.96 3.93
N ASP A 11 -24.57 -23.14 3.91
CA ASP A 11 -25.70 -23.24 2.96
C ASP A 11 -25.70 -22.20 1.82
N LYS A 12 -24.71 -21.30 1.79
CA LYS A 12 -24.71 -20.09 0.93
C LYS A 12 -23.61 -20.08 -0.12
N ILE A 13 -22.36 -20.21 0.35
CA ILE A 13 -21.11 -20.07 -0.43
C ILE A 13 -20.15 -21.25 -0.25
N ILE A 14 -20.64 -22.35 0.35
CA ILE A 14 -19.86 -23.57 0.66
C ILE A 14 -18.88 -24.00 -0.46
N ASN A 15 -17.61 -24.13 -0.08
CA ASN A 15 -16.53 -24.67 -0.92
C ASN A 15 -15.43 -25.26 -0.02
N ASP A 16 -15.11 -26.55 -0.14
CA ASP A 16 -14.11 -27.21 0.70
C ASP A 16 -13.68 -28.52 0.03
N ILE A 17 -12.95 -28.35 -1.07
CA ILE A 17 -12.59 -29.40 -2.03
C ILE A 17 -13.84 -30.15 -2.51
N LYS A 18 -14.73 -29.40 -3.18
CA LYS A 18 -15.97 -29.91 -3.81
C LYS A 18 -16.39 -29.07 -5.03
N LYS A 19 -16.35 -27.74 -4.90
CA LYS A 19 -16.60 -26.76 -5.97
C LYS A 19 -15.32 -26.03 -6.43
N GLU A 20 -15.40 -25.37 -7.58
CA GLU A 20 -14.31 -24.65 -8.24
C GLU A 20 -14.78 -23.24 -8.69
N ALA A 21 -13.86 -22.26 -8.72
CA ALA A 21 -14.14 -20.87 -9.07
C ALA A 21 -13.00 -20.22 -9.89
N ASN A 22 -13.33 -19.21 -10.71
CA ASN A 22 -12.38 -18.52 -11.59
C ASN A 22 -11.52 -17.48 -10.83
N ASP A 23 -12.07 -16.84 -9.81
CA ASP A 23 -11.44 -15.78 -9.00
C ASP A 23 -11.79 -15.97 -7.51
N SER A 24 -10.87 -16.57 -6.74
CA SER A 24 -11.10 -16.95 -5.33
C SER A 24 -9.97 -16.57 -4.35
N GLY A 25 -8.84 -16.04 -4.85
CA GLY A 25 -7.75 -15.58 -4.00
C GLY A 25 -6.59 -14.94 -4.76
N VAL A 26 -6.92 -14.11 -5.76
CA VAL A 26 -6.00 -13.63 -6.81
C VAL A 26 -6.26 -12.15 -7.18
N THR A 27 -6.98 -11.43 -6.32
CA THR A 27 -7.49 -10.05 -6.57
C THR A 27 -6.90 -9.04 -5.56
N LEU A 28 -7.08 -7.75 -5.85
CA LEU A 28 -6.41 -6.60 -5.22
C LEU A 28 -7.02 -6.17 -3.87
N ALA A 29 -7.63 -7.13 -3.17
CA ALA A 29 -8.55 -6.89 -2.07
C ALA A 29 -8.57 -8.05 -1.06
N PRO A 30 -8.17 -7.85 0.22
CA PRO A 30 -8.13 -8.93 1.22
C PRO A 30 -9.48 -9.16 1.93
N LEU A 31 -10.33 -8.12 2.06
CA LEU A 31 -11.58 -8.16 2.84
C LEU A 31 -12.63 -7.18 2.27
N SER A 32 -13.00 -7.36 1.00
CA SER A 32 -14.00 -6.54 0.28
C SER A 32 -13.68 -5.03 0.26
N VAL A 33 -12.38 -4.72 0.13
CA VAL A 33 -11.79 -3.37 0.16
C VAL A 33 -10.46 -3.37 -0.60
N PRO A 34 -10.09 -2.33 -1.38
CA PRO A 34 -8.89 -2.33 -2.21
C PRO A 34 -7.60 -2.05 -1.39
N LYS A 35 -7.27 -2.98 -0.47
CA LYS A 35 -6.27 -2.91 0.61
C LYS A 35 -6.51 -1.74 1.60
N PRO A 36 -6.83 -2.00 2.88
CA PRO A 36 -7.13 -0.95 3.86
C PRO A 36 -5.86 -0.19 4.29
N LYS A 37 -6.00 1.10 4.58
CA LYS A 37 -4.92 1.96 5.13
C LYS A 37 -4.44 1.46 6.49
N LEU A 38 -3.13 1.57 6.76
CA LEU A 38 -2.49 1.12 7.98
C LEU A 38 -1.44 2.13 8.47
N GLU A 39 -1.41 2.39 9.78
CA GLU A 39 -0.36 3.11 10.49
C GLU A 39 -0.09 2.41 11.84
N GLU A 40 1.11 1.84 12.01
CA GLU A 40 1.48 1.07 13.22
C GLU A 40 2.95 1.19 13.62
N LEU A 41 3.45 2.42 13.50
CA LEU A 41 4.85 2.78 13.68
C LEU A 41 5.11 3.54 15.00
N SER A 42 6.31 3.37 15.54
CA SER A 42 6.81 4.15 16.69
C SER A 42 7.17 5.58 16.26
N GLU A 43 7.39 6.50 17.20
CA GLU A 43 7.63 7.92 16.88
C GLU A 43 8.80 8.12 15.88
N GLN A 44 9.92 7.41 16.06
CA GLN A 44 11.06 7.47 15.12
C GLN A 44 10.78 6.71 13.82
N GLN A 45 10.07 5.58 13.88
CA GLN A 45 9.74 4.77 12.71
C GLN A 45 8.81 5.54 11.77
N LYS A 46 7.80 6.25 12.31
CA LYS A 46 6.92 7.13 11.54
C LYS A 46 7.71 8.23 10.81
N ILE A 47 8.70 8.83 11.48
CA ILE A 47 9.57 9.84 10.86
C ILE A 47 10.46 9.24 9.77
N ILE A 48 11.03 8.04 9.93
CA ILE A 48 11.86 7.42 8.87
C ILE A 48 11.01 7.07 7.65
N LEU A 49 9.80 6.54 7.88
CA LEU A 49 8.82 6.23 6.83
C LEU A 49 8.52 7.52 6.03
N ALA A 50 8.25 8.61 6.72
CA ALA A 50 7.96 9.93 6.15
C ALA A 50 9.17 10.56 5.45
N GLU A 51 10.33 10.67 6.12
CA GLU A 51 11.54 11.28 5.54
C GLU A 51 12.03 10.56 4.28
N TYR A 52 11.79 9.25 4.15
CA TYR A 52 12.17 8.49 2.96
C TYR A 52 11.31 8.90 1.74
N ILE A 53 9.98 8.87 1.86
CA ILE A 53 9.03 9.34 0.85
C ILE A 53 9.21 10.84 0.55
N ALA A 54 9.58 11.65 1.56
CA ALA A 54 9.86 13.06 1.39
C ALA A 54 11.16 13.33 0.59
N GLU A 55 12.10 12.37 0.57
CA GLU A 55 13.37 12.46 -0.14
C GLU A 55 13.30 11.86 -1.56
N VAL A 56 12.49 10.81 -1.80
CA VAL A 56 12.47 10.11 -3.11
C VAL A 56 11.09 10.09 -3.77
N GLY A 57 10.01 10.33 -3.03
CA GLY A 57 8.63 10.19 -3.49
C GLY A 57 8.09 8.77 -3.32
N LEU A 58 6.82 8.63 -2.95
CA LEU A 58 6.14 7.35 -2.68
C LEU A 58 6.14 6.37 -3.86
N GLN A 59 6.36 6.92 -5.05
CA GLN A 59 6.43 6.24 -6.34
C GLN A 59 7.78 5.55 -6.61
N ASN A 60 8.84 5.92 -5.85
CA ASN A 60 10.21 5.45 -6.08
C ASN A 60 10.80 4.61 -4.94
N ILE A 61 10.10 4.51 -3.81
CA ILE A 61 10.44 3.56 -2.73
C ILE A 61 10.20 2.11 -3.16
N THR A 62 10.88 1.17 -2.50
CA THR A 62 10.72 -0.27 -2.73
C THR A 62 10.53 -1.02 -1.42
N ALA A 63 9.80 -2.15 -1.41
CA ALA A 63 9.58 -2.96 -0.23
C ALA A 63 10.88 -3.58 0.30
N ILE A 64 11.86 -3.79 -0.59
CA ILE A 64 13.21 -4.25 -0.26
C ILE A 64 13.92 -3.17 0.55
N THR A 65 13.90 -1.94 0.05
CA THR A 65 14.59 -0.81 0.67
C THR A 65 13.88 -0.35 1.93
N LEU A 66 12.55 -0.27 1.91
CA LEU A 66 11.71 0.07 3.05
C LEU A 66 11.80 -0.99 4.18
N SER A 67 11.95 -2.27 3.82
CA SER A 67 12.28 -3.37 4.75
C SER A 67 13.56 -3.11 5.55
N LYS A 68 14.48 -2.38 4.93
CA LYS A 68 15.83 -2.09 5.45
C LYS A 68 15.94 -0.69 6.08
N LYS A 69 15.15 0.30 5.62
CA LYS A 69 15.13 1.67 6.16
C LYS A 69 14.63 1.70 7.61
N LEU A 70 13.65 0.86 7.93
CA LEU A 70 13.03 0.74 9.25
C LEU A 70 13.34 -0.57 9.97
N ASN A 71 14.24 -1.40 9.43
CA ASN A 71 14.67 -2.66 10.05
C ASN A 71 13.47 -3.60 10.36
N ILE A 72 12.69 -3.91 9.32
CA ILE A 72 11.42 -4.66 9.37
C ILE A 72 11.45 -5.84 8.38
N THR A 73 10.30 -6.48 8.13
CA THR A 73 10.15 -7.50 7.09
C THR A 73 9.74 -6.87 5.74
N VAL A 74 9.95 -7.61 4.64
CA VAL A 74 9.38 -7.25 3.32
C VAL A 74 7.85 -7.32 3.34
N GLU A 75 7.22 -8.08 4.24
CA GLU A 75 5.77 -8.25 4.30
C GLU A 75 5.12 -7.04 4.97
N LYS A 76 5.79 -6.43 5.97
CA LYS A 76 5.40 -5.12 6.48
C LYS A 76 5.59 -4.05 5.42
N ALA A 77 6.80 -3.99 4.88
CA ALA A 77 7.25 -2.96 3.95
C ALA A 77 6.36 -2.87 2.71
N LYS A 78 6.01 -4.02 2.12
CA LYS A 78 5.14 -4.14 0.95
C LYS A 78 3.71 -3.75 1.29
N ASN A 79 3.27 -4.00 2.51
CA ASN A 79 1.90 -3.66 2.92
C ASN A 79 1.65 -2.13 2.89
N TYR A 80 2.63 -1.30 3.29
CA TYR A 80 2.56 0.16 3.20
C TYR A 80 2.44 0.62 1.75
N ILE A 81 3.21 0.01 0.86
CA ILE A 81 3.23 0.29 -0.58
C ILE A 81 1.95 -0.21 -1.26
N LYS A 82 1.23 -1.19 -0.67
CA LYS A 82 0.01 -1.79 -1.21
C LYS A 82 -1.25 -1.07 -0.77
N ASN A 83 -1.29 -0.49 0.43
CA ASN A 83 -2.39 0.39 0.85
C ASN A 83 -2.14 1.83 0.42
N SER A 84 -0.90 2.28 0.53
CA SER A 84 -0.53 3.67 0.28
C SER A 84 0.28 3.80 -1.01
N ASN A 85 -0.37 4.26 -2.08
CA ASN A 85 0.24 4.41 -3.39
C ASN A 85 -0.44 5.46 -4.25
N ARG A 86 0.35 6.20 -5.04
CA ARG A 86 -0.06 7.34 -5.90
C ARG A 86 -0.86 8.47 -5.20
N LEU A 87 -0.95 8.44 -3.86
CA LEU A 87 -1.86 9.25 -3.05
C LEU A 87 -1.18 9.92 -1.85
N GLY A 88 -0.26 9.21 -1.18
CA GLY A 88 0.47 9.73 -0.01
C GLY A 88 1.61 10.67 -0.38
N ARG A 89 1.29 11.93 -0.74
CA ARG A 89 2.26 13.00 -1.02
C ARG A 89 2.63 13.75 0.26
N THR A 90 3.80 14.41 0.25
CA THR A 90 4.29 15.20 1.38
C THR A 90 3.38 16.41 1.67
N ASN A 91 2.61 16.33 2.76
CA ASN A 91 1.72 17.38 3.27
C ASN A 91 1.90 17.56 4.79
N ASN A 92 1.75 18.80 5.30
CA ASN A 92 1.79 19.09 6.74
C ASN A 92 0.92 20.31 7.14
N LEU A 93 1.13 21.44 6.47
CA LEU A 93 0.46 22.73 6.65
C LEU A 93 0.46 23.54 5.33
N LYS A 94 -0.32 24.63 5.31
CA LYS A 94 -0.52 25.53 4.16
C LYS A 94 -0.22 27.01 4.49
N THR A 95 0.44 27.27 5.61
CA THR A 95 0.90 28.59 6.05
C THR A 95 2.17 28.44 6.89
N ILE A 96 3.19 29.22 6.54
CA ILE A 96 4.53 29.21 7.14
C ILE A 96 5.12 30.61 7.39
N GLY A 97 4.35 31.68 7.14
CA GLY A 97 4.83 33.07 7.21
C GLY A 97 5.82 33.47 6.09
N ILE A 98 6.04 32.59 5.11
CA ILE A 98 6.84 32.83 3.89
C ILE A 98 8.31 33.22 4.22
N LEU A 99 8.80 32.79 5.39
CA LEU A 99 10.15 33.07 5.93
C LEU A 99 10.48 34.57 6.13
N GLN A 100 9.45 35.41 6.23
CA GLN A 100 9.57 36.88 6.35
C GLN A 100 9.49 37.34 7.82
N GLU A 101 10.41 36.85 8.66
CA GLU A 101 10.45 37.15 10.10
C GLU A 101 11.10 38.51 10.43
N GLU A 102 12.25 38.81 9.81
CA GLU A 102 12.96 40.11 9.84
C GLU A 102 13.25 40.70 11.24
N VAL A 103 13.62 39.82 12.17
CA VAL A 103 13.87 40.16 13.57
C VAL A 103 15.29 40.72 13.76
N SER A 104 15.40 41.64 14.73
CA SER A 104 16.65 42.32 15.16
C SER A 104 17.41 43.08 14.05
N SER A 105 16.69 43.53 13.02
CA SER A 105 17.25 44.35 11.91
C SER A 105 16.22 45.32 11.32
N MET A 106 14.96 44.86 11.13
CA MET A 106 13.86 45.65 10.56
C MET A 106 12.63 45.69 11.50
N GLU A 107 12.90 45.77 12.81
CA GLU A 107 11.90 45.76 13.89
C GLU A 107 11.16 47.11 14.01
N ALA A 108 10.25 47.37 13.06
CA ALA A 108 9.46 48.60 12.93
C ALA A 108 8.04 48.31 12.42
N LYS A 109 7.12 49.28 12.59
CA LYS A 109 5.72 49.23 12.15
C LYS A 109 5.48 50.15 10.95
N SER A 110 4.64 49.72 10.00
CA SER A 110 4.30 50.44 8.76
C SER A 110 2.91 50.04 8.23
N MET A 111 2.37 50.83 7.30
CA MET A 111 1.06 50.64 6.64
C MET A 111 1.13 50.93 5.14
N THR A 112 0.15 50.40 4.39
CA THR A 112 -0.11 50.70 2.97
C THR A 112 -1.36 51.57 2.78
N TRP A 113 -1.52 52.13 1.58
CA TRP A 113 -2.55 53.14 1.24
C TRP A 113 -3.74 52.53 0.46
N GLY A 1 -12.21 -0.47 20.89
CA GLY A 1 -13.14 -1.61 20.69
C GLY A 1 -13.83 -1.53 19.34
N SER A 2 -15.09 -1.99 19.27
CA SER A 2 -15.88 -2.07 18.03
C SER A 2 -17.08 -1.11 18.05
N HIS A 3 -17.33 -0.44 16.91
CA HIS A 3 -18.44 0.52 16.73
C HIS A 3 -19.19 0.35 15.39
N MET A 4 -18.49 -0.01 14.31
CA MET A 4 -19.06 -0.23 12.98
C MET A 4 -18.32 -1.37 12.25
N ALA A 5 -19.08 -2.31 11.70
CA ALA A 5 -18.56 -3.50 11.03
C ALA A 5 -19.52 -4.06 9.96
N SER A 6 -19.02 -5.00 9.15
CA SER A 6 -19.79 -5.75 8.14
C SER A 6 -19.88 -7.25 8.49
N MET A 7 -20.75 -7.99 7.78
CA MET A 7 -21.01 -9.42 7.99
C MET A 7 -20.62 -10.25 6.76
N ASP A 8 -19.74 -11.23 6.94
CA ASP A 8 -19.17 -12.07 5.87
C ASP A 8 -19.02 -13.56 6.30
N PRO A 9 -19.19 -14.53 5.38
CA PRO A 9 -19.15 -15.95 5.71
C PRO A 9 -17.74 -16.55 5.89
N LEU A 10 -16.74 -15.92 5.30
CA LEU A 10 -15.36 -16.38 5.21
C LEU A 10 -14.40 -15.47 6.02
N ASP A 11 -14.82 -15.08 7.22
CA ASP A 11 -14.07 -14.19 8.12
C ASP A 11 -13.49 -14.88 9.38
N LYS A 12 -13.71 -16.19 9.52
CA LYS A 12 -13.54 -16.94 10.78
C LYS A 12 -12.63 -18.17 10.64
N ILE A 13 -13.00 -19.06 9.70
CA ILE A 13 -12.38 -20.37 9.46
C ILE A 13 -11.92 -20.54 8.00
N ILE A 14 -11.86 -19.45 7.24
CA ILE A 14 -11.49 -19.41 5.80
C ILE A 14 -10.24 -20.28 5.47
N ASN A 15 -10.44 -21.39 4.75
CA ASN A 15 -9.36 -22.34 4.41
C ASN A 15 -9.56 -23.11 3.10
N ASP A 16 -10.49 -22.68 2.23
CA ASP A 16 -10.90 -23.47 1.05
C ASP A 16 -10.02 -23.26 -0.21
N ILE A 17 -8.91 -22.56 -0.05
CA ILE A 17 -8.00 -22.12 -1.14
C ILE A 17 -6.50 -22.14 -0.77
N LYS A 18 -6.14 -22.95 0.24
CA LYS A 18 -4.75 -23.10 0.70
C LYS A 18 -4.19 -24.52 0.58
N LYS A 19 -4.96 -25.55 0.96
CA LYS A 19 -4.55 -26.98 0.99
C LYS A 19 -3.17 -27.23 1.64
N GLU A 20 -2.86 -26.46 2.69
CA GLU A 20 -1.54 -26.35 3.34
C GLU A 20 -0.40 -25.96 2.37
N ALA A 21 -0.13 -24.66 2.28
CA ALA A 21 0.91 -24.07 1.44
C ALA A 21 1.55 -22.81 2.08
N ASN A 22 2.78 -22.48 1.67
CA ASN A 22 3.57 -21.35 2.19
C ASN A 22 3.20 -20.01 1.50
N ASP A 23 1.91 -19.69 1.44
CA ASP A 23 1.36 -18.49 0.80
C ASP A 23 0.28 -17.82 1.68
N SER A 24 0.37 -16.50 1.86
CA SER A 24 -0.52 -15.69 2.70
C SER A 24 -0.89 -14.39 1.99
N GLY A 25 -2.03 -14.39 1.29
CA GLY A 25 -2.55 -13.26 0.51
C GLY A 25 -1.95 -13.20 -0.91
N VAL A 26 -2.75 -13.61 -1.91
CA VAL A 26 -2.36 -13.73 -3.33
C VAL A 26 -2.98 -12.63 -4.22
N THR A 27 -3.79 -11.76 -3.63
CA THR A 27 -4.69 -10.83 -4.35
C THR A 27 -4.70 -9.42 -3.73
N LEU A 28 -5.30 -8.46 -4.44
CA LEU A 28 -5.24 -7.01 -4.19
C LEU A 28 -6.14 -6.50 -3.06
N ALA A 29 -6.61 -7.42 -2.22
CA ALA A 29 -7.73 -7.25 -1.32
C ALA A 29 -7.66 -8.24 -0.13
N PRO A 30 -7.23 -7.80 1.07
CA PRO A 30 -7.11 -8.68 2.25
C PRO A 30 -8.47 -8.93 2.93
N LEU A 31 -9.31 -7.90 3.03
CA LEU A 31 -10.67 -7.94 3.62
C LEU A 31 -11.60 -6.99 2.88
N SER A 32 -12.17 -7.47 1.77
CA SER A 32 -13.30 -6.87 1.03
C SER A 32 -13.13 -5.39 0.61
N VAL A 33 -11.88 -4.97 0.41
CA VAL A 33 -11.45 -3.59 0.14
C VAL A 33 -10.10 -3.60 -0.62
N PRO A 34 -9.83 -2.66 -1.54
CA PRO A 34 -8.56 -2.60 -2.28
C PRO A 34 -7.39 -2.08 -1.42
N LYS A 35 -6.97 -2.91 -0.45
CA LYS A 35 -5.95 -2.70 0.60
C LYS A 35 -6.27 -1.51 1.57
N PRO A 36 -6.59 -1.77 2.85
CA PRO A 36 -6.95 -0.73 3.80
C PRO A 36 -5.72 0.07 4.26
N LYS A 37 -5.91 1.34 4.60
CA LYS A 37 -4.85 2.27 5.03
C LYS A 37 -4.31 1.90 6.43
N LEU A 38 -2.99 2.00 6.62
CA LEU A 38 -2.27 1.64 7.84
C LEU A 38 -1.13 2.64 8.11
N GLU A 39 -0.94 3.04 9.37
CA GLU A 39 0.13 3.97 9.79
C GLU A 39 0.67 3.71 11.20
N GLU A 40 0.82 2.43 11.51
CA GLU A 40 1.19 1.89 12.83
C GLU A 40 2.70 1.68 12.96
N LEU A 41 3.40 2.79 13.24
CA LEU A 41 4.86 2.91 13.39
C LEU A 41 5.22 3.53 14.75
N SER A 42 6.45 3.33 15.23
CA SER A 42 6.99 4.09 16.38
C SER A 42 7.23 5.55 16.01
N GLU A 43 7.53 6.42 16.98
CA GLU A 43 7.85 7.82 16.71
C GLU A 43 9.05 7.95 15.74
N GLN A 44 10.12 7.17 15.95
CA GLN A 44 11.29 7.16 15.09
C GLN A 44 10.98 6.50 13.73
N GLN A 45 10.28 5.36 13.72
CA GLN A 45 9.92 4.66 12.49
C GLN A 45 8.99 5.51 11.61
N LYS A 46 8.06 6.26 12.20
CA LYS A 46 7.19 7.21 11.47
C LYS A 46 8.02 8.32 10.81
N ILE A 47 9.02 8.89 11.50
CA ILE A 47 9.90 9.91 10.91
C ILE A 47 10.74 9.32 9.78
N ILE A 48 11.35 8.13 9.94
CA ILE A 48 12.17 7.53 8.87
C ILE A 48 11.31 7.20 7.64
N LEU A 49 10.14 6.60 7.87
CA LEU A 49 9.15 6.27 6.83
C LEU A 49 8.74 7.53 6.07
N ALA A 50 8.40 8.60 6.79
CA ALA A 50 8.00 9.89 6.25
C ALA A 50 9.15 10.59 5.51
N GLU A 51 10.32 10.76 6.12
CA GLU A 51 11.47 11.43 5.51
C GLU A 51 11.97 10.72 4.23
N TYR A 52 11.75 9.41 4.10
CA TYR A 52 12.07 8.64 2.91
C TYR A 52 11.13 8.99 1.73
N ILE A 53 9.82 8.80 1.90
CA ILE A 53 8.75 9.14 0.95
C ILE A 53 8.73 10.63 0.61
N ALA A 54 9.05 11.50 1.57
CA ALA A 54 9.13 12.94 1.37
C ALA A 54 10.33 13.36 0.50
N GLU A 55 11.39 12.54 0.45
CA GLU A 55 12.59 12.78 -0.34
C GLU A 55 12.54 12.14 -1.74
N VAL A 56 11.83 11.01 -1.93
CA VAL A 56 11.82 10.27 -3.21
C VAL A 56 10.44 10.07 -3.81
N GLY A 57 9.36 10.12 -3.02
CA GLY A 57 8.00 9.80 -3.44
C GLY A 57 7.66 8.30 -3.32
N LEU A 58 6.41 7.99 -2.95
CA LEU A 58 5.98 6.65 -2.51
C LEU A 58 5.95 5.57 -3.63
N GLN A 59 6.22 5.99 -4.86
CA GLN A 59 6.38 5.12 -6.03
C GLN A 59 7.84 4.88 -6.44
N ASN A 60 8.81 5.55 -5.80
CA ASN A 60 10.25 5.36 -6.02
C ASN A 60 10.97 4.64 -4.86
N ILE A 61 10.29 4.50 -3.73
CA ILE A 61 10.67 3.57 -2.66
C ILE A 61 10.51 2.10 -3.10
N THR A 62 11.22 1.19 -2.44
CA THR A 62 11.12 -0.25 -2.62
C THR A 62 10.83 -0.93 -1.29
N ALA A 63 10.03 -2.01 -1.31
CA ALA A 63 9.72 -2.82 -0.12
C ALA A 63 10.99 -3.46 0.44
N ILE A 64 11.97 -3.76 -0.42
CA ILE A 64 13.29 -4.28 -0.04
C ILE A 64 13.98 -3.24 0.84
N THR A 65 14.17 -2.04 0.31
CA THR A 65 14.92 -0.97 0.98
C THR A 65 14.17 -0.46 2.19
N LEU A 66 12.84 -0.28 2.09
CA LEU A 66 11.99 0.09 3.22
C LEU A 66 12.03 -0.96 4.35
N SER A 67 12.12 -2.26 4.01
CA SER A 67 12.29 -3.33 5.01
C SER A 67 13.60 -3.23 5.80
N LYS A 68 14.58 -2.50 5.27
CA LYS A 68 15.88 -2.22 5.90
C LYS A 68 16.02 -0.80 6.46
N LYS A 69 15.29 0.20 5.95
CA LYS A 69 15.23 1.56 6.51
C LYS A 69 14.65 1.55 7.93
N LEU A 70 13.68 0.65 8.15
CA LEU A 70 12.85 0.57 9.35
C LEU A 70 13.08 -0.72 10.17
N ASN A 71 13.96 -1.63 9.72
CA ASN A 71 14.25 -2.93 10.34
C ASN A 71 13.00 -3.83 10.50
N ILE A 72 12.36 -4.19 9.39
CA ILE A 72 11.06 -4.88 9.29
C ILE A 72 11.08 -6.00 8.25
N THR A 73 9.97 -6.75 8.12
CA THR A 73 9.80 -7.76 7.06
C THR A 73 9.62 -7.11 5.68
N VAL A 74 9.98 -7.84 4.63
CA VAL A 74 9.80 -7.43 3.23
C VAL A 74 8.30 -7.32 2.86
N GLU A 75 7.41 -8.02 3.56
CA GLU A 75 5.96 -7.94 3.33
C GLU A 75 5.35 -6.79 4.12
N LYS A 76 5.86 -6.52 5.34
CA LYS A 76 5.39 -5.42 6.19
C LYS A 76 5.69 -4.06 5.54
N ALA A 77 6.88 -3.93 4.98
CA ALA A 77 7.30 -2.80 4.15
C ALA A 77 6.39 -2.62 2.91
N LYS A 78 5.99 -3.74 2.28
CA LYS A 78 5.15 -3.76 1.09
C LYS A 78 3.73 -3.33 1.40
N ASN A 79 3.25 -3.63 2.61
CA ASN A 79 1.89 -3.26 3.03
C ASN A 79 1.63 -1.74 2.94
N TYR A 80 2.63 -0.92 3.27
CA TYR A 80 2.57 0.55 3.20
C TYR A 80 2.44 1.01 1.76
N ILE A 81 3.23 0.40 0.87
CA ILE A 81 3.23 0.68 -0.57
C ILE A 81 1.88 0.27 -1.17
N LYS A 82 1.36 -0.92 -0.83
CA LYS A 82 0.13 -1.49 -1.38
C LYS A 82 -1.12 -0.69 -1.00
N ASN A 83 -1.16 -0.06 0.17
CA ASN A 83 -2.29 0.78 0.57
C ASN A 83 -2.08 2.25 0.15
N SER A 84 -0.84 2.76 0.29
CA SER A 84 -0.62 4.22 0.27
C SER A 84 -0.23 4.81 -1.10
N ASN A 85 0.07 3.99 -2.11
CA ASN A 85 0.52 4.45 -3.43
C ASN A 85 -0.49 5.35 -4.18
N ARG A 86 0.03 6.35 -4.90
CA ARG A 86 -0.69 7.48 -5.54
C ARG A 86 -1.58 8.33 -4.61
N LEU A 87 -1.40 8.25 -3.29
CA LEU A 87 -2.21 8.98 -2.29
C LEU A 87 -1.37 9.60 -1.16
N GLY A 88 -0.38 8.88 -0.65
CA GLY A 88 0.46 9.30 0.48
C GLY A 88 1.54 10.33 0.12
N ARG A 89 1.14 11.57 -0.16
CA ARG A 89 2.05 12.72 -0.40
C ARG A 89 1.63 13.94 0.43
N THR A 90 0.63 14.68 -0.03
CA THR A 90 0.10 15.88 0.62
C THR A 90 -1.33 16.18 0.14
N ASN A 91 -2.24 16.44 1.09
CA ASN A 91 -3.67 16.66 0.84
C ASN A 91 -4.27 17.84 1.66
N ASN A 92 -3.47 18.51 2.50
CA ASN A 92 -3.91 19.42 3.56
C ASN A 92 -3.82 20.93 3.22
N LEU A 93 -3.67 21.29 1.95
CA LEU A 93 -3.37 22.65 1.46
C LEU A 93 -4.55 23.38 0.80
N LYS A 94 -5.71 22.72 0.69
CA LYS A 94 -6.97 23.24 0.12
C LYS A 94 -8.21 22.99 1.00
N THR A 95 -7.99 22.64 2.26
CA THR A 95 -9.03 22.39 3.27
C THR A 95 -8.44 22.61 4.67
N ILE A 96 -8.98 23.59 5.40
CA ILE A 96 -8.48 24.01 6.71
C ILE A 96 -9.59 24.37 7.72
N GLY A 97 -10.87 24.24 7.35
CA GLY A 97 -12.03 24.68 8.16
C GLY A 97 -12.16 26.20 8.33
N ILE A 98 -11.30 26.97 7.66
CA ILE A 98 -11.23 28.45 7.65
C ILE A 98 -11.24 29.04 9.08
N LEU A 99 -10.58 28.35 10.02
CA LEU A 99 -10.42 28.71 11.44
C LEU A 99 -11.73 28.99 12.21
N GLN A 100 -12.86 28.42 11.75
CA GLN A 100 -14.23 28.76 12.18
C GLN A 100 -15.06 27.51 12.51
N GLU A 101 -14.65 26.77 13.55
CA GLU A 101 -15.37 25.58 14.05
C GLU A 101 -16.50 25.92 15.04
N GLU A 102 -16.29 26.90 15.92
CA GLU A 102 -17.26 27.47 16.89
C GLU A 102 -18.12 26.43 17.62
N VAL A 103 -17.43 25.53 18.33
CA VAL A 103 -17.97 24.34 19.00
C VAL A 103 -18.70 24.68 20.30
N SER A 104 -19.76 25.48 20.19
CA SER A 104 -20.64 25.88 21.29
C SER A 104 -21.95 26.51 20.79
N SER A 105 -21.87 27.38 19.77
CA SER A 105 -23.01 28.17 19.26
C SER A 105 -23.27 28.05 17.76
N MET A 106 -22.29 27.65 16.94
CA MET A 106 -22.38 27.56 15.48
C MET A 106 -21.72 26.27 14.93
N GLU A 107 -21.91 25.17 15.66
CA GLU A 107 -21.33 23.85 15.40
C GLU A 107 -22.04 23.11 14.23
N ALA A 108 -21.85 23.59 13.00
CA ALA A 108 -22.45 23.06 11.78
C ALA A 108 -21.50 23.12 10.56
N LYS A 109 -21.64 22.17 9.63
CA LYS A 109 -20.84 22.06 8.39
C LYS A 109 -21.64 21.80 7.11
N SER A 110 -22.82 21.18 7.21
CA SER A 110 -23.69 20.81 6.08
C SER A 110 -25.19 20.83 6.46
N MET A 111 -26.05 20.91 5.45
CA MET A 111 -27.53 20.97 5.59
C MET A 111 -28.23 20.12 4.51
N THR A 112 -29.45 19.66 4.82
CA THR A 112 -30.38 19.03 3.86
C THR A 112 -31.28 20.08 3.18
N TRP A 113 -31.98 19.67 2.11
CA TRP A 113 -32.74 20.54 1.21
C TRP A 113 -34.26 20.33 1.30
N GLY A 1 3.62 -66.10 14.45
CA GLY A 1 4.56 -64.97 14.39
C GLY A 1 4.86 -64.55 12.96
N SER A 2 5.72 -63.55 12.80
CA SER A 2 6.18 -63.01 11.51
C SER A 2 7.69 -62.67 11.53
N HIS A 3 8.31 -62.57 10.36
CA HIS A 3 9.76 -62.34 10.20
C HIS A 3 10.08 -61.48 8.96
N MET A 4 11.14 -60.67 9.04
CA MET A 4 11.68 -59.82 7.96
C MET A 4 10.61 -59.00 7.22
N ALA A 5 9.89 -58.15 7.96
CA ALA A 5 8.81 -57.31 7.46
C ALA A 5 8.79 -55.90 8.06
N SER A 6 8.32 -54.94 7.26
CA SER A 6 8.31 -53.49 7.55
C SER A 6 7.09 -52.83 6.91
N MET A 7 6.38 -51.97 7.65
CA MET A 7 5.21 -51.20 7.19
C MET A 7 5.17 -49.81 7.86
N ASP A 8 4.86 -48.77 7.08
CA ASP A 8 4.75 -47.38 7.56
C ASP A 8 3.62 -46.61 6.84
N PRO A 9 2.58 -46.11 7.54
CA PRO A 9 1.46 -45.39 6.93
C PRO A 9 1.71 -43.89 6.70
N LEU A 10 2.78 -43.35 7.28
CA LEU A 10 3.04 -41.91 7.41
C LEU A 10 4.17 -41.38 6.51
N ASP A 11 4.39 -41.99 5.34
CA ASP A 11 5.52 -41.67 4.46
C ASP A 11 5.20 -40.85 3.20
N LYS A 12 3.91 -40.59 2.94
CA LYS A 12 3.43 -40.01 1.67
C LYS A 12 2.43 -38.84 1.77
N ILE A 13 1.63 -38.77 2.84
CA ILE A 13 0.59 -37.73 3.06
C ILE A 13 0.59 -37.16 4.50
N ILE A 14 1.66 -37.41 5.26
CA ILE A 14 1.78 -37.07 6.69
C ILE A 14 1.55 -35.57 6.94
N ASN A 15 0.46 -35.22 7.64
CA ASN A 15 0.10 -33.83 7.98
C ASN A 15 -0.61 -33.68 9.34
N ASP A 16 -0.82 -34.77 10.08
CA ASP A 16 -1.76 -34.80 11.21
C ASP A 16 -1.24 -34.23 12.54
N ILE A 17 0.00 -33.72 12.50
CA ILE A 17 0.74 -33.18 13.65
C ILE A 17 1.65 -31.99 13.29
N LYS A 18 1.30 -31.27 12.21
CA LYS A 18 1.98 -30.03 11.79
C LYS A 18 1.09 -28.79 11.92
N LYS A 19 -0.10 -28.81 11.30
CA LYS A 19 -1.02 -27.67 11.18
C LYS A 19 -2.43 -28.10 10.80
N GLU A 20 -3.44 -27.62 11.52
CA GLU A 20 -4.86 -27.78 11.19
C GLU A 20 -5.68 -26.63 11.82
N ALA A 21 -6.15 -25.70 11.00
CA ALA A 21 -6.97 -24.54 11.43
C ALA A 21 -7.84 -24.00 10.27
N ASN A 22 -8.84 -23.18 10.62
CA ASN A 22 -9.80 -22.56 9.69
C ASN A 22 -9.36 -21.15 9.21
N ASP A 23 -8.09 -21.03 8.80
CA ASP A 23 -7.48 -19.81 8.24
C ASP A 23 -7.59 -18.56 9.14
N SER A 24 -7.43 -18.77 10.45
CA SER A 24 -7.72 -17.75 11.47
C SER A 24 -6.62 -16.68 11.59
N GLY A 25 -6.85 -15.49 11.00
CA GLY A 25 -6.05 -14.28 11.23
C GLY A 25 -4.59 -14.36 10.77
N VAL A 26 -4.34 -15.00 9.62
CA VAL A 26 -3.02 -15.48 9.17
C VAL A 26 -2.71 -15.11 7.71
N THR A 27 -3.18 -13.94 7.28
CA THR A 27 -3.12 -13.47 5.88
C THR A 27 -2.71 -11.99 5.74
N LEU A 28 -2.44 -11.58 4.49
CA LEU A 28 -1.77 -10.32 4.08
C LEU A 28 -2.74 -9.14 3.93
N ALA A 29 -3.79 -9.14 4.75
CA ALA A 29 -4.96 -8.27 4.63
C ALA A 29 -5.69 -8.13 5.99
N PRO A 30 -6.21 -6.94 6.35
CA PRO A 30 -6.88 -6.71 7.63
C PRO A 30 -8.33 -7.25 7.67
N LEU A 31 -9.01 -7.25 6.52
CA LEU A 31 -10.39 -7.71 6.33
C LEU A 31 -10.62 -8.08 4.84
N SER A 32 -11.87 -8.30 4.43
CA SER A 32 -12.28 -8.48 3.04
C SER A 32 -12.31 -7.14 2.28
N VAL A 33 -11.12 -6.53 2.17
CA VAL A 33 -10.87 -5.18 1.63
C VAL A 33 -9.42 -5.09 1.10
N PRO A 34 -9.14 -4.39 -0.02
CA PRO A 34 -7.78 -4.15 -0.48
C PRO A 34 -7.09 -3.04 0.34
N LYS A 35 -6.73 -3.40 1.58
CA LYS A 35 -5.91 -2.66 2.56
C LYS A 35 -6.12 -1.12 2.57
N PRO A 36 -7.00 -0.59 3.44
CA PRO A 36 -7.09 0.85 3.66
C PRO A 36 -5.81 1.44 4.27
N LYS A 37 -5.67 2.77 4.20
CA LYS A 37 -4.54 3.55 4.75
C LYS A 37 -4.16 3.09 6.16
N LEU A 38 -2.89 2.74 6.37
CA LEU A 38 -2.39 2.08 7.57
C LEU A 38 -1.22 2.87 8.19
N GLU A 39 -1.34 3.22 9.47
CA GLU A 39 -0.46 4.17 10.17
C GLU A 39 0.02 3.61 11.52
N GLU A 40 0.70 2.47 11.46
CA GLU A 40 1.16 1.68 12.61
C GLU A 40 2.70 1.57 12.61
N LEU A 41 3.35 2.64 13.06
CA LEU A 41 4.80 2.83 13.13
C LEU A 41 5.20 3.38 14.52
N SER A 42 6.42 3.08 14.98
CA SER A 42 7.00 3.70 16.20
C SER A 42 7.40 5.16 15.91
N GLU A 43 7.63 5.98 16.93
CA GLU A 43 7.87 7.43 16.74
C GLU A 43 9.01 7.75 15.77
N GLN A 44 10.15 7.05 15.87
CA GLN A 44 11.26 7.19 14.93
C GLN A 44 10.97 6.53 13.58
N GLN A 45 10.30 5.38 13.57
CA GLN A 45 9.93 4.67 12.33
C GLN A 45 8.96 5.51 11.48
N LYS A 46 8.02 6.22 12.11
CA LYS A 46 7.09 7.12 11.44
C LYS A 46 7.81 8.26 10.74
N ILE A 47 8.83 8.84 11.38
CA ILE A 47 9.66 9.91 10.79
C ILE A 47 10.54 9.36 9.67
N ILE A 48 11.16 8.19 9.81
CA ILE A 48 12.00 7.60 8.73
C ILE A 48 11.13 7.28 7.51
N LEU A 49 9.96 6.66 7.75
CA LEU A 49 8.98 6.31 6.73
C LEU A 49 8.51 7.55 5.96
N ALA A 50 8.15 8.61 6.69
CA ALA A 50 7.75 9.90 6.15
C ALA A 50 8.89 10.60 5.40
N GLU A 51 10.07 10.76 6.00
CA GLU A 51 11.22 11.42 5.38
C GLU A 51 11.69 10.71 4.10
N TYR A 52 11.55 9.38 4.02
CA TYR A 52 11.90 8.60 2.83
C TYR A 52 10.97 8.96 1.66
N ILE A 53 9.66 8.83 1.85
CA ILE A 53 8.60 9.14 0.90
C ILE A 53 8.57 10.63 0.54
N ALA A 54 8.86 11.51 1.47
CA ALA A 54 8.96 12.95 1.23
C ALA A 54 10.16 13.29 0.35
N GLU A 55 11.29 12.61 0.55
CA GLU A 55 12.51 12.83 -0.24
C GLU A 55 12.46 12.18 -1.62
N VAL A 56 11.86 10.98 -1.75
CA VAL A 56 11.86 10.21 -3.02
C VAL A 56 10.50 10.15 -3.71
N GLY A 57 9.45 10.66 -3.07
CA GLY A 57 8.17 11.03 -3.70
C GLY A 57 7.15 9.91 -3.83
N LEU A 58 7.22 8.91 -2.93
CA LEU A 58 6.44 7.64 -2.92
C LEU A 58 6.51 6.82 -4.24
N GLN A 59 7.42 7.16 -5.14
CA GLN A 59 7.52 6.61 -6.52
C GLN A 59 8.87 5.94 -6.82
N ASN A 60 9.79 5.98 -5.85
CA ASN A 60 11.10 5.31 -5.91
C ASN A 60 11.36 4.39 -4.70
N ILE A 61 10.40 4.24 -3.79
CA ILE A 61 10.50 3.30 -2.66
C ILE A 61 10.29 1.84 -3.11
N THR A 62 10.90 0.90 -2.39
CA THR A 62 10.79 -0.54 -2.66
C THR A 62 10.64 -1.29 -1.36
N ALA A 63 9.88 -2.39 -1.31
CA ALA A 63 9.65 -3.18 -0.10
C ALA A 63 10.96 -3.76 0.46
N ILE A 64 11.95 -3.98 -0.41
CA ILE A 64 13.31 -4.44 -0.08
C ILE A 64 14.09 -3.36 0.66
N THR A 65 13.95 -2.12 0.21
CA THR A 65 14.65 -0.97 0.78
C THR A 65 13.93 -0.49 2.03
N LEU A 66 12.60 -0.40 1.97
CA LEU A 66 11.73 -0.04 3.08
C LEU A 66 11.82 -1.05 4.23
N SER A 67 11.96 -2.36 3.94
CA SER A 67 12.25 -3.38 4.96
C SER A 67 13.57 -3.16 5.71
N LYS A 68 14.51 -2.45 5.07
CA LYS A 68 15.87 -2.20 5.56
C LYS A 68 16.09 -0.79 6.12
N LYS A 69 15.33 0.22 5.68
CA LYS A 69 15.33 1.60 6.21
C LYS A 69 14.83 1.63 7.66
N LEU A 70 13.87 0.75 7.95
CA LEU A 70 13.04 0.75 9.16
C LEU A 70 13.25 -0.50 10.04
N ASN A 71 14.11 -1.44 9.60
CA ASN A 71 14.40 -2.73 10.23
C ASN A 71 13.14 -3.60 10.46
N ILE A 72 12.48 -3.96 9.36
CA ILE A 72 11.18 -4.67 9.30
C ILE A 72 11.22 -5.83 8.29
N THR A 73 10.14 -6.60 8.18
CA THR A 73 9.99 -7.65 7.14
C THR A 73 9.61 -7.04 5.79
N VAL A 74 9.86 -7.75 4.68
CA VAL A 74 9.40 -7.34 3.34
C VAL A 74 7.87 -7.33 3.25
N GLU A 75 7.17 -8.16 4.02
CA GLU A 75 5.71 -8.27 3.98
C GLU A 75 5.07 -7.10 4.76
N LYS A 76 5.70 -6.73 5.88
CA LYS A 76 5.34 -5.58 6.72
C LYS A 76 5.58 -4.28 5.97
N ALA A 77 6.75 -4.15 5.35
CA ALA A 77 7.12 -3.06 4.47
C ALA A 77 6.16 -2.91 3.26
N LYS A 78 5.85 -4.02 2.56
CA LYS A 78 5.02 -4.01 1.37
C LYS A 78 3.57 -3.69 1.70
N ASN A 79 3.12 -3.95 2.93
CA ASN A 79 1.80 -3.57 3.39
C ASN A 79 1.56 -2.05 3.21
N TYR A 80 2.57 -1.21 3.52
CA TYR A 80 2.53 0.23 3.33
C TYR A 80 2.44 0.59 1.87
N ILE A 81 3.25 -0.04 1.01
CA ILE A 81 3.29 0.22 -0.43
C ILE A 81 1.97 -0.18 -1.12
N LYS A 82 1.20 -1.11 -0.53
CA LYS A 82 -0.10 -1.59 -1.04
C LYS A 82 -1.31 -0.76 -0.59
N ASN A 83 -1.26 -0.03 0.55
CA ASN A 83 -2.29 0.95 0.90
C ASN A 83 -1.91 2.37 0.47
N SER A 84 -0.64 2.74 0.71
CA SER A 84 -0.10 4.04 0.35
C SER A 84 0.68 3.97 -0.95
N ASN A 85 0.09 4.48 -2.03
CA ASN A 85 0.68 4.39 -3.37
C ASN A 85 0.41 5.62 -4.25
N ARG A 86 -0.82 5.75 -4.79
CA ARG A 86 -1.21 6.84 -5.69
C ARG A 86 -1.70 8.11 -4.97
N LEU A 87 -2.07 7.99 -3.69
CA LEU A 87 -2.61 9.06 -2.86
C LEU A 87 -1.52 10.04 -2.38
N GLY A 88 -0.32 9.55 -2.05
CA GLY A 88 0.77 10.34 -1.49
C GLY A 88 0.54 10.75 -0.03
N ARG A 89 1.24 11.81 0.40
CA ARG A 89 0.95 12.63 1.59
C ARG A 89 1.43 14.07 1.37
N THR A 90 0.75 15.01 2.02
CA THR A 90 1.21 16.40 2.15
C THR A 90 2.49 16.48 2.98
N ASN A 91 3.56 17.03 2.40
CA ASN A 91 4.85 17.23 3.06
C ASN A 91 5.42 18.65 2.80
N ASN A 92 5.98 18.89 1.61
CA ASN A 92 6.66 20.14 1.20
C ASN A 92 7.79 20.56 2.19
N LEU A 93 8.28 21.81 2.10
CA LEU A 93 9.30 22.42 2.96
C LEU A 93 10.61 21.60 3.02
N LYS A 94 10.99 21.01 1.88
CA LYS A 94 12.12 20.06 1.72
C LYS A 94 13.25 20.57 0.82
N THR A 95 13.07 21.75 0.20
CA THR A 95 14.08 22.46 -0.56
C THR A 95 13.83 23.97 -0.47
N ILE A 96 14.85 24.70 -0.03
CA ILE A 96 14.84 26.14 0.21
C ILE A 96 16.15 26.84 -0.23
N GLY A 97 17.07 26.11 -0.87
CA GLY A 97 18.43 26.59 -1.16
C GLY A 97 19.34 26.80 0.07
N ILE A 98 18.86 26.41 1.26
CA ILE A 98 19.56 26.48 2.55
C ILE A 98 20.11 27.91 2.82
N LEU A 99 19.32 28.92 2.44
CA LEU A 99 19.63 30.36 2.52
C LEU A 99 20.99 30.77 1.89
N GLN A 100 21.47 29.98 0.91
CA GLN A 100 22.80 30.08 0.29
C GLN A 100 22.67 30.17 -1.26
N GLU A 101 21.85 31.11 -1.72
CA GLU A 101 21.63 31.45 -3.13
C GLU A 101 21.68 32.98 -3.36
N GLU A 102 21.93 33.40 -4.60
CA GLU A 102 22.04 34.81 -5.00
C GLU A 102 21.27 35.06 -6.30
N VAL A 103 20.20 35.85 -6.21
CA VAL A 103 19.24 36.14 -7.28
C VAL A 103 18.79 37.61 -7.21
N SER A 104 18.43 38.21 -8.35
CA SER A 104 17.91 39.60 -8.42
C SER A 104 16.72 39.73 -9.39
N SER A 105 16.93 39.48 -10.69
CA SER A 105 15.87 39.61 -11.72
C SER A 105 14.73 38.60 -11.56
N MET A 106 15.06 37.40 -11.05
CA MET A 106 14.14 36.28 -10.79
C MET A 106 13.85 36.07 -9.28
N GLU A 107 14.13 37.07 -8.42
CA GLU A 107 14.00 36.96 -6.96
C GLU A 107 12.53 37.15 -6.49
N ALA A 108 11.62 36.35 -7.06
CA ALA A 108 10.16 36.43 -6.93
C ALA A 108 9.55 37.80 -7.35
N LYS A 109 8.22 37.92 -7.23
CA LYS A 109 7.44 39.15 -7.51
C LYS A 109 6.19 39.25 -6.63
N SER A 110 5.63 40.46 -6.52
CA SER A 110 4.40 40.74 -5.77
C SER A 110 3.59 41.88 -6.40
N MET A 111 3.90 43.14 -6.08
CA MET A 111 3.24 44.35 -6.58
C MET A 111 4.17 45.57 -6.51
N THR A 112 4.05 46.48 -7.47
CA THR A 112 4.73 47.79 -7.46
C THR A 112 3.97 48.79 -6.59
N TRP A 113 4.71 49.62 -5.86
CA TRP A 113 4.22 50.61 -4.89
C TRP A 113 4.04 52.01 -5.51
N GLY A 1 -34.79 -43.12 -24.88
CA GLY A 1 -34.86 -42.12 -23.79
C GLY A 1 -33.49 -41.61 -23.38
N SER A 2 -33.34 -41.17 -22.13
CA SER A 2 -32.15 -40.47 -21.60
C SER A 2 -30.97 -41.40 -21.24
N HIS A 3 -30.49 -42.17 -22.21
CA HIS A 3 -29.34 -43.08 -22.05
C HIS A 3 -28.01 -42.30 -22.07
N MET A 4 -27.30 -42.32 -20.94
CA MET A 4 -25.97 -41.71 -20.76
C MET A 4 -25.17 -42.44 -19.67
N ALA A 5 -23.86 -42.56 -19.88
CA ALA A 5 -22.95 -43.28 -18.98
C ALA A 5 -21.59 -42.60 -18.81
N SER A 6 -20.87 -42.99 -17.75
CA SER A 6 -19.58 -42.41 -17.33
C SER A 6 -18.66 -43.48 -16.70
N MET A 7 -17.34 -43.29 -16.84
CA MET A 7 -16.30 -44.24 -16.40
C MET A 7 -15.07 -43.47 -15.87
N ASP A 8 -15.06 -43.17 -14.57
CA ASP A 8 -14.04 -42.34 -13.91
C ASP A 8 -13.70 -42.85 -12.49
N PRO A 9 -12.44 -42.67 -12.00
CA PRO A 9 -12.02 -43.07 -10.65
C PRO A 9 -12.46 -42.12 -9.54
N LEU A 10 -13.11 -41.02 -9.88
CA LEU A 10 -13.62 -39.98 -8.98
C LEU A 10 -15.16 -40.03 -8.87
N ASP A 11 -15.72 -41.24 -8.74
CA ASP A 11 -17.17 -41.46 -8.57
C ASP A 11 -17.61 -41.74 -7.12
N LYS A 12 -16.64 -42.16 -6.29
CA LYS A 12 -16.88 -42.77 -4.96
C LYS A 12 -16.32 -41.97 -3.76
N ILE A 13 -15.22 -41.24 -3.92
CA ILE A 13 -14.53 -40.48 -2.86
C ILE A 13 -14.14 -39.04 -3.26
N ILE A 14 -14.66 -38.55 -4.39
CA ILE A 14 -14.30 -37.26 -4.99
C ILE A 14 -14.39 -36.09 -3.98
N ASN A 15 -13.29 -35.34 -3.84
CA ASN A 15 -13.19 -34.19 -2.91
C ASN A 15 -12.30 -33.04 -3.42
N ASP A 16 -11.68 -33.18 -4.60
CA ASP A 16 -10.63 -32.26 -5.07
C ASP A 16 -11.16 -31.03 -5.85
N ILE A 17 -12.47 -30.84 -5.83
CA ILE A 17 -13.22 -29.81 -6.56
C ILE A 17 -14.43 -29.25 -5.78
N LYS A 18 -14.37 -29.37 -4.44
CA LYS A 18 -15.49 -29.02 -3.55
C LYS A 18 -15.16 -27.98 -2.47
N LYS A 19 -13.97 -28.04 -1.87
CA LYS A 19 -13.53 -27.18 -0.76
C LYS A 19 -12.03 -26.90 -0.81
N GLU A 20 -11.66 -25.62 -0.91
CA GLU A 20 -10.28 -25.12 -0.98
C GLU A 20 -10.15 -23.81 -0.19
N ALA A 21 -9.15 -23.73 0.71
CA ALA A 21 -9.03 -22.65 1.69
C ALA A 21 -7.58 -22.36 2.18
N ASN A 22 -6.56 -23.00 1.60
CA ASN A 22 -5.18 -23.00 2.10
C ASN A 22 -4.23 -22.24 1.16
N ASP A 23 -4.06 -20.93 1.39
CA ASP A 23 -3.08 -20.07 0.74
C ASP A 23 -2.68 -18.88 1.65
N SER A 24 -1.54 -18.24 1.37
CA SER A 24 -0.92 -17.18 2.19
C SER A 24 -0.70 -15.90 1.38
N GLY A 25 -1.77 -15.12 1.24
CA GLY A 25 -1.81 -13.85 0.51
C GLY A 25 -2.13 -14.03 -0.98
N VAL A 26 -3.38 -13.75 -1.35
CA VAL A 26 -3.91 -13.88 -2.73
C VAL A 26 -4.34 -12.50 -3.26
N THR A 27 -3.87 -12.15 -4.47
CA THR A 27 -4.14 -10.87 -5.17
C THR A 27 -3.79 -9.64 -4.31
N LEU A 28 -4.38 -8.46 -4.60
CA LEU A 28 -4.04 -7.15 -4.03
C LEU A 28 -5.20 -6.53 -3.23
N ALA A 29 -6.06 -7.41 -2.71
CA ALA A 29 -7.38 -7.08 -2.15
C ALA A 29 -7.76 -8.11 -1.05
N PRO A 30 -7.68 -7.75 0.24
CA PRO A 30 -7.98 -8.66 1.36
C PRO A 30 -9.49 -8.83 1.62
N LEU A 31 -10.31 -7.89 1.11
CA LEU A 31 -11.76 -7.85 1.19
C LEU A 31 -12.30 -7.15 -0.09
N SER A 32 -13.53 -6.62 -0.08
CA SER A 32 -14.11 -5.83 -1.19
C SER A 32 -13.56 -4.39 -1.23
N VAL A 33 -12.22 -4.27 -1.25
CA VAL A 33 -11.46 -3.01 -1.17
C VAL A 33 -10.04 -3.21 -1.77
N PRO A 34 -9.48 -2.24 -2.52
CA PRO A 34 -8.11 -2.30 -3.05
C PRO A 34 -7.07 -1.95 -1.97
N LYS A 35 -6.99 -2.81 -0.93
CA LYS A 35 -6.21 -2.69 0.31
C LYS A 35 -6.61 -1.48 1.21
N PRO A 36 -7.10 -1.70 2.45
CA PRO A 36 -7.52 -0.61 3.34
C PRO A 36 -6.33 0.13 3.96
N LYS A 37 -6.48 1.44 4.21
CA LYS A 37 -5.42 2.32 4.75
C LYS A 37 -5.05 2.00 6.20
N LEU A 38 -3.77 2.09 6.53
CA LEU A 38 -3.18 1.75 7.82
C LEU A 38 -2.26 2.88 8.34
N GLU A 39 -2.24 3.06 9.66
CA GLU A 39 -1.44 4.08 10.37
C GLU A 39 -0.82 3.49 11.65
N GLU A 40 0.15 2.59 11.44
CA GLU A 40 0.84 1.84 12.52
C GLU A 40 2.37 1.81 12.31
N LEU A 41 3.03 2.87 12.79
CA LEU A 41 4.47 3.04 12.92
C LEU A 41 4.82 3.54 14.35
N SER A 42 6.02 3.24 14.85
CA SER A 42 6.53 3.84 16.09
C SER A 42 6.96 5.30 15.86
N GLU A 43 7.17 6.11 16.89
CA GLU A 43 7.46 7.56 16.74
C GLU A 43 8.68 7.83 15.83
N GLN A 44 9.77 7.09 15.99
CA GLN A 44 10.95 7.18 15.12
C GLN A 44 10.69 6.56 13.74
N GLN A 45 10.01 5.40 13.69
CA GLN A 45 9.68 4.73 12.43
C GLN A 45 8.78 5.59 11.54
N LYS A 46 7.81 6.32 12.12
CA LYS A 46 6.96 7.26 11.40
C LYS A 46 7.78 8.36 10.72
N ILE A 47 8.82 8.87 11.41
CA ILE A 47 9.72 9.90 10.87
C ILE A 47 10.61 9.32 9.76
N ILE A 48 11.17 8.10 9.91
CA ILE A 48 12.00 7.49 8.85
C ILE A 48 11.14 7.21 7.61
N LEU A 49 9.95 6.68 7.81
CA LEU A 49 8.96 6.38 6.77
C LEU A 49 8.63 7.66 5.97
N ALA A 50 8.32 8.74 6.70
CA ALA A 50 8.03 10.05 6.13
C ALA A 50 9.24 10.68 5.44
N GLU A 51 10.40 10.77 6.11
CA GLU A 51 11.62 11.37 5.53
C GLU A 51 12.11 10.66 4.27
N TYR A 52 11.83 9.36 4.11
CA TYR A 52 12.17 8.59 2.91
C TYR A 52 11.29 9.00 1.72
N ILE A 53 9.97 8.90 1.85
CA ILE A 53 8.96 9.30 0.86
C ILE A 53 9.05 10.81 0.54
N ALA A 54 9.40 11.64 1.52
CA ALA A 54 9.61 13.08 1.34
C ALA A 54 10.88 13.41 0.52
N GLU A 55 11.87 12.51 0.52
CA GLU A 55 13.12 12.67 -0.24
C GLU A 55 13.05 12.07 -1.65
N VAL A 56 12.29 10.98 -1.87
CA VAL A 56 12.27 10.25 -3.16
C VAL A 56 10.89 10.19 -3.82
N GLY A 57 9.80 10.38 -3.08
CA GLY A 57 8.43 10.16 -3.53
C GLY A 57 8.00 8.70 -3.41
N LEU A 58 6.74 8.44 -3.02
CA LEU A 58 6.24 7.09 -2.70
C LEU A 58 6.21 6.14 -3.91
N GLN A 59 6.38 6.71 -5.09
CA GLN A 59 6.49 6.01 -6.38
C GLN A 59 7.89 5.41 -6.64
N ASN A 60 8.91 5.83 -5.86
CA ASN A 60 10.32 5.47 -6.07
C ASN A 60 10.94 4.66 -4.92
N ILE A 61 10.21 4.47 -3.82
CA ILE A 61 10.57 3.52 -2.76
C ILE A 61 10.33 2.06 -3.19
N THR A 62 10.98 1.12 -2.49
CA THR A 62 10.83 -0.32 -2.69
C THR A 62 10.64 -1.02 -1.36
N ALA A 63 9.87 -2.11 -1.32
CA ALA A 63 9.65 -2.91 -0.11
C ALA A 63 10.94 -3.55 0.40
N ILE A 64 11.89 -3.82 -0.49
CA ILE A 64 13.23 -4.33 -0.17
C ILE A 64 14.01 -3.29 0.64
N THR A 65 13.99 -2.05 0.16
CA THR A 65 14.72 -0.93 0.77
C THR A 65 13.99 -0.42 2.01
N LEU A 66 12.66 -0.33 1.98
CA LEU A 66 11.82 0.02 3.14
C LEU A 66 11.94 -1.03 4.26
N SER A 67 12.05 -2.32 3.91
CA SER A 67 12.38 -3.43 4.84
C SER A 67 13.69 -3.18 5.59
N LYS A 68 14.60 -2.46 4.96
CA LYS A 68 15.94 -2.15 5.48
C LYS A 68 16.03 -0.79 6.19
N LYS A 69 15.30 0.23 5.70
CA LYS A 69 15.29 1.60 6.24
C LYS A 69 14.76 1.64 7.68
N LEU A 70 13.79 0.79 8.01
CA LEU A 70 13.12 0.75 9.32
C LEU A 70 13.36 -0.56 10.10
N ASN A 71 14.22 -1.45 9.59
CA ASN A 71 14.56 -2.76 10.17
C ASN A 71 13.33 -3.69 10.37
N ILE A 72 12.63 -3.98 9.29
CA ILE A 72 11.35 -4.69 9.23
C ILE A 72 11.43 -5.91 8.28
N THR A 73 10.29 -6.52 7.92
CA THR A 73 10.19 -7.56 6.89
C THR A 73 9.76 -6.96 5.55
N VAL A 74 10.01 -7.66 4.44
CA VAL A 74 9.52 -7.25 3.10
C VAL A 74 7.99 -7.25 3.04
N GLU A 75 7.31 -8.09 3.82
CA GLU A 75 5.84 -8.17 3.80
C GLU A 75 5.25 -7.01 4.60
N LYS A 76 5.88 -6.68 5.73
CA LYS A 76 5.51 -5.56 6.60
C LYS A 76 5.70 -4.23 5.87
N ALA A 77 6.87 -4.09 5.24
CA ALA A 77 7.21 -2.98 4.34
C ALA A 77 6.26 -2.84 3.15
N LYS A 78 5.94 -3.94 2.44
CA LYS A 78 5.08 -3.93 1.25
C LYS A 78 3.64 -3.61 1.63
N ASN A 79 3.22 -3.93 2.85
CA ASN A 79 1.89 -3.60 3.34
C ASN A 79 1.60 -2.09 3.26
N TYR A 80 2.59 -1.23 3.55
CA TYR A 80 2.51 0.22 3.43
C TYR A 80 2.33 0.64 1.97
N ILE A 81 3.10 0.04 1.08
CA ILE A 81 3.13 0.34 -0.36
C ILE A 81 1.83 -0.12 -1.05
N LYS A 82 1.15 -1.14 -0.51
CA LYS A 82 -0.13 -1.66 -1.04
C LYS A 82 -1.33 -0.81 -0.62
N ASN A 83 -1.36 -0.27 0.61
CA ASN A 83 -2.47 0.59 1.04
C ASN A 83 -2.22 2.05 0.67
N SER A 84 -0.98 2.52 0.85
CA SER A 84 -0.62 3.90 0.51
C SER A 84 0.31 3.94 -0.71
N ASN A 85 -0.17 4.55 -1.80
CA ASN A 85 0.46 4.41 -3.12
C ASN A 85 0.28 5.64 -4.02
N ARG A 86 -0.96 6.16 -4.12
CA ARG A 86 -1.34 7.38 -4.85
C ARG A 86 -1.79 8.53 -3.92
N LEU A 87 -1.44 8.42 -2.63
CA LEU A 87 -1.86 9.34 -1.57
C LEU A 87 -0.65 9.88 -0.78
N GLY A 88 0.12 9.01 -0.13
CA GLY A 88 1.19 9.44 0.78
C GLY A 88 0.64 10.19 2.01
N ARG A 89 0.87 11.52 2.06
CA ARG A 89 0.41 12.44 3.12
C ARG A 89 -0.65 13.42 2.60
N THR A 90 -0.20 14.54 2.03
CA THR A 90 -1.05 15.57 1.40
C THR A 90 -0.25 16.33 0.34
N ASN A 91 -0.56 16.07 -0.94
CA ASN A 91 0.18 16.57 -2.11
C ASN A 91 -0.64 16.65 -3.41
N ASN A 92 -1.81 16.02 -3.48
CA ASN A 92 -2.70 16.04 -4.66
C ASN A 92 -3.61 17.29 -4.67
N LEU A 93 -4.14 17.64 -5.85
CA LEU A 93 -4.92 18.87 -6.10
C LEU A 93 -4.10 20.17 -5.91
N LYS A 94 -4.69 21.29 -6.35
CA LYS A 94 -4.11 22.64 -6.32
C LYS A 94 -4.76 23.54 -5.25
N THR A 95 -5.66 22.96 -4.45
CA THR A 95 -6.29 23.57 -3.29
C THR A 95 -6.65 22.47 -2.28
N ILE A 96 -6.14 22.59 -1.05
CA ILE A 96 -6.30 21.63 0.03
C ILE A 96 -6.54 22.28 1.42
N GLY A 97 -6.62 23.62 1.49
CA GLY A 97 -6.64 24.37 2.75
C GLY A 97 -5.32 24.34 3.54
N ILE A 98 -4.24 23.81 2.92
CA ILE A 98 -2.86 23.75 3.45
C ILE A 98 -2.81 23.15 4.87
N LEU A 99 -3.61 22.10 5.11
CA LEU A 99 -3.76 21.38 6.39
C LEU A 99 -4.06 22.27 7.61
N GLN A 100 -4.68 23.44 7.39
CA GLN A 100 -4.87 24.51 8.38
C GLN A 100 -6.37 24.85 8.56
N GLU A 101 -7.15 23.83 8.91
CA GLU A 101 -8.57 23.96 9.30
C GLU A 101 -8.70 24.57 10.72
N GLU A 102 -9.82 25.26 11.00
CA GLU A 102 -10.09 25.95 12.26
C GLU A 102 -11.14 25.23 13.09
N VAL A 103 -10.69 24.64 14.20
CA VAL A 103 -11.53 23.96 15.22
C VAL A 103 -11.17 24.53 16.59
N SER A 104 -11.90 25.57 17.01
CA SER A 104 -11.77 26.22 18.33
C SER A 104 -12.90 27.21 18.59
N SER A 105 -13.33 27.93 17.55
CA SER A 105 -14.44 28.89 17.59
C SER A 105 -15.31 28.80 16.33
N MET A 106 -16.63 28.70 16.52
CA MET A 106 -17.67 28.72 15.48
C MET A 106 -17.42 27.72 14.33
N GLU A 107 -17.07 26.49 14.71
CA GLU A 107 -16.74 25.37 13.81
C GLU A 107 -17.96 24.55 13.31
N ALA A 108 -19.18 24.99 13.64
CA ALA A 108 -20.44 24.32 13.31
C ALA A 108 -20.86 24.46 11.84
N LYS A 109 -21.79 23.60 11.40
CA LYS A 109 -22.40 23.57 10.05
C LYS A 109 -23.89 23.94 10.08
N SER A 110 -24.41 24.46 8.96
CA SER A 110 -25.80 24.89 8.79
C SER A 110 -26.77 23.71 8.53
N MET A 111 -26.44 22.86 7.55
CA MET A 111 -27.25 21.72 7.08
C MET A 111 -28.70 22.09 6.69
N THR A 112 -29.57 21.09 6.53
CA THR A 112 -30.99 21.25 6.18
C THR A 112 -31.89 20.23 6.89
N TRP A 113 -33.19 20.54 6.91
CA TRP A 113 -34.26 19.80 7.58
C TRP A 113 -35.24 19.14 6.59
N GLY A 1 -21.39 -12.73 -47.99
CA GLY A 1 -20.06 -12.17 -47.63
C GLY A 1 -20.06 -11.59 -46.22
N SER A 2 -19.30 -10.52 -45.99
CA SER A 2 -19.03 -9.94 -44.66
C SER A 2 -20.05 -8.87 -44.20
N HIS A 3 -21.02 -8.50 -45.03
CA HIS A 3 -21.99 -7.43 -44.75
C HIS A 3 -23.07 -7.89 -43.75
N MET A 4 -23.00 -7.38 -42.52
CA MET A 4 -23.96 -7.63 -41.43
C MET A 4 -23.97 -6.48 -40.41
N ALA A 5 -25.03 -6.41 -39.60
CA ALA A 5 -25.12 -5.48 -38.47
C ALA A 5 -25.69 -6.13 -37.21
N SER A 6 -25.09 -5.78 -36.07
CA SER A 6 -25.37 -6.28 -34.72
C SER A 6 -25.05 -5.22 -33.66
N MET A 7 -25.80 -5.20 -32.56
CA MET A 7 -25.64 -4.23 -31.46
C MET A 7 -25.88 -4.91 -30.09
N ASP A 8 -25.06 -5.94 -29.79
CA ASP A 8 -25.16 -6.76 -28.58
C ASP A 8 -23.78 -7.03 -27.95
N PRO A 9 -23.68 -7.21 -26.61
CA PRO A 9 -22.41 -7.50 -25.93
C PRO A 9 -22.00 -8.97 -25.96
N LEU A 10 -22.90 -9.86 -26.36
CA LEU A 10 -22.77 -11.32 -26.26
C LEU A 10 -22.38 -11.98 -27.60
N ASP A 11 -21.37 -11.43 -28.29
CA ASP A 11 -20.77 -12.01 -29.50
C ASP A 11 -19.38 -12.66 -29.29
N LYS A 12 -18.83 -12.56 -28.08
CA LYS A 12 -17.41 -12.84 -27.77
C LYS A 12 -17.22 -13.79 -26.59
N ILE A 13 -17.76 -13.39 -25.43
CA ILE A 13 -17.65 -14.08 -24.14
C ILE A 13 -18.97 -14.74 -23.70
N ILE A 14 -19.95 -14.82 -24.63
CA ILE A 14 -21.25 -15.49 -24.41
C ILE A 14 -21.09 -16.88 -23.77
N ASN A 15 -21.87 -17.12 -22.71
CA ASN A 15 -21.75 -18.31 -21.84
C ASN A 15 -23.10 -18.73 -21.25
N ASP A 16 -24.13 -18.84 -22.10
CA ASP A 16 -25.51 -19.13 -21.68
C ASP A 16 -25.96 -20.57 -22.00
N ILE A 17 -25.01 -21.43 -22.38
CA ILE A 17 -25.22 -22.81 -22.86
C ILE A 17 -24.08 -23.76 -22.52
N LYS A 18 -23.43 -23.53 -21.37
CA LYS A 18 -22.30 -24.34 -20.88
C LYS A 18 -22.44 -24.76 -19.41
N LYS A 19 -22.65 -23.76 -18.53
CA LYS A 19 -22.46 -23.78 -17.05
C LYS A 19 -21.05 -24.21 -16.61
N GLU A 20 -20.39 -23.40 -15.78
CA GLU A 20 -19.02 -23.62 -15.27
C GLU A 20 -18.88 -23.29 -13.77
N ALA A 21 -17.87 -23.85 -13.12
CA ALA A 21 -17.48 -23.58 -11.73
C ALA A 21 -16.42 -22.45 -11.61
N ASN A 22 -16.22 -21.97 -10.38
CA ASN A 22 -15.29 -20.90 -10.01
C ASN A 22 -14.12 -21.42 -9.14
N ASP A 23 -13.00 -20.68 -9.13
CA ASP A 23 -11.84 -20.92 -8.26
C ASP A 23 -12.06 -20.36 -6.84
N SER A 24 -11.42 -20.99 -5.85
CA SER A 24 -11.56 -20.67 -4.41
C SER A 24 -10.48 -19.74 -3.83
N GLY A 25 -9.53 -19.30 -4.64
CA GLY A 25 -8.56 -18.27 -4.26
C GLY A 25 -7.74 -17.79 -5.46
N VAL A 26 -8.07 -16.60 -5.99
CA VAL A 26 -7.51 -16.03 -7.23
C VAL A 26 -7.31 -14.50 -7.18
N THR A 27 -7.36 -13.91 -5.99
CA THR A 27 -7.47 -12.45 -5.78
C THR A 27 -6.49 -11.90 -4.73
N LEU A 28 -6.09 -10.65 -4.89
CA LEU A 28 -5.08 -9.94 -4.08
C LEU A 28 -5.64 -8.98 -3.01
N ALA A 29 -6.82 -9.31 -2.48
CA ALA A 29 -7.55 -8.53 -1.49
C ALA A 29 -7.54 -9.21 -0.09
N PRO A 30 -7.25 -8.48 1.01
CA PRO A 30 -7.19 -9.10 2.34
C PRO A 30 -8.59 -9.42 2.94
N LEU A 31 -9.58 -8.53 2.73
CA LEU A 31 -10.96 -8.69 3.21
C LEU A 31 -11.94 -7.90 2.31
N SER A 32 -12.17 -8.40 1.10
CA SER A 32 -13.15 -7.87 0.12
C SER A 32 -12.99 -6.36 -0.19
N VAL A 33 -11.74 -5.91 -0.27
CA VAL A 33 -11.35 -4.49 -0.41
C VAL A 33 -9.98 -4.38 -1.10
N PRO A 34 -9.70 -3.37 -1.94
CA PRO A 34 -8.40 -3.17 -2.59
C PRO A 34 -7.35 -2.58 -1.62
N LYS A 35 -7.00 -3.36 -0.57
CA LYS A 35 -6.11 -3.07 0.57
C LYS A 35 -6.54 -1.86 1.43
N PRO A 36 -6.95 -2.06 2.71
CA PRO A 36 -7.44 -0.98 3.56
C PRO A 36 -6.29 -0.10 4.09
N LYS A 37 -6.54 1.20 4.24
CA LYS A 37 -5.53 2.18 4.69
C LYS A 37 -5.11 1.93 6.14
N LEU A 38 -3.80 1.99 6.42
CA LEU A 38 -3.18 1.66 7.69
C LEU A 38 -2.10 2.69 8.06
N GLU A 39 -2.06 3.12 9.33
CA GLU A 39 -1.09 4.08 9.88
C GLU A 39 -0.47 3.54 11.19
N GLU A 40 0.32 2.47 11.07
CA GLU A 40 0.90 1.72 12.19
C GLU A 40 2.44 1.66 12.10
N LEU A 41 3.08 2.70 12.64
CA LEU A 41 4.54 2.88 12.76
C LEU A 41 4.88 3.39 14.18
N SER A 42 6.09 3.09 14.68
CA SER A 42 6.61 3.69 15.93
C SER A 42 6.99 5.16 15.71
N GLU A 43 7.19 5.96 16.76
CA GLU A 43 7.44 7.41 16.63
C GLU A 43 8.65 7.75 15.73
N GLN A 44 9.77 7.04 15.89
CA GLN A 44 10.94 7.20 15.01
C GLN A 44 10.74 6.52 13.66
N GLN A 45 10.04 5.37 13.63
CA GLN A 45 9.79 4.64 12.38
C GLN A 45 8.90 5.44 11.43
N LYS A 46 7.88 6.12 11.97
CA LYS A 46 6.98 6.99 11.22
C LYS A 46 7.76 8.12 10.54
N ILE A 47 8.73 8.71 11.23
CA ILE A 47 9.59 9.77 10.67
C ILE A 47 10.52 9.21 9.59
N ILE A 48 11.13 8.04 9.77
CA ILE A 48 12.02 7.45 8.74
C ILE A 48 11.21 7.10 7.48
N LEU A 49 10.04 6.51 7.67
CA LEU A 49 9.10 6.15 6.60
C LEU A 49 8.62 7.40 5.83
N ALA A 50 8.20 8.43 6.57
CA ALA A 50 7.77 9.71 6.02
C ALA A 50 8.91 10.46 5.32
N GLU A 51 10.07 10.63 5.96
CA GLU A 51 11.23 11.32 5.36
C GLU A 51 11.73 10.61 4.09
N TYR A 52 11.57 9.29 3.97
CA TYR A 52 11.92 8.55 2.77
C TYR A 52 11.02 8.98 1.59
N ILE A 53 9.69 8.84 1.73
CA ILE A 53 8.66 9.19 0.76
C ILE A 53 8.66 10.69 0.45
N ALA A 54 8.94 11.54 1.44
CA ALA A 54 8.99 13.00 1.28
C ALA A 54 10.24 13.45 0.49
N GLU A 55 11.34 12.68 0.56
CA GLU A 55 12.56 12.92 -0.20
C GLU A 55 12.52 12.29 -1.61
N VAL A 56 11.95 11.08 -1.75
CA VAL A 56 11.98 10.33 -3.03
C VAL A 56 10.64 10.26 -3.77
N GLY A 57 9.56 10.74 -3.17
CA GLY A 57 8.30 11.09 -3.84
C GLY A 57 7.32 9.93 -4.03
N LEU A 58 7.35 8.93 -3.14
CA LEU A 58 6.55 7.69 -3.15
C LEU A 58 6.68 6.85 -4.46
N GLN A 59 7.67 7.16 -5.29
CA GLN A 59 7.83 6.62 -6.66
C GLN A 59 9.18 5.93 -6.90
N ASN A 60 10.10 6.02 -5.93
CA ASN A 60 11.39 5.33 -5.92
C ASN A 60 11.56 4.35 -4.75
N ILE A 61 10.54 4.21 -3.88
CA ILE A 61 10.56 3.27 -2.76
C ILE A 61 10.33 1.82 -3.21
N THR A 62 10.87 0.88 -2.45
CA THR A 62 10.72 -0.57 -2.65
C THR A 62 10.57 -1.27 -1.30
N ALA A 63 9.79 -2.34 -1.22
CA ALA A 63 9.59 -3.11 0.01
C ALA A 63 10.90 -3.75 0.50
N ILE A 64 11.82 -4.04 -0.43
CA ILE A 64 13.17 -4.54 -0.14
C ILE A 64 13.97 -3.49 0.64
N THR A 65 13.85 -2.23 0.22
CA THR A 65 14.62 -1.11 0.75
C THR A 65 13.96 -0.57 2.02
N LEU A 66 12.63 -0.43 2.04
CA LEU A 66 11.88 -0.12 3.26
C LEU A 66 12.08 -1.20 4.34
N SER A 67 12.16 -2.48 3.95
CA SER A 67 12.49 -3.60 4.85
C SER A 67 13.78 -3.34 5.64
N LYS A 68 14.71 -2.64 5.00
CA LYS A 68 16.06 -2.36 5.53
C LYS A 68 16.21 -0.97 6.15
N LYS A 69 15.46 0.04 5.69
CA LYS A 69 15.46 1.41 6.22
C LYS A 69 15.00 1.49 7.68
N LEU A 70 14.13 0.55 8.12
CA LEU A 70 13.55 0.52 9.47
C LEU A 70 13.72 -0.85 10.18
N ASN A 71 14.60 -1.72 9.67
CA ASN A 71 14.85 -3.09 10.16
C ASN A 71 13.55 -3.91 10.40
N ILE A 72 12.68 -3.93 9.40
CA ILE A 72 11.35 -4.59 9.39
C ILE A 72 11.33 -5.81 8.46
N THR A 73 10.18 -6.44 8.27
CA THR A 73 9.98 -7.50 7.25
C THR A 73 9.66 -6.89 5.88
N VAL A 74 9.89 -7.66 4.80
CA VAL A 74 9.44 -7.27 3.45
C VAL A 74 7.91 -7.22 3.37
N GLU A 75 7.17 -8.03 4.14
CA GLU A 75 5.71 -7.99 4.13
C GLU A 75 5.20 -6.76 4.88
N LYS A 76 5.88 -6.36 5.96
CA LYS A 76 5.56 -5.14 6.70
C LYS A 76 5.78 -3.90 5.85
N ALA A 77 6.95 -3.84 5.21
CA ALA A 77 7.37 -2.79 4.28
C ALA A 77 6.43 -2.66 3.07
N LYS A 78 5.98 -3.80 2.51
CA LYS A 78 5.09 -3.87 1.34
C LYS A 78 3.66 -3.49 1.70
N ASN A 79 3.24 -3.73 2.93
CA ASN A 79 1.90 -3.37 3.39
C ASN A 79 1.64 -1.85 3.23
N TYR A 80 2.64 -1.01 3.56
CA TYR A 80 2.58 0.44 3.44
C TYR A 80 2.46 0.87 1.99
N ILE A 81 3.22 0.23 1.09
CA ILE A 81 3.21 0.50 -0.35
C ILE A 81 1.85 0.12 -0.96
N LYS A 82 1.24 -0.99 -0.53
CA LYS A 82 -0.03 -1.50 -1.06
C LYS A 82 -1.23 -0.66 -0.63
N ASN A 83 -1.28 -0.20 0.62
CA ASN A 83 -2.41 0.59 1.08
C ASN A 83 -2.21 2.08 0.79
N SER A 84 -0.98 2.58 0.94
CA SER A 84 -0.70 4.02 0.97
C SER A 84 -0.33 4.63 -0.39
N ASN A 85 -0.80 4.01 -1.47
CA ASN A 85 -0.34 4.34 -2.82
C ASN A 85 -1.03 5.57 -3.45
N ARG A 86 -2.33 5.74 -3.17
CA ARG A 86 -3.16 6.85 -3.69
C ARG A 86 -2.86 8.20 -3.02
N LEU A 87 -2.08 8.21 -1.94
CA LEU A 87 -1.50 9.40 -1.31
C LEU A 87 -0.43 10.06 -2.21
N GLY A 88 0.29 9.25 -2.99
CA GLY A 88 1.29 9.69 -3.97
C GLY A 88 0.69 9.91 -5.37
N ARG A 89 1.20 9.17 -6.36
CA ARG A 89 0.82 9.25 -7.79
C ARG A 89 0.21 7.93 -8.28
N THR A 90 1.04 7.01 -8.79
CA THR A 90 0.63 5.66 -9.24
C THR A 90 1.84 4.71 -9.28
N ASN A 91 2.01 3.90 -8.23
CA ASN A 91 3.18 3.04 -7.98
C ASN A 91 2.79 1.71 -7.31
N ASN A 92 1.78 1.03 -7.86
CA ASN A 92 1.31 -0.30 -7.46
C ASN A 92 1.25 -1.26 -8.67
N LEU A 93 0.81 -2.51 -8.46
CA LEU A 93 0.66 -3.57 -9.46
C LEU A 93 1.98 -3.97 -10.15
N LYS A 94 3.12 -3.76 -9.47
CA LYS A 94 4.50 -4.03 -9.93
C LYS A 94 5.35 -4.85 -8.95
N THR A 95 4.74 -5.37 -7.87
CA THR A 95 5.35 -6.28 -6.90
C THR A 95 4.27 -7.12 -6.24
N ILE A 96 4.48 -8.44 -6.21
CA ILE A 96 3.59 -9.45 -5.62
C ILE A 96 4.32 -10.54 -4.83
N GLY A 97 5.65 -10.46 -4.71
CA GLY A 97 6.48 -11.53 -4.13
C GLY A 97 6.56 -12.81 -4.98
N ILE A 98 6.06 -12.76 -6.22
CA ILE A 98 6.09 -13.84 -7.24
C ILE A 98 5.57 -15.18 -6.68
N LEU A 99 4.50 -15.11 -5.87
CA LEU A 99 3.85 -16.24 -5.18
C LEU A 99 4.80 -17.10 -4.30
N GLN A 100 5.92 -16.52 -3.88
CA GLN A 100 7.07 -17.18 -3.22
C GLN A 100 7.54 -16.35 -2.01
N GLU A 101 6.57 -15.93 -1.18
CA GLU A 101 6.75 -15.06 -0.01
C GLU A 101 5.82 -15.53 1.13
N GLU A 102 6.38 -16.16 2.17
CA GLU A 102 5.63 -16.91 3.19
C GLU A 102 6.19 -16.85 4.62
N VAL A 103 6.82 -15.74 4.99
CA VAL A 103 7.49 -15.57 6.29
C VAL A 103 7.17 -14.21 6.93
N SER A 104 6.52 -14.23 8.10
CA SER A 104 6.21 -13.02 8.88
C SER A 104 5.90 -13.34 10.36
N SER A 105 4.74 -13.94 10.66
CA SER A 105 4.30 -14.22 12.04
C SER A 105 5.06 -15.37 12.72
N MET A 106 5.67 -16.25 11.91
CA MET A 106 6.65 -17.26 12.34
C MET A 106 7.86 -17.24 11.41
N GLU A 107 9.04 -17.33 12.01
CA GLU A 107 10.35 -17.40 11.34
C GLU A 107 11.28 -18.27 12.20
N ALA A 108 11.46 -19.54 11.81
CA ALA A 108 12.32 -20.51 12.49
C ALA A 108 13.13 -21.36 11.49
N LYS A 109 14.33 -21.79 11.93
CA LYS A 109 15.24 -22.69 11.18
C LYS A 109 15.56 -23.92 12.04
N SER A 110 15.02 -25.06 11.65
CA SER A 110 15.18 -26.36 12.34
C SER A 110 15.06 -27.53 11.34
N MET A 111 15.60 -28.69 11.69
CA MET A 111 15.64 -29.90 10.84
C MET A 111 14.80 -31.05 11.38
N THR A 112 14.53 -32.01 10.50
CA THR A 112 13.64 -33.16 10.71
C THR A 112 14.15 -34.41 9.98
N TRP A 113 13.77 -35.57 10.51
CA TRP A 113 14.09 -36.93 10.04
C TRP A 113 15.59 -37.18 9.78
N GLY A 1 -63.23 -35.07 1.66
CA GLY A 1 -61.98 -35.04 0.86
C GLY A 1 -60.77 -34.77 1.75
N SER A 2 -59.90 -33.85 1.34
CA SER A 2 -58.69 -33.41 2.06
C SER A 2 -58.48 -31.89 1.96
N HIS A 3 -57.70 -31.31 2.88
CA HIS A 3 -57.44 -29.86 2.95
C HIS A 3 -56.19 -29.45 2.17
N MET A 4 -55.06 -30.10 2.45
CA MET A 4 -53.76 -29.89 1.79
C MET A 4 -52.86 -31.12 1.93
N ALA A 5 -51.95 -31.31 0.96
CA ALA A 5 -50.94 -32.36 0.97
C ALA A 5 -49.57 -31.85 0.46
N SER A 6 -48.49 -32.57 0.81
CA SER A 6 -47.12 -32.29 0.37
C SER A 6 -46.36 -33.60 0.09
N MET A 7 -45.73 -33.70 -1.08
CA MET A 7 -45.09 -34.93 -1.58
C MET A 7 -44.00 -34.60 -2.62
N ASP A 8 -42.76 -34.37 -2.15
CA ASP A 8 -41.60 -34.03 -3.01
C ASP A 8 -40.74 -35.26 -3.38
N PRO A 9 -40.09 -35.28 -4.55
CA PRO A 9 -39.16 -36.34 -4.96
C PRO A 9 -37.72 -36.14 -4.45
N LEU A 10 -37.44 -35.01 -3.82
CA LEU A 10 -36.09 -34.58 -3.41
C LEU A 10 -35.77 -34.89 -1.93
N ASP A 11 -36.12 -36.10 -1.47
CA ASP A 11 -35.74 -36.65 -0.16
C ASP A 11 -34.74 -37.82 -0.22
N LYS A 12 -34.36 -38.24 -1.43
CA LYS A 12 -33.66 -39.52 -1.70
C LYS A 12 -32.39 -39.36 -2.54
N ILE A 13 -32.56 -38.75 -3.72
CA ILE A 13 -31.51 -38.51 -4.72
C ILE A 13 -31.14 -37.03 -4.87
N ILE A 14 -31.64 -36.18 -3.96
CA ILE A 14 -31.33 -34.74 -3.92
C ILE A 14 -29.81 -34.47 -3.96
N ASN A 15 -29.42 -33.51 -4.81
CA ASN A 15 -28.02 -33.13 -5.07
C ASN A 15 -27.83 -31.60 -5.21
N ASP A 16 -28.84 -30.81 -4.85
CA ASP A 16 -28.89 -29.36 -5.13
C ASP A 16 -28.06 -28.48 -4.18
N ILE A 17 -27.24 -29.12 -3.36
CA ILE A 17 -26.29 -28.54 -2.40
C ILE A 17 -24.95 -29.28 -2.37
N LYS A 18 -24.65 -30.05 -3.44
CA LYS A 18 -23.46 -30.89 -3.56
C LYS A 18 -22.53 -30.50 -4.69
N LYS A 19 -23.07 -30.16 -5.87
CA LYS A 19 -22.32 -29.76 -7.08
C LYS A 19 -22.96 -28.55 -7.75
N GLU A 20 -22.24 -27.42 -7.74
CA GLU A 20 -22.70 -26.11 -8.21
C GLU A 20 -21.50 -25.18 -8.53
N ALA A 21 -21.76 -24.03 -9.17
CA ALA A 21 -20.75 -23.00 -9.43
C ALA A 21 -20.35 -22.23 -8.16
N ASN A 22 -19.19 -21.56 -8.22
CA ASN A 22 -18.61 -20.80 -7.10
C ASN A 22 -17.91 -19.53 -7.60
N ASP A 23 -18.36 -18.37 -7.11
CA ASP A 23 -17.78 -17.04 -7.39
C ASP A 23 -17.65 -16.18 -6.10
N SER A 24 -17.55 -16.84 -4.94
CA SER A 24 -17.64 -16.17 -3.64
C SER A 24 -16.37 -15.44 -3.18
N GLY A 25 -15.30 -15.49 -3.98
CA GLY A 25 -14.11 -14.64 -3.83
C GLY A 25 -13.18 -14.72 -5.04
N VAL A 26 -13.20 -13.68 -5.88
CA VAL A 26 -12.45 -13.62 -7.17
C VAL A 26 -11.53 -12.39 -7.29
N THR A 27 -11.36 -11.64 -6.20
CA THR A 27 -10.82 -10.26 -6.22
C THR A 27 -9.45 -10.17 -5.53
N LEU A 28 -8.52 -9.40 -6.11
CA LEU A 28 -7.16 -9.14 -5.62
C LEU A 28 -7.08 -8.23 -4.37
N ALA A 29 -8.00 -8.38 -3.43
CA ALA A 29 -8.21 -7.51 -2.27
C ALA A 29 -8.48 -8.31 -0.97
N PRO A 30 -8.11 -7.77 0.22
CA PRO A 30 -8.31 -8.45 1.51
C PRO A 30 -9.77 -8.43 1.99
N LEU A 31 -10.56 -7.44 1.54
CA LEU A 31 -11.98 -7.25 1.81
C LEU A 31 -12.62 -6.53 0.60
N SER A 32 -13.84 -5.99 0.74
CA SER A 32 -14.54 -5.23 -0.31
C SER A 32 -14.04 -3.78 -0.48
N VAL A 33 -12.70 -3.63 -0.51
CA VAL A 33 -11.98 -2.35 -0.59
C VAL A 33 -10.57 -2.59 -1.16
N PRO A 34 -10.03 -1.74 -2.06
CA PRO A 34 -8.72 -1.95 -2.69
C PRO A 34 -7.55 -1.60 -1.74
N LYS A 35 -7.36 -2.47 -0.73
CA LYS A 35 -6.43 -2.36 0.43
C LYS A 35 -6.73 -1.12 1.32
N PRO A 36 -7.27 -1.31 2.55
CA PRO A 36 -7.63 -0.19 3.42
C PRO A 36 -6.38 0.50 4.00
N LYS A 37 -6.45 1.83 4.20
CA LYS A 37 -5.30 2.64 4.65
C LYS A 37 -4.86 2.30 6.08
N LEU A 38 -3.55 2.32 6.31
CA LEU A 38 -2.90 2.00 7.57
C LEU A 38 -1.78 3.02 7.87
N GLU A 39 -1.70 3.48 9.11
CA GLU A 39 -0.75 4.52 9.55
C GLU A 39 -0.28 4.27 10.99
N GLU A 40 0.18 3.04 11.21
CA GLU A 40 0.57 2.47 12.51
C GLU A 40 2.09 2.20 12.57
N LEU A 41 2.84 3.25 12.90
CA LEU A 41 4.29 3.27 13.10
C LEU A 41 4.64 3.95 14.44
N SER A 42 5.79 3.60 15.04
CA SER A 42 6.28 4.23 16.27
C SER A 42 6.78 5.66 16.03
N GLU A 43 7.01 6.45 17.09
CA GLU A 43 7.34 7.89 16.97
C GLU A 43 8.59 8.17 16.11
N GLN A 44 9.62 7.32 16.17
CA GLN A 44 10.81 7.41 15.30
C GLN A 44 10.61 6.67 13.97
N GLN A 45 10.00 5.48 14.00
CA GLN A 45 9.68 4.68 12.81
C GLN A 45 8.89 5.50 11.77
N LYS A 46 7.89 6.26 12.20
CA LYS A 46 7.05 7.08 11.30
C LYS A 46 7.86 8.20 10.64
N ILE A 47 8.87 8.77 11.33
CA ILE A 47 9.75 9.79 10.76
C ILE A 47 10.72 9.18 9.74
N ILE A 48 11.33 8.01 10.02
CA ILE A 48 12.22 7.33 9.07
C ILE A 48 11.44 6.97 7.78
N LEU A 49 10.23 6.47 7.95
CA LEU A 49 9.29 6.15 6.87
C LEU A 49 8.92 7.42 6.07
N ALA A 50 8.56 8.50 6.77
CA ALA A 50 8.14 9.76 6.17
C ALA A 50 9.29 10.48 5.44
N GLU A 51 10.45 10.64 6.07
CA GLU A 51 11.62 11.33 5.49
C GLU A 51 12.14 10.65 4.21
N TYR A 52 11.89 9.35 4.03
CA TYR A 52 12.23 8.61 2.82
C TYR A 52 11.29 8.99 1.65
N ILE A 53 9.98 8.81 1.82
CA ILE A 53 8.90 9.16 0.89
C ILE A 53 8.92 10.67 0.57
N ALA A 54 9.27 11.52 1.54
CA ALA A 54 9.38 12.97 1.35
C ALA A 54 10.60 13.37 0.50
N GLU A 55 11.63 12.51 0.40
CA GLU A 55 12.83 12.74 -0.41
C GLU A 55 12.72 12.13 -1.82
N VAL A 56 12.00 11.00 -2.00
CA VAL A 56 11.98 10.27 -3.29
C VAL A 56 10.59 10.12 -3.89
N GLY A 57 9.52 10.24 -3.09
CA GLY A 57 8.13 9.95 -3.48
C GLY A 57 7.80 8.46 -3.33
N LEU A 58 6.57 8.15 -2.91
CA LEU A 58 6.14 6.78 -2.54
C LEU A 58 6.08 5.78 -3.72
N GLN A 59 6.31 6.29 -4.92
CA GLN A 59 6.39 5.56 -6.19
C GLN A 59 7.82 5.09 -6.51
N ASN A 60 8.83 5.67 -5.84
CA ASN A 60 10.26 5.39 -6.09
C ASN A 60 10.96 4.63 -4.94
N ILE A 61 10.25 4.42 -3.83
CA ILE A 61 10.65 3.48 -2.78
C ILE A 61 10.45 2.01 -3.22
N THR A 62 11.11 1.09 -2.54
CA THR A 62 10.99 -0.36 -2.73
C THR A 62 10.79 -1.06 -1.40
N ALA A 63 10.02 -2.15 -1.38
CA ALA A 63 9.78 -2.96 -0.17
C ALA A 63 11.08 -3.58 0.37
N ILE A 64 12.05 -3.87 -0.51
CA ILE A 64 13.38 -4.36 -0.17
C ILE A 64 14.14 -3.32 0.65
N THR A 65 14.14 -2.07 0.19
CA THR A 65 14.88 -0.98 0.80
C THR A 65 14.14 -0.46 2.03
N LEU A 66 12.81 -0.30 1.95
CA LEU A 66 11.97 0.07 3.09
C LEU A 66 12.02 -0.97 4.22
N SER A 67 12.10 -2.27 3.90
CA SER A 67 12.39 -3.35 4.84
C SER A 67 13.67 -3.11 5.66
N LYS A 68 14.63 -2.42 5.04
CA LYS A 68 15.97 -2.17 5.57
C LYS A 68 16.17 -0.76 6.14
N LYS A 69 15.37 0.24 5.72
CA LYS A 69 15.33 1.59 6.33
C LYS A 69 14.87 1.51 7.79
N LEU A 70 13.89 0.63 8.04
CA LEU A 70 13.09 0.53 9.25
C LEU A 70 13.32 -0.78 10.03
N ASN A 71 14.26 -1.63 9.59
CA ASN A 71 14.58 -2.97 10.12
C ASN A 71 13.33 -3.85 10.38
N ILE A 72 12.55 -4.07 9.32
CA ILE A 72 11.27 -4.79 9.28
C ILE A 72 11.33 -6.01 8.32
N THR A 73 10.18 -6.61 8.00
CA THR A 73 10.05 -7.63 6.93
C THR A 73 9.75 -6.97 5.59
N VAL A 74 10.06 -7.66 4.48
CA VAL A 74 9.71 -7.23 3.12
C VAL A 74 8.19 -7.16 2.93
N GLU A 75 7.42 -8.00 3.60
CA GLU A 75 5.95 -8.02 3.45
C GLU A 75 5.33 -6.89 4.27
N LYS A 76 5.91 -6.56 5.43
CA LYS A 76 5.44 -5.46 6.28
C LYS A 76 5.71 -4.11 5.63
N ALA A 77 6.88 -3.97 5.03
CA ALA A 77 7.26 -2.87 4.15
C ALA A 77 6.32 -2.72 2.93
N LYS A 78 5.97 -3.84 2.29
CA LYS A 78 5.11 -3.89 1.10
C LYS A 78 3.67 -3.53 1.44
N ASN A 79 3.24 -3.77 2.67
CA ASN A 79 1.90 -3.43 3.13
C ASN A 79 1.63 -1.91 3.07
N TYR A 80 2.64 -1.07 3.31
CA TYR A 80 2.58 0.38 3.10
C TYR A 80 2.46 0.70 1.61
N ILE A 81 3.26 0.05 0.77
CA ILE A 81 3.25 0.27 -0.68
C ILE A 81 1.91 -0.18 -1.32
N LYS A 82 1.16 -1.10 -0.71
CA LYS A 82 -0.16 -1.55 -1.17
C LYS A 82 -1.30 -0.60 -0.74
N ASN A 83 -1.26 -0.02 0.46
CA ASN A 83 -2.35 0.84 0.95
C ASN A 83 -2.08 2.32 0.69
N SER A 84 -0.84 2.76 0.86
CA SER A 84 -0.49 4.18 0.96
C SER A 84 -0.20 4.87 -0.39
N ASN A 85 -0.09 4.12 -1.48
CA ASN A 85 0.41 4.62 -2.76
C ASN A 85 -0.52 5.69 -3.39
N ARG A 86 0.09 6.68 -4.06
CA ARG A 86 -0.55 7.90 -4.61
C ARG A 86 -1.39 8.72 -3.60
N LEU A 87 -1.11 8.60 -2.29
CA LEU A 87 -1.80 9.33 -1.21
C LEU A 87 -0.86 9.73 -0.05
N GLY A 88 0.03 8.84 0.36
CA GLY A 88 0.86 9.03 1.55
C GLY A 88 0.11 8.75 2.85
N ARG A 89 -0.67 9.74 3.32
CA ARG A 89 -1.42 9.72 4.60
C ARG A 89 -2.84 10.26 4.47
N THR A 90 -3.00 11.57 4.27
CA THR A 90 -4.30 12.25 4.11
C THR A 90 -4.09 13.66 3.54
N ASN A 91 -3.97 13.74 2.21
CA ASN A 91 -3.65 14.98 1.48
C ASN A 91 -4.47 15.08 0.18
N ASN A 92 -4.95 16.29 -0.13
CA ASN A 92 -5.75 16.61 -1.33
C ASN A 92 -5.45 18.04 -1.84
N LEU A 93 -5.54 18.25 -3.16
CA LEU A 93 -5.29 19.52 -3.85
C LEU A 93 -3.85 20.09 -3.65
N LYS A 94 -2.90 19.21 -3.27
CA LYS A 94 -1.51 19.56 -2.89
C LYS A 94 -0.46 18.52 -3.33
N THR A 95 -0.86 17.54 -4.15
CA THR A 95 -0.02 16.45 -4.66
C THR A 95 -0.61 15.92 -5.96
N ILE A 96 0.23 15.82 -6.99
CA ILE A 96 -0.14 15.39 -8.35
C ILE A 96 0.88 14.42 -9.00
N GLY A 97 1.95 14.05 -8.29
CA GLY A 97 3.12 13.35 -8.87
C GLY A 97 4.15 14.26 -9.55
N ILE A 98 3.83 15.55 -9.70
CA ILE A 98 4.60 16.58 -10.42
C ILE A 98 4.89 16.13 -11.86
N LEU A 99 3.86 16.29 -12.71
CA LEU A 99 3.77 15.76 -14.08
C LEU A 99 5.00 16.13 -14.92
N GLN A 100 5.89 15.16 -15.06
CA GLN A 100 7.17 15.25 -15.78
C GLN A 100 7.38 14.16 -16.84
N GLU A 101 6.51 13.15 -16.88
CA GLU A 101 6.57 12.00 -17.79
C GLU A 101 6.31 12.38 -19.26
N GLU A 102 6.98 11.69 -20.19
CA GLU A 102 6.81 11.88 -21.64
C GLU A 102 5.87 10.81 -22.21
N VAL A 103 4.64 11.23 -22.54
CA VAL A 103 3.62 10.44 -23.21
C VAL A 103 2.98 11.25 -24.33
N SER A 104 3.41 11.01 -25.58
CA SER A 104 2.80 11.57 -26.80
C SER A 104 3.30 10.85 -28.06
N SER A 105 4.55 11.09 -28.47
CA SER A 105 5.14 10.54 -29.71
C SER A 105 5.72 9.12 -29.51
N MET A 106 6.24 8.85 -28.31
CA MET A 106 6.78 7.54 -27.89
C MET A 106 6.11 7.10 -26.58
N GLU A 107 5.52 5.90 -26.59
CA GLU A 107 4.95 5.22 -25.43
C GLU A 107 5.02 3.69 -25.67
N ALA A 108 5.94 3.01 -24.98
CA ALA A 108 6.12 1.54 -25.11
C ALA A 108 6.51 0.80 -23.83
N LYS A 109 7.42 1.39 -23.05
CA LYS A 109 8.06 0.82 -21.84
C LYS A 109 8.25 1.85 -20.71
N SER A 110 7.30 2.77 -20.57
CA SER A 110 7.31 3.86 -19.58
C SER A 110 6.59 3.55 -18.25
N MET A 111 6.01 2.35 -18.10
CA MET A 111 5.31 1.89 -16.91
C MET A 111 6.23 1.63 -15.70
N THR A 112 5.65 1.67 -14.49
CA THR A 112 6.27 1.25 -13.22
C THR A 112 5.66 -0.05 -12.69
N TRP A 113 6.30 -0.68 -11.71
CA TRP A 113 5.99 -2.01 -11.18
C TRP A 113 5.14 -1.96 -9.89
N GLY A 1 16.92 -43.57 11.94
CA GLY A 1 16.05 -42.57 11.28
C GLY A 1 15.75 -42.92 9.84
N SER A 2 15.14 -41.99 9.09
CA SER A 2 14.74 -42.17 7.69
C SER A 2 15.10 -40.96 6.80
N HIS A 3 14.36 -39.85 6.93
CA HIS A 3 14.54 -38.63 6.12
C HIS A 3 14.17 -37.35 6.91
N MET A 4 14.87 -37.12 8.02
CA MET A 4 14.70 -35.96 8.91
C MET A 4 16.04 -35.49 9.48
N ALA A 5 16.23 -34.16 9.55
CA ALA A 5 17.40 -33.52 10.14
C ALA A 5 17.06 -32.18 10.83
N SER A 6 17.89 -31.82 11.82
CA SER A 6 17.74 -30.65 12.70
C SER A 6 19.12 -30.09 13.10
N MET A 7 19.21 -28.79 13.37
CA MET A 7 20.44 -28.11 13.82
C MET A 7 20.12 -27.03 14.85
N ASP A 8 20.60 -27.23 16.09
CA ASP A 8 20.40 -26.38 17.28
C ASP A 8 18.98 -25.74 17.42
N PRO A 9 17.89 -26.54 17.42
CA PRO A 9 16.52 -26.02 17.34
C PRO A 9 15.95 -25.50 18.67
N LEU A 10 16.66 -25.71 19.78
CA LEU A 10 16.21 -25.40 21.15
C LEU A 10 17.25 -24.67 22.01
N ASP A 11 18.19 -23.97 21.38
CA ASP A 11 19.38 -23.41 22.04
C ASP A 11 19.39 -21.87 22.14
N LYS A 12 18.35 -21.22 21.62
CA LYS A 12 18.32 -19.78 21.33
C LYS A 12 17.05 -19.02 21.72
N ILE A 13 15.88 -19.68 21.71
CA ILE A 13 14.56 -19.08 22.02
C ILE A 13 13.67 -19.97 22.93
N ILE A 14 14.25 -21.02 23.52
CA ILE A 14 13.54 -22.18 24.13
C ILE A 14 12.35 -21.79 25.04
N ASN A 15 11.14 -22.05 24.55
CA ASN A 15 9.87 -21.86 25.26
C ASN A 15 8.75 -22.66 24.57
N ASP A 16 8.34 -23.79 25.17
CA ASP A 16 7.22 -24.60 24.67
C ASP A 16 6.44 -25.36 25.77
N ILE A 17 6.74 -25.04 27.04
CA ILE A 17 6.26 -25.79 28.23
C ILE A 17 6.10 -24.93 29.50
N LYS A 18 5.85 -23.62 29.29
CA LYS A 18 5.71 -22.63 30.37
C LYS A 18 4.60 -21.60 30.12
N LYS A 19 4.47 -21.15 28.87
CA LYS A 19 3.42 -20.25 28.35
C LYS A 19 2.89 -20.71 26.97
N GLU A 20 1.68 -20.28 26.64
CA GLU A 20 0.99 -20.49 25.37
C GLU A 20 0.08 -19.29 25.05
N ALA A 21 -0.12 -19.00 23.76
CA ALA A 21 -1.01 -17.93 23.27
C ALA A 21 -1.83 -18.36 22.04
N ASN A 22 -2.75 -17.49 21.62
CA ASN A 22 -3.70 -17.69 20.52
C ASN A 22 -3.69 -16.51 19.53
N ASP A 23 -4.17 -16.75 18.30
CA ASP A 23 -4.42 -15.71 17.28
C ASP A 23 -5.71 -15.99 16.49
N SER A 24 -6.22 -14.96 15.80
CA SER A 24 -7.45 -14.98 15.01
C SER A 24 -7.26 -14.43 13.58
N GLY A 25 -6.06 -14.64 13.00
CA GLY A 25 -5.71 -14.17 11.66
C GLY A 25 -5.38 -12.67 11.60
N VAL A 26 -4.57 -12.22 12.54
CA VAL A 26 -4.19 -10.81 12.77
C VAL A 26 -2.73 -10.57 12.37
N THR A 27 -2.52 -9.91 11.24
CA THR A 27 -1.17 -9.61 10.69
C THR A 27 -1.14 -8.39 9.77
N LEU A 28 0.08 -7.94 9.47
CA LEU A 28 0.40 -6.65 8.83
C LEU A 28 0.64 -6.79 7.31
N ALA A 29 -0.09 -7.72 6.70
CA ALA A 29 0.19 -8.28 5.38
C ALA A 29 -1.07 -8.95 4.76
N PRO A 30 -1.11 -9.20 3.43
CA PRO A 30 -2.18 -9.92 2.72
C PRO A 30 -2.26 -11.44 3.04
N LEU A 31 -2.24 -11.81 4.32
CA LEU A 31 -2.43 -13.20 4.80
C LEU A 31 -3.93 -13.50 4.96
N SER A 32 -4.49 -14.25 4.01
CA SER A 32 -5.93 -14.56 3.92
C SER A 32 -6.85 -13.34 3.88
N VAL A 33 -6.36 -12.26 3.26
CA VAL A 33 -7.05 -10.97 3.09
C VAL A 33 -6.48 -10.23 1.86
N PRO A 34 -7.28 -9.50 1.06
CA PRO A 34 -6.80 -8.73 -0.09
C PRO A 34 -6.09 -7.43 0.33
N LYS A 35 -4.99 -7.57 1.10
CA LYS A 35 -4.15 -6.53 1.73
C LYS A 35 -4.91 -5.67 2.78
N PRO A 36 -4.37 -5.50 4.01
CA PRO A 36 -4.94 -4.59 5.01
C PRO A 36 -4.59 -3.12 4.73
N LYS A 37 -5.32 -2.18 5.35
CA LYS A 37 -5.06 -0.73 5.31
C LYS A 37 -4.67 -0.21 6.70
N LEU A 38 -3.41 0.18 6.88
CA LEU A 38 -2.86 0.66 8.15
C LEU A 38 -1.77 1.74 7.99
N GLU A 39 -1.77 2.70 8.91
CA GLU A 39 -0.83 3.83 8.99
C GLU A 39 -0.40 4.04 10.46
N GLU A 40 0.17 2.99 11.04
CA GLU A 40 0.54 2.91 12.46
C GLU A 40 1.99 2.42 12.63
N LEU A 41 2.89 3.39 12.83
CA LEU A 41 4.31 3.23 13.16
C LEU A 41 4.65 3.90 14.50
N SER A 42 5.79 3.53 15.09
CA SER A 42 6.34 4.23 16.28
C SER A 42 6.86 5.62 15.89
N GLU A 43 7.12 6.52 16.83
CA GLU A 43 7.49 7.92 16.53
C GLU A 43 8.71 8.04 15.59
N GLN A 44 9.79 7.29 15.87
CA GLN A 44 10.99 7.28 15.03
C GLN A 44 10.75 6.53 13.72
N GLN A 45 10.07 5.38 13.77
CA GLN A 45 9.67 4.57 12.61
C GLN A 45 8.86 5.42 11.61
N LYS A 46 7.90 6.21 12.10
CA LYS A 46 7.06 7.12 11.30
C LYS A 46 7.90 8.20 10.62
N ILE A 47 8.86 8.81 11.32
CA ILE A 47 9.74 9.84 10.72
C ILE A 47 10.64 9.23 9.65
N ILE A 48 11.22 8.05 9.85
CA ILE A 48 12.09 7.42 8.83
C ILE A 48 11.26 7.03 7.59
N LEU A 49 10.07 6.48 7.81
CA LEU A 49 9.11 6.13 6.75
C LEU A 49 8.70 7.38 5.96
N ALA A 50 8.36 8.47 6.66
CA ALA A 50 7.95 9.73 6.09
C ALA A 50 9.09 10.44 5.36
N GLU A 51 10.27 10.59 5.98
CA GLU A 51 11.40 11.31 5.39
C GLU A 51 11.94 10.64 4.11
N TYR A 52 11.71 9.33 3.96
CA TYR A 52 12.04 8.58 2.75
C TYR A 52 11.09 8.95 1.60
N ILE A 53 9.78 8.74 1.80
CA ILE A 53 8.69 9.01 0.86
C ILE A 53 8.59 10.50 0.51
N ALA A 54 8.86 11.39 1.46
CA ALA A 54 8.86 12.84 1.24
C ALA A 54 10.00 13.28 0.32
N GLU A 55 11.16 12.61 0.38
CA GLU A 55 12.33 12.91 -0.45
C GLU A 55 12.27 12.21 -1.82
N VAL A 56 11.77 10.96 -1.89
CA VAL A 56 11.78 10.16 -3.13
C VAL A 56 10.40 9.97 -3.77
N GLY A 57 9.34 10.45 -3.11
CA GLY A 57 8.03 10.75 -3.72
C GLY A 57 7.05 9.58 -3.79
N LEU A 58 7.19 8.59 -2.90
CA LEU A 58 6.43 7.32 -2.86
C LEU A 58 6.50 6.47 -4.16
N GLN A 59 7.38 6.85 -5.09
CA GLN A 59 7.44 6.32 -6.47
C GLN A 59 8.83 5.76 -6.85
N ASN A 60 9.81 5.92 -5.96
CA ASN A 60 11.15 5.35 -6.05
C ASN A 60 11.50 4.44 -4.85
N ILE A 61 10.57 4.25 -3.91
CA ILE A 61 10.73 3.31 -2.79
C ILE A 61 10.57 1.86 -3.26
N THR A 62 11.19 0.93 -2.54
CA THR A 62 11.12 -0.51 -2.78
C THR A 62 10.93 -1.24 -1.45
N ALA A 63 10.15 -2.32 -1.41
CA ALA A 63 9.90 -3.08 -0.19
C ALA A 63 11.19 -3.70 0.39
N ILE A 64 12.18 -3.97 -0.47
CA ILE A 64 13.52 -4.45 -0.09
C ILE A 64 14.25 -3.37 0.72
N THR A 65 14.23 -2.15 0.23
CA THR A 65 14.94 -1.02 0.85
C THR A 65 14.14 -0.53 2.04
N LEU A 66 12.82 -0.41 1.94
CA LEU A 66 11.92 -0.05 3.03
C LEU A 66 11.97 -1.07 4.19
N SER A 67 12.11 -2.37 3.90
CA SER A 67 12.34 -3.40 4.93
C SER A 67 13.65 -3.23 5.69
N LYS A 68 14.59 -2.49 5.09
CA LYS A 68 15.95 -2.26 5.58
C LYS A 68 16.20 -0.84 6.13
N LYS A 69 15.41 0.17 5.72
CA LYS A 69 15.38 1.52 6.30
C LYS A 69 14.85 1.50 7.73
N LEU A 70 13.89 0.60 7.97
CA LEU A 70 13.06 0.51 9.17
C LEU A 70 13.24 -0.80 9.95
N ASN A 71 14.14 -1.69 9.48
CA ASN A 71 14.48 -2.95 10.15
C ASN A 71 13.23 -3.84 10.40
N ILE A 72 12.57 -4.23 9.31
CA ILE A 72 11.27 -4.93 9.24
C ILE A 72 11.28 -6.06 8.20
N THR A 73 10.18 -6.80 8.06
CA THR A 73 10.02 -7.79 6.97
C THR A 73 9.65 -7.11 5.64
N VAL A 74 9.92 -7.78 4.51
CA VAL A 74 9.51 -7.31 3.18
C VAL A 74 7.99 -7.26 3.05
N GLU A 75 7.23 -8.11 3.76
CA GLU A 75 5.77 -8.14 3.66
C GLU A 75 5.16 -7.00 4.47
N LYS A 76 5.74 -6.71 5.65
CA LYS A 76 5.35 -5.61 6.52
C LYS A 76 5.63 -4.27 5.87
N ALA A 77 6.81 -4.13 5.29
CA ALA A 77 7.21 -3.00 4.44
C ALA A 77 6.28 -2.81 3.23
N LYS A 78 6.00 -3.88 2.47
CA LYS A 78 5.23 -3.83 1.22
C LYS A 78 3.77 -3.51 1.50
N ASN A 79 3.25 -3.87 2.68
CA ASN A 79 1.91 -3.51 3.09
C ASN A 79 1.65 -2.00 2.96
N TYR A 80 2.62 -1.17 3.39
CA TYR A 80 2.55 0.29 3.29
C TYR A 80 2.48 0.74 1.83
N ILE A 81 3.29 0.13 0.95
CA ILE A 81 3.32 0.41 -0.49
C ILE A 81 2.00 -0.02 -1.17
N LYS A 82 1.28 -0.99 -0.61
CA LYS A 82 -0.02 -1.49 -1.09
C LYS A 82 -1.23 -0.67 -0.65
N ASN A 83 -1.19 0.06 0.47
CA ASN A 83 -2.31 0.86 0.99
C ASN A 83 -2.06 2.37 0.96
N SER A 84 -0.86 2.81 1.33
CA SER A 84 -0.51 4.24 1.50
C SER A 84 -0.17 4.96 0.18
N ASN A 85 -0.08 4.25 -0.95
CA ASN A 85 0.29 4.80 -2.26
C ASN A 85 -0.67 5.86 -2.85
N ARG A 86 -1.85 6.05 -2.25
CA ARG A 86 -2.80 7.12 -2.58
C ARG A 86 -2.39 8.51 -2.07
N LEU A 87 -1.56 8.58 -1.02
CA LEU A 87 -1.22 9.85 -0.34
C LEU A 87 -0.09 10.63 -1.00
N GLY A 88 1.06 9.99 -1.23
CA GLY A 88 2.25 10.66 -1.78
C GLY A 88 2.19 10.83 -3.31
N ARG A 89 2.51 12.04 -3.79
CA ARG A 89 2.46 12.42 -5.22
C ARG A 89 3.73 13.18 -5.67
N THR A 90 3.69 14.51 -5.71
CA THR A 90 4.75 15.35 -6.32
C THR A 90 4.82 16.75 -5.69
N ASN A 91 4.98 16.79 -4.36
CA ASN A 91 4.87 18.00 -3.53
C ASN A 91 6.19 18.46 -2.87
N ASN A 92 7.34 17.90 -3.28
CA ASN A 92 8.68 18.23 -2.78
C ASN A 92 9.47 19.04 -3.83
N LEU A 93 9.39 20.37 -3.72
CA LEU A 93 9.97 21.36 -4.65
C LEU A 93 10.57 22.54 -3.84
N LYS A 94 11.38 23.37 -4.50
CA LYS A 94 12.26 24.38 -3.85
C LYS A 94 12.19 25.79 -4.47
N THR A 95 11.19 26.06 -5.32
CA THR A 95 11.06 27.30 -6.11
C THR A 95 9.68 27.97 -5.96
N ILE A 96 9.18 28.00 -4.72
CA ILE A 96 7.80 28.33 -4.38
C ILE A 96 7.55 29.82 -4.10
N GLY A 97 8.58 30.66 -4.25
CA GLY A 97 8.54 32.07 -3.86
C GLY A 97 8.48 32.30 -2.33
N ILE A 98 8.55 31.22 -1.55
CA ILE A 98 8.60 31.20 -0.07
C ILE A 98 7.41 32.00 0.54
N LEU A 99 6.27 31.98 -0.15
CA LEU A 99 5.02 32.69 0.17
C LEU A 99 5.19 34.21 0.46
N GLN A 100 6.19 34.85 -0.16
CA GLN A 100 6.57 36.26 0.08
C GLN A 100 6.73 37.10 -1.21
N GLU A 101 6.12 36.67 -2.33
CA GLU A 101 6.14 37.38 -3.61
C GLU A 101 5.23 38.62 -3.62
N GLU A 102 5.58 39.62 -4.43
CA GLU A 102 4.79 40.84 -4.69
C GLU A 102 4.73 41.14 -6.18
N VAL A 103 3.54 40.97 -6.79
CA VAL A 103 3.27 41.24 -8.21
C VAL A 103 1.88 41.85 -8.37
N SER A 104 1.77 42.99 -9.06
CA SER A 104 0.52 43.67 -9.38
C SER A 104 0.06 43.36 -10.82
N SER A 105 -0.61 42.22 -11.00
CA SER A 105 -1.25 41.77 -12.26
C SER A 105 -0.36 41.87 -13.51
N MET A 106 0.62 40.95 -13.61
CA MET A 106 1.69 40.95 -14.64
C MET A 106 2.48 42.26 -14.66
N GLU A 107 3.05 42.59 -13.50
CA GLU A 107 3.95 43.72 -13.29
C GLU A 107 5.33 43.43 -13.92
N ALA A 108 5.54 43.93 -15.14
CA ALA A 108 6.72 43.67 -15.97
C ALA A 108 7.20 44.94 -16.72
N LYS A 109 8.47 44.95 -17.13
CA LYS A 109 9.14 46.07 -17.82
C LYS A 109 9.73 45.62 -19.16
N SER A 110 9.07 45.97 -20.26
CA SER A 110 9.53 45.78 -21.65
C SER A 110 8.95 46.87 -22.56
N MET A 111 9.80 47.61 -23.26
CA MET A 111 9.43 48.74 -24.14
C MET A 111 10.52 49.04 -25.17
N THR A 112 10.12 49.49 -26.36
CA THR A 112 11.05 50.05 -27.36
C THR A 112 11.56 51.43 -26.92
N TRP A 113 12.84 51.71 -27.21
CA TRP A 113 13.57 52.88 -26.74
C TRP A 113 13.67 54.00 -27.79
N GLY A 1 -46.44 -5.53 11.00
CA GLY A 1 -47.77 -5.94 11.51
C GLY A 1 -48.40 -6.97 10.60
N SER A 2 -48.29 -8.26 10.95
CA SER A 2 -48.75 -9.41 10.15
C SER A 2 -49.36 -10.51 11.05
N HIS A 3 -50.19 -11.37 10.45
CA HIS A 3 -50.86 -12.49 11.13
C HIS A 3 -50.63 -13.82 10.41
N MET A 4 -50.51 -14.92 11.17
CA MET A 4 -50.29 -16.29 10.67
C MET A 4 -49.10 -16.43 9.71
N ALA A 5 -48.03 -15.68 9.99
CA ALA A 5 -46.89 -15.52 9.08
C ALA A 5 -45.57 -15.23 9.81
N SER A 6 -44.48 -15.24 9.03
CA SER A 6 -43.09 -15.08 9.48
C SER A 6 -42.28 -14.18 8.53
N MET A 7 -41.13 -13.70 9.01
CA MET A 7 -40.15 -12.91 8.25
C MET A 7 -38.74 -13.49 8.43
N ASP A 8 -38.00 -13.63 7.33
CA ASP A 8 -36.65 -14.24 7.29
C ASP A 8 -35.76 -13.59 6.20
N PRO A 9 -34.48 -13.27 6.48
CA PRO A 9 -33.58 -12.62 5.51
C PRO A 9 -32.93 -13.54 4.47
N LEU A 10 -33.08 -14.86 4.62
CA LEU A 10 -32.43 -15.88 3.79
C LEU A 10 -33.36 -16.49 2.72
N ASP A 11 -34.20 -15.67 2.10
CA ASP A 11 -34.98 -16.03 0.89
C ASP A 11 -34.40 -15.48 -0.44
N LYS A 12 -33.33 -14.68 -0.37
CA LYS A 12 -32.85 -13.82 -1.48
C LYS A 12 -31.37 -14.03 -1.81
N ILE A 13 -30.52 -13.80 -0.81
CA ILE A 13 -29.05 -13.89 -0.91
C ILE A 13 -28.47 -15.14 -0.21
N ILE A 14 -29.34 -16.06 0.22
CA ILE A 14 -28.95 -17.32 0.86
C ILE A 14 -27.92 -18.11 0.02
N ASN A 15 -26.79 -18.47 0.62
CA ASN A 15 -25.68 -19.19 -0.04
C ASN A 15 -24.94 -20.16 0.90
N ASP A 16 -25.33 -20.24 2.18
CA ASP A 16 -24.49 -20.81 3.24
C ASP A 16 -24.65 -22.34 3.44
N ILE A 17 -25.31 -22.99 2.49
CA ILE A 17 -25.74 -24.40 2.56
C ILE A 17 -25.66 -25.14 1.20
N LYS A 18 -24.84 -24.64 0.28
CA LYS A 18 -24.66 -25.23 -1.07
C LYS A 18 -23.21 -25.62 -1.42
N LYS A 19 -22.21 -24.80 -1.03
CA LYS A 19 -20.78 -24.97 -1.37
C LYS A 19 -20.55 -25.24 -2.88
N GLU A 20 -21.19 -24.41 -3.72
CA GLU A 20 -21.31 -24.59 -5.17
C GLU A 20 -20.55 -23.49 -5.94
N ALA A 21 -19.22 -23.44 -5.78
CA ALA A 21 -18.32 -22.46 -6.40
C ALA A 21 -16.96 -23.09 -6.82
N ASN A 22 -16.22 -22.36 -7.66
CA ASN A 22 -14.95 -22.79 -8.26
C ASN A 22 -13.80 -21.80 -7.91
N ASP A 23 -13.59 -21.57 -6.61
CA ASP A 23 -12.58 -20.65 -6.07
C ASP A 23 -11.80 -21.28 -4.89
N SER A 24 -10.50 -20.99 -4.79
CA SER A 24 -9.60 -21.51 -3.74
C SER A 24 -8.71 -20.41 -3.11
N GLY A 25 -9.23 -19.18 -3.02
CA GLY A 25 -8.58 -18.04 -2.35
C GLY A 25 -7.42 -17.44 -3.15
N VAL A 26 -7.73 -16.99 -4.37
CA VAL A 26 -6.77 -16.46 -5.37
C VAL A 26 -6.69 -14.92 -5.40
N THR A 27 -7.43 -14.27 -4.50
CA THR A 27 -7.67 -12.82 -4.49
C THR A 27 -6.59 -12.01 -3.76
N LEU A 28 -6.52 -10.70 -4.05
CA LEU A 28 -5.51 -9.74 -3.56
C LEU A 28 -6.07 -8.65 -2.62
N ALA A 29 -7.08 -9.00 -1.83
CA ALA A 29 -7.82 -8.10 -0.93
C ALA A 29 -7.89 -8.65 0.50
N PRO A 30 -7.62 -7.86 1.56
CA PRO A 30 -7.62 -8.36 2.94
C PRO A 30 -9.04 -8.53 3.52
N LEU A 31 -9.98 -7.63 3.19
CA LEU A 31 -11.38 -7.65 3.65
C LEU A 31 -12.31 -6.92 2.66
N SER A 32 -12.51 -7.51 1.48
CA SER A 32 -13.45 -7.01 0.44
C SER A 32 -13.19 -5.55 0.01
N VAL A 33 -11.91 -5.17 -0.07
CA VAL A 33 -11.43 -3.80 -0.29
C VAL A 33 -10.04 -3.82 -0.97
N PRO A 34 -9.70 -2.88 -1.87
CA PRO A 34 -8.39 -2.83 -2.53
C PRO A 34 -7.29 -2.26 -1.59
N LYS A 35 -7.04 -2.96 -0.47
CA LYS A 35 -6.11 -2.66 0.65
C LYS A 35 -6.43 -1.32 1.37
N PRO A 36 -6.90 -1.34 2.63
CA PRO A 36 -7.34 -0.13 3.33
C PRO A 36 -6.15 0.74 3.77
N LYS A 37 -6.31 2.07 3.70
CA LYS A 37 -5.25 3.03 4.09
C LYS A 37 -4.96 2.99 5.59
N LEU A 38 -3.68 2.85 5.97
CA LEU A 38 -3.24 2.66 7.35
C LEU A 38 -1.92 3.35 7.69
N GLU A 39 -1.76 3.70 8.96
CA GLU A 39 -0.54 4.27 9.58
C GLU A 39 -0.38 3.66 10.99
N GLU A 40 0.52 2.69 11.14
CA GLU A 40 0.79 1.98 12.40
C GLU A 40 2.30 1.76 12.59
N LEU A 41 2.98 2.82 13.01
CA LEU A 41 4.42 2.92 13.22
C LEU A 41 4.73 3.49 14.62
N SER A 42 5.91 3.19 15.17
CA SER A 42 6.45 3.88 16.36
C SER A 42 6.89 5.31 16.00
N GLU A 43 7.16 6.18 16.97
CA GLU A 43 7.48 7.60 16.72
C GLU A 43 8.70 7.76 15.79
N GLN A 44 9.79 7.02 16.03
CA GLN A 44 10.99 7.04 15.19
C GLN A 44 10.74 6.34 13.84
N GLN A 45 10.06 5.19 13.86
CA GLN A 45 9.69 4.44 12.65
C GLN A 45 8.86 5.31 11.69
N LYS A 46 7.90 6.09 12.21
CA LYS A 46 7.06 7.02 11.44
C LYS A 46 7.91 8.10 10.77
N ILE A 47 8.89 8.68 11.48
CA ILE A 47 9.79 9.69 10.92
C ILE A 47 10.70 9.08 9.85
N ILE A 48 11.24 7.87 10.01
CA ILE A 48 12.07 7.24 8.97
C ILE A 48 11.26 6.95 7.70
N LEU A 49 10.04 6.41 7.88
CA LEU A 49 9.08 6.17 6.80
C LEU A 49 8.78 7.49 6.05
N ALA A 50 8.49 8.55 6.80
CA ALA A 50 8.18 9.87 6.27
C ALA A 50 9.37 10.54 5.58
N GLU A 51 10.53 10.62 6.23
CA GLU A 51 11.73 11.24 5.63
C GLU A 51 12.19 10.56 4.34
N TYR A 52 11.90 9.27 4.15
CA TYR A 52 12.21 8.54 2.93
C TYR A 52 11.32 9.00 1.75
N ILE A 53 10.00 8.88 1.90
CA ILE A 53 8.98 9.32 0.94
C ILE A 53 9.07 10.83 0.67
N ALA A 54 9.44 11.63 1.68
CA ALA A 54 9.64 13.07 1.55
C ALA A 54 10.91 13.43 0.73
N GLU A 55 11.88 12.52 0.63
CA GLU A 55 13.12 12.71 -0.12
C GLU A 55 13.06 12.12 -1.54
N VAL A 56 12.29 11.04 -1.78
CA VAL A 56 12.26 10.35 -3.09
C VAL A 56 10.87 10.29 -3.73
N GLY A 57 9.79 10.48 -2.97
CA GLY A 57 8.41 10.27 -3.41
C GLY A 57 7.99 8.80 -3.33
N LEU A 58 6.74 8.52 -2.95
CA LEU A 58 6.25 7.16 -2.66
C LEU A 58 6.21 6.23 -3.89
N GLN A 59 6.37 6.82 -5.06
CA GLN A 59 6.48 6.16 -6.37
C GLN A 59 7.87 5.54 -6.61
N ASN A 60 8.89 5.94 -5.84
CA ASN A 60 10.30 5.55 -6.05
C ASN A 60 10.90 4.67 -4.93
N ILE A 61 10.15 4.47 -3.85
CA ILE A 61 10.49 3.50 -2.79
C ILE A 61 10.21 2.06 -3.23
N THR A 62 10.84 1.10 -2.56
CA THR A 62 10.65 -0.35 -2.75
C THR A 62 10.54 -1.05 -1.40
N ALA A 63 9.72 -2.09 -1.29
CA ALA A 63 9.54 -2.86 -0.06
C ALA A 63 10.83 -3.52 0.42
N ILE A 64 11.73 -3.85 -0.51
CA ILE A 64 13.07 -4.38 -0.25
C ILE A 64 13.91 -3.36 0.52
N THR A 65 13.81 -2.10 0.13
CA THR A 65 14.63 -1.00 0.62
C THR A 65 13.99 -0.40 1.87
N LEU A 66 12.66 -0.24 1.87
CA LEU A 66 11.88 0.15 3.05
C LEU A 66 12.03 -0.88 4.19
N SER A 67 12.11 -2.18 3.86
CA SER A 67 12.48 -3.26 4.78
C SER A 67 13.81 -3.01 5.50
N LYS A 68 14.73 -2.36 4.79
CA LYS A 68 16.10 -2.13 5.24
C LYS A 68 16.33 -0.75 5.85
N LYS A 69 15.55 0.27 5.47
CA LYS A 69 15.58 1.61 6.06
C LYS A 69 15.04 1.63 7.49
N LEU A 70 14.06 0.78 7.79
CA LEU A 70 13.41 0.68 9.10
C LEU A 70 13.77 -0.58 9.91
N ASN A 71 14.60 -1.48 9.35
CA ASN A 71 14.94 -2.79 9.91
C ASN A 71 13.68 -3.66 10.21
N ILE A 72 12.74 -3.67 9.26
CA ILE A 72 11.45 -4.38 9.33
C ILE A 72 11.49 -5.66 8.47
N THR A 73 10.34 -6.33 8.30
CA THR A 73 10.15 -7.37 7.28
C THR A 73 9.75 -6.76 5.93
N VAL A 74 9.95 -7.49 4.83
CA VAL A 74 9.41 -7.10 3.51
C VAL A 74 7.88 -7.02 3.54
N GLU A 75 7.20 -7.78 4.40
CA GLU A 75 5.74 -7.85 4.39
C GLU A 75 5.14 -6.64 5.11
N LYS A 76 5.74 -6.21 6.23
CA LYS A 76 5.35 -4.98 6.93
C LYS A 76 6.06 -3.73 6.39
N ALA A 77 6.79 -3.87 5.28
CA ALA A 77 7.16 -2.78 4.38
C ALA A 77 6.17 -2.67 3.21
N LYS A 78 5.81 -3.80 2.59
CA LYS A 78 5.00 -3.86 1.38
C LYS A 78 3.53 -3.57 1.65
N ASN A 79 3.06 -3.85 2.86
CA ASN A 79 1.69 -3.52 3.27
C ASN A 79 1.36 -2.02 3.11
N TYR A 80 2.32 -1.12 3.39
CA TYR A 80 2.23 0.33 3.24
C TYR A 80 2.10 0.68 1.77
N ILE A 81 2.97 0.12 0.91
CA ILE A 81 2.99 0.37 -0.53
C ILE A 81 1.69 -0.14 -1.17
N LYS A 82 1.16 -1.29 -0.73
CA LYS A 82 -0.09 -1.89 -1.19
C LYS A 82 -1.32 -1.04 -0.90
N ASN A 83 -1.35 -0.25 0.20
CA ASN A 83 -2.45 0.65 0.46
C ASN A 83 -2.18 2.08 -0.03
N SER A 84 -0.93 2.55 0.06
CA SER A 84 -0.58 3.97 -0.19
C SER A 84 -0.29 4.34 -1.66
N ASN A 85 -0.10 3.37 -2.56
CA ASN A 85 0.28 3.63 -3.96
C ASN A 85 -0.70 4.55 -4.72
N ARG A 86 -0.17 5.39 -5.63
CA ARG A 86 -0.84 6.51 -6.36
C ARG A 86 -1.42 7.64 -5.50
N LEU A 87 -1.89 7.32 -4.29
CA LEU A 87 -2.61 8.18 -3.37
C LEU A 87 -1.65 9.02 -2.50
N GLY A 88 -0.62 8.41 -1.93
CA GLY A 88 0.34 9.09 -1.04
C GLY A 88 1.40 9.88 -1.82
N ARG A 89 1.57 11.17 -1.49
CA ARG A 89 2.41 12.15 -2.23
C ARG A 89 3.19 13.09 -1.30
N THR A 90 4.00 13.97 -1.88
CA THR A 90 5.10 14.72 -1.23
C THR A 90 4.93 16.25 -1.27
N ASN A 91 3.70 16.74 -1.44
CA ASN A 91 3.38 18.18 -1.49
C ASN A 91 3.08 18.75 -0.10
N ASN A 92 3.79 19.82 0.30
CA ASN A 92 3.66 20.49 1.60
C ASN A 92 4.09 21.97 1.50
N LEU A 93 3.36 22.78 0.74
CA LEU A 93 3.68 24.17 0.42
C LEU A 93 2.51 25.14 0.73
N LYS A 94 2.83 26.44 0.81
CA LYS A 94 1.95 27.52 1.31
C LYS A 94 1.87 28.76 0.39
N THR A 95 2.32 28.63 -0.85
CA THR A 95 2.51 29.75 -1.81
C THR A 95 1.90 29.46 -3.19
N ILE A 96 0.70 28.86 -3.17
CA ILE A 96 0.05 28.27 -4.34
C ILE A 96 -0.87 29.21 -5.13
N GLY A 97 -0.97 30.48 -4.71
CA GLY A 97 -1.95 31.45 -5.23
C GLY A 97 -3.41 31.12 -4.89
N ILE A 98 -3.63 30.08 -4.06
CA ILE A 98 -4.92 29.57 -3.58
C ILE A 98 -5.92 29.38 -4.75
N LEU A 99 -5.41 28.89 -5.88
CA LEU A 99 -6.12 28.60 -7.14
C LEU A 99 -6.92 29.78 -7.75
N GLN A 100 -6.58 31.02 -7.38
CA GLN A 100 -7.40 32.23 -7.61
C GLN A 100 -6.54 33.44 -8.06
N GLU A 101 -5.72 33.23 -9.09
CA GLU A 101 -4.81 34.24 -9.68
C GLU A 101 -5.43 35.01 -10.88
N GLU A 102 -6.72 34.81 -11.17
CA GLU A 102 -7.42 35.26 -12.39
C GLU A 102 -8.32 36.49 -12.14
N VAL A 103 -7.73 37.55 -11.56
CA VAL A 103 -8.39 38.82 -11.23
C VAL A 103 -7.46 40.01 -11.53
N SER A 104 -8.02 41.11 -12.07
CA SER A 104 -7.27 42.34 -12.39
C SER A 104 -7.95 43.61 -11.85
N SER A 105 -9.17 43.93 -12.29
CA SER A 105 -9.91 45.16 -11.91
C SER A 105 -11.39 44.86 -11.67
N MET A 106 -11.79 44.77 -10.39
CA MET A 106 -13.16 44.44 -9.93
C MET A 106 -13.75 43.16 -10.57
N GLU A 107 -12.87 42.21 -10.89
CA GLU A 107 -13.17 41.02 -11.73
C GLU A 107 -13.52 39.76 -10.89
N ALA A 108 -13.45 39.88 -9.57
CA ALA A 108 -13.75 38.82 -8.61
C ALA A 108 -15.27 38.55 -8.46
N LYS A 109 -15.63 37.37 -7.95
CA LYS A 109 -17.01 36.98 -7.59
C LYS A 109 -17.19 37.02 -6.07
N SER A 110 -18.17 37.81 -5.61
CA SER A 110 -18.48 38.05 -4.19
C SER A 110 -19.95 38.46 -4.00
N MET A 111 -20.44 38.39 -2.76
CA MET A 111 -21.83 38.67 -2.36
C MET A 111 -21.92 39.53 -1.09
N THR A 112 -23.13 39.98 -0.75
CA THR A 112 -23.45 40.74 0.46
C THR A 112 -24.69 40.17 1.17
N TRP A 113 -24.88 40.56 2.44
CA TRP A 113 -25.88 40.03 3.37
C TRP A 113 -26.93 41.09 3.75
N GLY A 1 -37.06 -30.87 41.12
CA GLY A 1 -37.20 -30.32 42.48
C GLY A 1 -38.07 -29.07 42.50
N SER A 2 -37.67 -28.04 43.26
CA SER A 2 -38.41 -26.78 43.44
C SER A 2 -37.56 -25.52 43.15
N HIS A 3 -36.42 -25.70 42.49
CA HIS A 3 -35.45 -24.63 42.15
C HIS A 3 -35.66 -24.07 40.74
N MET A 4 -35.25 -22.83 40.51
CA MET A 4 -35.33 -22.12 39.23
C MET A 4 -34.10 -21.22 39.03
N ALA A 5 -33.33 -21.50 37.97
CA ALA A 5 -32.13 -20.76 37.59
C ALA A 5 -31.83 -20.86 36.08
N SER A 6 -31.02 -19.91 35.59
CA SER A 6 -30.69 -19.73 34.17
C SER A 6 -29.22 -19.33 33.97
N MET A 7 -28.49 -20.10 33.15
CA MET A 7 -27.12 -19.81 32.71
C MET A 7 -26.93 -20.25 31.25
N ASP A 8 -26.25 -19.44 30.44
CA ASP A 8 -26.07 -19.66 28.99
C ASP A 8 -24.59 -19.48 28.51
N PRO A 9 -23.61 -20.22 29.07
CA PRO A 9 -22.19 -20.05 28.74
C PRO A 9 -21.75 -20.68 27.40
N LEU A 10 -22.64 -21.40 26.72
CA LEU A 10 -22.38 -22.16 25.49
C LEU A 10 -23.43 -21.93 24.37
N ASP A 11 -23.94 -20.70 24.27
CA ASP A 11 -24.89 -20.30 23.21
C ASP A 11 -24.26 -19.43 22.09
N LYS A 12 -22.97 -19.12 22.20
CA LYS A 12 -22.30 -18.05 21.43
C LYS A 12 -21.01 -18.50 20.74
N ILE A 13 -20.05 -18.98 21.55
CA ILE A 13 -18.72 -19.44 21.12
C ILE A 13 -18.57 -20.97 21.18
N ILE A 14 -19.67 -21.69 21.39
CA ILE A 14 -19.72 -23.16 21.47
C ILE A 14 -18.97 -23.85 20.30
N ASN A 15 -18.02 -24.74 20.66
CA ASN A 15 -17.20 -25.49 19.71
C ASN A 15 -16.80 -26.90 20.19
N ASP A 16 -17.23 -27.32 21.38
CA ASP A 16 -16.71 -28.53 22.05
C ASP A 16 -17.40 -29.85 21.64
N ILE A 17 -18.20 -29.79 20.58
CA ILE A 17 -19.01 -30.89 20.02
C ILE A 17 -19.08 -30.82 18.48
N LYS A 18 -17.99 -30.36 17.86
CA LYS A 18 -17.92 -30.11 16.41
C LYS A 18 -16.79 -30.86 15.69
N LYS A 19 -15.55 -30.78 16.21
CA LYS A 19 -14.30 -31.30 15.59
C LYS A 19 -14.18 -31.01 14.08
N GLU A 20 -14.32 -29.73 13.71
CA GLU A 20 -14.30 -29.26 12.30
C GLU A 20 -13.58 -27.91 12.16
N ALA A 21 -13.06 -27.63 10.95
CA ALA A 21 -12.32 -26.41 10.61
C ALA A 21 -13.23 -25.19 10.34
N ASN A 22 -12.60 -24.09 9.92
CA ASN A 22 -13.22 -22.78 9.65
C ASN A 22 -12.89 -22.24 8.25
N ASP A 23 -13.59 -21.16 7.84
CA ASP A 23 -13.54 -20.55 6.50
C ASP A 23 -13.35 -19.03 6.55
N SER A 24 -12.51 -18.55 7.47
CA SER A 24 -12.24 -17.12 7.72
C SER A 24 -11.25 -16.45 6.76
N GLY A 25 -11.18 -16.95 5.52
CA GLY A 25 -10.37 -16.40 4.45
C GLY A 25 -11.13 -15.45 3.53
N VAL A 26 -11.62 -15.98 2.39
CA VAL A 26 -12.28 -15.31 1.26
C VAL A 26 -11.44 -14.22 0.58
N THR A 27 -11.13 -14.42 -0.71
CA THR A 27 -10.37 -13.49 -1.57
C THR A 27 -8.97 -13.17 -0.97
N LEU A 28 -8.36 -12.04 -1.35
CA LEU A 28 -7.08 -11.54 -0.80
C LEU A 28 -7.21 -10.11 -0.23
N ALA A 29 -8.39 -9.81 0.32
CA ALA A 29 -8.76 -8.53 0.92
C ALA A 29 -8.81 -8.62 2.46
N PRO A 30 -8.33 -7.61 3.22
CA PRO A 30 -8.32 -7.66 4.68
C PRO A 30 -9.72 -7.46 5.30
N LEU A 31 -10.58 -6.63 4.67
CA LEU A 31 -11.95 -6.36 5.14
C LEU A 31 -12.91 -6.02 3.97
N SER A 32 -13.01 -6.91 2.98
CA SER A 32 -13.90 -6.76 1.81
C SER A 32 -13.67 -5.46 1.00
N VAL A 33 -12.40 -5.06 0.89
CA VAL A 33 -11.93 -3.79 0.31
C VAL A 33 -10.49 -3.96 -0.22
N PRO A 34 -10.09 -3.32 -1.33
CA PRO A 34 -8.75 -3.47 -1.90
C PRO A 34 -7.66 -2.73 -1.09
N LYS A 35 -7.32 -3.30 0.08
CA LYS A 35 -6.24 -2.92 1.02
C LYS A 35 -6.30 -1.44 1.47
N PRO A 36 -6.97 -1.13 2.59
CA PRO A 36 -7.33 0.24 2.97
C PRO A 36 -6.17 0.98 3.64
N LYS A 37 -6.18 2.32 3.52
CA LYS A 37 -5.20 3.26 4.09
C LYS A 37 -4.93 3.02 5.59
N LEU A 38 -3.65 2.97 5.98
CA LEU A 38 -3.20 2.44 7.27
C LEU A 38 -2.01 3.24 7.83
N GLU A 39 -1.99 3.44 9.15
CA GLU A 39 -0.89 4.07 9.90
C GLU A 39 -0.67 3.31 11.22
N GLU A 40 0.50 2.65 11.37
CA GLU A 40 0.80 1.82 12.55
C GLU A 40 2.30 1.75 12.87
N LEU A 41 2.90 2.94 12.98
CA LEU A 41 4.35 3.15 13.17
C LEU A 41 4.65 3.71 14.58
N SER A 42 5.85 3.43 15.08
CA SER A 42 6.40 4.10 16.27
C SER A 42 6.80 5.55 15.95
N GLU A 43 7.06 6.40 16.94
CA GLU A 43 7.40 7.82 16.73
C GLU A 43 8.62 8.00 15.80
N GLN A 44 9.67 7.20 15.99
CA GLN A 44 10.86 7.20 15.14
C GLN A 44 10.57 6.55 13.78
N GLN A 45 9.83 5.44 13.75
CA GLN A 45 9.49 4.74 12.51
C GLN A 45 8.64 5.61 11.58
N LYS A 46 7.70 6.39 12.13
CA LYS A 46 6.89 7.36 11.38
C LYS A 46 7.78 8.41 10.70
N ILE A 47 8.81 8.90 11.39
CA ILE A 47 9.77 9.87 10.83
C ILE A 47 10.66 9.23 9.75
N ILE A 48 11.16 8.01 9.94
CA ILE A 48 11.98 7.34 8.90
C ILE A 48 11.14 7.08 7.65
N LEU A 49 9.91 6.59 7.85
CA LEU A 49 8.93 6.31 6.79
C LEU A 49 8.64 7.60 6.00
N ALA A 50 8.39 8.71 6.70
CA ALA A 50 8.15 10.02 6.12
C ALA A 50 9.38 10.63 5.42
N GLU A 51 10.53 10.69 6.09
CA GLU A 51 11.76 11.29 5.54
C GLU A 51 12.27 10.56 4.27
N TYR A 52 11.95 9.27 4.11
CA TYR A 52 12.27 8.50 2.92
C TYR A 52 11.41 8.92 1.73
N ILE A 53 10.08 8.88 1.86
CA ILE A 53 9.11 9.36 0.86
C ILE A 53 9.32 10.84 0.54
N ALA A 54 9.70 11.66 1.52
CA ALA A 54 10.00 13.08 1.35
C ALA A 54 11.27 13.34 0.51
N GLU A 55 12.17 12.36 0.41
CA GLU A 55 13.41 12.43 -0.37
C GLU A 55 13.28 11.81 -1.78
N VAL A 56 12.39 10.83 -2.00
CA VAL A 56 12.31 10.10 -3.28
C VAL A 56 10.90 10.08 -3.89
N GLY A 57 9.85 10.28 -3.10
CA GLY A 57 8.45 10.12 -3.51
C GLY A 57 7.92 8.71 -3.29
N LEU A 58 6.66 8.57 -2.86
CA LEU A 58 6.00 7.30 -2.50
C LEU A 58 5.90 6.29 -3.67
N GLN A 59 6.08 6.79 -4.88
CA GLN A 59 6.09 6.02 -6.13
C GLN A 59 7.46 5.36 -6.42
N ASN A 60 8.54 5.83 -5.78
CA ASN A 60 9.93 5.46 -6.09
C ASN A 60 10.66 4.68 -4.98
N ILE A 61 10.04 4.57 -3.80
CA ILE A 61 10.46 3.64 -2.74
C ILE A 61 10.25 2.17 -3.17
N THR A 62 10.98 1.28 -2.52
CA THR A 62 10.87 -0.19 -2.69
C THR A 62 10.65 -0.88 -1.36
N ALA A 63 9.88 -1.98 -1.35
CA ALA A 63 9.70 -2.83 -0.17
C ALA A 63 11.02 -3.45 0.29
N ILE A 64 11.98 -3.64 -0.62
CA ILE A 64 13.33 -4.13 -0.33
C ILE A 64 14.08 -3.12 0.54
N THR A 65 14.11 -1.86 0.11
CA THR A 65 14.82 -0.79 0.80
C THR A 65 14.04 -0.37 2.04
N LEU A 66 12.71 -0.30 1.98
CA LEU A 66 11.84 0.01 3.12
C LEU A 66 11.94 -1.07 4.22
N SER A 67 12.08 -2.35 3.84
CA SER A 67 12.41 -3.47 4.75
C SER A 67 13.67 -3.19 5.56
N LYS A 68 14.62 -2.47 4.97
CA LYS A 68 15.93 -2.18 5.56
C LYS A 68 16.01 -0.81 6.25
N LYS A 69 15.27 0.20 5.77
CA LYS A 69 15.21 1.56 6.34
C LYS A 69 14.70 1.55 7.78
N LEU A 70 13.71 0.71 8.08
CA LEU A 70 13.05 0.60 9.40
C LEU A 70 13.30 -0.75 10.11
N ASN A 71 14.30 -1.53 9.65
CA ASN A 71 14.67 -2.86 10.15
C ASN A 71 13.46 -3.82 10.36
N ILE A 72 12.68 -4.01 9.28
CA ILE A 72 11.42 -4.76 9.22
C ILE A 72 11.53 -5.94 8.22
N THR A 73 10.39 -6.54 7.83
CA THR A 73 10.31 -7.54 6.77
C THR A 73 9.85 -6.92 5.45
N VAL A 74 10.11 -7.59 4.32
CA VAL A 74 9.61 -7.16 3.00
C VAL A 74 8.08 -7.18 2.96
N GLU A 75 7.42 -8.04 3.72
CA GLU A 75 5.96 -8.15 3.74
C GLU A 75 5.36 -7.01 4.56
N LYS A 76 6.00 -6.66 5.68
CA LYS A 76 5.58 -5.57 6.58
C LYS A 76 5.73 -4.21 5.89
N ALA A 77 6.87 -4.04 5.22
CA ALA A 77 7.18 -2.94 4.32
C ALA A 77 6.20 -2.81 3.14
N LYS A 78 5.93 -3.91 2.41
CA LYS A 78 5.06 -3.90 1.22
C LYS A 78 3.60 -3.67 1.61
N ASN A 79 3.23 -4.00 2.85
CA ASN A 79 1.91 -3.72 3.39
C ASN A 79 1.59 -2.21 3.39
N TYR A 80 2.59 -1.33 3.55
CA TYR A 80 2.45 0.12 3.37
C TYR A 80 2.26 0.45 1.90
N ILE A 81 3.10 -0.07 1.03
CA ILE A 81 3.10 0.24 -0.42
C ILE A 81 1.79 -0.24 -1.10
N LYS A 82 1.10 -1.24 -0.54
CA LYS A 82 -0.18 -1.77 -1.03
C LYS A 82 -1.41 -0.97 -0.61
N ASN A 83 -1.36 -0.22 0.51
CA ASN A 83 -2.43 0.73 0.85
C ASN A 83 -2.07 2.15 0.44
N SER A 84 -0.86 2.58 0.79
CA SER A 84 -0.35 3.91 0.51
C SER A 84 0.42 3.90 -0.80
N ASN A 85 -0.25 4.34 -1.88
CA ASN A 85 0.29 4.25 -3.23
C ASN A 85 -0.08 5.47 -4.10
N ARG A 86 -1.38 5.69 -4.33
CA ARG A 86 -1.92 6.84 -5.08
C ARG A 86 -2.34 8.01 -4.17
N LEU A 87 -2.49 7.77 -2.86
CA LEU A 87 -3.01 8.72 -1.89
C LEU A 87 -1.95 9.71 -1.38
N GLY A 88 -0.70 9.27 -1.23
CA GLY A 88 0.35 10.03 -0.53
C GLY A 88 0.24 9.94 0.99
N ARG A 89 1.07 10.70 1.71
CA ARG A 89 1.07 10.82 3.19
C ARG A 89 1.24 12.29 3.59
N THR A 90 0.34 12.80 4.44
CA THR A 90 0.36 14.17 5.02
C THR A 90 0.68 15.31 4.03
N ASN A 91 0.14 15.21 2.81
CA ASN A 91 0.35 16.15 1.69
C ASN A 91 -0.95 16.40 0.91
N ASN A 92 -1.07 17.59 0.29
CA ASN A 92 -2.16 17.96 -0.63
C ASN A 92 -1.59 18.76 -1.82
N LEU A 93 -1.45 18.11 -2.98
CA LEU A 93 -0.94 18.71 -4.22
C LEU A 93 -1.63 18.15 -5.49
N LYS A 94 -2.81 17.53 -5.32
CA LYS A 94 -3.60 16.86 -6.37
C LYS A 94 -4.87 17.63 -6.76
N THR A 95 -5.23 18.64 -5.97
CA THR A 95 -6.42 19.47 -6.11
C THR A 95 -6.16 20.84 -5.50
N ILE A 96 -6.30 21.88 -6.33
CA ILE A 96 -6.05 23.28 -5.98
C ILE A 96 -7.09 24.24 -6.61
N GLY A 97 -8.16 23.70 -7.22
CA GLY A 97 -9.09 24.43 -8.10
C GLY A 97 -8.55 24.74 -9.50
N ILE A 98 -7.24 24.57 -9.71
CA ILE A 98 -6.43 25.13 -10.79
C ILE A 98 -6.63 26.65 -10.87
N LEU A 99 -5.72 27.40 -10.24
CA LEU A 99 -5.80 28.85 -10.00
C LEU A 99 -5.63 29.70 -11.28
N GLN A 100 -6.61 29.62 -12.19
CA GLN A 100 -6.63 30.27 -13.51
C GLN A 100 -8.03 30.83 -13.85
N GLU A 101 -8.65 31.57 -12.92
CA GLU A 101 -10.01 32.11 -13.03
C GLU A 101 -10.02 33.66 -12.93
N GLU A 102 -9.55 34.33 -13.99
CA GLU A 102 -9.50 35.81 -14.07
C GLU A 102 -9.73 36.28 -15.52
N VAL A 103 -10.83 37.01 -15.75
CA VAL A 103 -11.22 37.57 -17.05
C VAL A 103 -11.81 38.98 -16.88
N SER A 104 -11.34 39.95 -17.69
CA SER A 104 -11.83 41.35 -17.64
C SER A 104 -12.92 41.66 -18.67
N SER A 105 -12.69 41.32 -19.94
CA SER A 105 -13.63 41.54 -21.06
C SER A 105 -13.33 40.63 -22.27
N MET A 106 -12.07 40.60 -22.71
CA MET A 106 -11.61 39.87 -23.93
C MET A 106 -10.54 38.82 -23.63
N GLU A 107 -10.36 38.43 -22.36
CA GLU A 107 -9.30 37.52 -21.90
C GLU A 107 -9.66 36.03 -22.10
N ALA A 108 -10.13 35.68 -23.29
CA ALA A 108 -10.62 34.35 -23.67
C ALA A 108 -10.23 33.97 -25.12
N LYS A 109 -10.15 32.66 -25.40
CA LYS A 109 -9.82 32.12 -26.73
C LYS A 109 -11.04 32.05 -27.65
N SER A 110 -10.87 32.51 -28.89
CA SER A 110 -11.81 32.34 -30.01
C SER A 110 -11.05 32.36 -31.35
N MET A 111 -11.59 31.69 -32.38
CA MET A 111 -10.95 31.60 -33.71
C MET A 111 -11.97 31.35 -34.83
N THR A 112 -12.62 30.19 -34.74
CA THR A 112 -13.56 29.61 -35.71
C THR A 112 -14.36 28.48 -35.04
N TRP A 113 -15.22 27.81 -35.81
CA TRP A 113 -16.17 26.79 -35.35
C TRP A 113 -15.66 25.36 -35.62
N GLY A 1 21.99 -62.34 7.25
CA GLY A 1 21.42 -60.98 7.34
C GLY A 1 20.33 -60.92 8.40
N SER A 2 20.55 -60.12 9.45
CA SER A 2 19.61 -59.96 10.59
C SER A 2 19.51 -58.49 11.07
N HIS A 3 19.79 -57.53 10.17
CA HIS A 3 19.94 -56.10 10.45
C HIS A 3 19.25 -55.23 9.39
N MET A 4 18.68 -54.11 9.83
CA MET A 4 18.11 -53.06 8.96
C MET A 4 18.23 -51.68 9.62
N ALA A 5 18.61 -50.68 8.82
CA ALA A 5 18.79 -49.30 9.25
C ALA A 5 18.44 -48.30 8.13
N SER A 6 18.35 -47.01 8.48
CA SER A 6 18.11 -45.90 7.54
C SER A 6 19.02 -44.71 7.86
N MET A 7 19.48 -44.00 6.82
CA MET A 7 20.44 -42.89 6.90
C MET A 7 19.94 -41.70 6.06
N ASP A 8 19.51 -40.63 6.74
CA ASP A 8 19.05 -39.36 6.16
C ASP A 8 18.10 -39.50 4.93
N PRO A 9 16.90 -40.10 5.09
CA PRO A 9 15.97 -40.38 3.98
C PRO A 9 15.26 -39.14 3.40
N LEU A 10 15.50 -37.95 3.96
CA LEU A 10 14.91 -36.67 3.57
C LEU A 10 15.90 -35.75 2.82
N ASP A 11 16.74 -36.34 1.96
CA ASP A 11 17.73 -35.61 1.13
C ASP A 11 17.42 -35.59 -0.38
N LYS A 12 16.29 -36.19 -0.78
CA LYS A 12 15.97 -36.52 -2.18
C LYS A 12 14.69 -35.87 -2.69
N ILE A 13 13.59 -36.13 -1.98
CA ILE A 13 12.21 -35.72 -2.33
C ILE A 13 11.49 -35.02 -1.17
N ILE A 14 12.23 -34.59 -0.14
CA ILE A 14 11.73 -33.89 1.06
C ILE A 14 10.68 -32.81 0.73
N ASN A 15 9.51 -32.90 1.39
CA ASN A 15 8.38 -31.97 1.24
C ASN A 15 7.61 -31.72 2.54
N ASP A 16 8.22 -32.05 3.70
CA ASP A 16 7.56 -32.03 5.01
C ASP A 16 7.50 -30.64 5.68
N ILE A 17 7.84 -29.60 4.91
CA ILE A 17 7.94 -28.19 5.34
C ILE A 17 7.42 -27.20 4.28
N LYS A 18 6.55 -27.68 3.40
CA LYS A 18 5.93 -26.89 2.32
C LYS A 18 4.40 -27.05 2.23
N LYS A 19 3.92 -28.29 2.33
CA LYS A 19 2.49 -28.70 2.13
C LYS A 19 1.89 -28.10 0.83
N GLU A 20 0.58 -27.87 0.81
CA GLU A 20 -0.17 -27.17 -0.26
C GLU A 20 -1.12 -26.11 0.33
N ALA A 21 -1.64 -25.22 -0.53
CA ALA A 21 -2.53 -24.11 -0.17
C ALA A 21 -3.75 -23.97 -1.11
N ASN A 22 -4.72 -23.16 -0.71
CA ASN A 22 -5.98 -22.90 -1.42
C ASN A 22 -6.44 -21.44 -1.26
N ASP A 23 -7.08 -20.89 -2.30
CA ASP A 23 -7.69 -19.55 -2.30
C ASP A 23 -8.97 -19.52 -3.17
N SER A 24 -9.98 -18.75 -2.74
CA SER A 24 -11.32 -18.71 -3.37
C SER A 24 -11.68 -17.39 -4.07
N GLY A 25 -10.72 -16.47 -4.23
CA GLY A 25 -10.90 -15.23 -4.99
C GLY A 25 -9.78 -14.22 -4.77
N VAL A 26 -8.70 -14.32 -5.56
CA VAL A 26 -7.54 -13.42 -5.47
C VAL A 26 -7.76 -12.11 -6.23
N THR A 27 -7.70 -10.99 -5.49
CA THR A 27 -7.75 -9.63 -6.07
C THR A 27 -7.12 -8.58 -5.13
N LEU A 28 -6.96 -7.36 -5.65
CA LEU A 28 -6.21 -6.24 -5.05
C LEU A 28 -7.02 -5.45 -3.99
N ALA A 29 -7.91 -6.14 -3.30
CA ALA A 29 -9.01 -5.56 -2.54
C ALA A 29 -9.42 -6.43 -1.33
N PRO A 30 -9.14 -6.01 -0.07
CA PRO A 30 -9.43 -6.81 1.12
C PRO A 30 -10.87 -6.68 1.63
N LEU A 31 -11.52 -5.52 1.43
CA LEU A 31 -12.85 -5.19 1.94
C LEU A 31 -13.58 -4.19 1.04
N SER A 32 -13.91 -4.60 -0.19
CA SER A 32 -14.69 -3.80 -1.16
C SER A 32 -14.07 -2.42 -1.48
N VAL A 33 -12.74 -2.37 -1.51
CA VAL A 33 -11.92 -1.16 -1.67
C VAL A 33 -10.54 -1.54 -2.26
N PRO A 34 -9.93 -0.76 -3.17
CA PRO A 34 -8.65 -1.09 -3.79
C PRO A 34 -7.44 -0.83 -2.85
N LYS A 35 -7.39 -1.61 -1.76
CA LYS A 35 -6.47 -1.53 -0.60
C LYS A 35 -6.57 -0.20 0.19
N PRO A 36 -7.06 -0.20 1.46
CA PRO A 36 -7.30 1.02 2.24
C PRO A 36 -6.01 1.62 2.81
N LYS A 37 -6.03 2.92 3.16
CA LYS A 37 -4.87 3.62 3.75
C LYS A 37 -4.63 3.21 5.21
N LEU A 38 -3.36 3.07 5.60
CA LEU A 38 -2.91 2.60 6.92
C LEU A 38 -1.58 3.26 7.30
N GLU A 39 -1.44 3.61 8.58
CA GLU A 39 -0.17 3.97 9.23
C GLU A 39 -0.10 3.30 10.62
N GLU A 40 0.88 2.42 10.83
CA GLU A 40 1.04 1.64 12.05
C GLU A 40 2.54 1.48 12.39
N LEU A 41 3.13 2.57 12.88
CA LEU A 41 4.57 2.76 13.12
C LEU A 41 4.81 3.40 14.49
N SER A 42 5.99 3.17 15.08
CA SER A 42 6.46 3.92 16.27
C SER A 42 6.86 5.34 15.86
N GLU A 43 7.10 6.26 16.81
CA GLU A 43 7.38 7.67 16.50
C GLU A 43 8.61 7.86 15.59
N GLN A 44 9.72 7.16 15.89
CA GLN A 44 10.94 7.21 15.06
C GLN A 44 10.74 6.47 13.73
N GLN A 45 10.09 5.30 13.77
CA GLN A 45 9.74 4.52 12.58
C GLN A 45 8.91 5.36 11.60
N LYS A 46 7.90 6.08 12.10
CA LYS A 46 7.03 6.96 11.31
C LYS A 46 7.83 8.07 10.64
N ILE A 47 8.80 8.68 11.33
CA ILE A 47 9.66 9.72 10.74
C ILE A 47 10.58 9.14 9.65
N ILE A 48 11.19 7.96 9.83
CA ILE A 48 12.04 7.36 8.78
C ILE A 48 11.20 7.05 7.53
N LEU A 49 10.01 6.47 7.75
CA LEU A 49 9.05 6.13 6.70
C LEU A 49 8.62 7.38 5.93
N ALA A 50 8.23 8.43 6.66
CA ALA A 50 7.82 9.72 6.12
C ALA A 50 8.97 10.44 5.40
N GLU A 51 10.14 10.60 6.02
CA GLU A 51 11.29 11.29 5.41
C GLU A 51 11.78 10.60 4.13
N TYR A 52 11.58 9.28 3.98
CA TYR A 52 11.91 8.54 2.76
C TYR A 52 10.97 8.94 1.61
N ILE A 53 9.66 8.76 1.80
CA ILE A 53 8.59 9.07 0.86
C ILE A 53 8.52 10.59 0.56
N ALA A 54 8.84 11.44 1.52
CA ALA A 54 8.90 12.89 1.34
C ALA A 54 10.09 13.34 0.49
N GLU A 55 11.17 12.55 0.45
CA GLU A 55 12.36 12.81 -0.39
C GLU A 55 12.25 12.15 -1.78
N VAL A 56 11.68 10.94 -1.88
CA VAL A 56 11.63 10.17 -3.15
C VAL A 56 10.23 10.05 -3.75
N GLY A 57 9.22 10.58 -3.07
CA GLY A 57 7.90 10.94 -3.60
C GLY A 57 6.85 9.83 -3.59
N LEU A 58 7.14 8.71 -2.92
CA LEU A 58 6.47 7.39 -3.01
C LEU A 58 6.59 6.70 -4.40
N GLN A 59 7.34 7.29 -5.33
CA GLN A 59 7.55 6.75 -6.70
C GLN A 59 8.71 5.75 -6.79
N ASN A 60 9.68 5.87 -5.88
CA ASN A 60 11.00 5.22 -6.00
C ASN A 60 11.35 4.30 -4.81
N ILE A 61 10.43 4.13 -3.86
CA ILE A 61 10.61 3.18 -2.74
C ILE A 61 10.40 1.74 -3.20
N THR A 62 11.00 0.80 -2.47
CA THR A 62 10.89 -0.65 -2.71
C THR A 62 10.75 -1.37 -1.39
N ALA A 63 9.93 -2.42 -1.30
CA ALA A 63 9.71 -3.17 -0.06
C ALA A 63 11.00 -3.81 0.47
N ILE A 64 11.96 -4.10 -0.42
CA ILE A 64 13.31 -4.60 -0.09
C ILE A 64 14.08 -3.52 0.70
N THR A 65 14.09 -2.30 0.17
CA THR A 65 14.85 -1.17 0.74
C THR A 65 14.13 -0.62 1.95
N LEU A 66 12.80 -0.49 1.90
CA LEU A 66 11.94 -0.08 3.02
C LEU A 66 12.02 -1.08 4.19
N SER A 67 12.11 -2.38 3.91
CA SER A 67 12.40 -3.44 4.88
C SER A 67 13.72 -3.21 5.63
N LYS A 68 14.67 -2.54 4.97
CA LYS A 68 16.02 -2.31 5.48
C LYS A 68 16.23 -0.90 6.06
N LYS A 69 15.50 0.12 5.58
CA LYS A 69 15.51 1.50 6.10
C LYS A 69 15.01 1.56 7.55
N LEU A 70 14.05 0.68 7.88
CA LEU A 70 13.38 0.62 9.18
C LEU A 70 13.65 -0.68 9.97
N ASN A 71 14.53 -1.56 9.47
CA ASN A 71 14.90 -2.85 10.07
C ASN A 71 13.69 -3.75 10.40
N ILE A 72 12.88 -4.04 9.38
CA ILE A 72 11.57 -4.73 9.46
C ILE A 72 11.54 -5.96 8.53
N THR A 73 10.36 -6.53 8.27
CA THR A 73 10.13 -7.56 7.26
C THR A 73 9.66 -6.95 5.93
N VAL A 74 9.89 -7.65 4.82
CA VAL A 74 9.35 -7.27 3.50
C VAL A 74 7.82 -7.33 3.49
N GLU A 75 7.20 -8.13 4.36
CA GLU A 75 5.76 -8.38 4.40
C GLU A 75 5.03 -7.24 5.11
N LYS A 76 5.67 -6.56 6.07
CA LYS A 76 5.12 -5.37 6.71
C LYS A 76 5.51 -4.09 5.98
N ALA A 77 6.71 -4.06 5.38
CA ALA A 77 7.18 -2.97 4.52
C ALA A 77 6.30 -2.82 3.28
N LYS A 78 5.97 -3.91 2.57
CA LYS A 78 5.20 -3.86 1.33
C LYS A 78 3.76 -3.44 1.56
N ASN A 79 3.23 -3.67 2.77
CA ASN A 79 1.86 -3.28 3.07
C ASN A 79 1.69 -1.75 2.92
N TYR A 80 2.68 -0.96 3.35
CA TYR A 80 2.66 0.50 3.27
C TYR A 80 2.59 1.00 1.82
N ILE A 81 3.29 0.33 0.91
CA ILE A 81 3.37 0.67 -0.53
C ILE A 81 2.06 0.31 -1.28
N LYS A 82 1.21 -0.55 -0.69
CA LYS A 82 -0.04 -1.04 -1.27
C LYS A 82 -1.24 -0.33 -0.64
N ASN A 83 -1.14 0.00 0.65
CA ASN A 83 -2.11 0.74 1.44
C ASN A 83 -2.05 2.23 1.09
N SER A 84 -0.83 2.78 0.94
CA SER A 84 -0.63 4.14 0.42
C SER A 84 0.26 4.18 -0.83
N ASN A 85 -0.20 4.84 -1.89
CA ASN A 85 0.54 4.97 -3.15
C ASN A 85 0.26 6.27 -3.92
N ARG A 86 -0.99 6.55 -4.31
CA ARG A 86 -1.39 7.79 -5.01
C ARG A 86 -1.68 8.97 -4.07
N LEU A 87 -1.91 8.70 -2.77
CA LEU A 87 -2.17 9.73 -1.75
C LEU A 87 -0.88 10.45 -1.32
N GLY A 88 0.22 9.72 -1.08
CA GLY A 88 1.50 10.31 -0.70
C GLY A 88 2.28 10.78 -1.93
N ARG A 89 2.48 12.09 -2.10
CA ARG A 89 3.06 12.73 -3.29
C ARG A 89 4.01 13.89 -2.95
N THR A 90 4.66 14.43 -3.99
CA THR A 90 5.73 15.43 -3.91
C THR A 90 5.44 16.76 -4.64
N ASN A 91 4.30 16.83 -5.36
CA ASN A 91 4.02 17.92 -6.31
C ASN A 91 3.37 19.17 -5.68
N ASN A 92 3.49 20.30 -6.38
CA ASN A 92 2.94 21.61 -6.03
C ASN A 92 2.22 22.25 -7.26
N LEU A 93 1.67 23.46 -7.11
CA LEU A 93 0.91 24.20 -8.13
C LEU A 93 -0.33 23.44 -8.66
N LYS A 94 -0.95 22.64 -7.78
CA LYS A 94 -2.14 21.79 -8.05
C LYS A 94 -3.35 22.12 -7.17
N THR A 95 -3.26 23.17 -6.36
CA THR A 95 -4.38 23.73 -5.58
C THR A 95 -4.24 25.26 -5.47
N ILE A 96 -5.24 25.97 -5.99
CA ILE A 96 -5.32 27.43 -6.05
C ILE A 96 -6.74 27.97 -5.78
N GLY A 97 -7.70 27.12 -5.42
CA GLY A 97 -9.13 27.46 -5.35
C GLY A 97 -9.80 27.74 -6.71
N ILE A 98 -9.08 27.51 -7.82
CA ILE A 98 -9.53 27.65 -9.21
C ILE A 98 -10.11 29.06 -9.49
N LEU A 99 -9.61 30.08 -8.77
CA LEU A 99 -10.08 31.47 -8.79
C LEU A 99 -11.60 31.65 -8.51
N GLN A 100 -12.21 30.67 -7.82
CA GLN A 100 -13.65 30.61 -7.50
C GLN A 100 -13.93 30.90 -6.02
N GLU A 101 -13.42 32.04 -5.53
CA GLU A 101 -13.67 32.56 -4.18
C GLU A 101 -15.05 33.28 -4.10
N GLU A 102 -15.72 33.20 -2.93
CA GLU A 102 -16.97 33.89 -2.64
C GLU A 102 -17.04 34.31 -1.16
N VAL A 103 -17.57 35.51 -0.94
CA VAL A 103 -17.76 36.15 0.38
C VAL A 103 -19.12 36.85 0.45
N SER A 104 -19.86 36.68 1.54
CA SER A 104 -21.16 37.33 1.75
C SER A 104 -21.55 37.50 3.21
N SER A 105 -21.33 36.49 4.06
CA SER A 105 -21.75 36.54 5.48
C SER A 105 -20.86 35.68 6.40
N MET A 106 -20.19 36.36 7.33
CA MET A 106 -19.38 35.77 8.42
C MET A 106 -18.29 34.81 7.91
N GLU A 107 -17.64 35.19 6.80
CA GLU A 107 -16.85 34.30 5.95
C GLU A 107 -15.39 34.08 6.42
N ALA A 108 -14.99 34.63 7.57
CA ALA A 108 -13.63 34.61 8.11
C ALA A 108 -13.58 34.23 9.61
N LYS A 109 -12.41 33.70 10.04
CA LYS A 109 -12.13 33.20 11.41
C LYS A 109 -10.86 33.81 12.03
N SER A 110 -10.43 34.98 11.57
CA SER A 110 -9.21 35.67 12.02
C SER A 110 -9.49 37.10 12.49
N MET A 111 -8.90 37.48 13.64
CA MET A 111 -8.98 38.81 14.27
C MET A 111 -7.65 39.16 14.98
N THR A 112 -7.50 40.42 15.40
CA THR A 112 -6.34 40.94 16.13
C THR A 112 -6.74 41.79 17.34
N TRP A 113 -5.79 41.99 18.25
CA TRP A 113 -5.92 42.70 19.53
C TRP A 113 -5.27 44.09 19.47
N GLY A 1 -11.19 -60.96 -4.85
CA GLY A 1 -12.06 -61.38 -5.98
C GLY A 1 -11.21 -61.76 -7.19
N SER A 2 -11.58 -61.24 -8.37
CA SER A 2 -10.89 -61.48 -9.65
C SER A 2 -10.82 -60.21 -10.52
N HIS A 3 -9.86 -60.18 -11.46
CA HIS A 3 -9.61 -59.06 -12.39
C HIS A 3 -9.02 -59.57 -13.72
N MET A 4 -9.17 -58.79 -14.80
CA MET A 4 -8.66 -59.12 -16.14
C MET A 4 -8.20 -57.86 -16.89
N ALA A 5 -7.03 -57.94 -17.52
CA ALA A 5 -6.36 -56.84 -18.25
C ALA A 5 -6.23 -55.54 -17.42
N SER A 6 -6.09 -54.39 -18.09
CA SER A 6 -6.09 -53.06 -17.46
C SER A 6 -6.60 -51.98 -18.42
N MET A 7 -7.20 -50.92 -17.89
CA MET A 7 -7.63 -49.73 -18.63
C MET A 7 -7.63 -48.49 -17.72
N ASP A 8 -6.99 -47.41 -18.18
CA ASP A 8 -6.94 -46.11 -17.51
C ASP A 8 -7.37 -44.98 -18.47
N PRO A 9 -8.64 -44.52 -18.42
CA PRO A 9 -9.17 -43.45 -19.26
C PRO A 9 -8.87 -42.03 -18.74
N LEU A 10 -8.07 -41.91 -17.67
CA LEU A 10 -7.80 -40.66 -16.94
C LEU A 10 -6.34 -40.20 -17.02
N ASP A 11 -5.63 -40.52 -18.10
CA ASP A 11 -4.28 -39.98 -18.39
C ASP A 11 -4.28 -38.78 -19.38
N LYS A 12 -5.47 -38.40 -19.86
CA LYS A 12 -5.68 -37.42 -20.94
C LYS A 12 -6.15 -36.04 -20.46
N ILE A 13 -6.98 -35.99 -19.41
CA ILE A 13 -7.64 -34.78 -18.87
C ILE A 13 -7.77 -34.78 -17.33
N ILE A 14 -8.14 -35.91 -16.73
CA ILE A 14 -8.38 -36.09 -15.26
C ILE A 14 -9.07 -34.91 -14.53
N ASN A 15 -10.00 -34.21 -15.20
CA ASN A 15 -10.73 -33.03 -14.68
C ASN A 15 -9.82 -31.86 -14.22
N ASP A 16 -8.62 -31.73 -14.80
CA ASP A 16 -7.55 -30.87 -14.26
C ASP A 16 -7.65 -29.37 -14.56
N ILE A 17 -8.78 -28.93 -15.11
CA ILE A 17 -9.05 -27.56 -15.57
C ILE A 17 -10.49 -27.09 -15.28
N LYS A 18 -11.18 -27.76 -14.35
CA LYS A 18 -12.59 -27.49 -14.03
C LYS A 18 -12.90 -27.31 -12.54
N LYS A 19 -12.14 -27.97 -11.65
CA LYS A 19 -12.24 -27.85 -10.19
C LYS A 19 -10.85 -27.70 -9.56
N GLU A 20 -10.48 -26.48 -9.17
CA GLU A 20 -9.19 -26.15 -8.54
C GLU A 20 -9.29 -24.96 -7.53
N ALA A 21 -10.47 -24.75 -6.95
CA ALA A 21 -10.74 -23.64 -6.03
C ALA A 21 -10.41 -24.02 -4.58
N ASN A 22 -9.19 -23.71 -4.14
CA ASN A 22 -8.75 -23.97 -2.78
C ASN A 22 -7.62 -23.00 -2.36
N ASP A 23 -7.77 -22.37 -1.19
CA ASP A 23 -6.79 -21.45 -0.60
C ASP A 23 -6.63 -21.70 0.92
N SER A 24 -5.38 -21.79 1.38
CA SER A 24 -5.01 -22.05 2.79
C SER A 24 -4.13 -20.94 3.39
N GLY A 25 -4.26 -19.71 2.89
CA GLY A 25 -3.54 -18.53 3.36
C GLY A 25 -2.19 -18.34 2.67
N VAL A 26 -2.23 -18.24 1.34
CA VAL A 26 -1.07 -18.13 0.43
C VAL A 26 -1.02 -16.79 -0.34
N THR A 27 -1.88 -15.85 0.05
CA THR A 27 -2.07 -14.53 -0.60
C THR A 27 -1.12 -13.45 -0.10
N LEU A 28 -1.08 -12.33 -0.83
CA LEU A 28 -0.19 -11.18 -0.66
C LEU A 28 -0.76 -10.14 0.34
N ALA A 29 -1.36 -10.63 1.42
CA ALA A 29 -2.31 -9.87 2.25
C ALA A 29 -2.32 -10.34 3.73
N PRO A 30 -2.71 -9.46 4.68
CA PRO A 30 -2.72 -9.80 6.12
C PRO A 30 -3.86 -10.75 6.51
N LEU A 31 -4.97 -10.74 5.78
CA LEU A 31 -6.12 -11.66 5.94
C LEU A 31 -6.81 -11.87 4.57
N SER A 32 -8.04 -12.38 4.58
CA SER A 32 -8.92 -12.62 3.42
C SER A 32 -9.53 -11.34 2.82
N VAL A 33 -8.71 -10.30 2.68
CA VAL A 33 -9.10 -8.92 2.36
C VAL A 33 -7.98 -8.21 1.59
N PRO A 34 -8.27 -7.35 0.59
CA PRO A 34 -7.26 -6.56 -0.10
C PRO A 34 -6.81 -5.35 0.75
N LYS A 35 -6.04 -5.65 1.80
CA LYS A 35 -5.30 -4.72 2.69
C LYS A 35 -6.02 -3.40 3.01
N PRO A 36 -6.87 -3.33 4.06
CA PRO A 36 -7.47 -2.08 4.50
C PRO A 36 -6.40 -1.07 4.95
N LYS A 37 -6.73 0.23 4.92
CA LYS A 37 -5.76 1.30 5.20
C LYS A 37 -5.21 1.22 6.63
N LEU A 38 -3.88 1.08 6.75
CA LEU A 38 -3.15 0.85 8.01
C LEU A 38 -1.77 1.53 7.99
N GLU A 39 -1.37 2.14 9.11
CA GLU A 39 -0.12 2.88 9.30
C GLU A 39 0.41 2.71 10.74
N GLU A 40 0.77 1.48 11.09
CA GLU A 40 1.22 1.09 12.44
C GLU A 40 2.76 1.09 12.54
N LEU A 41 3.33 2.22 12.99
CA LEU A 41 4.76 2.46 13.16
C LEU A 41 5.07 3.07 14.54
N SER A 42 6.31 2.91 15.02
CA SER A 42 6.82 3.64 16.20
C SER A 42 7.00 5.12 15.89
N GLU A 43 7.13 5.99 16.89
CA GLU A 43 7.29 7.45 16.73
C GLU A 43 8.47 7.81 15.80
N GLN A 44 9.61 7.14 15.95
CA GLN A 44 10.77 7.35 15.07
C GLN A 44 10.60 6.63 13.71
N GLN A 45 9.95 5.46 13.69
CA GLN A 45 9.72 4.71 12.45
C GLN A 45 8.74 5.43 11.51
N LYS A 46 7.72 6.10 12.06
CA LYS A 46 6.79 6.95 11.29
C LYS A 46 7.56 8.08 10.59
N ILE A 47 8.55 8.69 11.26
CA ILE A 47 9.39 9.74 10.69
C ILE A 47 10.37 9.18 9.65
N ILE A 48 10.99 8.00 9.86
CA ILE A 48 11.90 7.40 8.87
C ILE A 48 11.14 7.03 7.59
N LEU A 49 9.93 6.46 7.76
CA LEU A 49 9.01 6.16 6.67
C LEU A 49 8.71 7.43 5.87
N ALA A 50 8.29 8.49 6.56
CA ALA A 50 7.94 9.76 5.95
C ALA A 50 9.12 10.46 5.28
N GLU A 51 10.26 10.61 5.97
CA GLU A 51 11.45 11.29 5.45
C GLU A 51 12.07 10.59 4.22
N TYR A 52 11.81 9.30 4.01
CA TYR A 52 12.21 8.57 2.81
C TYR A 52 11.38 9.02 1.58
N ILE A 53 10.06 8.84 1.64
CA ILE A 53 9.10 9.20 0.59
C ILE A 53 9.06 10.72 0.34
N ALA A 54 9.29 11.54 1.38
CA ALA A 54 9.37 12.99 1.26
C ALA A 54 10.65 13.47 0.53
N GLU A 55 11.70 12.64 0.48
CA GLU A 55 12.96 12.94 -0.21
C GLU A 55 12.98 12.37 -1.65
N VAL A 56 12.37 11.20 -1.91
CA VAL A 56 12.46 10.54 -3.23
C VAL A 56 11.12 10.42 -3.97
N GLY A 57 9.98 10.53 -3.25
CA GLY A 57 8.65 10.25 -3.79
C GLY A 57 8.34 8.75 -3.80
N LEU A 58 7.11 8.37 -3.47
CA LEU A 58 6.76 6.95 -3.22
C LEU A 58 6.93 6.03 -4.45
N GLN A 59 6.96 6.65 -5.62
CA GLN A 59 7.21 6.02 -6.93
C GLN A 59 8.65 5.46 -7.06
N ASN A 60 9.59 5.89 -6.21
CA ASN A 60 11.01 5.53 -6.30
C ASN A 60 11.53 4.64 -5.15
N ILE A 61 10.69 4.37 -4.14
CA ILE A 61 11.00 3.42 -3.07
C ILE A 61 10.78 1.96 -3.49
N THR A 62 11.36 1.04 -2.73
CA THR A 62 11.15 -0.41 -2.84
C THR A 62 10.84 -1.01 -1.47
N ALA A 63 10.01 -2.05 -1.39
CA ALA A 63 9.73 -2.77 -0.16
C ALA A 63 10.99 -3.46 0.40
N ILE A 64 11.95 -3.79 -0.47
CA ILE A 64 13.27 -4.32 -0.12
C ILE A 64 14.08 -3.27 0.65
N THR A 65 14.09 -2.03 0.14
CA THR A 65 14.80 -0.92 0.75
C THR A 65 14.06 -0.44 1.99
N LEU A 66 12.73 -0.31 1.94
CA LEU A 66 11.89 0.06 3.08
C LEU A 66 11.97 -0.98 4.21
N SER A 67 12.10 -2.27 3.88
CA SER A 67 12.43 -3.35 4.82
C SER A 67 13.70 -3.07 5.63
N LYS A 68 14.65 -2.39 5.00
CA LYS A 68 15.98 -2.09 5.54
C LYS A 68 16.14 -0.68 6.10
N LYS A 69 15.31 0.29 5.68
CA LYS A 69 15.28 1.66 6.22
C LYS A 69 14.81 1.66 7.68
N LEU A 70 13.84 0.79 8.00
CA LEU A 70 13.16 0.72 9.30
C LEU A 70 13.47 -0.54 10.12
N ASN A 71 14.32 -1.43 9.60
CA ASN A 71 14.62 -2.77 10.16
C ASN A 71 13.35 -3.63 10.36
N ILE A 72 12.49 -3.65 9.33
CA ILE A 72 11.21 -4.41 9.30
C ILE A 72 11.33 -5.66 8.43
N THR A 73 10.19 -6.29 8.09
CA THR A 73 10.11 -7.33 7.04
C THR A 73 9.69 -6.71 5.70
N VAL A 74 9.93 -7.42 4.59
CA VAL A 74 9.41 -7.02 3.27
C VAL A 74 7.87 -7.02 3.27
N GLU A 75 7.21 -7.85 4.09
CA GLU A 75 5.76 -7.98 4.11
C GLU A 75 5.12 -6.80 4.84
N LYS A 76 5.72 -6.34 5.95
CA LYS A 76 5.25 -5.17 6.68
C LYS A 76 5.90 -3.86 6.24
N ALA A 77 6.67 -3.91 5.15
CA ALA A 77 7.05 -2.77 4.32
C ALA A 77 6.11 -2.62 3.11
N LYS A 78 5.79 -3.73 2.43
CA LYS A 78 5.02 -3.76 1.20
C LYS A 78 3.55 -3.52 1.46
N ASN A 79 3.05 -3.89 2.63
CA ASN A 79 1.66 -3.62 2.99
C ASN A 79 1.32 -2.12 2.88
N TYR A 80 2.19 -1.21 3.34
CA TYR A 80 2.05 0.25 3.22
C TYR A 80 1.94 0.72 1.77
N ILE A 81 2.79 0.16 0.90
CA ILE A 81 2.85 0.46 -0.54
C ILE A 81 1.58 -0.07 -1.24
N LYS A 82 0.92 -1.09 -0.67
CA LYS A 82 -0.31 -1.70 -1.23
C LYS A 82 -1.64 -1.13 -0.70
N ASN A 83 -1.69 -0.55 0.51
CA ASN A 83 -2.92 0.08 1.04
C ASN A 83 -2.89 1.61 0.96
N SER A 84 -1.72 2.20 1.23
CA SER A 84 -1.60 3.64 1.47
C SER A 84 -0.99 4.35 0.28
N ASN A 85 0.25 4.02 -0.07
CA ASN A 85 1.04 4.62 -1.17
C ASN A 85 0.98 6.16 -1.29
N ARG A 86 0.82 6.89 -0.16
CA ARG A 86 0.56 8.35 -0.12
C ARG A 86 -0.67 8.77 -0.96
N LEU A 87 -1.46 7.77 -1.35
CA LEU A 87 -2.52 7.75 -2.35
C LEU A 87 -2.13 8.46 -3.66
N GLY A 88 -0.85 8.40 -4.09
CA GLY A 88 -0.44 8.99 -5.36
C GLY A 88 -0.91 8.17 -6.56
N ARG A 89 -1.80 8.73 -7.37
CA ARG A 89 -2.46 8.07 -8.52
C ARG A 89 -2.49 8.96 -9.77
N THR A 90 -2.73 8.35 -10.93
CA THR A 90 -2.68 8.98 -12.26
C THR A 90 -3.94 9.77 -12.65
N ASN A 91 -5.06 9.55 -11.96
CA ASN A 91 -6.35 10.14 -12.36
C ASN A 91 -6.44 11.65 -12.07
N ASN A 92 -6.83 12.42 -13.09
CA ASN A 92 -7.11 13.87 -13.03
C ASN A 92 -8.16 14.23 -14.10
N LEU A 93 -9.31 14.78 -13.68
CA LEU A 93 -10.44 15.16 -14.53
C LEU A 93 -11.28 16.25 -13.85
N LYS A 94 -12.25 16.81 -14.58
CA LYS A 94 -13.10 17.95 -14.19
C LYS A 94 -14.61 17.64 -14.18
N THR A 95 -14.95 16.35 -14.23
CA THR A 95 -16.31 15.82 -14.11
C THR A 95 -16.27 14.40 -13.56
N ILE A 96 -17.08 14.16 -12.52
CA ILE A 96 -17.09 12.93 -11.72
C ILE A 96 -18.50 12.55 -11.20
N GLY A 97 -19.56 13.20 -11.69
CA GLY A 97 -20.93 13.09 -11.14
C GLY A 97 -21.20 13.95 -9.91
N ILE A 98 -20.16 14.61 -9.37
CA ILE A 98 -20.13 15.30 -8.07
C ILE A 98 -20.54 14.32 -6.95
N LEU A 99 -19.53 13.58 -6.46
CA LEU A 99 -19.68 12.42 -5.57
C LEU A 99 -20.30 12.80 -4.21
N GLN A 100 -21.62 12.69 -4.14
CA GLN A 100 -22.46 13.10 -3.00
C GLN A 100 -23.05 11.93 -2.18
N GLU A 101 -22.72 10.68 -2.52
CA GLU A 101 -23.32 9.46 -1.97
C GLU A 101 -22.63 8.99 -0.66
N GLU A 102 -23.42 8.44 0.28
CA GLU A 102 -22.96 8.04 1.62
C GLU A 102 -22.84 6.51 1.77
N VAL A 103 -21.62 6.00 1.61
CA VAL A 103 -21.29 4.58 1.50
C VAL A 103 -20.07 4.16 2.37
N SER A 104 -19.89 4.84 3.50
CA SER A 104 -18.62 4.84 4.25
C SER A 104 -18.80 4.57 5.75
N SER A 105 -19.52 5.43 6.48
CA SER A 105 -19.86 5.24 7.91
C SER A 105 -21.02 4.25 8.11
N MET A 106 -21.87 4.09 7.10
CA MET A 106 -22.91 3.06 6.97
C MET A 106 -22.85 2.46 5.57
N GLU A 107 -23.05 1.15 5.45
CA GLU A 107 -23.02 0.42 4.17
C GLU A 107 -24.02 -0.77 4.14
N ALA A 108 -25.09 -0.71 4.94
CA ALA A 108 -26.04 -1.83 5.09
C ALA A 108 -26.81 -2.11 3.80
N LYS A 109 -26.79 -3.38 3.37
CA LYS A 109 -27.41 -3.91 2.14
C LYS A 109 -28.09 -5.27 2.39
N SER A 110 -29.19 -5.53 1.70
CA SER A 110 -30.02 -6.74 1.82
C SER A 110 -30.49 -7.28 0.46
N MET A 111 -30.91 -8.55 0.43
CA MET A 111 -31.44 -9.25 -0.75
C MET A 111 -32.97 -9.38 -0.72
N THR A 112 -33.57 -9.62 -1.90
CA THR A 112 -35.01 -9.79 -2.09
C THR A 112 -35.33 -10.77 -3.23
N TRP A 113 -36.52 -11.37 -3.15
CA TRP A 113 -37.05 -12.39 -4.07
C TRP A 113 -38.45 -12.04 -4.57
N GLY A 1 -48.50 5.99 8.01
CA GLY A 1 -47.67 6.31 9.19
C GLY A 1 -46.21 5.94 8.96
N SER A 2 -45.50 5.56 10.03
CA SER A 2 -44.08 5.20 10.03
C SER A 2 -43.85 3.74 10.46
N HIS A 3 -42.70 3.16 10.07
CA HIS A 3 -42.30 1.78 10.40
C HIS A 3 -40.79 1.69 10.67
N MET A 4 -40.36 0.70 11.47
CA MET A 4 -38.97 0.48 11.87
C MET A 4 -38.64 -1.03 11.95
N ALA A 5 -38.00 -1.55 10.91
CA ALA A 5 -37.46 -2.90 10.84
C ALA A 5 -36.31 -3.02 9.82
N SER A 6 -35.53 -4.10 9.93
CA SER A 6 -34.34 -4.36 9.11
C SER A 6 -34.18 -5.87 8.81
N MET A 7 -34.18 -6.23 7.52
CA MET A 7 -34.20 -7.63 7.06
C MET A 7 -33.53 -7.84 5.67
N ASP A 8 -32.79 -6.84 5.18
CA ASP A 8 -32.27 -6.78 3.80
C ASP A 8 -30.78 -6.39 3.74
N PRO A 9 -29.85 -7.33 4.01
CA PRO A 9 -28.40 -7.07 4.04
C PRO A 9 -27.71 -7.04 2.66
N LEU A 10 -28.46 -7.32 1.59
CA LEU A 10 -27.97 -7.44 0.21
C LEU A 10 -28.50 -6.30 -0.69
N ASP A 11 -28.47 -5.06 -0.19
CA ASP A 11 -28.89 -3.85 -0.92
C ASP A 11 -27.75 -2.83 -1.16
N LYS A 12 -26.53 -3.16 -0.74
CA LYS A 12 -25.39 -2.22 -0.66
C LYS A 12 -24.22 -2.61 -1.57
N ILE A 13 -23.74 -3.86 -1.38
CA ILE A 13 -22.56 -4.44 -2.05
C ILE A 13 -22.84 -5.82 -2.65
N ILE A 14 -24.12 -6.21 -2.77
CA ILE A 14 -24.58 -7.49 -3.34
C ILE A 14 -23.82 -7.85 -4.64
N ASN A 15 -23.20 -9.04 -4.65
CA ASN A 15 -22.43 -9.57 -5.80
C ASN A 15 -22.50 -11.10 -5.93
N ASP A 16 -23.38 -11.76 -5.17
CA ASP A 16 -23.38 -13.22 -5.01
C ASP A 16 -24.05 -14.01 -6.15
N ILE A 17 -24.45 -13.30 -7.20
CA ILE A 17 -25.22 -13.79 -8.35
C ILE A 17 -24.86 -13.11 -9.68
N LYS A 18 -23.64 -12.56 -9.78
CA LYS A 18 -23.12 -11.90 -10.98
C LYS A 18 -21.79 -12.48 -11.49
N LYS A 19 -20.82 -12.72 -10.59
CA LYS A 19 -19.47 -13.19 -10.91
C LYS A 19 -18.80 -13.85 -9.70
N GLU A 20 -18.08 -14.95 -9.92
CA GLU A 20 -17.38 -15.72 -8.88
C GLU A 20 -16.18 -16.50 -9.48
N ALA A 21 -15.13 -16.73 -8.68
CA ALA A 21 -14.00 -17.60 -9.02
C ALA A 21 -13.50 -18.41 -7.80
N ASN A 22 -12.81 -19.52 -8.06
CA ASN A 22 -12.38 -20.51 -7.06
C ASN A 22 -10.87 -20.39 -6.75
N ASP A 23 -10.44 -19.24 -6.23
CA ASP A 23 -9.06 -18.96 -5.83
C ASP A 23 -8.92 -18.87 -4.29
N SER A 24 -8.29 -19.89 -3.70
CA SER A 24 -8.07 -20.03 -2.26
C SER A 24 -6.64 -20.54 -1.98
N GLY A 25 -5.76 -19.64 -1.54
CA GLY A 25 -4.38 -19.93 -1.11
C GLY A 25 -3.33 -18.91 -1.59
N VAL A 26 -3.60 -18.23 -2.70
CA VAL A 26 -2.81 -17.10 -3.22
C VAL A 26 -3.73 -16.03 -3.81
N THR A 27 -3.65 -14.80 -3.27
CA THR A 27 -4.47 -13.66 -3.71
C THR A 27 -3.87 -12.30 -3.31
N LEU A 28 -4.33 -11.24 -3.98
CA LEU A 28 -3.85 -9.86 -3.83
C LEU A 28 -4.52 -9.04 -2.70
N ALA A 29 -4.97 -9.73 -1.65
CA ALA A 29 -5.70 -9.18 -0.51
C ALA A 29 -5.30 -9.89 0.80
N PRO A 30 -4.87 -9.16 1.86
CA PRO A 30 -4.35 -9.79 3.08
C PRO A 30 -5.45 -10.27 4.04
N LEU A 31 -6.58 -9.57 4.12
CA LEU A 31 -7.73 -9.88 5.00
C LEU A 31 -9.02 -9.33 4.38
N SER A 32 -9.36 -9.83 3.18
CA SER A 32 -10.35 -9.21 2.27
C SER A 32 -9.98 -7.78 1.85
N VAL A 33 -10.85 -7.14 1.06
CA VAL A 33 -10.74 -5.77 0.49
C VAL A 33 -9.55 -5.62 -0.50
N PRO A 34 -9.64 -4.75 -1.52
CA PRO A 34 -8.50 -4.39 -2.39
C PRO A 34 -7.45 -3.54 -1.64
N LYS A 35 -6.78 -4.18 -0.67
CA LYS A 35 -5.87 -3.64 0.37
C LYS A 35 -6.44 -2.44 1.17
N PRO A 36 -6.90 -2.63 2.41
CA PRO A 36 -7.34 -1.54 3.27
C PRO A 36 -6.16 -0.67 3.74
N LYS A 37 -6.44 0.59 4.11
CA LYS A 37 -5.45 1.54 4.65
C LYS A 37 -4.94 1.12 6.03
N LEU A 38 -3.66 1.38 6.31
CA LEU A 38 -2.97 0.98 7.53
C LEU A 38 -1.84 1.96 7.86
N GLU A 39 -1.79 2.42 9.12
CA GLU A 39 -0.78 3.34 9.65
C GLU A 39 -0.33 2.90 11.06
N GLU A 40 0.62 1.96 11.12
CA GLU A 40 1.15 1.39 12.36
C GLU A 40 2.69 1.35 12.34
N LEU A 41 3.31 2.41 12.87
CA LEU A 41 4.75 2.62 13.00
C LEU A 41 5.09 3.12 14.42
N SER A 42 6.33 2.89 14.89
CA SER A 42 6.86 3.54 16.10
C SER A 42 7.09 5.05 15.85
N GLU A 43 7.27 5.88 16.88
CA GLU A 43 7.43 7.34 16.72
C GLU A 43 8.63 7.72 15.83
N GLN A 44 9.77 7.04 15.98
CA GLN A 44 10.92 7.22 15.10
C GLN A 44 10.73 6.57 13.74
N GLN A 45 10.06 5.41 13.67
CA GLN A 45 9.79 4.71 12.42
C GLN A 45 8.84 5.51 11.53
N LYS A 46 7.84 6.18 12.10
CA LYS A 46 6.92 7.07 11.38
C LYS A 46 7.69 8.21 10.69
N ILE A 47 8.69 8.78 11.37
CA ILE A 47 9.53 9.85 10.82
C ILE A 47 10.47 9.32 9.73
N ILE A 48 11.11 8.14 9.92
CA ILE A 48 11.98 7.56 8.88
C ILE A 48 11.17 7.22 7.62
N LEU A 49 9.98 6.65 7.81
CA LEU A 49 9.03 6.32 6.75
C LEU A 49 8.65 7.59 5.96
N ALA A 50 8.26 8.64 6.69
CA ALA A 50 7.88 9.92 6.12
C ALA A 50 9.03 10.65 5.42
N GLU A 51 10.21 10.73 6.05
CA GLU A 51 11.40 11.40 5.49
C GLU A 51 11.96 10.68 4.27
N TYR A 52 11.74 9.37 4.12
CA TYR A 52 12.16 8.60 2.95
C TYR A 52 11.28 8.96 1.73
N ILE A 53 9.96 8.90 1.87
CA ILE A 53 9.00 9.33 0.85
C ILE A 53 9.14 10.84 0.54
N ALA A 54 9.52 11.66 1.51
CA ALA A 54 9.83 13.08 1.31
C ALA A 54 11.08 13.32 0.42
N GLU A 55 12.00 12.35 0.37
CA GLU A 55 13.23 12.42 -0.42
C GLU A 55 13.06 11.80 -1.83
N VAL A 56 12.21 10.78 -2.02
CA VAL A 56 12.12 10.03 -3.27
C VAL A 56 10.69 9.92 -3.84
N GLY A 57 9.65 10.07 -3.02
CA GLY A 57 8.25 9.84 -3.39
C GLY A 57 7.79 8.39 -3.18
N LEU A 58 6.50 8.21 -2.85
CA LEU A 58 5.88 6.91 -2.54
C LEU A 58 6.03 5.88 -3.69
N GLN A 59 6.17 6.43 -4.89
CA GLN A 59 6.32 5.72 -6.16
C GLN A 59 7.76 5.22 -6.45
N ASN A 60 8.77 5.69 -5.71
CA ASN A 60 10.19 5.32 -5.91
C ASN A 60 10.84 4.60 -4.73
N ILE A 61 10.17 4.58 -3.57
CA ILE A 61 10.50 3.64 -2.49
C ILE A 61 10.25 2.20 -2.93
N THR A 62 10.99 1.24 -2.34
CA THR A 62 10.85 -0.19 -2.61
C THR A 62 10.73 -0.96 -1.31
N ALA A 63 9.93 -2.03 -1.26
CA ALA A 63 9.73 -2.83 -0.05
C ALA A 63 11.03 -3.51 0.42
N ILE A 64 11.98 -3.73 -0.50
CA ILE A 64 13.33 -4.25 -0.22
C ILE A 64 14.18 -3.22 0.53
N THR A 65 14.08 -1.96 0.11
CA THR A 65 14.84 -0.86 0.71
C THR A 65 14.16 -0.42 1.99
N LEU A 66 12.83 -0.32 1.99
CA LEU A 66 12.00 0.01 3.13
C LEU A 66 12.07 -1.05 4.24
N SER A 67 12.17 -2.34 3.90
CA SER A 67 12.44 -3.42 4.88
C SER A 67 13.75 -3.20 5.64
N LYS A 68 14.69 -2.49 5.03
CA LYS A 68 16.01 -2.19 5.59
C LYS A 68 16.13 -0.80 6.20
N LYS A 69 15.40 0.21 5.70
CA LYS A 69 15.37 1.59 6.23
C LYS A 69 14.84 1.65 7.66
N LEU A 70 13.88 0.78 8.00
CA LEU A 70 13.22 0.73 9.31
C LEU A 70 13.43 -0.60 10.06
N ASN A 71 14.31 -1.48 9.56
CA ASN A 71 14.68 -2.76 10.17
C ASN A 71 13.44 -3.65 10.43
N ILE A 72 12.75 -4.01 9.34
CA ILE A 72 11.44 -4.69 9.32
C ILE A 72 11.41 -5.82 8.29
N THR A 73 10.31 -6.58 8.21
CA THR A 73 10.10 -7.57 7.14
C THR A 73 9.73 -6.89 5.83
N VAL A 74 9.90 -7.59 4.70
CA VAL A 74 9.38 -7.13 3.39
C VAL A 74 7.84 -7.13 3.37
N GLU A 75 7.19 -7.97 4.18
CA GLU A 75 5.74 -8.12 4.23
C GLU A 75 5.08 -6.97 5.00
N LYS A 76 5.79 -6.40 5.98
CA LYS A 76 5.42 -5.18 6.71
C LYS A 76 6.21 -3.95 6.25
N ALA A 77 6.82 -4.03 5.07
CA ALA A 77 7.22 -2.89 4.25
C ALA A 77 6.26 -2.69 3.06
N LYS A 78 5.88 -3.77 2.36
CA LYS A 78 5.04 -3.71 1.15
C LYS A 78 3.58 -3.39 1.47
N ASN A 79 3.15 -3.70 2.69
CA ASN A 79 1.82 -3.33 3.19
C ASN A 79 1.53 -1.82 3.07
N TYR A 80 2.52 -0.97 3.35
CA TYR A 80 2.46 0.48 3.29
C TYR A 80 2.36 0.95 1.84
N ILE A 81 3.20 0.40 0.96
CA ILE A 81 3.23 0.74 -0.46
C ILE A 81 1.91 0.32 -1.13
N LYS A 82 1.38 -0.87 -0.82
CA LYS A 82 0.18 -1.43 -1.45
C LYS A 82 -1.09 -0.68 -1.03
N ASN A 83 -1.17 -0.13 0.18
CA ASN A 83 -2.31 0.68 0.59
C ASN A 83 -2.14 2.16 0.22
N SER A 84 -0.92 2.71 0.37
CA SER A 84 -0.73 4.16 0.36
C SER A 84 -0.51 4.78 -1.02
N ASN A 85 -0.16 3.99 -2.05
CA ASN A 85 0.33 4.51 -3.35
C ASN A 85 -0.67 5.36 -4.18
N ARG A 86 -1.98 5.31 -3.88
CA ARG A 86 -3.01 6.19 -4.48
C ARG A 86 -3.39 7.42 -3.64
N LEU A 87 -2.74 7.60 -2.48
CA LEU A 87 -2.90 8.76 -1.59
C LEU A 87 -1.62 9.59 -1.49
N GLY A 88 -0.51 8.95 -1.10
CA GLY A 88 0.73 9.65 -0.73
C GLY A 88 0.61 10.37 0.62
N ARG A 89 -0.04 11.53 0.65
CA ARG A 89 -0.30 12.37 1.84
C ARG A 89 -1.71 12.98 1.83
N THR A 90 -2.11 13.52 2.99
CA THR A 90 -3.50 13.89 3.34
C THR A 90 -3.74 15.42 3.31
N ASN A 91 -3.55 16.05 2.15
CA ASN A 91 -3.64 17.50 1.95
C ASN A 91 -4.57 17.92 0.77
N ASN A 92 -5.60 17.11 0.47
CA ASN A 92 -6.61 17.38 -0.55
C ASN A 92 -8.03 17.01 -0.06
N LEU A 93 -9.06 17.65 -0.63
CA LEU A 93 -10.49 17.42 -0.33
C LEU A 93 -10.83 17.48 1.18
N LYS A 94 -10.22 18.44 1.90
CA LYS A 94 -10.36 18.65 3.35
C LYS A 94 -11.19 19.88 3.73
N THR A 95 -11.60 20.69 2.74
CA THR A 95 -12.60 21.75 2.88
C THR A 95 -13.31 22.00 1.55
N ILE A 96 -14.64 21.92 1.58
CA ILE A 96 -15.53 22.10 0.43
C ILE A 96 -16.83 22.88 0.77
N GLY A 97 -16.97 23.38 2.01
CA GLY A 97 -18.22 23.95 2.52
C GLY A 97 -19.35 22.93 2.71
N ILE A 98 -19.05 21.63 2.59
CA ILE A 98 -19.97 20.48 2.79
C ILE A 98 -21.22 20.59 1.87
N LEU A 99 -21.06 21.23 0.70
CA LEU A 99 -22.12 21.53 -0.27
C LEU A 99 -23.34 22.29 0.33
N GLN A 100 -23.13 23.03 1.41
CA GLN A 100 -24.14 23.82 2.13
C GLN A 100 -23.87 25.32 1.94
N GLU A 101 -24.52 25.92 0.94
CA GLU A 101 -24.49 27.34 0.60
C GLU A 101 -25.90 27.96 0.64
N GLU A 102 -25.98 29.29 0.71
CA GLU A 102 -27.24 30.05 0.78
C GLU A 102 -27.19 31.26 -0.17
N VAL A 103 -28.16 31.32 -1.08
CA VAL A 103 -28.38 32.40 -2.05
C VAL A 103 -29.86 32.79 -2.09
N SER A 104 -30.15 34.09 -1.93
CA SER A 104 -31.50 34.65 -2.05
C SER A 104 -31.50 36.17 -2.28
N SER A 105 -30.87 36.93 -1.37
CA SER A 105 -30.88 38.42 -1.38
C SER A 105 -29.87 39.02 -2.38
N MET A 106 -28.76 38.33 -2.64
CA MET A 106 -27.68 38.76 -3.53
C MET A 106 -27.24 37.59 -4.42
N GLU A 107 -27.46 37.71 -5.74
CA GLU A 107 -27.32 36.62 -6.72
C GLU A 107 -26.23 36.86 -7.78
N ALA A 108 -25.70 38.09 -7.83
CA ALA A 108 -24.69 38.52 -8.81
C ALA A 108 -23.26 38.22 -8.31
N LYS A 109 -22.48 37.49 -9.12
CA LYS A 109 -21.06 37.18 -8.91
C LYS A 109 -20.29 37.23 -10.24
N SER A 110 -19.11 37.86 -10.24
CA SER A 110 -18.25 38.04 -11.43
C SER A 110 -16.75 37.93 -11.11
N MET A 111 -16.29 38.62 -10.06
CA MET A 111 -14.89 38.68 -9.63
C MET A 111 -14.74 38.43 -8.12
N THR A 112 -13.54 37.99 -7.71
CA THR A 112 -13.12 37.84 -6.31
C THR A 112 -12.22 38.99 -5.85
N TRP A 113 -12.03 39.11 -4.53
CA TRP A 113 -11.38 40.24 -3.86
C TRP A 113 -9.98 39.90 -3.32
N GLY A 1 11.03 -26.24 37.93
CA GLY A 1 12.24 -26.96 37.48
C GLY A 1 12.15 -27.34 36.01
N SER A 2 12.97 -28.31 35.58
CA SER A 2 13.10 -28.74 34.18
C SER A 2 11.94 -29.65 33.73
N HIS A 3 10.85 -29.04 33.25
CA HIS A 3 9.66 -29.71 32.69
C HIS A 3 9.06 -28.89 31.54
N MET A 4 8.65 -29.56 30.44
CA MET A 4 8.23 -28.90 29.20
C MET A 4 7.18 -29.72 28.45
N ALA A 5 5.93 -29.67 28.91
CA ALA A 5 4.76 -30.32 28.29
C ALA A 5 3.45 -29.54 28.53
N SER A 6 2.41 -29.87 27.75
CA SER A 6 1.05 -29.32 27.87
C SER A 6 -0.02 -30.34 27.45
N MET A 7 -1.28 -30.11 27.85
CA MET A 7 -2.47 -30.88 27.46
C MET A 7 -3.66 -29.94 27.23
N ASP A 8 -4.42 -30.19 26.14
CA ASP A 8 -5.64 -29.46 25.78
C ASP A 8 -6.77 -30.40 25.32
N PRO A 9 -8.06 -30.07 25.57
CA PRO A 9 -9.20 -30.93 25.23
C PRO A 9 -9.67 -30.86 23.77
N LEU A 10 -9.10 -29.94 22.99
CA LEU A 10 -9.48 -29.63 21.60
C LEU A 10 -8.30 -29.56 20.62
N ASP A 11 -7.24 -30.35 20.85
CA ASP A 11 -6.05 -30.38 19.99
C ASP A 11 -5.99 -31.59 19.02
N LYS A 12 -6.96 -32.51 19.13
CA LYS A 12 -6.87 -33.90 18.62
C LYS A 12 -8.08 -34.31 17.77
N ILE A 13 -9.26 -34.22 18.37
CA ILE A 13 -10.56 -34.62 17.78
C ILE A 13 -11.44 -33.41 17.40
N ILE A 14 -10.86 -32.19 17.45
CA ILE A 14 -11.56 -30.92 17.23
C ILE A 14 -12.42 -30.90 15.95
N ASN A 15 -13.74 -30.79 16.14
CA ASN A 15 -14.77 -30.58 15.12
C ASN A 15 -16.04 -30.05 15.82
N ASP A 16 -16.63 -28.96 15.31
CA ASP A 16 -17.87 -28.38 15.86
C ASP A 16 -18.69 -27.67 14.77
N ILE A 17 -18.84 -28.41 13.66
CA ILE A 17 -19.34 -28.00 12.36
C ILE A 17 -18.68 -26.71 11.85
N LYS A 18 -17.65 -26.90 11.01
CA LYS A 18 -16.96 -25.84 10.27
C LYS A 18 -16.39 -24.74 11.17
N LYS A 19 -15.84 -25.14 12.33
CA LYS A 19 -15.18 -24.32 13.35
C LYS A 19 -13.65 -24.38 13.28
N GLU A 20 -13.12 -24.97 12.22
CA GLU A 20 -11.70 -25.29 12.03
C GLU A 20 -10.95 -24.16 11.32
N ALA A 21 -9.64 -24.04 11.58
CA ALA A 21 -8.80 -22.90 11.18
C ALA A 21 -8.29 -22.97 9.73
N ASN A 22 -9.19 -23.25 8.79
CA ASN A 22 -8.88 -23.44 7.36
C ASN A 22 -9.90 -22.71 6.47
N ASP A 23 -9.47 -21.61 5.84
CA ASP A 23 -10.25 -20.83 4.86
C ASP A 23 -9.67 -20.96 3.44
N SER A 24 -10.54 -20.95 2.42
CA SER A 24 -10.19 -21.06 1.00
C SER A 24 -10.93 -20.06 0.11
N GLY A 25 -11.04 -18.81 0.56
CA GLY A 25 -11.72 -17.71 -0.14
C GLY A 25 -11.07 -16.34 -0.02
N VAL A 26 -9.73 -16.32 -0.08
CA VAL A 26 -8.90 -15.12 -0.02
C VAL A 26 -8.50 -14.66 -1.43
N THR A 27 -8.45 -13.33 -1.62
CA THR A 27 -8.02 -12.66 -2.86
C THR A 27 -7.03 -11.51 -2.58
N LEU A 28 -6.75 -10.64 -3.56
CA LEU A 28 -5.70 -9.59 -3.53
C LEU A 28 -6.08 -8.34 -2.69
N ALA A 29 -6.91 -8.56 -1.68
CA ALA A 29 -7.69 -7.54 -0.98
C ALA A 29 -8.03 -8.01 0.44
N PRO A 30 -7.81 -7.19 1.50
CA PRO A 30 -7.90 -7.68 2.88
C PRO A 30 -9.34 -7.82 3.40
N LEU A 31 -10.24 -6.88 3.05
CA LEU A 31 -11.62 -6.84 3.54
C LEU A 31 -12.56 -6.12 2.55
N SER A 32 -12.71 -6.66 1.34
CA SER A 32 -13.57 -6.11 0.27
C SER A 32 -13.27 -4.64 -0.10
N VAL A 33 -11.97 -4.34 -0.21
CA VAL A 33 -11.42 -2.99 -0.40
C VAL A 33 -10.05 -3.06 -1.10
N PRO A 34 -9.67 -2.11 -1.99
CA PRO A 34 -8.36 -2.11 -2.65
C PRO A 34 -7.22 -1.62 -1.73
N LYS A 35 -7.02 -2.33 -0.61
CA LYS A 35 -6.07 -2.10 0.51
C LYS A 35 -6.25 -0.73 1.22
N PRO A 36 -6.73 -0.69 2.49
CA PRO A 36 -7.03 0.56 3.18
C PRO A 36 -5.78 1.24 3.75
N LYS A 37 -5.80 2.58 3.82
CA LYS A 37 -4.67 3.39 4.30
C LYS A 37 -4.28 3.07 5.76
N LEU A 38 -2.99 2.83 6.02
CA LEU A 38 -2.45 2.33 7.27
C LEU A 38 -1.04 2.90 7.55
N GLU A 39 -0.75 3.26 8.80
CA GLU A 39 0.52 3.90 9.22
C GLU A 39 0.91 3.58 10.67
N GLU A 40 1.08 2.29 10.96
CA GLU A 40 1.32 1.74 12.30
C GLU A 40 2.82 1.53 12.61
N LEU A 41 3.46 2.60 13.12
CA LEU A 41 4.90 2.69 13.43
C LEU A 41 5.19 3.40 14.77
N SER A 42 6.41 3.21 15.28
CA SER A 42 6.92 3.96 16.46
C SER A 42 7.32 5.38 16.04
N GLU A 43 7.52 6.31 16.98
CA GLU A 43 7.79 7.72 16.65
C GLU A 43 8.99 7.92 15.70
N GLN A 44 10.12 7.24 15.97
CA GLN A 44 11.30 7.27 15.11
C GLN A 44 11.03 6.59 13.76
N GLN A 45 10.35 5.44 13.77
CA GLN A 45 10.01 4.70 12.55
C GLN A 45 9.08 5.52 11.64
N LYS A 46 8.08 6.20 12.21
CA LYS A 46 7.17 7.10 11.49
C LYS A 46 7.95 8.24 10.83
N ILE A 47 8.96 8.82 11.49
CA ILE A 47 9.82 9.85 10.89
C ILE A 47 10.69 9.27 9.77
N ILE A 48 11.27 8.08 9.89
CA ILE A 48 12.08 7.49 8.81
C ILE A 48 11.19 7.20 7.59
N LEU A 49 10.01 6.62 7.82
CA LEU A 49 9.01 6.31 6.80
C LEU A 49 8.59 7.59 6.06
N ALA A 50 8.28 8.65 6.82
CA ALA A 50 7.93 9.96 6.29
C ALA A 50 9.08 10.62 5.53
N GLU A 51 10.28 10.73 6.13
CA GLU A 51 11.44 11.35 5.49
C GLU A 51 11.86 10.64 4.19
N TYR A 52 11.63 9.33 4.08
CA TYR A 52 11.91 8.57 2.86
C TYR A 52 10.97 8.98 1.72
N ILE A 53 9.66 8.88 1.93
CA ILE A 53 8.59 9.20 0.99
C ILE A 53 8.58 10.71 0.66
N ALA A 54 8.93 11.57 1.62
CA ALA A 54 9.03 13.02 1.40
C ALA A 54 10.25 13.40 0.55
N GLU A 55 11.33 12.60 0.60
CA GLU A 55 12.53 12.81 -0.22
C GLU A 55 12.42 12.19 -1.61
N VAL A 56 11.82 10.99 -1.75
CA VAL A 56 11.74 10.26 -3.03
C VAL A 56 10.36 10.30 -3.68
N GLY A 57 9.35 10.84 -2.98
CA GLY A 57 8.07 11.25 -3.56
C GLY A 57 7.08 10.11 -3.76
N LEU A 58 7.11 9.10 -2.87
CA LEU A 58 6.36 7.83 -2.85
C LEU A 58 6.59 6.85 -4.02
N GLN A 59 6.95 7.40 -5.17
CA GLN A 59 7.02 6.73 -6.49
C GLN A 59 8.26 5.84 -6.66
N ASN A 60 9.25 5.95 -5.77
CA ASN A 60 10.58 5.32 -5.91
C ASN A 60 10.97 4.40 -4.75
N ILE A 61 10.10 4.23 -3.75
CA ILE A 61 10.33 3.28 -2.64
C ILE A 61 10.10 1.83 -3.07
N THR A 62 10.73 0.89 -2.37
CA THR A 62 10.61 -0.55 -2.62
C THR A 62 10.50 -1.30 -1.30
N ALA A 63 9.71 -2.37 -1.24
CA ALA A 63 9.52 -3.17 -0.03
C ALA A 63 10.83 -3.80 0.47
N ILE A 64 11.79 -4.03 -0.44
CA ILE A 64 13.14 -4.52 -0.14
C ILE A 64 13.91 -3.44 0.62
N THR A 65 13.93 -2.22 0.10
CA THR A 65 14.69 -1.12 0.68
C THR A 65 14.01 -0.63 1.95
N LEU A 66 12.68 -0.47 1.92
CA LEU A 66 11.85 -0.12 3.07
C LEU A 66 11.93 -1.16 4.20
N SER A 67 12.07 -2.46 3.86
CA SER A 67 12.38 -3.55 4.81
C SER A 67 13.66 -3.28 5.61
N LYS A 68 14.60 -2.56 5.01
CA LYS A 68 15.92 -2.26 5.58
C LYS A 68 16.09 -0.82 6.10
N LYS A 69 15.30 0.15 5.62
CA LYS A 69 15.27 1.53 6.12
C LYS A 69 14.82 1.59 7.59
N LEU A 70 13.90 0.70 7.99
CA LEU A 70 13.29 0.66 9.34
C LEU A 70 13.51 -0.68 10.08
N ASN A 71 14.42 -1.53 9.59
CA ASN A 71 14.74 -2.87 10.12
C ASN A 71 13.50 -3.76 10.38
N ILE A 72 12.65 -3.91 9.36
CA ILE A 72 11.35 -4.60 9.38
C ILE A 72 11.35 -5.82 8.42
N THR A 73 10.20 -6.49 8.28
CA THR A 73 10.00 -7.55 7.26
C THR A 73 9.61 -6.94 5.91
N VAL A 74 9.86 -7.67 4.82
CA VAL A 74 9.37 -7.30 3.48
C VAL A 74 7.84 -7.30 3.44
N GLU A 75 7.16 -8.11 4.26
CA GLU A 75 5.71 -8.23 4.25
C GLU A 75 5.08 -7.00 4.90
N LYS A 76 5.63 -6.54 6.03
CA LYS A 76 5.08 -5.38 6.73
C LYS A 76 5.46 -4.06 6.05
N ALA A 77 6.62 -4.02 5.39
CA ALA A 77 7.05 -2.93 4.50
C ALA A 77 6.15 -2.83 3.25
N LYS A 78 5.87 -3.95 2.57
CA LYS A 78 5.06 -4.00 1.35
C LYS A 78 3.61 -3.65 1.62
N ASN A 79 3.14 -3.94 2.83
CA ASN A 79 1.80 -3.59 3.28
C ASN A 79 1.51 -2.08 3.14
N TYR A 80 2.50 -1.21 3.37
CA TYR A 80 2.42 0.24 3.23
C TYR A 80 2.31 0.64 1.77
N ILE A 81 3.10 0.00 0.89
CA ILE A 81 3.14 0.28 -0.54
C ILE A 81 1.82 -0.15 -1.21
N LYS A 82 1.21 -1.26 -0.77
CA LYS A 82 -0.06 -1.75 -1.32
C LYS A 82 -1.24 -0.82 -1.03
N ASN A 83 -1.27 -0.14 0.12
CA ASN A 83 -2.31 0.86 0.37
C ASN A 83 -1.89 2.24 -0.15
N SER A 84 -0.62 2.58 0.04
CA SER A 84 -0.08 3.89 -0.30
C SER A 84 0.94 3.81 -1.43
N ASN A 85 0.47 3.95 -2.68
CA ASN A 85 1.31 4.15 -3.86
C ASN A 85 0.59 5.08 -4.86
N ARG A 86 1.32 6.02 -5.48
CA ARG A 86 0.85 7.13 -6.35
C ARG A 86 -0.16 8.13 -5.72
N LEU A 87 -0.90 7.72 -4.69
CA LEU A 87 -1.98 8.46 -4.04
C LEU A 87 -1.53 9.24 -2.80
N GLY A 88 -0.58 8.69 -2.02
CA GLY A 88 -0.05 9.34 -0.82
C GLY A 88 0.90 10.50 -1.15
N ARG A 89 0.90 11.54 -0.30
CA ARG A 89 1.71 12.76 -0.46
C ARG A 89 2.36 13.18 0.86
N THR A 90 1.62 13.89 1.70
CA THR A 90 2.04 14.34 3.04
C THR A 90 0.81 14.67 3.88
N ASN A 91 0.64 13.96 5.00
CA ASN A 91 -0.57 14.02 5.83
C ASN A 91 -0.20 14.05 7.33
N ASN A 92 -0.84 14.91 8.11
CA ASN A 92 -0.56 15.14 9.53
C ASN A 92 -1.80 15.64 10.29
N LEU A 93 -1.73 15.62 11.64
CA LEU A 93 -2.75 16.11 12.57
C LEU A 93 -4.16 15.46 12.38
N LYS A 94 -4.19 14.21 11.89
CA LYS A 94 -5.42 13.43 11.60
C LYS A 94 -5.45 12.02 12.22
N THR A 95 -4.46 11.66 13.04
CA THR A 95 -4.42 10.41 13.79
C THR A 95 -3.67 10.62 15.12
N ILE A 96 -4.37 10.32 16.22
CA ILE A 96 -3.91 10.44 17.60
C ILE A 96 -4.37 9.27 18.50
N GLY A 97 -5.03 8.25 17.92
CA GLY A 97 -5.70 7.18 18.68
C GLY A 97 -6.95 7.62 19.44
N ILE A 98 -7.40 8.88 19.26
CA ILE A 98 -8.61 9.47 19.86
C ILE A 98 -8.60 9.41 21.41
N LEU A 99 -7.41 9.32 22.00
CA LEU A 99 -7.16 9.08 23.43
C LEU A 99 -7.88 7.82 24.00
N GLN A 100 -8.20 6.87 23.14
CA GLN A 100 -8.89 5.61 23.47
C GLN A 100 -7.86 4.49 23.69
N GLU A 101 -7.46 4.29 24.95
CA GLU A 101 -6.50 3.26 25.37
C GLU A 101 -7.11 2.30 26.42
N GLU A 102 -6.73 1.02 26.37
CA GLU A 102 -7.27 -0.07 27.21
C GLU A 102 -6.16 -0.73 28.02
N VAL A 103 -5.70 -0.01 29.05
CA VAL A 103 -4.52 -0.34 29.86
C VAL A 103 -4.74 -0.19 31.38
N SER A 104 -5.99 -0.24 31.83
CA SER A 104 -6.35 -0.04 33.25
C SER A 104 -7.56 -0.88 33.70
N SER A 105 -8.71 -0.73 33.04
CA SER A 105 -9.97 -1.41 33.42
C SER A 105 -10.11 -2.80 32.80
N MET A 106 -9.70 -2.92 31.53
CA MET A 106 -9.54 -4.16 30.78
C MET A 106 -8.11 -4.22 30.22
N GLU A 107 -7.51 -5.41 30.23
CA GLU A 107 -6.17 -5.67 29.69
C GLU A 107 -6.10 -7.10 29.14
N ALA A 108 -6.33 -7.24 27.83
CA ALA A 108 -6.35 -8.52 27.10
C ALA A 108 -5.64 -8.41 25.74
N LYS A 109 -5.16 -9.56 25.23
CA LYS A 109 -4.45 -9.70 23.94
C LYS A 109 -5.09 -10.81 23.08
N SER A 110 -5.20 -10.56 21.77
CA SER A 110 -5.83 -11.47 20.78
C SER A 110 -5.10 -11.44 19.44
N MET A 111 -5.21 -12.52 18.67
CA MET A 111 -4.73 -12.60 17.28
C MET A 111 -5.69 -11.91 16.28
N THR A 112 -5.14 -11.55 15.12
CA THR A 112 -5.90 -11.05 13.96
C THR A 112 -6.56 -12.19 13.17
N TRP A 113 -7.42 -11.84 12.20
CA TRP A 113 -8.28 -12.73 11.42
C TRP A 113 -7.58 -13.25 10.14
N GLY A 1 13.47 -28.41 0.87
CA GLY A 1 12.49 -28.60 -0.22
C GLY A 1 12.98 -29.63 -1.23
N SER A 2 12.14 -30.61 -1.56
CA SER A 2 12.41 -31.66 -2.57
C SER A 2 11.10 -32.13 -3.23
N HIS A 3 11.20 -32.69 -4.44
CA HIS A 3 10.06 -33.20 -5.23
C HIS A 3 10.46 -34.39 -6.12
N MET A 4 9.48 -35.14 -6.63
CA MET A 4 9.69 -36.38 -7.40
C MET A 4 9.46 -36.17 -8.90
N ALA A 5 10.31 -36.80 -9.73
CA ALA A 5 10.28 -36.70 -11.19
C ALA A 5 9.20 -37.59 -11.85
N SER A 6 8.78 -37.21 -13.06
CA SER A 6 7.85 -37.97 -13.91
C SER A 6 8.10 -37.71 -15.41
N MET A 7 7.68 -38.64 -16.26
CA MET A 7 7.84 -38.61 -17.73
C MET A 7 6.56 -39.00 -18.49
N ASP A 8 5.42 -39.13 -17.79
CA ASP A 8 4.12 -39.51 -18.35
C ASP A 8 3.35 -38.31 -18.93
N PRO A 9 2.54 -38.50 -20.01
CA PRO A 9 1.89 -37.39 -20.71
C PRO A 9 0.75 -36.72 -19.93
N LEU A 10 0.21 -37.42 -18.93
CA LEU A 10 -0.97 -37.07 -18.15
C LEU A 10 -0.68 -36.72 -16.67
N ASP A 11 0.53 -36.25 -16.37
CA ASP A 11 0.97 -35.92 -14.99
C ASP A 11 0.99 -34.41 -14.67
N LYS A 12 0.62 -33.57 -15.64
CA LYS A 12 0.89 -32.11 -15.61
C LYS A 12 -0.37 -31.24 -15.72
N ILE A 13 -1.15 -31.47 -16.79
CA ILE A 13 -2.31 -30.66 -17.20
C ILE A 13 -3.57 -31.51 -17.46
N ILE A 14 -3.55 -32.77 -16.99
CA ILE A 14 -4.63 -33.76 -17.10
C ILE A 14 -6.05 -33.18 -16.87
N ASN A 15 -6.97 -33.55 -17.76
CA ASN A 15 -8.41 -33.31 -17.67
C ASN A 15 -9.21 -34.45 -18.35
N ASP A 16 -10.41 -34.73 -17.84
CA ASP A 16 -11.41 -35.63 -18.45
C ASP A 16 -12.80 -34.98 -18.46
N ILE A 17 -12.97 -33.97 -19.33
CA ILE A 17 -14.22 -33.23 -19.63
C ILE A 17 -14.97 -32.65 -18.42
N LYS A 18 -14.24 -32.38 -17.32
CA LYS A 18 -14.80 -31.78 -16.09
C LYS A 18 -14.01 -30.58 -15.54
N LYS A 19 -12.67 -30.59 -15.70
CA LYS A 19 -11.73 -29.59 -15.14
C LYS A 19 -11.92 -29.35 -13.63
N GLU A 20 -12.21 -30.40 -12.88
CA GLU A 20 -12.48 -30.34 -11.43
C GLU A 20 -11.17 -30.18 -10.63
N ALA A 21 -11.09 -29.11 -9.83
CA ALA A 21 -9.95 -28.77 -8.96
C ALA A 21 -10.40 -27.93 -7.75
N ASN A 22 -9.52 -27.79 -6.75
CA ASN A 22 -9.77 -27.00 -5.52
C ASN A 22 -8.88 -25.75 -5.47
N ASP A 23 -9.49 -24.58 -5.27
CA ASP A 23 -8.83 -23.28 -5.09
C ASP A 23 -9.62 -22.41 -4.08
N SER A 24 -8.93 -21.59 -3.28
CA SER A 24 -9.52 -20.80 -2.18
C SER A 24 -8.98 -19.37 -2.04
N GLY A 25 -8.22 -18.89 -3.02
CA GLY A 25 -7.77 -17.49 -3.09
C GLY A 25 -7.14 -17.16 -4.45
N VAL A 26 -7.85 -16.36 -5.25
CA VAL A 26 -7.48 -15.98 -6.63
C VAL A 26 -7.62 -14.46 -6.84
N THR A 27 -7.24 -13.66 -5.85
CA THR A 27 -7.42 -12.19 -5.90
C THR A 27 -6.36 -11.39 -5.14
N LEU A 28 -6.26 -10.11 -5.51
CA LEU A 28 -5.23 -9.15 -5.09
C LEU A 28 -5.60 -8.29 -3.86
N ALA A 29 -6.44 -8.84 -2.99
CA ALA A 29 -7.07 -8.14 -1.87
C ALA A 29 -7.02 -8.98 -0.56
N PRO A 30 -6.84 -8.34 0.62
CA PRO A 30 -6.73 -9.04 1.91
C PRO A 30 -8.10 -9.46 2.47
N LEU A 31 -9.15 -8.68 2.16
CA LEU A 31 -10.55 -8.93 2.49
C LEU A 31 -11.42 -8.29 1.37
N SER A 32 -12.71 -7.99 1.64
CA SER A 32 -13.61 -7.31 0.68
C SER A 32 -13.37 -5.79 0.59
N VAL A 33 -12.11 -5.41 0.31
CA VAL A 33 -11.59 -4.04 0.35
C VAL A 33 -10.30 -3.92 -0.51
N PRO A 34 -10.09 -2.83 -1.28
CA PRO A 34 -8.88 -2.62 -2.08
C PRO A 34 -7.69 -2.14 -1.24
N LYS A 35 -7.24 -2.99 -0.31
CA LYS A 35 -6.14 -2.81 0.68
C LYS A 35 -6.37 -1.62 1.65
N PRO A 36 -6.70 -1.85 2.94
CA PRO A 36 -7.06 -0.79 3.88
C PRO A 36 -5.84 -0.02 4.39
N LYS A 37 -5.95 1.32 4.46
CA LYS A 37 -4.83 2.23 4.84
C LYS A 37 -4.50 2.18 6.34
N LEU A 38 -3.21 2.03 6.67
CA LEU A 38 -2.69 1.96 8.03
C LEU A 38 -1.28 2.54 8.18
N GLU A 39 -0.96 3.06 9.38
CA GLU A 39 0.30 3.75 9.71
C GLU A 39 0.84 3.33 11.08
N GLU A 40 0.93 2.02 11.28
CA GLU A 40 1.30 1.38 12.55
C GLU A 40 2.84 1.31 12.73
N LEU A 41 3.41 2.46 13.11
CA LEU A 41 4.85 2.73 13.22
C LEU A 41 5.16 3.43 14.55
N SER A 42 6.36 3.20 15.12
CA SER A 42 6.85 3.95 16.29
C SER A 42 7.16 5.41 15.90
N GLU A 43 7.39 6.32 16.85
CA GLU A 43 7.60 7.75 16.54
C GLU A 43 8.79 7.96 15.57
N GLN A 44 9.92 7.29 15.80
CA GLN A 44 11.09 7.35 14.93
C GLN A 44 10.83 6.62 13.61
N GLN A 45 10.22 5.43 13.64
CA GLN A 45 9.87 4.67 12.44
C GLN A 45 8.94 5.46 11.52
N LYS A 46 7.93 6.14 12.07
CA LYS A 46 7.00 6.98 11.33
C LYS A 46 7.72 8.13 10.63
N ILE A 47 8.70 8.76 11.28
CA ILE A 47 9.52 9.82 10.67
C ILE A 47 10.46 9.26 9.61
N ILE A 48 11.08 8.09 9.78
CA ILE A 48 11.94 7.49 8.74
C ILE A 48 11.10 7.18 7.49
N LEU A 49 9.93 6.58 7.70
CA LEU A 49 8.96 6.22 6.66
C LEU A 49 8.53 7.47 5.88
N ALA A 50 8.13 8.53 6.59
CA ALA A 50 7.74 9.81 6.05
C ALA A 50 8.89 10.52 5.32
N GLU A 51 10.06 10.69 5.96
CA GLU A 51 11.22 11.36 5.36
C GLU A 51 11.71 10.65 4.08
N TYR A 52 11.55 9.32 3.97
CA TYR A 52 11.91 8.56 2.79
C TYR A 52 11.00 8.94 1.59
N ILE A 53 9.69 8.82 1.75
CA ILE A 53 8.66 9.15 0.77
C ILE A 53 8.67 10.65 0.46
N ALA A 54 8.97 11.52 1.43
CA ALA A 54 9.07 12.96 1.23
C ALA A 54 10.30 13.37 0.40
N GLU A 55 11.38 12.58 0.46
CA GLU A 55 12.59 12.78 -0.34
C GLU A 55 12.48 12.15 -1.74
N VAL A 56 11.90 10.94 -1.86
CA VAL A 56 11.88 10.17 -3.12
C VAL A 56 10.51 10.09 -3.80
N GLY A 57 9.48 10.63 -3.16
CA GLY A 57 8.21 11.02 -3.79
C GLY A 57 7.18 9.88 -3.92
N LEU A 58 7.27 8.86 -3.07
CA LEU A 58 6.49 7.60 -3.09
C LEU A 58 6.62 6.77 -4.40
N GLN A 59 7.52 7.19 -5.30
CA GLN A 59 7.69 6.64 -6.66
C GLN A 59 8.94 5.76 -6.81
N ASN A 60 9.89 5.89 -5.87
CA ASN A 60 11.20 5.24 -5.93
C ASN A 60 11.53 4.36 -4.71
N ILE A 61 10.57 4.21 -3.78
CA ILE A 61 10.71 3.26 -2.66
C ILE A 61 10.52 1.82 -3.12
N THR A 62 11.11 0.87 -2.39
CA THR A 62 11.03 -0.57 -2.65
C THR A 62 10.86 -1.31 -1.34
N ALA A 63 10.06 -2.39 -1.32
CA ALA A 63 9.81 -3.17 -0.11
C ALA A 63 11.10 -3.80 0.44
N ILE A 64 12.08 -4.07 -0.42
CA ILE A 64 13.42 -4.56 -0.08
C ILE A 64 14.16 -3.51 0.77
N THR A 65 14.15 -2.27 0.30
CA THR A 65 14.88 -1.16 0.93
C THR A 65 14.10 -0.63 2.13
N LEU A 66 12.78 -0.47 2.02
CA LEU A 66 11.90 -0.10 3.12
C LEU A 66 11.94 -1.13 4.27
N SER A 67 12.07 -2.43 3.96
CA SER A 67 12.33 -3.50 4.92
C SER A 67 13.60 -3.26 5.75
N LYS A 68 14.58 -2.59 5.15
CA LYS A 68 15.90 -2.35 5.74
C LYS A 68 16.09 -0.94 6.31
N LYS A 69 15.37 0.07 5.81
CA LYS A 69 15.37 1.46 6.31
C LYS A 69 14.81 1.54 7.74
N LEU A 70 13.85 0.67 8.06
CA LEU A 70 13.12 0.65 9.34
C LEU A 70 13.31 -0.65 10.16
N ASN A 71 14.15 -1.58 9.70
CA ASN A 71 14.45 -2.88 10.32
C ASN A 71 13.19 -3.76 10.53
N ILE A 72 12.49 -4.04 9.43
CA ILE A 72 11.20 -4.76 9.36
C ILE A 72 11.31 -5.96 8.40
N THR A 73 10.18 -6.53 7.96
CA THR A 73 10.12 -7.55 6.88
C THR A 73 9.70 -6.93 5.55
N VAL A 74 9.95 -7.63 4.45
CA VAL A 74 9.48 -7.24 3.10
C VAL A 74 7.94 -7.20 3.04
N GLU A 75 7.23 -8.01 3.83
CA GLU A 75 5.76 -8.05 3.81
C GLU A 75 5.18 -6.89 4.64
N LYS A 76 5.84 -6.58 5.76
CA LYS A 76 5.50 -5.47 6.66
C LYS A 76 5.68 -4.13 5.95
N ALA A 77 6.81 -3.99 5.27
CA ALA A 77 7.14 -2.91 4.36
C ALA A 77 6.16 -2.78 3.17
N LYS A 78 5.86 -3.87 2.48
CA LYS A 78 5.04 -3.88 1.27
C LYS A 78 3.57 -3.60 1.57
N ASN A 79 3.13 -3.85 2.80
CA ASN A 79 1.79 -3.45 3.25
C ASN A 79 1.56 -1.96 2.97
N TYR A 80 2.53 -1.10 3.34
CA TYR A 80 2.45 0.35 3.14
C TYR A 80 2.43 0.72 1.65
N ILE A 81 3.28 0.07 0.85
CA ILE A 81 3.37 0.30 -0.60
C ILE A 81 2.05 -0.09 -1.31
N LYS A 82 1.26 -1.00 -0.73
CA LYS A 82 -0.02 -1.47 -1.28
C LYS A 82 -1.25 -0.69 -0.81
N ASN A 83 -1.27 -0.13 0.42
CA ASN A 83 -2.43 0.62 0.92
C ASN A 83 -2.23 2.15 0.95
N SER A 84 -0.99 2.64 1.10
CA SER A 84 -0.71 4.06 1.33
C SER A 84 -0.44 4.86 0.03
N ASN A 85 -0.20 4.17 -1.09
CA ASN A 85 0.16 4.76 -2.39
C ASN A 85 -0.87 5.74 -2.98
N ARG A 86 -2.13 5.71 -2.51
CA ARG A 86 -3.22 6.59 -2.98
C ARG A 86 -3.06 8.03 -2.51
N LEU A 87 -2.29 8.26 -1.44
CA LEU A 87 -2.20 9.54 -0.73
C LEU A 87 -1.30 10.56 -1.45
N GLY A 88 -0.09 10.13 -1.83
CA GLY A 88 0.94 10.97 -2.46
C GLY A 88 0.80 11.07 -4.00
N ARG A 89 -0.39 11.41 -4.49
CA ARG A 89 -0.73 11.44 -5.93
C ARG A 89 -1.40 12.74 -6.35
N THR A 90 -2.55 13.04 -5.76
CA THR A 90 -3.35 14.24 -6.06
C THR A 90 -4.32 14.50 -4.91
N ASN A 91 -4.37 15.75 -4.46
CA ASN A 91 -5.12 16.19 -3.29
C ASN A 91 -5.92 17.48 -3.59
N ASN A 92 -7.07 17.66 -2.94
CA ASN A 92 -7.93 18.85 -3.07
C ASN A 92 -7.97 19.69 -1.78
N LEU A 93 -8.03 21.02 -1.93
CA LEU A 93 -7.86 22.02 -0.86
C LEU A 93 -6.51 21.88 -0.11
N LYS A 94 -6.27 22.73 0.90
CA LYS A 94 -4.98 22.86 1.60
C LYS A 94 -5.04 22.90 3.14
N THR A 95 -6.22 22.67 3.74
CA THR A 95 -6.48 22.98 5.17
C THR A 95 -7.22 21.91 5.97
N ILE A 96 -7.40 20.74 5.36
CA ILE A 96 -8.64 19.98 5.53
C ILE A 96 -8.50 18.67 6.24
N GLY A 97 -7.30 18.45 6.76
CA GLY A 97 -6.79 17.11 6.92
C GLY A 97 -6.64 16.33 5.61
N ILE A 98 -6.85 16.99 4.46
CA ILE A 98 -7.02 16.26 3.17
C ILE A 98 -8.25 15.31 3.27
N LEU A 99 -9.28 15.78 3.99
CA LEU A 99 -10.51 15.07 4.37
C LEU A 99 -10.30 13.68 4.99
N GLN A 100 -9.14 13.44 5.61
CA GLN A 100 -8.68 12.15 6.13
C GLN A 100 -8.05 12.30 7.52
N GLU A 101 -8.89 12.27 8.56
CA GLU A 101 -8.49 12.24 9.97
C GLU A 101 -9.13 11.04 10.71
N GLU A 102 -8.40 10.46 11.66
CA GLU A 102 -8.80 9.26 12.41
C GLU A 102 -8.31 9.34 13.87
N VAL A 103 -9.22 9.78 14.75
CA VAL A 103 -8.97 9.99 16.19
C VAL A 103 -10.13 9.46 17.03
N SER A 104 -9.83 8.78 18.14
CA SER A 104 -10.84 8.35 19.13
C SER A 104 -10.24 8.00 20.50
N SER A 105 -9.44 6.95 20.60
CA SER A 105 -8.89 6.40 21.85
C SER A 105 -7.65 7.12 22.39
N MET A 106 -6.91 7.81 21.50
CA MET A 106 -5.76 8.66 21.82
C MET A 106 -5.89 9.99 21.07
N GLU A 107 -5.71 11.11 21.77
CA GLU A 107 -5.90 12.48 21.25
C GLU A 107 -4.77 13.39 21.78
N ALA A 108 -3.54 13.12 21.35
CA ALA A 108 -2.30 13.78 21.80
C ALA A 108 -2.12 13.81 23.34
N LYS A 109 -1.34 14.77 23.86
CA LYS A 109 -1.07 14.99 25.29
C LYS A 109 -1.27 16.47 25.69
N SER A 110 -1.54 16.69 26.98
CA SER A 110 -1.91 17.98 27.58
C SER A 110 -0.89 18.52 28.61
N MET A 111 0.33 17.97 28.62
CA MET A 111 1.40 18.33 29.56
C MET A 111 1.95 19.75 29.34
N THR A 112 2.62 20.28 30.37
CA THR A 112 3.25 21.61 30.37
C THR A 112 4.63 21.60 31.03
N TRP A 113 5.45 22.58 30.66
CA TRP A 113 6.85 22.75 31.04
C TRP A 113 7.13 24.16 31.59
N GLY A 1 -8.51 -63.20 5.00
CA GLY A 1 -8.12 -62.77 6.36
C GLY A 1 -9.34 -62.46 7.22
N SER A 2 -9.16 -61.63 8.26
CA SER A 2 -10.21 -61.21 9.21
C SER A 2 -10.02 -59.77 9.71
N HIS A 3 -11.09 -59.18 10.24
CA HIS A 3 -11.14 -57.80 10.75
C HIS A 3 -11.94 -57.71 12.07
N MET A 4 -11.75 -56.62 12.81
CA MET A 4 -12.43 -56.31 14.07
C MET A 4 -12.84 -54.83 14.14
N ALA A 5 -14.06 -54.56 14.62
CA ALA A 5 -14.63 -53.25 14.92
C ALA A 5 -14.35 -52.15 13.87
N SER A 6 -15.09 -52.23 12.76
CA SER A 6 -14.88 -51.42 11.55
C SER A 6 -16.18 -50.70 11.14
N MET A 7 -16.14 -49.36 11.15
CA MET A 7 -17.30 -48.48 10.89
C MET A 7 -16.88 -47.16 10.19
N ASP A 8 -15.69 -47.11 9.59
CA ASP A 8 -15.05 -45.87 9.10
C ASP A 8 -14.77 -45.93 7.57
N PRO A 9 -15.64 -45.34 6.72
CA PRO A 9 -15.44 -45.31 5.27
C PRO A 9 -14.52 -44.17 4.78
N LEU A 10 -14.16 -43.24 5.66
CA LEU A 10 -13.46 -42.00 5.34
C LEU A 10 -11.95 -42.03 5.67
N ASP A 11 -11.27 -43.13 5.32
CA ASP A 11 -9.79 -43.26 5.39
C ASP A 11 -9.06 -43.22 4.04
N LYS A 12 -9.81 -43.12 2.93
CA LYS A 12 -9.30 -43.35 1.56
C LYS A 12 -9.62 -42.20 0.60
N ILE A 13 -10.91 -41.89 0.48
CA ILE A 13 -11.48 -40.89 -0.45
C ILE A 13 -12.00 -39.64 0.28
N ILE A 14 -11.72 -39.53 1.58
CA ILE A 14 -12.16 -38.40 2.43
C ILE A 14 -11.84 -37.03 1.80
N ASN A 15 -12.89 -36.23 1.57
CA ASN A 15 -12.87 -34.88 0.98
C ASN A 15 -12.14 -34.77 -0.39
N ASP A 16 -11.99 -35.87 -1.12
CA ASP A 16 -11.12 -35.95 -2.31
C ASP A 16 -11.79 -35.48 -3.63
N ILE A 17 -12.94 -34.83 -3.52
CA ILE A 17 -13.79 -34.41 -4.65
C ILE A 17 -14.48 -33.05 -4.45
N LYS A 18 -13.94 -32.20 -3.56
CA LYS A 18 -14.48 -30.85 -3.28
C LYS A 18 -13.48 -29.70 -3.39
N LYS A 19 -12.21 -29.90 -2.99
CA LYS A 19 -11.18 -28.85 -2.94
C LYS A 19 -9.75 -29.42 -2.98
N GLU A 20 -8.81 -28.65 -3.55
CA GLU A 20 -7.36 -28.92 -3.44
C GLU A 20 -6.77 -28.35 -2.13
N ALA A 21 -5.77 -29.04 -1.56
CA ALA A 21 -5.32 -28.87 -0.17
C ALA A 21 -3.80 -28.96 0.00
N ASN A 22 -3.03 -28.62 -1.05
CA ASN A 22 -1.58 -28.86 -1.14
C ASN A 22 -0.71 -27.58 -1.09
N ASP A 23 -1.23 -26.42 -1.50
CA ASP A 23 -0.49 -25.14 -1.59
C ASP A 23 -1.36 -23.96 -1.12
N SER A 24 -0.74 -23.03 -0.36
CA SER A 24 -1.43 -21.93 0.35
C SER A 24 -0.63 -20.61 0.31
N GLY A 25 -0.09 -20.27 -0.87
CA GLY A 25 0.77 -19.10 -1.07
C GLY A 25 0.67 -18.43 -2.44
N VAL A 26 -0.54 -18.40 -3.01
CA VAL A 26 -0.83 -18.00 -4.39
C VAL A 26 -1.96 -16.94 -4.41
N THR A 27 -1.96 -16.01 -3.45
CA THR A 27 -2.99 -14.97 -3.34
C THR A 27 -2.49 -13.63 -2.79
N LEU A 28 -3.31 -12.59 -2.98
CA LEU A 28 -2.98 -11.16 -2.87
C LEU A 28 -3.23 -10.61 -1.45
N ALA A 29 -2.90 -11.43 -0.44
CA ALA A 29 -3.46 -11.32 0.91
C ALA A 29 -2.41 -11.62 2.01
N PRO A 30 -1.88 -10.59 2.70
CA PRO A 30 -0.80 -10.77 3.69
C PRO A 30 -1.30 -11.27 5.06
N LEU A 31 -2.56 -11.00 5.42
CA LEU A 31 -3.17 -11.34 6.72
C LEU A 31 -4.62 -11.87 6.57
N SER A 32 -4.80 -12.81 5.63
CA SER A 32 -6.09 -13.45 5.32
C SER A 32 -7.21 -12.48 4.90
N VAL A 33 -6.78 -11.39 4.27
CA VAL A 33 -7.54 -10.20 3.86
C VAL A 33 -6.87 -9.66 2.59
N PRO A 34 -7.63 -9.21 1.56
CA PRO A 34 -7.07 -8.69 0.30
C PRO A 34 -6.45 -7.29 0.48
N LYS A 35 -5.31 -7.25 1.17
CA LYS A 35 -4.53 -6.06 1.58
C LYS A 35 -5.33 -5.10 2.50
N PRO A 36 -5.11 -5.12 3.83
CA PRO A 36 -5.67 -4.12 4.74
C PRO A 36 -5.01 -2.74 4.57
N LYS A 37 -5.65 -1.69 5.08
CA LYS A 37 -5.12 -0.31 5.16
C LYS A 37 -4.83 0.13 6.60
N LEU A 38 -3.58 0.55 6.87
CA LEU A 38 -3.05 0.82 8.20
C LEU A 38 -1.90 1.84 8.21
N GLU A 39 -1.67 2.48 9.37
CA GLU A 39 -0.61 3.49 9.62
C GLU A 39 0.04 3.29 10.99
N GLU A 40 0.55 2.07 11.22
CA GLU A 40 1.10 1.61 12.50
C GLU A 40 2.65 1.53 12.47
N LEU A 41 3.30 2.60 12.94
CA LEU A 41 4.76 2.76 13.05
C LEU A 41 5.12 3.33 14.44
N SER A 42 6.36 3.10 14.91
CA SER A 42 6.90 3.76 16.12
C SER A 42 7.19 5.25 15.83
N GLU A 43 7.38 6.09 16.84
CA GLU A 43 7.56 7.54 16.68
C GLU A 43 8.75 7.90 15.76
N GLN A 44 9.89 7.23 15.91
CA GLN A 44 11.05 7.40 15.01
C GLN A 44 10.85 6.70 13.67
N GLN A 45 10.16 5.55 13.66
CA GLN A 45 9.91 4.79 12.45
C GLN A 45 8.96 5.53 11.49
N LYS A 46 7.95 6.19 12.04
CA LYS A 46 7.02 7.04 11.27
C LYS A 46 7.77 8.18 10.57
N ILE A 47 8.75 8.79 11.25
CA ILE A 47 9.59 9.86 10.66
C ILE A 47 10.53 9.29 9.59
N ILE A 48 11.17 8.13 9.78
CA ILE A 48 12.06 7.54 8.75
C ILE A 48 11.25 7.18 7.50
N LEU A 49 10.08 6.56 7.69
CA LEU A 49 9.14 6.20 6.64
C LEU A 49 8.66 7.44 5.87
N ALA A 50 8.28 8.49 6.60
CA ALA A 50 7.87 9.78 6.05
C ALA A 50 9.00 10.49 5.30
N GLU A 51 10.18 10.66 5.91
CA GLU A 51 11.33 11.31 5.27
C GLU A 51 11.77 10.61 3.99
N TYR A 52 11.61 9.28 3.90
CA TYR A 52 11.93 8.51 2.69
C TYR A 52 11.00 8.90 1.53
N ILE A 53 9.68 8.76 1.72
CA ILE A 53 8.61 9.09 0.80
C ILE A 53 8.58 10.59 0.46
N ALA A 54 8.90 11.46 1.41
CA ALA A 54 8.94 12.91 1.21
C ALA A 54 10.14 13.34 0.35
N GLU A 55 11.26 12.59 0.40
CA GLU A 55 12.44 12.83 -0.42
C GLU A 55 12.35 12.17 -1.81
N VAL A 56 11.79 10.95 -1.90
CA VAL A 56 11.76 10.17 -3.17
C VAL A 56 10.39 10.11 -3.83
N GLY A 57 9.35 10.64 -3.18
CA GLY A 57 8.07 11.02 -3.79
C GLY A 57 7.04 9.89 -3.91
N LEU A 58 7.12 8.89 -3.03
CA LEU A 58 6.34 7.64 -3.01
C LEU A 58 6.37 6.81 -4.33
N GLN A 59 7.30 7.14 -5.22
CA GLN A 59 7.38 6.58 -6.60
C GLN A 59 8.73 5.92 -6.93
N ASN A 60 9.68 5.98 -5.99
CA ASN A 60 10.98 5.31 -6.06
C ASN A 60 11.27 4.37 -4.87
N ILE A 61 10.32 4.21 -3.94
CA ILE A 61 10.46 3.30 -2.80
C ILE A 61 10.32 1.83 -3.21
N THR A 62 10.95 0.93 -2.44
CA THR A 62 10.85 -0.52 -2.59
C THR A 62 10.68 -1.17 -1.22
N ALA A 63 9.93 -2.27 -1.14
CA ALA A 63 9.72 -3.02 0.09
C ALA A 63 11.03 -3.66 0.60
N ILE A 64 11.98 -3.91 -0.30
CA ILE A 64 13.34 -4.38 0.00
C ILE A 64 14.14 -3.30 0.74
N THR A 65 13.95 -2.04 0.33
CA THR A 65 14.65 -0.91 0.92
C THR A 65 13.95 -0.46 2.19
N LEU A 66 12.61 -0.39 2.20
CA LEU A 66 11.84 -0.15 3.41
C LEU A 66 12.05 -1.25 4.47
N SER A 67 12.19 -2.52 4.07
CA SER A 67 12.48 -3.62 5.03
C SER A 67 13.80 -3.40 5.78
N LYS A 68 14.71 -2.64 5.18
CA LYS A 68 16.05 -2.35 5.70
C LYS A 68 16.19 -0.95 6.32
N LYS A 69 15.41 0.05 5.88
CA LYS A 69 15.40 1.42 6.42
C LYS A 69 14.92 1.47 7.88
N LEU A 70 14.02 0.55 8.28
CA LEU A 70 13.39 0.53 9.61
C LEU A 70 13.52 -0.82 10.34
N ASN A 71 14.33 -1.75 9.81
CA ASN A 71 14.57 -3.10 10.35
C ASN A 71 13.27 -3.92 10.50
N ILE A 72 12.56 -4.14 9.39
CA ILE A 72 11.24 -4.78 9.30
C ILE A 72 11.23 -5.92 8.26
N THR A 73 10.13 -6.67 8.16
CA THR A 73 9.97 -7.70 7.11
C THR A 73 9.62 -7.06 5.76
N VAL A 74 9.89 -7.76 4.65
CA VAL A 74 9.45 -7.32 3.31
C VAL A 74 7.93 -7.27 3.20
N GLU A 75 7.19 -8.09 3.95
CA GLU A 75 5.72 -8.10 3.89
C GLU A 75 5.15 -6.91 4.68
N LYS A 76 5.78 -6.59 5.81
CA LYS A 76 5.46 -5.46 6.68
C LYS A 76 5.71 -4.14 5.94
N ALA A 77 6.88 -4.02 5.33
CA ALA A 77 7.28 -2.93 4.45
C ALA A 77 6.37 -2.77 3.22
N LYS A 78 5.98 -3.88 2.56
CA LYS A 78 5.19 -3.88 1.34
C LYS A 78 3.74 -3.52 1.61
N ASN A 79 3.21 -3.84 2.80
CA ASN A 79 1.85 -3.48 3.16
C ASN A 79 1.59 -1.98 2.90
N TYR A 80 2.54 -1.14 3.32
CA TYR A 80 2.43 0.31 3.22
C TYR A 80 2.39 0.78 1.76
N ILE A 81 3.17 0.14 0.89
CA ILE A 81 3.26 0.45 -0.54
C ILE A 81 1.99 0.01 -1.28
N LYS A 82 1.30 -1.04 -0.79
CA LYS A 82 0.05 -1.55 -1.36
C LYS A 82 -1.16 -0.66 -1.01
N ASN A 83 -1.25 -0.15 0.22
CA ASN A 83 -2.40 0.61 0.69
C ASN A 83 -2.21 2.13 0.59
N SER A 84 -1.00 2.61 0.91
CA SER A 84 -0.69 4.04 0.96
C SER A 84 0.28 4.44 -0.17
N ASN A 85 -0.26 4.76 -1.36
CA ASN A 85 0.55 5.03 -2.55
C ASN A 85 0.13 6.26 -3.40
N ARG A 86 -1.17 6.51 -3.60
CA ARG A 86 -1.70 7.78 -4.16
C ARG A 86 -2.02 8.83 -3.10
N LEU A 87 -2.19 8.40 -1.84
CA LEU A 87 -2.49 9.28 -0.70
C LEU A 87 -1.33 10.25 -0.39
N GLY A 88 -0.08 9.77 -0.43
CA GLY A 88 1.12 10.58 -0.17
C GLY A 88 1.76 11.19 -1.42
N ARG A 89 1.00 11.35 -2.52
CA ARG A 89 1.51 11.79 -3.83
C ARG A 89 1.05 13.21 -4.16
N THR A 90 -0.23 13.39 -4.46
CA THR A 90 -0.87 14.70 -4.70
C THR A 90 -2.40 14.57 -4.69
N ASN A 91 -3.06 15.35 -3.83
CA ASN A 91 -4.52 15.36 -3.63
C ASN A 91 -5.05 16.77 -3.33
N ASN A 92 -6.36 16.98 -3.50
CA ASN A 92 -7.07 18.25 -3.27
C ASN A 92 -6.48 19.45 -4.06
N LEU A 93 -6.05 19.19 -5.31
CA LEU A 93 -5.38 20.16 -6.19
C LEU A 93 -5.75 19.92 -7.67
N LYS A 94 -7.02 19.61 -7.92
CA LYS A 94 -7.60 19.32 -9.24
C LYS A 94 -8.01 20.60 -9.96
N THR A 95 -8.32 21.64 -9.20
CA THR A 95 -8.69 22.99 -9.66
C THR A 95 -8.54 23.98 -8.49
N ILE A 96 -7.83 25.08 -8.73
CA ILE A 96 -7.55 26.14 -7.74
C ILE A 96 -7.55 27.56 -8.31
N GLY A 97 -7.85 27.75 -9.60
CA GLY A 97 -7.65 29.03 -10.30
C GLY A 97 -6.18 29.47 -10.44
N ILE A 98 -5.24 28.55 -10.17
CA ILE A 98 -3.78 28.72 -10.30
C ILE A 98 -3.27 29.99 -9.58
N LEU A 99 -3.83 30.27 -8.40
CA LEU A 99 -3.50 31.40 -7.51
C LEU A 99 -3.55 32.79 -8.19
N GLN A 100 -4.37 32.94 -9.24
CA GLN A 100 -4.41 34.10 -10.15
C GLN A 100 -5.87 34.56 -10.36
N GLU A 101 -6.41 35.25 -9.35
CA GLU A 101 -7.80 35.75 -9.33
C GLU A 101 -7.87 37.28 -9.16
N GLU A 102 -7.18 37.84 -8.16
CA GLU A 102 -7.14 39.28 -7.85
C GLU A 102 -5.71 39.80 -7.63
N VAL A 103 -4.79 39.35 -8.50
CA VAL A 103 -3.35 39.59 -8.41
C VAL A 103 -2.69 39.57 -9.79
N SER A 104 -1.69 40.45 -10.01
CA SER A 104 -0.89 40.56 -11.25
C SER A 104 -1.71 40.72 -12.55
N SER A 105 -2.91 41.30 -12.45
CA SER A 105 -3.83 41.52 -13.59
C SER A 105 -4.76 42.72 -13.35
N MET A 106 -5.41 42.78 -12.18
CA MET A 106 -6.32 43.85 -11.75
C MET A 106 -5.96 44.33 -10.34
N GLU A 107 -4.82 45.00 -10.21
CA GLU A 107 -4.32 45.61 -8.97
C GLU A 107 -5.06 46.94 -8.69
N ALA A 108 -6.33 46.82 -8.25
CA ALA A 108 -7.32 47.90 -8.16
C ALA A 108 -7.58 48.63 -9.50
N LYS A 109 -8.34 49.75 -9.45
CA LYS A 109 -8.69 50.61 -10.60
C LYS A 109 -8.48 52.09 -10.27
N SER A 110 -8.15 52.89 -11.29
CA SER A 110 -8.12 54.36 -11.22
C SER A 110 -9.44 54.96 -11.70
N MET A 111 -10.00 55.92 -10.94
CA MET A 111 -11.29 56.58 -11.22
C MET A 111 -11.40 57.94 -10.54
N THR A 112 -12.44 58.70 -10.90
CA THR A 112 -12.89 59.91 -10.20
C THR A 112 -14.43 60.00 -10.20
N TRP A 113 -14.96 60.77 -9.25
CA TRP A 113 -16.38 60.83 -8.89
C TRP A 113 -16.99 62.24 -9.09
N GLY A 1 -25.37 -1.37 -14.74
CA GLY A 1 -24.94 -2.14 -15.93
C GLY A 1 -23.48 -1.90 -16.25
N SER A 2 -22.80 -2.92 -16.78
CA SER A 2 -21.36 -2.89 -17.13
C SER A 2 -21.04 -3.76 -18.35
N HIS A 3 -19.91 -3.46 -19.02
CA HIS A 3 -19.34 -4.21 -20.15
C HIS A 3 -17.98 -4.81 -19.78
N MET A 4 -17.54 -5.81 -20.56
CA MET A 4 -16.28 -6.56 -20.36
C MET A 4 -16.15 -7.15 -18.94
N ALA A 5 -17.20 -7.87 -18.53
CA ALA A 5 -17.34 -8.43 -17.19
C ALA A 5 -18.19 -9.71 -17.18
N SER A 6 -18.17 -10.39 -16.03
CA SER A 6 -18.77 -11.71 -15.80
C SER A 6 -19.80 -11.70 -14.67
N MET A 7 -20.77 -12.61 -14.74
CA MET A 7 -21.83 -12.81 -13.75
C MET A 7 -21.63 -14.12 -12.97
N ASP A 8 -22.01 -14.12 -11.69
CA ASP A 8 -21.93 -15.28 -10.79
C ASP A 8 -23.32 -15.61 -10.20
N PRO A 9 -24.03 -16.64 -10.70
CA PRO A 9 -25.36 -17.03 -10.24
C PRO A 9 -25.36 -17.99 -9.04
N LEU A 10 -24.19 -18.33 -8.50
CA LEU A 10 -23.98 -19.36 -7.48
C LEU A 10 -23.55 -18.79 -6.12
N ASP A 11 -24.16 -17.68 -5.69
CA ASP A 11 -23.93 -17.03 -4.38
C ASP A 11 -25.10 -17.14 -3.38
N LYS A 12 -26.20 -17.82 -3.77
CA LYS A 12 -27.48 -17.80 -3.04
C LYS A 12 -27.90 -19.17 -2.51
N ILE A 13 -27.97 -20.13 -3.43
CA ILE A 13 -28.50 -21.50 -3.22
C ILE A 13 -27.54 -22.60 -3.71
N ILE A 14 -26.28 -22.23 -4.00
CA ILE A 14 -25.24 -23.12 -4.54
C ILE A 14 -25.19 -24.51 -3.88
N ASN A 15 -25.24 -25.56 -4.71
CA ASN A 15 -24.92 -26.93 -4.36
C ASN A 15 -24.47 -27.71 -5.60
N ASP A 16 -23.44 -28.55 -5.46
CA ASP A 16 -22.97 -29.51 -6.48
C ASP A 16 -22.30 -30.71 -5.81
N ILE A 17 -23.11 -31.40 -5.02
CA ILE A 17 -22.76 -32.35 -3.97
C ILE A 17 -21.80 -31.74 -2.93
N LYS A 18 -22.35 -31.46 -1.75
CA LYS A 18 -21.63 -30.95 -0.55
C LYS A 18 -20.79 -29.69 -0.83
N LYS A 19 -21.31 -28.83 -1.73
CA LYS A 19 -20.66 -27.59 -2.23
C LYS A 19 -19.20 -27.81 -2.71
N GLU A 20 -18.97 -28.85 -3.52
CA GLU A 20 -17.64 -29.12 -4.10
C GLU A 20 -17.12 -27.94 -4.95
N ALA A 21 -15.98 -27.37 -4.55
CA ALA A 21 -15.34 -26.20 -5.16
C ALA A 21 -13.83 -26.16 -4.87
N ASN A 22 -13.11 -25.24 -5.51
CA ASN A 22 -11.65 -25.08 -5.37
C ASN A 22 -11.27 -23.59 -5.24
N ASP A 23 -11.17 -23.11 -3.99
CA ASP A 23 -10.72 -21.76 -3.64
C ASP A 23 -9.71 -21.83 -2.47
N SER A 24 -8.48 -21.35 -2.70
CA SER A 24 -7.32 -21.57 -1.80
C SER A 24 -6.48 -20.30 -1.62
N GLY A 25 -7.14 -19.14 -1.46
CA GLY A 25 -6.50 -17.83 -1.27
C GLY A 25 -6.02 -17.23 -2.59
N VAL A 26 -6.98 -16.74 -3.39
CA VAL A 26 -6.79 -16.28 -4.79
C VAL A 26 -6.97 -14.76 -4.97
N THR A 27 -7.15 -14.04 -3.87
CA THR A 27 -7.70 -12.67 -3.84
C THR A 27 -6.63 -11.61 -3.54
N LEU A 28 -6.75 -10.44 -4.17
CA LEU A 28 -5.83 -9.29 -4.06
C LEU A 28 -6.06 -8.37 -2.85
N ALA A 29 -6.54 -8.94 -1.74
CA ALA A 29 -6.93 -8.23 -0.52
C ALA A 29 -6.59 -9.04 0.76
N PRO A 30 -6.22 -8.38 1.88
CA PRO A 30 -5.85 -9.06 3.11
C PRO A 30 -7.07 -9.55 3.92
N LEU A 31 -8.14 -8.75 3.97
CA LEU A 31 -9.37 -9.03 4.72
C LEU A 31 -10.57 -8.28 4.09
N SER A 32 -10.81 -8.55 2.80
CA SER A 32 -11.68 -7.74 1.93
C SER A 32 -11.22 -6.29 1.75
N VAL A 33 -11.93 -5.53 0.91
CA VAL A 33 -11.64 -4.16 0.43
C VAL A 33 -10.32 -4.07 -0.38
N PRO A 34 -10.18 -3.16 -1.37
CA PRO A 34 -8.92 -2.90 -2.06
C PRO A 34 -7.87 -2.24 -1.12
N LYS A 35 -7.30 -3.06 -0.22
CA LYS A 35 -6.21 -2.79 0.74
C LYS A 35 -6.46 -1.52 1.60
N PRO A 36 -7.25 -1.63 2.69
CA PRO A 36 -7.64 -0.47 3.50
C PRO A 36 -6.49 0.11 4.34
N LYS A 37 -6.32 1.43 4.26
CA LYS A 37 -5.22 2.24 4.81
C LYS A 37 -4.88 1.97 6.29
N LEU A 38 -3.60 2.12 6.64
CA LEU A 38 -3.00 1.76 7.93
C LEU A 38 -2.02 2.86 8.42
N GLU A 39 -1.90 3.03 9.75
CA GLU A 39 -0.95 3.93 10.41
C GLU A 39 -0.33 3.29 11.67
N GLU A 40 0.58 2.34 11.48
CA GLU A 40 1.17 1.48 12.52
C GLU A 40 2.71 1.51 12.53
N LEU A 41 3.26 2.64 12.99
CA LEU A 41 4.70 2.92 13.11
C LEU A 41 5.06 3.43 14.52
N SER A 42 6.28 3.15 14.98
CA SER A 42 6.84 3.77 16.21
C SER A 42 7.22 5.24 15.95
N GLU A 43 7.48 6.06 16.98
CA GLU A 43 7.74 7.50 16.83
C GLU A 43 8.92 7.81 15.89
N GLN A 44 10.04 7.08 15.99
CA GLN A 44 11.16 7.23 15.07
C GLN A 44 10.91 6.56 13.71
N GLN A 45 10.20 5.41 13.70
CA GLN A 45 9.88 4.71 12.47
C GLN A 45 8.94 5.53 11.58
N LYS A 46 7.96 6.23 12.17
CA LYS A 46 7.05 7.13 11.47
C LYS A 46 7.82 8.24 10.75
N ILE A 47 8.86 8.80 11.39
CA ILE A 47 9.71 9.84 10.79
C ILE A 47 10.61 9.26 9.68
N ILE A 48 11.20 8.07 9.85
CA ILE A 48 12.02 7.45 8.80
C ILE A 48 11.15 7.09 7.58
N LEU A 49 9.95 6.58 7.83
CA LEU A 49 8.97 6.26 6.80
C LEU A 49 8.56 7.51 6.01
N ALA A 50 8.25 8.59 6.73
CA ALA A 50 7.87 9.87 6.17
C ALA A 50 9.04 10.53 5.42
N GLU A 51 10.22 10.65 6.02
CA GLU A 51 11.36 11.33 5.41
C GLU A 51 11.88 10.63 4.13
N TYR A 52 11.61 9.33 3.98
CA TYR A 52 11.91 8.56 2.77
C TYR A 52 10.95 8.97 1.63
N ILE A 53 9.65 8.81 1.83
CA ILE A 53 8.57 9.11 0.89
C ILE A 53 8.51 10.62 0.57
N ALA A 54 8.84 11.49 1.52
CA ALA A 54 8.90 12.94 1.32
C ALA A 54 10.10 13.37 0.44
N GLU A 55 11.16 12.56 0.38
CA GLU A 55 12.33 12.78 -0.47
C GLU A 55 12.19 12.11 -1.85
N VAL A 56 11.63 10.90 -1.93
CA VAL A 56 11.57 10.10 -3.16
C VAL A 56 10.15 9.97 -3.76
N GLY A 57 9.15 10.50 -3.08
CA GLY A 57 7.83 10.86 -3.63
C GLY A 57 6.81 9.73 -3.70
N LEU A 58 6.97 8.70 -2.86
CA LEU A 58 6.24 7.41 -2.87
C LEU A 58 6.32 6.61 -4.19
N GLN A 59 7.14 7.07 -5.14
CA GLN A 59 7.24 6.54 -6.51
C GLN A 59 8.51 5.70 -6.74
N ASN A 60 9.50 5.85 -5.85
CA ASN A 60 10.83 5.23 -5.98
C ASN A 60 11.23 4.35 -4.78
N ILE A 61 10.33 4.17 -3.80
CA ILE A 61 10.54 3.24 -2.68
C ILE A 61 10.36 1.79 -3.12
N THR A 62 10.99 0.86 -2.40
CA THR A 62 10.93 -0.58 -2.65
C THR A 62 10.78 -1.34 -1.33
N ALA A 63 10.00 -2.42 -1.31
CA ALA A 63 9.78 -3.23 -0.12
C ALA A 63 11.08 -3.84 0.42
N ILE A 64 12.07 -4.06 -0.45
CA ILE A 64 13.42 -4.54 -0.12
C ILE A 64 14.16 -3.49 0.72
N THR A 65 14.15 -2.24 0.24
CA THR A 65 14.88 -1.14 0.85
C THR A 65 14.14 -0.63 2.08
N LEU A 66 12.81 -0.48 1.98
CA LEU A 66 11.93 -0.12 3.09
C LEU A 66 11.95 -1.18 4.22
N SER A 67 12.09 -2.47 3.90
CA SER A 67 12.38 -3.55 4.86
C SER A 67 13.62 -3.27 5.70
N LYS A 68 14.60 -2.57 5.11
CA LYS A 68 15.91 -2.29 5.69
C LYS A 68 16.04 -0.88 6.28
N LYS A 69 15.29 0.11 5.79
CA LYS A 69 15.23 1.48 6.33
C LYS A 69 14.73 1.51 7.78
N LEU A 70 13.76 0.65 8.10
CA LEU A 70 13.08 0.61 9.42
C LEU A 70 13.29 -0.70 10.19
N ASN A 71 14.15 -1.60 9.70
CA ASN A 71 14.48 -2.91 10.28
C ASN A 71 13.24 -3.81 10.49
N ILE A 72 12.51 -4.07 9.40
CA ILE A 72 11.22 -4.78 9.35
C ILE A 72 11.28 -5.98 8.38
N THR A 73 10.15 -6.61 8.09
CA THR A 73 10.02 -7.64 7.03
C THR A 73 9.67 -7.00 5.69
N VAL A 74 9.93 -7.70 4.58
CA VAL A 74 9.50 -7.29 3.24
C VAL A 74 7.98 -7.21 3.13
N GLU A 75 7.22 -8.02 3.88
CA GLU A 75 5.76 -8.02 3.82
C GLU A 75 5.19 -6.86 4.65
N LYS A 76 5.83 -6.55 5.78
CA LYS A 76 5.46 -5.44 6.66
C LYS A 76 5.73 -4.10 5.98
N ALA A 77 6.89 -3.98 5.34
CA ALA A 77 7.25 -2.87 4.46
C ALA A 77 6.29 -2.72 3.27
N LYS A 78 5.96 -3.82 2.58
CA LYS A 78 5.11 -3.82 1.38
C LYS A 78 3.68 -3.45 1.71
N ASN A 79 3.23 -3.70 2.95
CA ASN A 79 1.91 -3.28 3.41
C ASN A 79 1.68 -1.76 3.14
N TYR A 80 2.71 -0.94 3.38
CA TYR A 80 2.65 0.50 3.23
C TYR A 80 2.58 0.92 1.76
N ILE A 81 3.33 0.23 0.89
CA ILE A 81 3.38 0.46 -0.57
C ILE A 81 2.04 0.10 -1.24
N LYS A 82 1.25 -0.79 -0.63
CA LYS A 82 -0.08 -1.21 -1.11
C LYS A 82 -1.23 -0.43 -0.47
N ASN A 83 -1.05 0.13 0.72
CA ASN A 83 -1.99 1.01 1.41
C ASN A 83 -1.89 2.44 0.87
N SER A 84 -0.67 2.91 0.65
CA SER A 84 -0.39 4.20 0.02
C SER A 84 0.49 4.07 -1.22
N ASN A 85 -0.01 4.58 -2.36
CA ASN A 85 0.60 4.37 -3.67
C ASN A 85 0.40 5.56 -4.64
N ARG A 86 -0.86 5.81 -5.04
CA ARG A 86 -1.26 6.89 -5.96
C ARG A 86 -1.75 8.17 -5.25
N LEU A 87 -2.03 8.06 -3.95
CA LEU A 87 -2.65 9.11 -3.13
C LEU A 87 -1.62 10.09 -2.53
N GLY A 88 -0.59 9.55 -1.85
CA GLY A 88 0.37 10.34 -1.08
C GLY A 88 -0.19 10.93 0.23
N ARG A 89 -1.20 11.81 0.15
CA ARG A 89 -1.79 12.58 1.27
C ARG A 89 -3.33 12.61 1.20
N THR A 90 -3.96 12.79 2.37
CA THR A 90 -5.42 12.75 2.58
C THR A 90 -6.20 13.95 2.00
N ASN A 91 -5.51 15.04 1.65
CA ASN A 91 -6.11 16.27 1.14
C ASN A 91 -6.01 16.36 -0.41
N ASN A 92 -7.14 16.59 -1.07
CA ASN A 92 -7.22 16.92 -2.50
C ASN A 92 -8.46 17.78 -2.82
N LEU A 93 -9.64 17.15 -2.74
CA LEU A 93 -10.95 17.75 -3.05
C LEU A 93 -12.09 17.09 -2.22
N LYS A 94 -11.77 16.75 -0.97
CA LYS A 94 -12.68 16.09 -0.01
C LYS A 94 -13.54 17.12 0.73
N THR A 95 -13.04 18.33 0.87
CA THR A 95 -13.71 19.49 1.46
C THR A 95 -13.07 20.78 0.94
N ILE A 96 -13.89 21.68 0.41
CA ILE A 96 -13.50 22.97 -0.17
C ILE A 96 -14.49 24.12 0.12
N GLY A 97 -15.54 23.88 0.91
CA GLY A 97 -16.68 24.80 1.06
C GLY A 97 -17.51 24.98 -0.23
N ILE A 98 -17.30 24.11 -1.23
CA ILE A 98 -17.98 24.08 -2.54
C ILE A 98 -17.98 25.46 -3.25
N LEU A 99 -16.90 26.24 -3.02
CA LEU A 99 -16.67 27.59 -3.56
C LEU A 99 -17.83 28.60 -3.32
N GLN A 100 -18.63 28.38 -2.27
CA GLN A 100 -19.86 29.12 -1.96
C GLN A 100 -19.84 29.83 -0.59
N GLU A 101 -18.66 30.28 -0.15
CA GLU A 101 -18.43 30.88 1.18
C GLU A 101 -19.05 32.27 1.34
N GLU A 102 -19.32 33.00 0.25
CA GLU A 102 -19.94 34.34 0.25
C GLU A 102 -20.88 34.52 -0.95
N VAL A 103 -22.09 33.97 -0.81
CA VAL A 103 -23.20 34.07 -1.79
C VAL A 103 -24.56 33.99 -1.09
N SER A 104 -25.60 34.55 -1.70
CA SER A 104 -27.01 34.63 -1.24
C SER A 104 -27.27 35.44 0.05
N SER A 105 -26.41 35.36 1.07
CA SER A 105 -26.58 36.04 2.36
C SER A 105 -26.04 37.48 2.39
N MET A 106 -25.16 37.84 1.46
CA MET A 106 -24.51 39.17 1.37
C MET A 106 -24.28 39.63 -0.10
N GLU A 107 -25.14 39.18 -1.02
CA GLU A 107 -25.03 39.42 -2.46
C GLU A 107 -25.61 40.80 -2.86
N ALA A 108 -25.06 41.87 -2.29
CA ALA A 108 -25.47 43.27 -2.48
C ALA A 108 -24.31 44.26 -2.28
N LYS A 109 -24.51 45.51 -2.73
CA LYS A 109 -23.61 46.67 -2.50
C LYS A 109 -24.39 47.87 -1.94
N SER A 110 -23.69 48.71 -1.17
CA SER A 110 -24.21 49.95 -0.56
C SER A 110 -23.21 51.10 -0.71
N MET A 111 -23.71 52.33 -0.87
CA MET A 111 -22.93 53.55 -1.14
C MET A 111 -23.46 54.76 -0.36
N THR A 112 -22.64 55.82 -0.30
CA THR A 112 -23.00 57.12 0.32
C THR A 112 -22.53 58.30 -0.54
N TRP A 113 -23.10 59.48 -0.26
CA TRP A 113 -23.01 60.69 -1.08
C TRP A 113 -22.41 61.89 -0.30
N GLY A 1 -18.26 -23.11 -59.57
CA GLY A 1 -17.21 -22.28 -60.20
C GLY A 1 -16.04 -22.01 -59.26
N SER A 2 -15.07 -21.23 -59.73
CA SER A 2 -13.77 -20.99 -59.06
C SER A 2 -13.45 -19.50 -58.83
N HIS A 3 -14.48 -18.66 -58.72
CA HIS A 3 -14.37 -17.19 -58.57
C HIS A 3 -14.80 -16.73 -57.17
N MET A 4 -13.95 -15.97 -56.47
CA MET A 4 -14.15 -15.49 -55.10
C MET A 4 -13.35 -14.21 -54.82
N ALA A 5 -13.96 -13.23 -54.15
CA ALA A 5 -13.31 -12.00 -53.74
C ALA A 5 -13.91 -11.37 -52.46
N SER A 6 -13.13 -10.52 -51.80
CA SER A 6 -13.48 -9.82 -50.55
C SER A 6 -12.71 -8.50 -50.40
N MET A 7 -13.29 -7.55 -49.62
CA MET A 7 -12.75 -6.18 -49.43
C MET A 7 -12.99 -5.70 -47.98
N ASP A 8 -12.38 -6.37 -47.00
CA ASP A 8 -12.59 -6.15 -45.56
C ASP A 8 -11.25 -6.00 -44.80
N PRO A 9 -10.89 -4.79 -44.30
CA PRO A 9 -9.61 -4.53 -43.64
C PRO A 9 -9.58 -4.86 -42.14
N LEU A 10 -10.73 -5.17 -41.55
CA LEU A 10 -10.93 -5.46 -40.14
C LEU A 10 -11.31 -6.95 -39.92
N ASP A 11 -10.54 -7.85 -40.54
CA ASP A 11 -10.74 -9.31 -40.46
C ASP A 11 -9.56 -10.08 -39.84
N LYS A 12 -8.51 -9.35 -39.42
CA LYS A 12 -7.20 -9.92 -39.02
C LYS A 12 -6.84 -9.62 -37.56
N ILE A 13 -6.84 -8.34 -37.22
CA ILE A 13 -6.42 -7.77 -35.93
C ILE A 13 -7.47 -6.82 -35.31
N ILE A 14 -8.71 -6.85 -35.82
CA ILE A 14 -9.84 -6.03 -35.37
C ILE A 14 -9.99 -6.03 -33.82
N ASN A 15 -9.60 -4.92 -33.17
CA ASN A 15 -9.62 -4.78 -31.70
C ASN A 15 -9.75 -3.33 -31.19
N ASP A 16 -9.76 -2.33 -32.06
CA ASP A 16 -9.49 -0.94 -31.68
C ASP A 16 -10.72 -0.16 -31.15
N ILE A 17 -11.80 -0.88 -30.87
CA ILE A 17 -13.11 -0.33 -30.47
C ILE A 17 -13.88 -1.24 -29.48
N LYS A 18 -13.14 -1.99 -28.65
CA LYS A 18 -13.72 -2.92 -27.66
C LYS A 18 -13.33 -2.63 -26.21
N LYS A 19 -12.04 -2.41 -25.94
CA LYS A 19 -11.43 -2.25 -24.60
C LYS A 19 -11.90 -3.29 -23.56
N GLU A 20 -11.95 -4.56 -23.95
CA GLU A 20 -12.37 -5.68 -23.10
C GLU A 20 -11.16 -6.55 -22.66
N ALA A 21 -11.10 -6.87 -21.36
CA ALA A 21 -10.08 -7.72 -20.74
C ALA A 21 -10.60 -8.39 -19.45
N ASN A 22 -9.80 -9.32 -18.89
CA ASN A 22 -10.03 -9.99 -17.61
C ASN A 22 -8.70 -10.25 -16.87
N ASP A 23 -8.76 -10.42 -15.55
CA ASP A 23 -7.60 -10.71 -14.69
C ASP A 23 -7.98 -11.65 -13.54
N SER A 24 -7.56 -12.92 -13.63
CA SER A 24 -7.83 -13.98 -12.66
C SER A 24 -6.53 -14.75 -12.32
N GLY A 25 -5.96 -14.47 -11.14
CA GLY A 25 -4.83 -15.22 -10.57
C GLY A 25 -3.86 -14.39 -9.71
N VAL A 26 -3.83 -13.06 -9.90
CA VAL A 26 -3.05 -12.11 -9.10
C VAL A 26 -3.86 -10.84 -8.82
N THR A 27 -4.02 -10.49 -7.55
CA THR A 27 -4.75 -9.27 -7.13
C THR A 27 -4.36 -8.77 -5.74
N LEU A 28 -4.61 -7.48 -5.50
CA LEU A 28 -4.33 -6.73 -4.25
C LEU A 28 -5.38 -6.89 -3.15
N ALA A 29 -6.02 -8.07 -3.09
CA ALA A 29 -7.23 -8.31 -2.30
C ALA A 29 -7.03 -9.41 -1.23
N PRO A 30 -6.63 -9.05 0.02
CA PRO A 30 -6.39 -10.05 1.07
C PRO A 30 -7.67 -10.59 1.71
N LEU A 31 -8.72 -9.77 1.87
CA LEU A 31 -9.98 -10.14 2.55
C LEU A 31 -11.16 -9.29 2.00
N SER A 32 -11.55 -9.54 0.75
CA SER A 32 -12.69 -8.89 0.06
C SER A 32 -12.65 -7.35 0.08
N VAL A 33 -11.45 -6.79 -0.09
CA VAL A 33 -11.15 -5.35 -0.02
C VAL A 33 -9.91 -5.03 -0.85
N PRO A 34 -9.80 -3.89 -1.56
CA PRO A 34 -8.60 -3.50 -2.32
C PRO A 34 -7.48 -2.97 -1.40
N LYS A 35 -6.96 -3.87 -0.55
CA LYS A 35 -6.01 -3.68 0.57
C LYS A 35 -6.51 -2.73 1.69
N PRO A 36 -6.56 -3.18 2.96
CA PRO A 36 -6.95 -2.32 4.09
C PRO A 36 -5.82 -1.37 4.51
N LYS A 37 -6.18 -0.17 4.98
CA LYS A 37 -5.25 0.85 5.47
C LYS A 37 -4.68 0.48 6.84
N LEU A 38 -3.38 0.73 7.04
CA LEU A 38 -2.62 0.39 8.23
C LEU A 38 -1.59 1.50 8.52
N GLU A 39 -1.55 2.01 9.75
CA GLU A 39 -0.73 3.15 10.17
C GLU A 39 -0.15 2.93 11.57
N GLU A 40 0.65 1.86 11.71
CA GLU A 40 1.16 1.35 12.99
C GLU A 40 2.69 1.25 13.03
N LEU A 41 3.31 2.41 13.30
CA LEU A 41 4.75 2.62 13.48
C LEU A 41 5.03 3.34 14.82
N SER A 42 6.24 3.19 15.35
CA SER A 42 6.73 3.99 16.49
C SER A 42 7.03 5.43 16.04
N GLU A 43 7.18 6.39 16.96
CA GLU A 43 7.40 7.81 16.60
C GLU A 43 8.61 8.01 15.66
N GLN A 44 9.73 7.35 15.95
CA GLN A 44 10.93 7.38 15.11
C GLN A 44 10.70 6.63 13.78
N GLN A 45 10.05 5.47 13.82
CA GLN A 45 9.76 4.67 12.63
C GLN A 45 8.81 5.40 11.68
N LYS A 46 7.80 6.11 12.18
CA LYS A 46 6.91 6.96 11.37
C LYS A 46 7.71 8.07 10.68
N ILE A 47 8.69 8.68 11.35
CA ILE A 47 9.56 9.70 10.74
C ILE A 47 10.51 9.09 9.70
N ILE A 48 11.08 7.89 9.92
CA ILE A 48 11.95 7.25 8.90
C ILE A 48 11.14 6.91 7.65
N LEU A 49 9.93 6.39 7.85
CA LEU A 49 9.00 6.06 6.78
C LEU A 49 8.63 7.33 5.97
N ALA A 50 8.31 8.41 6.67
CA ALA A 50 7.94 9.69 6.07
C ALA A 50 9.12 10.39 5.38
N GLU A 51 10.27 10.52 6.05
CA GLU A 51 11.43 11.24 5.50
C GLU A 51 12.02 10.57 4.25
N TYR A 52 11.77 9.27 4.06
CA TYR A 52 12.15 8.53 2.87
C TYR A 52 11.30 8.97 1.66
N ILE A 53 9.97 8.82 1.74
CA ILE A 53 9.02 9.25 0.71
C ILE A 53 9.09 10.77 0.47
N ALA A 54 9.36 11.57 1.50
CA ALA A 54 9.54 13.02 1.38
C ALA A 54 10.80 13.42 0.58
N GLU A 55 11.78 12.52 0.46
CA GLU A 55 13.03 12.75 -0.29
C GLU A 55 12.99 12.14 -1.71
N VAL A 56 12.27 11.02 -1.94
CA VAL A 56 12.29 10.29 -3.22
C VAL A 56 10.92 10.14 -3.87
N GLY A 57 9.83 10.29 -3.13
CA GLY A 57 8.46 10.01 -3.59
C GLY A 57 8.09 8.53 -3.48
N LEU A 58 6.81 8.26 -3.21
CA LEU A 58 6.26 6.92 -2.95
C LEU A 58 6.40 5.94 -4.15
N GLN A 59 6.73 6.52 -5.31
CA GLN A 59 6.95 5.85 -6.60
C GLN A 59 8.39 5.35 -6.82
N ASN A 60 9.36 5.82 -6.04
CA ASN A 60 10.79 5.46 -6.16
C ASN A 60 11.35 4.62 -5.01
N ILE A 61 10.58 4.50 -3.92
CA ILE A 61 10.85 3.55 -2.83
C ILE A 61 10.65 2.09 -3.29
N THR A 62 11.28 1.16 -2.59
CA THR A 62 11.15 -0.29 -2.78
C THR A 62 10.93 -0.96 -1.42
N ALA A 63 10.08 -1.99 -1.35
CA ALA A 63 9.82 -2.75 -0.12
C ALA A 63 11.07 -3.47 0.39
N ILE A 64 12.01 -3.80 -0.50
CA ILE A 64 13.33 -4.35 -0.18
C ILE A 64 14.12 -3.34 0.66
N THR A 65 14.18 -2.10 0.18
CA THR A 65 14.93 -1.02 0.82
C THR A 65 14.20 -0.51 2.06
N LEU A 66 12.88 -0.36 2.00
CA LEU A 66 12.04 0.07 3.12
C LEU A 66 12.01 -0.98 4.26
N SER A 67 12.09 -2.27 3.93
CA SER A 67 12.38 -3.36 4.88
C SER A 67 13.66 -3.14 5.68
N LYS A 68 14.63 -2.49 5.04
CA LYS A 68 15.97 -2.25 5.58
C LYS A 68 16.14 -0.86 6.20
N LYS A 69 15.33 0.13 5.80
CA LYS A 69 15.32 1.49 6.36
C LYS A 69 14.81 1.50 7.81
N LEU A 70 13.80 0.67 8.08
CA LEU A 70 13.10 0.58 9.37
C LEU A 70 13.44 -0.69 10.18
N ASN A 71 14.28 -1.57 9.64
CA ASN A 71 14.64 -2.88 10.21
C ASN A 71 13.41 -3.79 10.43
N ILE A 72 12.57 -3.90 9.40
CA ILE A 72 11.30 -4.66 9.40
C ILE A 72 11.39 -5.88 8.47
N THR A 73 10.24 -6.41 8.03
CA THR A 73 10.15 -7.40 6.94
C THR A 73 9.72 -6.74 5.62
N VAL A 74 9.96 -7.43 4.50
CA VAL A 74 9.42 -7.03 3.19
C VAL A 74 7.88 -7.07 3.21
N GLU A 75 7.26 -7.85 4.09
CA GLU A 75 5.80 -7.99 4.15
C GLU A 75 5.19 -6.79 4.87
N LYS A 76 5.86 -6.24 5.91
CA LYS A 76 5.48 -4.94 6.47
C LYS A 76 5.70 -3.85 5.45
N ALA A 77 6.91 -3.79 4.90
CA ALA A 77 7.36 -2.71 4.02
C ALA A 77 6.48 -2.55 2.78
N LYS A 78 6.03 -3.68 2.21
CA LYS A 78 5.15 -3.75 1.05
C LYS A 78 3.70 -3.44 1.41
N ASN A 79 3.25 -3.76 2.63
CA ASN A 79 1.87 -3.47 3.05
C ASN A 79 1.54 -1.97 2.92
N TYR A 80 2.47 -1.10 3.32
CA TYR A 80 2.33 0.35 3.24
C TYR A 80 2.18 0.77 1.77
N ILE A 81 3.09 0.31 0.91
CA ILE A 81 3.11 0.63 -0.53
C ILE A 81 1.83 0.11 -1.24
N LYS A 82 1.18 -0.93 -0.69
CA LYS A 82 -0.03 -1.58 -1.20
C LYS A 82 -1.32 -0.91 -0.72
N ASN A 83 -1.34 -0.27 0.46
CA ASN A 83 -2.53 0.43 0.97
C ASN A 83 -2.45 1.97 0.83
N SER A 84 -1.26 2.58 0.94
CA SER A 84 -1.07 4.04 1.01
C SER A 84 -1.04 4.77 -0.35
N ASN A 85 -1.03 4.02 -1.45
CA ASN A 85 -0.77 4.49 -2.82
C ASN A 85 -1.82 5.44 -3.45
N ARG A 86 -2.79 5.93 -2.67
CA ARG A 86 -3.77 6.96 -3.05
C ARG A 86 -3.48 8.35 -2.44
N LEU A 87 -2.44 8.47 -1.60
CA LEU A 87 -2.07 9.71 -0.91
C LEU A 87 -1.00 10.50 -1.69
N GLY A 88 0.06 9.82 -2.13
CA GLY A 88 1.08 10.36 -3.04
C GLY A 88 0.72 10.18 -4.52
N ARG A 89 1.33 11.00 -5.40
CA ARG A 89 1.15 10.99 -6.87
C ARG A 89 -0.26 11.38 -7.35
N THR A 90 -0.91 12.29 -6.63
CA THR A 90 -2.26 12.81 -6.93
C THR A 90 -2.54 14.08 -6.10
N ASN A 91 -1.82 15.15 -6.44
CA ASN A 91 -1.96 16.49 -5.84
C ASN A 91 -1.87 17.57 -6.93
N ASN A 92 -2.69 18.62 -6.80
CA ASN A 92 -2.87 19.67 -7.83
C ASN A 92 -2.72 21.12 -7.31
N LEU A 93 -2.76 21.33 -5.99
CA LEU A 93 -2.97 22.64 -5.37
C LEU A 93 -2.05 22.87 -4.14
N LYS A 94 -0.87 22.25 -4.20
CA LYS A 94 0.19 22.30 -3.18
C LYS A 94 1.07 23.54 -3.33
N THR A 95 1.14 24.07 -4.56
CA THR A 95 1.82 25.32 -4.91
C THR A 95 1.21 25.89 -6.19
N ILE A 96 0.82 27.16 -6.14
CA ILE A 96 0.19 27.91 -7.24
C ILE A 96 0.63 29.39 -7.33
N GLY A 97 1.54 29.83 -6.46
CA GLY A 97 1.88 31.26 -6.30
C GLY A 97 0.77 32.12 -5.68
N ILE A 98 -0.27 31.49 -5.12
CA ILE A 98 -1.38 32.10 -4.36
C ILE A 98 -2.03 33.26 -5.15
N LEU A 99 -2.22 33.05 -6.46
CA LEU A 99 -2.80 34.00 -7.43
C LEU A 99 -2.15 35.40 -7.45
N GLN A 100 -0.88 35.50 -7.03
CA GLN A 100 -0.13 36.74 -6.84
C GLN A 100 1.28 36.65 -7.44
N GLU A 101 1.36 36.32 -8.74
CA GLU A 101 2.60 36.33 -9.53
C GLU A 101 2.77 37.68 -10.23
N GLU A 102 3.73 38.50 -9.78
CA GLU A 102 3.97 39.89 -10.24
C GLU A 102 5.46 40.14 -10.51
N VAL A 103 5.99 39.43 -11.51
CA VAL A 103 7.40 39.50 -11.95
C VAL A 103 7.50 39.66 -13.46
N SER A 104 8.49 40.43 -13.92
CA SER A 104 8.82 40.57 -15.36
C SER A 104 10.31 40.80 -15.63
N SER A 105 10.94 41.81 -15.01
CA SER A 105 12.36 42.11 -15.13
C SER A 105 12.91 42.75 -13.85
N MET A 106 13.81 42.04 -13.15
CA MET A 106 14.43 42.43 -11.87
C MET A 106 13.44 42.79 -10.73
N GLU A 107 12.21 42.27 -10.80
CA GLU A 107 11.14 42.50 -9.80
C GLU A 107 11.30 41.55 -8.59
N ALA A 108 12.36 41.75 -7.80
CA ALA A 108 12.71 40.95 -6.64
C ALA A 108 13.24 41.81 -5.46
N LYS A 109 13.19 41.26 -4.24
CA LYS A 109 13.67 41.87 -2.98
C LYS A 109 14.51 40.90 -2.15
N SER A 110 15.46 41.44 -1.38
CA SER A 110 16.27 40.72 -0.39
C SER A 110 15.55 40.56 0.95
N MET A 111 16.05 39.66 1.80
CA MET A 111 15.55 39.42 3.17
C MET A 111 16.72 39.23 4.16
N THR A 112 16.41 38.91 5.42
CA THR A 112 17.38 38.69 6.51
C THR A 112 17.36 37.23 6.96
N TRP A 113 18.53 36.73 7.35
CA TRP A 113 18.77 35.36 7.83
C TRP A 113 18.94 35.29 9.36
N GLY A 1 26.19 -35.97 -0.07
CA GLY A 1 27.16 -36.54 0.89
C GLY A 1 28.59 -36.39 0.40
N SER A 2 29.43 -37.41 0.67
CA SER A 2 30.85 -37.45 0.27
C SER A 2 31.08 -38.27 -1.00
N HIS A 3 32.15 -37.94 -1.75
CA HIS A 3 32.46 -38.42 -3.11
C HIS A 3 31.41 -38.07 -4.18
N MET A 4 31.84 -38.05 -5.45
CA MET A 4 31.05 -37.62 -6.61
C MET A 4 30.22 -38.77 -7.21
N ALA A 5 29.34 -39.34 -6.39
CA ALA A 5 28.49 -40.48 -6.74
C ALA A 5 27.10 -40.43 -6.07
N SER A 6 26.13 -41.14 -6.67
CA SER A 6 24.75 -41.32 -6.16
C SER A 6 24.15 -42.65 -6.68
N MET A 7 23.11 -43.15 -6.02
CA MET A 7 22.41 -44.39 -6.38
C MET A 7 20.87 -44.23 -6.30
N ASP A 8 20.36 -43.29 -7.10
CA ASP A 8 18.93 -43.03 -7.36
C ASP A 8 18.03 -42.98 -6.09
N PRO A 9 18.16 -41.93 -5.25
CA PRO A 9 17.48 -41.83 -3.95
C PRO A 9 15.94 -41.64 -4.02
N LEU A 10 15.38 -41.60 -5.23
CA LEU A 10 13.95 -41.39 -5.52
C LEU A 10 13.40 -42.36 -6.59
N ASP A 11 13.92 -43.59 -6.64
CA ASP A 11 13.40 -44.67 -7.50
C ASP A 11 12.48 -45.69 -6.77
N LYS A 12 12.31 -45.50 -5.45
CA LYS A 12 11.84 -46.56 -4.52
C LYS A 12 10.71 -46.10 -3.60
N ILE A 13 11.00 -45.06 -2.80
CA ILE A 13 10.09 -44.47 -1.82
C ILE A 13 9.55 -43.09 -2.25
N ILE A 14 9.80 -42.71 -3.51
CA ILE A 14 9.28 -41.48 -4.13
C ILE A 14 7.78 -41.25 -3.86
N ASN A 15 7.45 -40.04 -3.38
CA ASN A 15 6.10 -39.59 -3.04
C ASN A 15 5.98 -38.06 -3.22
N ASP A 16 6.44 -37.58 -4.38
CA ASP A 16 6.61 -36.15 -4.66
C ASP A 16 5.67 -35.65 -5.79
N ILE A 17 4.65 -36.46 -6.10
CA ILE A 17 3.66 -36.26 -7.18
C ILE A 17 2.37 -37.06 -6.94
N LYS A 18 1.89 -37.11 -5.69
CA LYS A 18 0.78 -38.01 -5.31
C LYS A 18 -0.25 -37.42 -4.34
N LYS A 19 0.19 -36.69 -3.31
CA LYS A 19 -0.60 -36.30 -2.13
C LYS A 19 -0.43 -34.81 -1.78
N GLU A 20 -0.33 -33.96 -2.80
CA GLU A 20 0.00 -32.53 -2.69
C GLU A 20 -1.00 -31.62 -3.45
N ALA A 21 -1.10 -30.37 -3.03
CA ALA A 21 -1.95 -29.34 -3.62
C ALA A 21 -1.24 -28.46 -4.68
N ASN A 22 -2.00 -27.58 -5.34
CA ASN A 22 -1.59 -26.77 -6.47
C ASN A 22 -1.92 -25.27 -6.25
N ASP A 23 -1.24 -24.63 -5.30
CA ASP A 23 -1.45 -23.22 -4.90
C ASP A 23 -0.65 -22.22 -5.76
N SER A 24 -0.59 -22.47 -7.07
CA SER A 24 0.24 -21.73 -8.03
C SER A 24 -0.38 -20.39 -8.46
N GLY A 25 -0.42 -19.43 -7.55
CA GLY A 25 -0.99 -18.09 -7.72
C GLY A 25 -2.47 -18.04 -7.32
N VAL A 26 -2.73 -17.69 -6.06
CA VAL A 26 -4.07 -17.54 -5.48
C VAL A 26 -4.09 -16.44 -4.41
N THR A 27 -5.14 -15.61 -4.42
CA THR A 27 -5.38 -14.46 -3.51
C THR A 27 -4.33 -13.34 -3.58
N LEU A 28 -4.65 -12.15 -3.04
CA LEU A 28 -3.83 -10.93 -3.07
C LEU A 28 -3.55 -10.34 -1.67
N ALA A 29 -3.43 -11.21 -0.67
CA ALA A 29 -3.21 -10.85 0.74
C ALA A 29 -1.70 -10.79 1.09
N PRO A 30 -1.22 -9.76 1.82
CA PRO A 30 0.16 -9.70 2.31
C PRO A 30 0.40 -10.60 3.54
N LEU A 31 -0.64 -10.85 4.33
CA LEU A 31 -0.65 -11.80 5.46
C LEU A 31 -2.02 -12.43 5.68
N SER A 32 -2.99 -11.55 5.91
CA SER A 32 -4.41 -11.85 6.14
C SER A 32 -5.28 -10.66 5.71
N VAL A 33 -6.50 -10.95 5.26
CA VAL A 33 -7.38 -10.07 4.44
C VAL A 33 -6.72 -9.69 3.09
N PRO A 34 -7.47 -9.54 1.98
CA PRO A 34 -6.93 -9.09 0.68
C PRO A 34 -6.50 -7.61 0.74
N LYS A 35 -5.35 -7.36 1.38
CA LYS A 35 -4.70 -6.07 1.68
C LYS A 35 -5.62 -5.13 2.49
N PRO A 36 -5.57 -5.15 3.84
CA PRO A 36 -6.22 -4.14 4.67
C PRO A 36 -5.38 -2.85 4.75
N LYS A 37 -6.02 -1.67 4.64
CA LYS A 37 -5.34 -0.36 4.79
C LYS A 37 -4.89 -0.12 6.24
N LEU A 38 -3.58 0.01 6.44
CA LEU A 38 -2.94 0.25 7.74
C LEU A 38 -1.64 1.08 7.61
N GLU A 39 -1.33 1.88 8.63
CA GLU A 39 -0.08 2.66 8.77
C GLU A 39 0.33 2.75 10.25
N GLU A 40 0.91 1.68 10.80
CA GLU A 40 1.28 1.54 12.22
C GLU A 40 2.79 1.35 12.41
N LEU A 41 3.44 2.36 12.98
CA LEU A 41 4.88 2.46 13.26
C LEU A 41 5.17 3.15 14.61
N SER A 42 6.38 2.96 15.13
CA SER A 42 6.89 3.69 16.32
C SER A 42 7.17 5.16 15.95
N GLU A 43 7.33 6.06 16.92
CA GLU A 43 7.50 7.51 16.64
C GLU A 43 8.69 7.81 15.71
N GLN A 44 9.85 7.17 15.95
CA GLN A 44 11.04 7.29 15.10
C GLN A 44 10.81 6.63 13.75
N GLN A 45 10.21 5.43 13.73
CA GLN A 45 9.89 4.71 12.50
C GLN A 45 8.94 5.50 11.60
N LYS A 46 7.91 6.13 12.15
CA LYS A 46 6.97 7.00 11.41
C LYS A 46 7.71 8.17 10.75
N ILE A 47 8.69 8.77 11.42
CA ILE A 47 9.54 9.82 10.84
C ILE A 47 10.45 9.27 9.73
N ILE A 48 11.06 8.09 9.87
CA ILE A 48 11.91 7.51 8.82
C ILE A 48 11.09 7.19 7.57
N LEU A 49 9.91 6.59 7.77
CA LEU A 49 8.95 6.28 6.71
C LEU A 49 8.57 7.55 5.94
N ALA A 50 8.21 8.61 6.67
CA ALA A 50 7.87 9.91 6.11
C ALA A 50 9.05 10.60 5.40
N GLU A 51 10.20 10.74 6.07
CA GLU A 51 11.39 11.40 5.51
C GLU A 51 11.93 10.68 4.27
N TYR A 52 11.72 9.37 4.13
CA TYR A 52 12.12 8.60 2.96
C TYR A 52 11.26 8.96 1.73
N ILE A 53 9.93 8.85 1.84
CA ILE A 53 8.96 9.25 0.80
C ILE A 53 9.08 10.75 0.47
N ALA A 54 9.37 11.59 1.47
CA ALA A 54 9.57 13.03 1.27
C ALA A 54 10.85 13.37 0.48
N GLU A 55 11.83 12.46 0.44
CA GLU A 55 13.09 12.61 -0.28
C GLU A 55 13.07 11.98 -1.69
N VAL A 56 12.30 10.89 -1.91
CA VAL A 56 12.32 10.15 -3.19
C VAL A 56 10.97 10.06 -3.88
N GLY A 57 9.86 10.16 -3.16
CA GLY A 57 8.50 9.94 -3.65
C GLY A 57 8.00 8.50 -3.44
N LEU A 58 6.72 8.36 -3.11
CA LEU A 58 6.03 7.12 -2.70
C LEU A 58 6.05 5.98 -3.73
N GLN A 59 6.36 6.34 -4.97
CA GLN A 59 6.46 5.48 -6.15
C GLN A 59 7.92 5.09 -6.50
N ASN A 60 8.92 5.69 -5.86
CA ASN A 60 10.35 5.40 -6.06
C ASN A 60 11.01 4.64 -4.91
N ILE A 61 10.34 4.57 -3.76
CA ILE A 61 10.66 3.62 -2.69
C ILE A 61 10.47 2.17 -3.14
N THR A 62 11.15 1.24 -2.48
CA THR A 62 11.01 -0.21 -2.71
C THR A 62 10.79 -0.93 -1.39
N ALA A 63 10.01 -2.01 -1.36
CA ALA A 63 9.77 -2.81 -0.16
C ALA A 63 11.06 -3.45 0.38
N ILE A 64 12.04 -3.67 -0.50
CA ILE A 64 13.38 -4.18 -0.18
C ILE A 64 14.19 -3.13 0.58
N THR A 65 14.07 -1.87 0.17
CA THR A 65 14.78 -0.76 0.80
C THR A 65 14.03 -0.33 2.06
N LEU A 66 12.70 -0.29 2.01
CA LEU A 66 11.83 0.04 3.14
C LEU A 66 11.92 -1.02 4.26
N SER A 67 12.07 -2.31 3.91
CA SER A 67 12.38 -3.37 4.90
C SER A 67 13.69 -3.15 5.65
N LYS A 68 14.61 -2.39 5.04
CA LYS A 68 15.95 -2.10 5.55
C LYS A 68 16.09 -0.72 6.20
N LYS A 69 15.34 0.30 5.74
CA LYS A 69 15.32 1.66 6.28
C LYS A 69 14.80 1.69 7.73
N LEU A 70 13.85 0.80 8.05
CA LEU A 70 13.17 0.75 9.35
C LEU A 70 13.38 -0.57 10.13
N ASN A 71 14.22 -1.48 9.61
CA ASN A 71 14.53 -2.80 10.19
C ASN A 71 13.29 -3.69 10.39
N ILE A 72 12.59 -4.00 9.29
CA ILE A 72 11.29 -4.69 9.23
C ILE A 72 11.28 -5.81 8.18
N THR A 73 10.18 -6.59 8.09
CA THR A 73 10.00 -7.59 7.02
C THR A 73 9.61 -6.94 5.70
N VAL A 74 9.85 -7.63 4.59
CA VAL A 74 9.41 -7.17 3.25
C VAL A 74 7.88 -7.11 3.17
N GLU A 75 7.12 -7.92 3.93
CA GLU A 75 5.66 -7.91 3.86
C GLU A 75 5.09 -6.77 4.72
N LYS A 76 5.72 -6.50 5.86
CA LYS A 76 5.40 -5.40 6.78
C LYS A 76 5.61 -4.06 6.08
N ALA A 77 6.73 -3.96 5.37
CA ALA A 77 7.10 -2.84 4.52
C ALA A 77 6.18 -2.68 3.29
N LYS A 78 5.93 -3.78 2.55
CA LYS A 78 5.18 -3.74 1.29
C LYS A 78 3.71 -3.46 1.51
N ASN A 79 3.16 -3.82 2.66
CA ASN A 79 1.75 -3.52 2.92
C ASN A 79 1.49 -2.00 2.89
N TYR A 80 2.43 -1.17 3.38
CA TYR A 80 2.34 0.29 3.29
C TYR A 80 2.31 0.76 1.83
N ILE A 81 3.12 0.15 0.97
CA ILE A 81 3.22 0.48 -0.46
C ILE A 81 1.95 0.04 -1.20
N LYS A 82 1.25 -1.02 -0.74
CA LYS A 82 -0.02 -1.49 -1.28
C LYS A 82 -1.20 -0.60 -0.82
N ASN A 83 -1.13 -0.08 0.40
CA ASN A 83 -2.18 0.67 1.08
C ASN A 83 -2.14 2.14 0.69
N SER A 84 -0.95 2.72 0.85
CA SER A 84 -0.60 4.06 0.41
C SER A 84 0.18 4.02 -0.91
N ASN A 85 -0.49 4.43 -2.00
CA ASN A 85 0.01 4.29 -3.36
C ASN A 85 -0.41 5.49 -4.23
N ARG A 86 0.57 6.24 -4.78
CA ARG A 86 0.45 7.57 -5.46
C ARG A 86 -0.21 8.72 -4.66
N LEU A 87 -1.04 8.42 -3.66
CA LEU A 87 -1.86 9.37 -2.89
C LEU A 87 -1.11 9.99 -1.71
N GLY A 88 -0.31 9.20 -1.00
CA GLY A 88 0.38 9.63 0.22
C GLY A 88 -0.58 9.85 1.39
N ARG A 89 -0.42 10.98 2.10
CA ARG A 89 -1.33 11.41 3.18
C ARG A 89 -2.58 12.04 2.58
N THR A 90 -2.37 13.07 1.75
CA THR A 90 -3.39 13.73 0.93
C THR A 90 -2.71 14.68 -0.06
N ASN A 91 -3.00 14.51 -1.35
CA ASN A 91 -2.47 15.31 -2.45
C ASN A 91 -3.55 15.63 -3.51
N ASN A 92 -3.39 16.77 -4.19
CA ASN A 92 -4.30 17.31 -5.20
C ASN A 92 -3.51 18.08 -6.29
N LEU A 93 -4.18 18.54 -7.36
CA LEU A 93 -3.58 19.29 -8.48
C LEU A 93 -2.46 18.54 -9.23
N LYS A 94 -2.54 17.19 -9.24
CA LYS A 94 -1.55 16.27 -9.84
C LYS A 94 -2.15 15.22 -10.79
N THR A 95 -3.46 15.25 -11.03
CA THR A 95 -4.19 14.33 -11.89
C THR A 95 -5.49 14.98 -12.38
N ILE A 96 -5.71 14.90 -13.68
CA ILE A 96 -6.88 15.42 -14.40
C ILE A 96 -7.44 14.43 -15.45
N GLY A 97 -6.90 13.21 -15.52
CA GLY A 97 -7.19 12.24 -16.59
C GLY A 97 -6.67 12.65 -17.99
N ILE A 98 -5.89 13.74 -18.07
CA ILE A 98 -5.25 14.29 -19.28
C ILE A 98 -6.28 14.49 -20.43
N LEU A 99 -7.51 14.89 -20.05
CA LEU A 99 -8.66 15.16 -20.93
C LEU A 99 -9.05 13.98 -21.86
N GLN A 100 -8.71 12.75 -21.46
CA GLN A 100 -8.84 11.51 -22.25
C GLN A 100 -9.48 10.35 -21.45
N GLU A 101 -10.24 10.67 -20.40
CA GLU A 101 -10.90 9.71 -19.50
C GLU A 101 -12.33 10.16 -19.14
N GLU A 102 -13.27 9.21 -19.04
CA GLU A 102 -14.69 9.43 -18.73
C GLU A 102 -15.39 10.44 -19.67
N VAL A 103 -15.50 10.05 -20.95
CA VAL A 103 -16.13 10.83 -22.03
C VAL A 103 -17.14 9.96 -22.79
N SER A 104 -18.28 9.66 -22.17
CA SER A 104 -19.41 8.98 -22.82
C SER A 104 -20.72 9.11 -22.01
N SER A 105 -20.81 8.47 -20.83
CA SER A 105 -22.04 8.43 -20.02
C SER A 105 -22.34 9.76 -19.31
N MET A 106 -21.27 10.50 -18.95
CA MET A 106 -21.32 11.89 -18.47
C MET A 106 -20.35 12.74 -19.31
N GLU A 107 -20.79 13.95 -19.69
CA GLU A 107 -20.02 14.88 -20.53
C GLU A 107 -20.45 16.35 -20.26
N ALA A 108 -20.64 16.70 -18.99
CA ALA A 108 -21.33 17.92 -18.54
C ALA A 108 -22.71 18.09 -19.20
N LYS A 109 -23.11 19.33 -19.54
CA LYS A 109 -24.36 19.68 -20.22
C LYS A 109 -24.11 20.44 -21.53
N SER A 110 -25.05 20.36 -22.46
CA SER A 110 -24.98 20.94 -23.81
C SER A 110 -26.13 21.91 -24.09
N MET A 111 -25.92 22.83 -25.04
CA MET A 111 -26.92 23.81 -25.50
C MET A 111 -26.82 24.06 -27.01
N THR A 112 -27.90 24.62 -27.57
CA THR A 112 -27.97 25.09 -28.96
C THR A 112 -28.80 26.37 -29.06
N TRP A 113 -28.40 27.27 -29.95
CA TRP A 113 -28.97 28.62 -30.12
C TRP A 113 -29.47 28.87 -31.55
N GLY A 1 27.60 -37.72 26.17
CA GLY A 1 28.51 -38.34 25.18
C GLY A 1 28.37 -37.71 23.81
N SER A 2 28.72 -38.44 22.75
CA SER A 2 28.87 -37.92 21.38
C SER A 2 27.56 -37.45 20.73
N HIS A 3 26.43 -38.12 21.02
CA HIS A 3 25.09 -37.78 20.50
C HIS A 3 24.01 -38.25 21.48
N MET A 4 23.40 -37.30 22.21
CA MET A 4 22.36 -37.58 23.23
C MET A 4 21.32 -36.46 23.35
N ALA A 5 20.89 -35.91 22.21
CA ALA A 5 19.94 -34.82 22.15
C ALA A 5 19.17 -34.77 20.81
N SER A 6 17.91 -34.30 20.88
CA SER A 6 17.04 -34.07 19.72
C SER A 6 15.95 -33.04 20.07
N MET A 7 15.76 -32.03 19.20
CA MET A 7 14.82 -30.92 19.40
C MET A 7 14.29 -30.34 18.07
N ASP A 8 14.39 -31.09 16.96
CA ASP A 8 14.13 -30.59 15.59
C ASP A 8 13.34 -31.60 14.73
N PRO A 9 12.14 -31.25 14.21
CA PRO A 9 11.34 -32.14 13.36
C PRO A 9 11.73 -32.15 11.87
N LEU A 10 12.71 -31.35 11.47
CA LEU A 10 13.18 -31.20 10.09
C LEU A 10 14.56 -31.85 9.86
N ASP A 11 14.76 -33.05 10.41
CA ASP A 11 16.00 -33.83 10.26
C ASP A 11 15.88 -35.07 9.34
N LYS A 12 14.69 -35.29 8.76
CA LYS A 12 14.31 -36.55 8.07
C LYS A 12 13.95 -36.34 6.60
N ILE A 13 12.96 -35.47 6.37
CA ILE A 13 12.30 -35.23 5.08
C ILE A 13 12.23 -33.73 4.71
N ILE A 14 13.01 -32.89 5.42
CA ILE A 14 13.13 -31.44 5.21
C ILE A 14 13.17 -31.06 3.72
N ASN A 15 12.34 -30.09 3.33
CA ASN A 15 12.21 -29.65 1.93
C ASN A 15 12.01 -28.13 1.73
N ASP A 16 12.00 -27.34 2.80
CA ASP A 16 11.69 -25.89 2.75
C ASP A 16 12.90 -24.99 2.42
N ILE A 17 14.00 -25.61 2.00
CA ILE A 17 15.33 -24.97 1.81
C ILE A 17 16.16 -25.59 0.67
N LYS A 18 15.48 -26.18 -0.34
CA LYS A 18 16.13 -26.81 -1.50
C LYS A 18 15.71 -26.25 -2.87
N LYS A 19 14.42 -25.96 -3.05
CA LYS A 19 13.82 -25.47 -4.32
C LYS A 19 12.66 -24.52 -4.08
N GLU A 20 12.52 -23.51 -4.94
CA GLU A 20 11.46 -22.48 -4.91
C GLU A 20 10.47 -22.67 -6.09
N ALA A 21 9.82 -23.84 -6.13
CA ALA A 21 8.91 -24.26 -7.21
C ALA A 21 7.52 -24.72 -6.74
N ASN A 22 7.20 -24.56 -5.44
CA ASN A 22 5.94 -25.01 -4.85
C ASN A 22 4.92 -23.85 -4.73
N ASP A 23 3.80 -23.97 -5.45
CA ASP A 23 2.67 -23.03 -5.43
C ASP A 23 1.34 -23.77 -5.58
N SER A 24 0.35 -23.41 -4.76
CA SER A 24 -1.03 -23.94 -4.85
C SER A 24 -2.04 -22.92 -4.30
N GLY A 25 -2.71 -22.21 -5.21
CA GLY A 25 -3.84 -21.32 -4.90
C GLY A 25 -3.50 -20.05 -4.12
N VAL A 26 -2.33 -19.49 -4.40
CA VAL A 26 -1.78 -18.29 -3.73
C VAL A 26 -2.23 -17.02 -4.45
N THR A 27 -2.50 -15.97 -3.67
CA THR A 27 -2.84 -14.61 -4.14
C THR A 27 -2.00 -13.54 -3.43
N LEU A 28 -2.25 -12.26 -3.74
CA LEU A 28 -1.49 -11.09 -3.28
C LEU A 28 -1.70 -10.65 -1.81
N ALA A 29 -2.10 -11.59 -0.95
CA ALA A 29 -2.51 -11.38 0.43
C ALA A 29 -1.32 -11.49 1.43
N PRO A 30 -1.13 -10.52 2.36
CA PRO A 30 -0.05 -10.58 3.35
C PRO A 30 -0.38 -11.52 4.53
N LEU A 31 -1.64 -11.52 5.00
CA LEU A 31 -2.17 -12.44 6.02
C LEU A 31 -3.69 -12.57 5.88
N SER A 32 -4.14 -13.56 5.10
CA SER A 32 -5.54 -14.04 5.05
C SER A 32 -6.62 -12.98 4.74
N VAL A 33 -6.23 -11.94 4.00
CA VAL A 33 -7.02 -10.72 3.75
C VAL A 33 -6.63 -10.10 2.39
N PRO A 34 -7.54 -9.47 1.62
CA PRO A 34 -7.22 -8.78 0.36
C PRO A 34 -6.54 -7.41 0.60
N LYS A 35 -5.37 -7.46 1.25
CA LYS A 35 -4.54 -6.34 1.76
C LYS A 35 -5.24 -5.44 2.81
N PRO A 36 -4.66 -5.24 4.01
CA PRO A 36 -5.21 -4.34 5.02
C PRO A 36 -4.79 -2.87 4.80
N LYS A 37 -5.46 -1.95 5.49
CA LYS A 37 -5.07 -0.54 5.67
C LYS A 37 -4.41 -0.36 7.04
N LEU A 38 -3.21 0.23 7.09
CA LEU A 38 -2.46 0.50 8.32
C LEU A 38 -2.20 2.00 8.53
N GLU A 39 -2.10 2.37 9.81
CA GLU A 39 -1.72 3.72 10.27
C GLU A 39 -0.95 3.66 11.59
N GLU A 40 0.01 2.73 11.64
CA GLU A 40 0.77 2.35 12.83
C GLU A 40 2.26 2.14 12.51
N LEU A 41 3.07 3.15 12.90
CA LEU A 41 4.53 3.18 12.98
C LEU A 41 4.95 3.69 14.37
N SER A 42 6.15 3.34 14.83
CA SER A 42 6.74 3.94 16.05
C SER A 42 7.18 5.38 15.76
N GLU A 43 7.44 6.22 16.77
CA GLU A 43 7.75 7.66 16.56
C GLU A 43 8.96 7.88 15.62
N GLN A 44 10.05 7.14 15.82
CA GLN A 44 11.22 7.18 14.93
C GLN A 44 10.93 6.53 13.57
N GLN A 45 10.25 5.37 13.57
CA GLN A 45 9.89 4.67 12.33
C GLN A 45 8.98 5.52 11.43
N LYS A 46 8.05 6.27 12.02
CA LYS A 46 7.17 7.20 11.31
C LYS A 46 7.97 8.31 10.64
N ILE A 47 8.95 8.89 11.33
CA ILE A 47 9.83 9.93 10.75
C ILE A 47 10.69 9.36 9.63
N ILE A 48 11.29 8.17 9.78
CA ILE A 48 12.11 7.56 8.72
C ILE A 48 11.25 7.25 7.48
N LEU A 49 10.09 6.64 7.71
CA LEU A 49 9.10 6.29 6.68
C LEU A 49 8.64 7.54 5.92
N ALA A 50 8.26 8.57 6.65
CA ALA A 50 7.85 9.87 6.13
C ALA A 50 8.98 10.58 5.38
N GLU A 51 10.15 10.75 5.98
CA GLU A 51 11.30 11.42 5.35
C GLU A 51 11.76 10.69 4.08
N TYR A 52 11.60 9.36 3.99
CA TYR A 52 11.92 8.58 2.79
C TYR A 52 10.97 8.96 1.63
N ILE A 53 9.66 8.80 1.81
CA ILE A 53 8.60 9.09 0.86
C ILE A 53 8.56 10.59 0.51
N ALA A 54 8.84 11.48 1.46
CA ALA A 54 8.86 12.93 1.25
C ALA A 54 10.10 13.39 0.46
N GLU A 55 11.22 12.68 0.58
CA GLU A 55 12.44 12.93 -0.20
C GLU A 55 12.39 12.30 -1.59
N VAL A 56 11.86 11.07 -1.72
CA VAL A 56 11.88 10.32 -3.00
C VAL A 56 10.55 10.29 -3.75
N GLY A 57 9.46 10.69 -3.10
CA GLY A 57 8.17 11.03 -3.73
C GLY A 57 7.16 9.88 -3.87
N LEU A 58 7.21 8.88 -2.97
CA LEU A 58 6.44 7.62 -2.97
C LEU A 58 6.58 6.77 -4.26
N GLN A 59 7.51 7.14 -5.14
CA GLN A 59 7.63 6.64 -6.54
C GLN A 59 8.95 5.90 -6.80
N ASN A 60 9.88 5.93 -5.84
CA ASN A 60 11.20 5.25 -5.90
C ASN A 60 11.43 4.28 -4.72
N ILE A 61 10.48 4.17 -3.79
CA ILE A 61 10.58 3.24 -2.66
C ILE A 61 10.39 1.79 -3.11
N THR A 62 11.02 0.86 -2.39
CA THR A 62 10.92 -0.58 -2.64
C THR A 62 10.80 -1.32 -1.31
N ALA A 63 10.02 -2.39 -1.24
CA ALA A 63 9.81 -3.16 -0.01
C ALA A 63 11.12 -3.78 0.51
N ILE A 64 12.09 -4.03 -0.37
CA ILE A 64 13.44 -4.50 -0.05
C ILE A 64 14.22 -3.43 0.71
N THR A 65 14.11 -2.18 0.25
CA THR A 65 14.82 -1.04 0.82
C THR A 65 14.10 -0.58 2.08
N LEU A 66 12.77 -0.45 2.02
CA LEU A 66 11.91 -0.07 3.13
C LEU A 66 11.95 -1.08 4.28
N SER A 67 12.08 -2.39 3.99
CA SER A 67 12.31 -3.43 5.02
C SER A 67 13.62 -3.22 5.80
N LYS A 68 14.58 -2.55 5.18
CA LYS A 68 15.92 -2.28 5.73
C LYS A 68 16.09 -0.86 6.29
N LYS A 69 15.31 0.12 5.81
CA LYS A 69 15.26 1.49 6.36
C LYS A 69 14.70 1.52 7.78
N LEU A 70 13.75 0.62 8.04
CA LEU A 70 12.91 0.59 9.25
C LEU A 70 13.13 -0.68 10.11
N ASN A 71 14.01 -1.59 9.69
CA ASN A 71 14.33 -2.88 10.33
C ASN A 71 13.09 -3.79 10.52
N ILE A 72 12.46 -4.17 9.40
CA ILE A 72 11.18 -4.89 9.31
C ILE A 72 11.24 -6.02 8.27
N THR A 73 10.15 -6.78 8.10
CA THR A 73 10.02 -7.79 7.03
C THR A 73 9.68 -7.13 5.68
N VAL A 74 9.95 -7.83 4.57
CA VAL A 74 9.53 -7.37 3.23
C VAL A 74 8.01 -7.32 3.11
N GLU A 75 7.26 -8.18 3.80
CA GLU A 75 5.80 -8.23 3.69
C GLU A 75 5.17 -7.09 4.52
N LYS A 76 5.80 -6.78 5.66
CA LYS A 76 5.45 -5.66 6.53
C LYS A 76 5.70 -4.33 5.82
N ALA A 77 6.88 -4.17 5.24
CA ALA A 77 7.27 -3.03 4.42
C ALA A 77 6.35 -2.85 3.20
N LYS A 78 6.00 -3.94 2.51
CA LYS A 78 5.20 -3.93 1.30
C LYS A 78 3.74 -3.58 1.59
N ASN A 79 3.24 -3.89 2.78
CA ASN A 79 1.87 -3.51 3.19
C ASN A 79 1.62 -2.00 2.93
N TYR A 80 2.59 -1.17 3.32
CA TYR A 80 2.50 0.28 3.22
C TYR A 80 2.44 0.72 1.75
N ILE A 81 3.19 0.04 0.89
CA ILE A 81 3.21 0.28 -0.56
C ILE A 81 1.89 -0.17 -1.21
N LYS A 82 1.16 -1.14 -0.64
CA LYS A 82 -0.15 -1.60 -1.12
C LYS A 82 -1.32 -0.69 -0.73
N ASN A 83 -1.29 -0.02 0.42
CA ASN A 83 -2.40 0.80 0.92
C ASN A 83 -2.13 2.31 0.77
N SER A 84 -0.93 2.76 1.15
CA SER A 84 -0.56 4.18 1.13
C SER A 84 -0.32 4.79 -0.28
N ASN A 85 -0.14 3.98 -1.33
CA ASN A 85 0.17 4.49 -2.68
C ASN A 85 -0.93 5.38 -3.31
N ARG A 86 -2.17 5.30 -2.80
CA ARG A 86 -3.31 6.15 -3.21
C ARG A 86 -3.13 7.64 -2.84
N LEU A 87 -2.16 7.97 -1.98
CA LEU A 87 -1.84 9.33 -1.56
C LEU A 87 -1.19 10.18 -2.67
N GLY A 88 -0.42 9.55 -3.57
CA GLY A 88 0.28 10.21 -4.67
C GLY A 88 -0.58 10.41 -5.94
N ARG A 89 0.08 10.69 -7.07
CA ARG A 89 -0.53 10.88 -8.41
C ARG A 89 -0.02 9.84 -9.42
N THR A 90 0.90 10.23 -10.29
CA THR A 90 1.50 9.39 -11.34
C THR A 90 2.88 9.92 -11.74
N ASN A 91 3.92 9.10 -11.57
CA ASN A 91 5.33 9.47 -11.77
C ASN A 91 6.19 8.33 -12.38
N ASN A 92 5.56 7.32 -13.02
CA ASN A 92 6.21 6.08 -13.46
C ASN A 92 6.36 5.97 -15.01
N LEU A 93 6.23 7.10 -15.73
CA LEU A 93 6.20 7.20 -17.19
C LEU A 93 6.88 8.49 -17.67
N LYS A 94 7.22 8.52 -18.96
CA LYS A 94 7.94 9.61 -19.66
C LYS A 94 7.16 10.20 -20.84
N THR A 95 5.88 9.84 -20.97
CA THR A 95 4.94 10.37 -21.96
C THR A 95 3.54 10.43 -21.36
N ILE A 96 2.95 11.62 -21.39
CA ILE A 96 1.65 11.95 -20.80
C ILE A 96 0.79 12.88 -21.71
N GLY A 97 1.20 13.09 -22.97
CA GLY A 97 0.68 14.14 -23.84
C GLY A 97 1.23 15.54 -23.56
N ILE A 98 1.91 15.72 -22.40
CA ILE A 98 2.23 17.00 -21.76
C ILE A 98 0.94 17.82 -21.54
N LEU A 99 0.34 17.68 -20.36
CA LEU A 99 -0.95 18.29 -19.99
C LEU A 99 -0.89 19.83 -20.05
N GLN A 100 -1.31 20.39 -21.19
CA GLN A 100 -1.33 21.84 -21.47
C GLN A 100 -2.76 22.39 -21.58
N GLU A 101 -3.50 22.02 -22.64
CA GLU A 101 -4.89 22.42 -22.88
C GLU A 101 -5.66 21.39 -23.74
N GLU A 102 -6.99 21.44 -23.73
CA GLU A 102 -7.87 20.60 -24.56
C GLU A 102 -9.16 21.33 -24.98
N VAL A 103 -9.02 22.50 -25.64
CA VAL A 103 -10.14 23.33 -26.09
C VAL A 103 -9.95 23.83 -27.53
N SER A 104 -11.00 23.71 -28.36
CA SER A 104 -11.03 24.18 -29.75
C SER A 104 -12.05 25.33 -29.92
N SER A 105 -11.65 26.54 -29.52
CA SER A 105 -12.38 27.81 -29.66
C SER A 105 -13.86 27.74 -29.23
N MET A 106 -14.09 27.68 -27.90
CA MET A 106 -15.42 27.53 -27.27
C MET A 106 -16.20 26.30 -27.77
N GLU A 107 -15.64 25.11 -27.55
CA GLU A 107 -16.26 23.80 -27.85
C GLU A 107 -17.29 23.40 -26.77
N ALA A 108 -18.17 24.33 -26.39
CA ALA A 108 -19.18 24.19 -25.33
C ALA A 108 -20.46 25.00 -25.64
N LYS A 109 -21.60 24.59 -25.05
CA LYS A 109 -22.93 25.17 -25.27
C LYS A 109 -23.38 25.97 -24.03
N SER A 110 -23.16 27.29 -24.07
CA SER A 110 -23.41 28.22 -22.95
C SER A 110 -24.06 29.53 -23.44
N MET A 111 -25.25 29.42 -24.05
CA MET A 111 -26.01 30.54 -24.62
C MET A 111 -27.52 30.44 -24.36
N THR A 112 -28.19 31.59 -24.43
CA THR A 112 -29.66 31.72 -24.38
C THR A 112 -30.12 32.85 -25.30
N TRP A 113 -31.30 32.68 -25.92
CA TRP A 113 -31.89 33.60 -26.90
C TRP A 113 -33.34 33.99 -26.55
N GLY A 1 13.15 -43.93 -19.04
CA GLY A 1 13.23 -45.39 -19.31
C GLY A 1 13.94 -46.11 -18.19
N SER A 2 13.21 -46.94 -17.42
CA SER A 2 13.75 -47.79 -16.34
C SER A 2 12.90 -49.05 -16.10
N HIS A 3 11.59 -48.88 -15.89
CA HIS A 3 10.61 -49.97 -15.72
C HIS A 3 9.23 -49.58 -16.28
N MET A 4 8.38 -50.57 -16.57
CA MET A 4 7.12 -50.40 -17.32
C MET A 4 5.85 -50.40 -16.46
N ALA A 5 5.98 -50.23 -15.14
CA ALA A 5 4.83 -50.29 -14.24
C ALA A 5 4.97 -49.44 -12.97
N SER A 6 3.81 -49.07 -12.42
CA SER A 6 3.61 -48.24 -11.22
C SER A 6 2.44 -48.80 -10.42
N MET A 7 2.69 -49.21 -9.16
CA MET A 7 1.77 -50.01 -8.34
C MET A 7 1.78 -49.52 -6.88
N ASP A 8 1.58 -48.22 -6.68
CA ASP A 8 1.74 -47.50 -5.41
C ASP A 8 0.43 -46.82 -4.96
N PRO A 9 0.16 -46.70 -3.65
CA PRO A 9 -1.11 -46.16 -3.12
C PRO A 9 -1.31 -44.66 -3.37
N LEU A 10 -0.24 -43.94 -3.64
CA LEU A 10 -0.19 -42.51 -3.89
C LEU A 10 -0.24 -42.13 -5.39
N ASP A 11 -0.55 -43.05 -6.30
CA ASP A 11 -0.55 -42.76 -7.75
C ASP A 11 -1.68 -41.84 -8.24
N LYS A 12 -2.64 -41.53 -7.36
CA LYS A 12 -3.96 -40.96 -7.70
C LYS A 12 -4.18 -39.56 -7.14
N ILE A 13 -4.19 -39.47 -5.81
CA ILE A 13 -4.48 -38.24 -5.06
C ILE A 13 -3.22 -37.57 -4.48
N ILE A 14 -2.11 -38.33 -4.39
CA ILE A 14 -0.74 -37.88 -4.05
C ILE A 14 -0.63 -36.74 -3.00
N ASN A 15 -1.34 -36.87 -1.86
CA ASN A 15 -1.37 -35.86 -0.81
C ASN A 15 -0.99 -36.43 0.57
N ASP A 16 0.31 -36.40 0.87
CA ASP A 16 0.89 -36.93 2.13
C ASP A 16 1.96 -35.97 2.67
N ILE A 17 1.52 -34.91 3.33
CA ILE A 17 2.33 -33.84 3.98
C ILE A 17 3.41 -33.20 3.08
N LYS A 18 3.18 -33.25 1.76
CA LYS A 18 4.10 -32.74 0.73
C LYS A 18 3.47 -31.71 -0.24
N LYS A 19 2.13 -31.69 -0.36
CA LYS A 19 1.38 -30.84 -1.30
C LYS A 19 0.26 -30.08 -0.58
N GLU A 20 0.63 -29.13 0.27
CA GLU A 20 -0.27 -28.31 1.10
C GLU A 20 0.32 -26.90 1.28
N ALA A 21 -0.47 -25.86 1.03
CA ALA A 21 -0.06 -24.45 1.14
C ALA A 21 -1.22 -23.50 1.49
N ASN A 22 -0.90 -22.37 2.13
CA ASN A 22 -1.84 -21.33 2.55
C ASN A 22 -1.97 -20.19 1.51
N ASP A 23 -3.12 -19.49 1.51
CA ASP A 23 -3.40 -18.33 0.66
C ASP A 23 -2.79 -17.03 1.22
N SER A 24 -1.47 -17.06 1.47
CA SER A 24 -0.72 -15.94 2.06
C SER A 24 -0.41 -14.85 1.02
N GLY A 25 -1.20 -13.78 1.01
CA GLY A 25 -1.09 -12.64 0.10
C GLY A 25 -1.59 -12.94 -1.32
N VAL A 26 -2.82 -12.55 -1.63
CA VAL A 26 -3.51 -12.79 -2.91
C VAL A 26 -4.16 -11.51 -3.43
N THR A 27 -3.92 -11.19 -4.71
CA THR A 27 -4.42 -9.97 -5.41
C THR A 27 -4.08 -8.67 -4.65
N LEU A 28 -4.87 -7.60 -4.85
CA LEU A 28 -4.67 -6.26 -4.29
C LEU A 28 -5.75 -5.88 -3.26
N ALA A 29 -6.36 -6.90 -2.67
CA ALA A 29 -7.59 -6.82 -1.89
C ALA A 29 -7.66 -7.96 -0.83
N PRO A 30 -7.32 -7.69 0.45
CA PRO A 30 -7.38 -8.69 1.53
C PRO A 30 -8.81 -8.92 2.06
N LEU A 31 -9.73 -8.00 1.75
CA LEU A 31 -11.15 -8.03 2.11
C LEU A 31 -11.98 -7.42 0.95
N SER A 32 -13.19 -6.94 1.24
CA SER A 32 -14.13 -6.29 0.29
C SER A 32 -13.74 -4.85 -0.12
N VAL A 33 -12.43 -4.59 -0.23
CA VAL A 33 -11.82 -3.28 -0.45
C VAL A 33 -10.42 -3.45 -1.10
N PRO A 34 -10.00 -2.57 -2.02
CA PRO A 34 -8.68 -2.64 -2.66
C PRO A 34 -7.55 -2.13 -1.75
N LYS A 35 -7.27 -2.90 -0.68
CA LYS A 35 -6.32 -2.68 0.43
C LYS A 35 -6.64 -1.41 1.27
N PRO A 36 -7.11 -1.54 2.53
CA PRO A 36 -7.45 -0.40 3.37
C PRO A 36 -6.20 0.29 3.96
N LYS A 37 -6.32 1.57 4.31
CA LYS A 37 -5.23 2.36 4.89
C LYS A 37 -4.76 1.85 6.26
N LEU A 38 -3.48 2.06 6.59
CA LEU A 38 -2.88 1.71 7.87
C LEU A 38 -1.84 2.77 8.29
N GLU A 39 -1.95 3.26 9.53
CA GLU A 39 -1.01 4.22 10.15
C GLU A 39 -0.41 3.62 11.45
N GLU A 40 0.42 2.59 11.30
CA GLU A 40 0.99 1.80 12.40
C GLU A 40 2.53 1.72 12.31
N LEU A 41 3.19 2.75 12.86
CA LEU A 41 4.65 2.92 12.96
C LEU A 41 5.01 3.43 14.37
N SER A 42 6.22 3.11 14.85
CA SER A 42 6.77 3.68 16.10
C SER A 42 7.21 5.13 15.90
N GLU A 43 7.45 5.91 16.96
CA GLU A 43 7.72 7.36 16.85
C GLU A 43 8.90 7.70 15.91
N GLN A 44 10.02 6.95 15.98
CA GLN A 44 11.14 7.13 15.05
C GLN A 44 10.89 6.47 13.69
N GLN A 45 10.18 5.33 13.65
CA GLN A 45 9.86 4.65 12.40
C GLN A 45 8.93 5.48 11.52
N LYS A 46 7.96 6.17 12.12
CA LYS A 46 7.06 7.11 11.43
C LYS A 46 7.84 8.22 10.73
N ILE A 47 8.86 8.77 11.39
CA ILE A 47 9.71 9.83 10.82
C ILE A 47 10.60 9.28 9.71
N ILE A 48 11.23 8.10 9.86
CA ILE A 48 12.05 7.50 8.79
C ILE A 48 11.19 7.19 7.57
N LEU A 49 10.00 6.62 7.79
CA LEU A 49 9.02 6.29 6.76
C LEU A 49 8.59 7.55 5.99
N ALA A 50 8.24 8.60 6.73
CA ALA A 50 7.88 9.91 6.19
C ALA A 50 9.03 10.58 5.45
N GLU A 51 10.22 10.71 6.06
CA GLU A 51 11.38 11.32 5.40
C GLU A 51 11.79 10.60 4.11
N TYR A 52 11.59 9.29 4.02
CA TYR A 52 11.89 8.52 2.81
C TYR A 52 10.95 8.94 1.66
N ILE A 53 9.64 8.81 1.84
CA ILE A 53 8.59 9.12 0.88
C ILE A 53 8.53 10.62 0.56
N ALA A 54 8.83 11.49 1.52
CA ALA A 54 8.87 12.94 1.33
C ALA A 54 10.08 13.40 0.50
N GLU A 55 11.18 12.63 0.53
CA GLU A 55 12.37 12.87 -0.30
C GLU A 55 12.26 12.22 -1.68
N VAL A 56 11.72 10.99 -1.78
CA VAL A 56 11.73 10.22 -3.05
C VAL A 56 10.35 10.08 -3.72
N GLY A 57 9.29 10.56 -3.07
CA GLY A 57 8.01 10.89 -3.70
C GLY A 57 7.01 9.73 -3.82
N LEU A 58 7.11 8.74 -2.92
CA LEU A 58 6.35 7.46 -2.91
C LEU A 58 6.47 6.61 -4.20
N GLN A 59 7.39 6.97 -5.10
CA GLN A 59 7.48 6.42 -6.48
C GLN A 59 8.85 5.81 -6.79
N ASN A 60 9.79 5.90 -5.86
CA ASN A 60 11.12 5.27 -5.94
C ASN A 60 11.42 4.33 -4.75
N ILE A 61 10.46 4.16 -3.82
CA ILE A 61 10.60 3.22 -2.70
C ILE A 61 10.36 1.76 -3.14
N THR A 62 10.94 0.82 -2.42
CA THR A 62 10.84 -0.62 -2.68
C THR A 62 10.69 -1.37 -1.37
N ALA A 63 9.91 -2.45 -1.32
CA ALA A 63 9.70 -3.25 -0.10
C ALA A 63 11.00 -3.87 0.42
N ILE A 64 11.97 -4.11 -0.47
CA ILE A 64 13.32 -4.60 -0.16
C ILE A 64 14.10 -3.54 0.63
N THR A 65 14.09 -2.31 0.15
CA THR A 65 14.85 -1.21 0.73
C THR A 65 14.12 -0.68 1.96
N LEU A 66 12.80 -0.52 1.91
CA LEU A 66 11.94 -0.16 3.02
C LEU A 66 12.00 -1.19 4.16
N SER A 67 12.15 -2.49 3.84
CA SER A 67 12.46 -3.55 4.82
C SER A 67 13.69 -3.24 5.66
N LYS A 68 14.67 -2.58 5.04
CA LYS A 68 15.99 -2.31 5.62
C LYS A 68 16.16 -0.88 6.15
N LYS A 69 15.37 0.09 5.67
CA LYS A 69 15.36 1.48 6.16
C LYS A 69 14.90 1.57 7.62
N LEU A 70 13.95 0.69 8.02
CA LEU A 70 13.30 0.69 9.33
C LEU A 70 13.56 -0.58 10.16
N ASN A 71 14.36 -1.53 9.64
CA ASN A 71 14.60 -2.86 10.21
C ASN A 71 13.29 -3.67 10.40
N ILE A 72 12.43 -3.68 9.37
CA ILE A 72 11.13 -4.37 9.34
C ILE A 72 11.21 -5.64 8.47
N THR A 73 10.07 -6.29 8.20
CA THR A 73 9.95 -7.37 7.23
C THR A 73 9.62 -6.81 5.84
N VAL A 74 9.91 -7.56 4.77
CA VAL A 74 9.45 -7.23 3.40
C VAL A 74 7.93 -7.16 3.33
N GLU A 75 7.21 -7.95 4.13
CA GLU A 75 5.75 -7.99 4.09
C GLU A 75 5.16 -6.81 4.85
N LYS A 76 5.80 -6.39 5.97
CA LYS A 76 5.40 -5.20 6.71
C LYS A 76 5.63 -3.95 5.88
N ALA A 77 6.80 -3.89 5.23
CA ALA A 77 7.19 -2.85 4.29
C ALA A 77 6.22 -2.75 3.09
N LYS A 78 5.89 -3.87 2.45
CA LYS A 78 5.02 -3.92 1.27
C LYS A 78 3.59 -3.57 1.62
N ASN A 79 3.16 -3.86 2.84
CA ASN A 79 1.84 -3.49 3.33
C ASN A 79 1.59 -1.97 3.24
N TYR A 80 2.60 -1.13 3.49
CA TYR A 80 2.57 0.33 3.36
C TYR A 80 2.45 0.73 1.90
N ILE A 81 3.24 0.10 1.01
CA ILE A 81 3.27 0.38 -0.43
C ILE A 81 1.93 0.00 -1.10
N LYS A 82 1.20 -1.00 -0.59
CA LYS A 82 -0.07 -1.47 -1.16
C LYS A 82 -1.27 -0.62 -0.73
N ASN A 83 -1.30 -0.07 0.49
CA ASN A 83 -2.38 0.84 0.88
C ASN A 83 -2.05 2.28 0.48
N SER A 84 -0.79 2.69 0.67
CA SER A 84 -0.36 4.06 0.40
C SER A 84 0.46 4.12 -0.88
N ASN A 85 -0.15 4.62 -1.96
CA ASN A 85 0.44 4.60 -3.31
C ASN A 85 -0.10 5.76 -4.16
N ARG A 86 0.79 6.55 -4.79
CA ARG A 86 0.49 7.84 -5.49
C ARG A 86 -0.21 8.92 -4.63
N LEU A 87 -0.49 8.66 -3.34
CA LEU A 87 -1.43 9.44 -2.52
C LEU A 87 -0.80 10.00 -1.24
N GLY A 88 0.00 9.22 -0.52
CA GLY A 88 0.60 9.64 0.76
C GLY A 88 1.79 10.59 0.57
N ARG A 89 1.56 11.91 0.64
CA ARG A 89 2.59 12.95 0.40
C ARG A 89 3.26 13.43 1.69
N THR A 90 2.59 14.33 2.42
CA THR A 90 3.15 15.08 3.57
C THR A 90 2.06 15.65 4.49
N ASN A 91 0.88 15.01 4.52
CA ASN A 91 -0.32 15.47 5.26
C ASN A 91 -0.92 14.34 6.12
N ASN A 92 -1.11 14.59 7.42
CA ASN A 92 -1.75 13.68 8.38
C ASN A 92 -2.31 14.45 9.58
N LEU A 93 -3.50 14.04 10.06
CA LEU A 93 -4.23 14.57 11.20
C LEU A 93 -4.62 13.43 12.16
N LYS A 94 -5.08 13.80 13.36
CA LYS A 94 -5.47 12.89 14.47
C LYS A 94 -6.94 13.01 14.86
N THR A 95 -7.73 13.77 14.09
CA THR A 95 -9.18 13.86 14.21
C THR A 95 -9.78 14.12 12.83
N ILE A 96 -10.82 13.34 12.53
CA ILE A 96 -11.52 13.25 11.24
C ILE A 96 -13.03 13.00 11.39
N GLY A 97 -13.57 13.14 12.61
CA GLY A 97 -14.96 12.78 12.93
C GLY A 97 -15.27 11.28 12.82
N ILE A 98 -14.25 10.44 12.69
CA ILE A 98 -14.31 8.97 12.54
C ILE A 98 -15.26 8.55 11.38
N LEU A 99 -15.29 9.38 10.33
CA LEU A 99 -16.03 9.19 9.07
C LEU A 99 -17.53 8.83 9.24
N GLN A 100 -18.15 9.26 10.35
CA GLN A 100 -19.51 8.90 10.77
C GLN A 100 -20.41 10.10 11.10
N GLU A 101 -19.98 11.33 10.81
CA GLU A 101 -20.77 12.56 10.96
C GLU A 101 -21.87 12.68 9.88
N GLU A 102 -22.93 13.44 10.19
CA GLU A 102 -24.08 13.69 9.29
C GLU A 102 -24.82 12.43 8.81
N VAL A 103 -25.14 11.56 9.77
CA VAL A 103 -25.92 10.32 9.57
C VAL A 103 -27.08 10.24 10.57
N SER A 104 -28.26 9.82 10.12
CA SER A 104 -29.43 9.58 10.98
C SER A 104 -30.19 8.29 10.63
N SER A 105 -30.43 8.02 9.33
CA SER A 105 -31.05 6.77 8.85
C SER A 105 -30.50 6.36 7.47
N MET A 106 -29.61 5.36 7.45
CA MET A 106 -28.97 4.78 6.25
C MET A 106 -28.30 5.81 5.32
N GLU A 107 -27.78 6.91 5.88
CA GLU A 107 -27.16 8.04 5.16
C GLU A 107 -25.69 7.79 4.77
N ALA A 108 -25.42 6.62 4.18
CA ALA A 108 -24.12 6.17 3.68
C ALA A 108 -24.16 5.90 2.16
N LYS A 109 -22.99 5.98 1.49
CA LYS A 109 -22.83 5.77 0.04
C LYS A 109 -21.79 4.69 -0.24
N SER A 110 -22.20 3.60 -0.90
CA SER A 110 -21.31 2.51 -1.33
C SER A 110 -21.93 1.69 -2.48
N MET A 111 -23.03 0.99 -2.21
CA MET A 111 -23.72 0.05 -3.12
C MET A 111 -25.23 -0.01 -2.83
N THR A 112 -26.00 -0.55 -3.78
CA THR A 112 -27.44 -0.87 -3.66
C THR A 112 -27.70 -2.38 -3.70
N TRP A 113 -28.91 -2.80 -3.33
CA TRP A 113 -29.29 -4.20 -3.07
C TRP A 113 -30.35 -4.73 -4.06
N GLY A 1 -22.17 -49.14 -31.07
CA GLY A 1 -22.91 -48.84 -29.83
C GLY A 1 -23.72 -47.55 -29.92
N SER A 2 -24.10 -46.98 -28.77
CA SER A 2 -24.95 -45.78 -28.72
C SER A 2 -24.21 -44.49 -29.12
N HIS A 3 -22.96 -44.34 -28.69
CA HIS A 3 -22.07 -43.20 -29.01
C HIS A 3 -20.59 -43.60 -28.94
N MET A 4 -19.71 -42.87 -29.63
CA MET A 4 -18.26 -43.09 -29.62
C MET A 4 -17.49 -41.77 -29.77
N ALA A 5 -16.46 -41.58 -28.94
CA ALA A 5 -15.63 -40.38 -28.89
C ALA A 5 -14.18 -40.67 -28.44
N SER A 6 -13.31 -39.65 -28.49
CA SER A 6 -11.91 -39.69 -28.03
C SER A 6 -11.57 -38.48 -27.14
N MET A 7 -10.50 -38.59 -26.34
CA MET A 7 -10.15 -37.65 -25.26
C MET A 7 -8.65 -37.27 -25.28
N ASP A 8 -8.21 -36.58 -26.34
CA ASP A 8 -6.84 -36.08 -26.51
C ASP A 8 -6.82 -34.56 -26.87
N PRO A 9 -7.07 -33.66 -25.90
CA PRO A 9 -7.08 -32.20 -26.11
C PRO A 9 -5.70 -31.55 -26.16
N LEU A 10 -4.64 -32.32 -25.94
CA LEU A 10 -3.24 -31.90 -25.88
C LEU A 10 -2.43 -32.39 -27.11
N ASP A 11 -3.03 -32.32 -28.30
CA ASP A 11 -2.39 -32.70 -29.58
C ASP A 11 -2.02 -31.52 -30.49
N LYS A 12 -2.40 -30.30 -30.07
CA LYS A 12 -2.47 -29.11 -30.94
C LYS A 12 -1.48 -28.03 -30.55
N ILE A 13 -1.60 -27.55 -29.31
CA ILE A 13 -0.84 -26.44 -28.70
C ILE A 13 -0.21 -26.82 -27.35
N ILE A 14 -0.13 -28.12 -27.04
CA ILE A 14 0.49 -28.68 -25.83
C ILE A 14 1.82 -27.98 -25.47
N ASN A 15 1.91 -27.46 -24.25
CA ASN A 15 3.06 -26.67 -23.77
C ASN A 15 3.35 -26.86 -22.26
N ASP A 16 3.04 -28.03 -21.70
CA ASP A 16 3.24 -28.37 -20.28
C ASP A 16 4.42 -29.32 -20.04
N ILE A 17 5.24 -29.53 -21.07
CA ILE A 17 6.37 -30.46 -21.12
C ILE A 17 7.48 -29.96 -22.07
N LYS A 18 7.70 -28.64 -22.11
CA LYS A 18 8.67 -28.00 -23.02
C LYS A 18 9.55 -26.91 -22.40
N LYS A 19 8.99 -26.09 -21.48
CA LYS A 19 9.65 -24.99 -20.77
C LYS A 19 9.00 -24.77 -19.40
N GLU A 20 9.78 -24.28 -18.42
CA GLU A 20 9.31 -23.88 -17.09
C GLU A 20 9.97 -22.56 -16.65
N ALA A 21 9.22 -21.71 -15.95
CA ALA A 21 9.65 -20.41 -15.44
C ALA A 21 8.99 -20.08 -14.08
N ASN A 22 9.44 -19.00 -13.43
CA ASN A 22 8.97 -18.53 -12.12
C ASN A 22 8.74 -17.00 -12.11
N ASP A 23 7.81 -16.52 -11.28
CA ASP A 23 7.43 -15.11 -11.13
C ASP A 23 7.60 -14.60 -9.70
N SER A 24 8.16 -13.39 -9.57
CA SER A 24 8.30 -12.70 -8.29
C SER A 24 7.00 -12.00 -7.91
N GLY A 25 6.25 -12.63 -7.01
CA GLY A 25 4.93 -12.18 -6.54
C GLY A 25 3.78 -12.87 -7.26
N VAL A 26 3.01 -13.68 -6.52
CA VAL A 26 1.77 -14.35 -6.94
C VAL A 26 0.61 -13.94 -6.02
N THR A 27 -0.53 -13.57 -6.61
CA THR A 27 -1.73 -13.07 -5.93
C THR A 27 -1.45 -11.82 -5.03
N LEU A 28 -2.35 -11.50 -4.10
CA LEU A 28 -2.45 -10.22 -3.39
C LEU A 28 -2.54 -10.41 -1.86
N ALA A 29 -1.91 -11.47 -1.36
CA ALA A 29 -2.25 -12.10 -0.08
C ALA A 29 -1.05 -12.24 0.89
N PRO A 30 -0.68 -11.17 1.62
CA PRO A 30 0.47 -11.18 2.54
C PRO A 30 0.21 -11.91 3.87
N LEU A 31 -1.05 -11.98 4.34
CA LEU A 31 -1.41 -12.54 5.66
C LEU A 31 -2.83 -13.15 5.66
N SER A 32 -3.10 -14.05 4.71
CA SER A 32 -4.41 -14.72 4.54
C SER A 32 -5.60 -13.76 4.37
N VAL A 33 -5.36 -12.66 3.65
CA VAL A 33 -6.26 -11.51 3.46
C VAL A 33 -5.87 -10.77 2.18
N PRO A 34 -6.80 -10.19 1.39
CA PRO A 34 -6.49 -9.49 0.13
C PRO A 34 -5.93 -8.07 0.36
N LYS A 35 -4.79 -7.98 1.07
CA LYS A 35 -4.12 -6.77 1.58
C LYS A 35 -5.00 -5.94 2.55
N PRO A 36 -4.65 -5.80 3.84
CA PRO A 36 -5.43 -5.01 4.79
C PRO A 36 -4.87 -3.57 4.92
N LYS A 37 -5.73 -2.54 4.96
CA LYS A 37 -5.33 -1.13 5.17
C LYS A 37 -4.90 -0.88 6.62
N LEU A 38 -3.61 -0.60 6.83
CA LEU A 38 -3.02 -0.11 8.08
C LEU A 38 -1.93 0.95 7.87
N GLU A 39 -1.64 1.71 8.92
CA GLU A 39 -0.62 2.78 8.96
C GLU A 39 0.03 2.93 10.35
N GLU A 40 0.34 1.80 10.96
CA GLU A 40 0.79 1.67 12.35
C GLU A 40 2.34 1.64 12.46
N LEU A 41 2.93 2.79 12.78
CA LEU A 41 4.38 3.02 12.94
C LEU A 41 4.68 3.60 14.34
N SER A 42 5.88 3.31 14.88
CA SER A 42 6.39 3.94 16.11
C SER A 42 6.85 5.38 15.83
N GLU A 43 7.06 6.22 16.85
CA GLU A 43 7.38 7.65 16.64
C GLU A 43 8.60 7.88 15.74
N GLN A 44 9.70 7.14 15.94
CA GLN A 44 10.88 7.22 15.06
C GLN A 44 10.65 6.51 13.72
N GLN A 45 9.92 5.39 13.70
CA GLN A 45 9.64 4.66 12.46
C GLN A 45 8.74 5.48 11.52
N LYS A 46 7.79 6.23 12.06
CA LYS A 46 6.92 7.14 11.30
C LYS A 46 7.75 8.23 10.62
N ILE A 47 8.75 8.80 11.30
CA ILE A 47 9.65 9.81 10.72
C ILE A 47 10.57 9.18 9.66
N ILE A 48 11.15 8.00 9.89
CA ILE A 48 12.01 7.34 8.88
C ILE A 48 11.22 7.01 7.61
N LEU A 49 10.01 6.48 7.80
CA LEU A 49 9.05 6.16 6.73
C LEU A 49 8.70 7.43 5.93
N ALA A 50 8.34 8.50 6.64
CA ALA A 50 7.95 9.78 6.05
C ALA A 50 9.12 10.48 5.34
N GLU A 51 10.26 10.66 6.00
CA GLU A 51 11.43 11.36 5.43
C GLU A 51 11.99 10.66 4.18
N TYR A 52 11.75 9.35 4.01
CA TYR A 52 12.13 8.60 2.82
C TYR A 52 11.23 9.01 1.62
N ILE A 53 9.92 8.81 1.73
CA ILE A 53 8.89 9.16 0.76
C ILE A 53 8.87 10.67 0.44
N ALA A 54 9.15 11.51 1.44
CA ALA A 54 9.21 12.96 1.27
C ALA A 54 10.44 13.43 0.46
N GLU A 55 11.50 12.62 0.40
CA GLU A 55 12.73 12.91 -0.36
C GLU A 55 12.71 12.27 -1.76
N VAL A 56 12.08 11.11 -1.96
CA VAL A 56 12.14 10.37 -3.24
C VAL A 56 10.78 10.19 -3.91
N GLY A 57 9.67 10.30 -3.18
CA GLY A 57 8.32 9.99 -3.65
C GLY A 57 8.00 8.49 -3.55
N LEU A 58 6.77 8.15 -3.18
CA LEU A 58 6.35 6.77 -2.85
C LEU A 58 6.37 5.80 -4.06
N GLN A 59 6.55 6.37 -5.25
CA GLN A 59 6.72 5.67 -6.53
C GLN A 59 8.18 5.22 -6.80
N ASN A 60 9.15 5.71 -6.02
CA ASN A 60 10.59 5.41 -6.19
C ASN A 60 11.22 4.61 -5.04
N ILE A 61 10.48 4.43 -3.94
CA ILE A 61 10.85 3.49 -2.87
C ILE A 61 10.67 2.03 -3.31
N THR A 62 11.33 1.12 -2.61
CA THR A 62 11.21 -0.34 -2.77
C THR A 62 10.96 -0.99 -1.42
N ALA A 63 10.16 -2.06 -1.37
CA ALA A 63 9.89 -2.84 -0.16
C ALA A 63 11.17 -3.53 0.37
N ILE A 64 12.12 -3.81 -0.53
CA ILE A 64 13.45 -4.34 -0.19
C ILE A 64 14.22 -3.31 0.65
N THR A 65 14.23 -2.07 0.19
CA THR A 65 14.94 -0.96 0.85
C THR A 65 14.18 -0.52 2.09
N LEU A 66 12.85 -0.39 2.02
CA LEU A 66 11.99 -0.04 3.14
C LEU A 66 12.05 -1.10 4.27
N SER A 67 12.19 -2.39 3.91
CA SER A 67 12.51 -3.47 4.85
C SER A 67 13.76 -3.21 5.68
N LYS A 68 14.71 -2.50 5.07
CA LYS A 68 16.05 -2.23 5.60
C LYS A 68 16.20 -0.82 6.20
N LYS A 69 15.37 0.16 5.80
CA LYS A 69 15.32 1.51 6.38
C LYS A 69 14.82 1.47 7.83
N LEU A 70 13.85 0.59 8.11
CA LEU A 70 13.14 0.51 9.39
C LEU A 70 13.40 -0.80 10.18
N ASN A 71 14.25 -1.69 9.65
CA ASN A 71 14.54 -3.02 10.20
C ASN A 71 13.28 -3.90 10.36
N ILE A 72 12.45 -3.93 9.32
CA ILE A 72 11.18 -4.67 9.24
C ILE A 72 11.30 -5.91 8.33
N THR A 73 10.18 -6.52 7.95
CA THR A 73 10.11 -7.55 6.89
C THR A 73 9.75 -6.89 5.55
N VAL A 74 10.05 -7.56 4.42
CA VAL A 74 9.60 -7.12 3.09
C VAL A 74 8.07 -7.08 3.00
N GLU A 75 7.36 -7.92 3.74
CA GLU A 75 5.90 -7.98 3.69
C GLU A 75 5.28 -6.90 4.59
N LYS A 76 5.95 -6.56 5.71
CA LYS A 76 5.54 -5.47 6.59
C LYS A 76 5.76 -4.12 5.91
N ALA A 77 6.89 -3.96 5.23
CA ALA A 77 7.22 -2.84 4.37
C ALA A 77 6.23 -2.67 3.20
N LYS A 78 5.92 -3.77 2.50
CA LYS A 78 5.12 -3.75 1.29
C LYS A 78 3.64 -3.51 1.61
N ASN A 79 3.17 -3.87 2.80
CA ASN A 79 1.81 -3.56 3.22
C ASN A 79 1.52 -2.06 3.01
N TYR A 80 2.45 -1.20 3.44
CA TYR A 80 2.29 0.24 3.40
C TYR A 80 2.18 0.72 1.95
N ILE A 81 3.02 0.19 1.06
CA ILE A 81 3.07 0.55 -0.37
C ILE A 81 1.80 0.10 -1.12
N LYS A 82 1.14 -0.97 -0.66
CA LYS A 82 -0.14 -1.47 -1.19
C LYS A 82 -1.35 -0.68 -0.64
N ASN A 83 -1.21 -0.02 0.51
CA ASN A 83 -2.28 0.68 1.24
C ASN A 83 -2.24 2.18 0.99
N SER A 84 -1.13 2.78 1.41
CA SER A 84 -0.79 4.20 1.26
C SER A 84 0.14 4.40 0.06
N ASN A 85 -0.40 4.89 -1.06
CA ASN A 85 0.36 5.09 -2.30
C ASN A 85 -0.02 6.40 -3.02
N ARG A 86 -1.19 6.49 -3.68
CA ARG A 86 -1.66 7.71 -4.36
C ARG A 86 -1.93 8.87 -3.38
N LEU A 87 -2.26 8.53 -2.13
CA LEU A 87 -2.50 9.46 -1.01
C LEU A 87 -1.24 9.73 -0.16
N GLY A 88 -0.09 9.14 -0.49
CA GLY A 88 1.14 9.22 0.31
C GLY A 88 1.86 10.58 0.29
N ARG A 89 1.54 11.41 -0.71
CA ARG A 89 1.95 12.83 -0.83
C ARG A 89 0.81 13.63 -1.47
N THR A 90 0.89 14.96 -1.39
CA THR A 90 -0.08 15.92 -1.97
C THR A 90 -0.41 15.64 -3.45
N ASN A 91 -1.63 15.14 -3.70
CA ASN A 91 -2.17 14.82 -5.02
C ASN A 91 -3.70 14.98 -5.03
N ASN A 92 -4.26 15.56 -6.11
CA ASN A 92 -5.70 15.64 -6.37
C ASN A 92 -5.94 15.74 -7.89
N LEU A 93 -6.06 14.59 -8.58
CA LEU A 93 -6.21 14.51 -10.04
C LEU A 93 -7.15 13.37 -10.47
N LYS A 94 -8.13 13.06 -9.60
CA LYS A 94 -9.22 12.10 -9.84
C LYS A 94 -10.49 12.78 -10.39
N THR A 95 -10.63 14.08 -10.12
CA THR A 95 -11.75 14.93 -10.54
C THR A 95 -11.30 16.39 -10.48
N ILE A 96 -11.49 17.10 -11.59
CA ILE A 96 -11.11 18.51 -11.79
C ILE A 96 -12.10 19.32 -12.64
N GLY A 97 -13.22 18.71 -13.07
CA GLY A 97 -14.14 19.30 -14.06
C GLY A 97 -13.58 19.37 -15.50
N ILE A 98 -12.45 18.71 -15.76
CA ILE A 98 -11.81 18.56 -17.09
C ILE A 98 -11.61 19.92 -17.80
N LEU A 99 -11.22 20.94 -17.01
CA LEU A 99 -11.00 22.34 -17.42
C LEU A 99 -12.18 22.97 -18.22
N GLN A 100 -13.39 22.44 -18.02
CA GLN A 100 -14.61 22.81 -18.74
C GLN A 100 -15.61 23.47 -17.79
N GLU A 101 -15.45 24.79 -17.64
CA GLU A 101 -16.28 25.68 -16.81
C GLU A 101 -16.65 26.95 -17.62
N GLU A 102 -17.83 27.52 -17.35
CA GLU A 102 -18.37 28.68 -18.08
C GLU A 102 -18.92 29.72 -17.10
N VAL A 103 -18.38 30.94 -17.19
CA VAL A 103 -18.77 32.10 -16.38
C VAL A 103 -18.92 33.32 -17.28
N SER A 104 -20.16 33.77 -17.49
CA SER A 104 -20.47 35.07 -18.13
C SER A 104 -21.92 35.52 -17.87
N SER A 105 -22.90 34.96 -18.60
CA SER A 105 -24.30 35.41 -18.57
C SER A 105 -25.20 34.60 -17.62
N MET A 106 -24.85 33.33 -17.36
CA MET A 106 -25.58 32.42 -16.48
C MET A 106 -24.58 31.63 -15.62
N GLU A 107 -24.55 31.90 -14.32
CA GLU A 107 -23.67 31.26 -13.34
C GLU A 107 -24.42 31.11 -12.00
N ALA A 108 -25.18 30.01 -11.86
CA ALA A 108 -25.99 29.69 -10.68
C ALA A 108 -26.21 28.18 -10.49
N LYS A 109 -26.59 27.77 -9.27
CA LYS A 109 -26.98 26.39 -8.90
C LYS A 109 -28.44 26.31 -8.46
N SER A 110 -28.77 26.95 -7.33
CA SER A 110 -30.11 26.99 -6.71
C SER A 110 -30.39 28.36 -6.08
N MET A 111 -31.64 28.81 -6.14
CA MET A 111 -32.08 30.10 -5.57
C MET A 111 -33.58 30.08 -5.21
N THR A 112 -33.97 30.93 -4.24
CA THR A 112 -35.37 31.15 -3.85
C THR A 112 -35.91 32.44 -4.47
N TRP A 113 -37.18 32.41 -4.85
CA TRP A 113 -37.93 33.49 -5.49
C TRP A 113 -39.14 34.00 -4.66
N GLY A 1 -34.72 -34.71 -21.88
CA GLY A 1 -33.81 -35.73 -21.31
C GLY A 1 -32.41 -35.19 -21.12
N SER A 2 -31.41 -36.08 -21.14
CA SER A 2 -29.98 -35.74 -21.02
C SER A 2 -29.09 -36.70 -21.82
N HIS A 3 -27.98 -36.19 -22.38
CA HIS A 3 -27.02 -36.94 -23.21
C HIS A 3 -25.57 -36.49 -22.91
N MET A 4 -24.61 -37.41 -23.09
CA MET A 4 -23.17 -37.19 -22.87
C MET A 4 -22.33 -38.02 -23.85
N ALA A 5 -21.26 -37.42 -24.37
CA ALA A 5 -20.30 -38.08 -25.25
C ALA A 5 -19.20 -38.83 -24.46
N SER A 6 -18.65 -39.88 -25.06
CA SER A 6 -17.55 -40.70 -24.50
C SER A 6 -16.57 -41.11 -25.61
N MET A 7 -15.51 -40.33 -25.79
CA MET A 7 -14.53 -40.47 -26.88
C MET A 7 -13.11 -40.00 -26.47
N ASP A 8 -12.79 -40.07 -25.18
CA ASP A 8 -11.51 -39.63 -24.58
C ASP A 8 -10.85 -40.75 -23.73
N PRO A 9 -9.52 -40.71 -23.52
CA PRO A 9 -8.80 -41.72 -22.73
C PRO A 9 -9.00 -41.60 -21.21
N LEU A 10 -9.79 -40.62 -20.76
CA LEU A 10 -10.02 -40.29 -19.35
C LEU A 10 -11.50 -40.47 -18.93
N ASP A 11 -12.18 -41.50 -19.47
CA ASP A 11 -13.54 -41.90 -19.07
C ASP A 11 -13.60 -43.16 -18.17
N LYS A 12 -12.43 -43.72 -17.81
CA LYS A 12 -12.30 -45.08 -17.25
C LYS A 12 -11.69 -45.11 -15.84
N ILE A 13 -10.49 -44.54 -15.74
CA ILE A 13 -9.63 -44.57 -14.53
C ILE A 13 -9.08 -43.18 -14.16
N ILE A 14 -9.70 -42.11 -14.70
CA ILE A 14 -9.31 -40.70 -14.53
C ILE A 14 -8.91 -40.29 -13.09
N ASN A 15 -9.60 -40.79 -12.08
CA ASN A 15 -9.34 -40.56 -10.66
C ASN A 15 -9.08 -41.89 -9.93
N ASP A 16 -7.81 -42.13 -9.54
CA ASP A 16 -7.36 -43.44 -9.07
C ASP A 16 -6.01 -43.32 -8.37
N ILE A 17 -6.02 -42.56 -7.27
CA ILE A 17 -4.84 -42.09 -6.54
C ILE A 17 -3.82 -41.44 -7.50
N LYS A 18 -4.30 -40.39 -8.19
CA LYS A 18 -3.52 -39.60 -9.17
C LYS A 18 -3.94 -38.12 -9.19
N LYS A 19 -5.25 -37.87 -9.32
CA LYS A 19 -5.86 -36.51 -9.47
C LYS A 19 -5.29 -35.67 -10.64
N GLU A 20 -5.83 -34.47 -10.85
CA GLU A 20 -5.40 -33.52 -11.89
C GLU A 20 -5.46 -32.07 -11.36
N ALA A 21 -4.54 -31.73 -10.45
CA ALA A 21 -4.39 -30.40 -9.86
C ALA A 21 -2.90 -30.00 -9.71
N ASN A 22 -2.63 -28.70 -9.54
CA ASN A 22 -1.28 -28.14 -9.51
C ASN A 22 -1.19 -26.82 -8.71
N ASP A 23 -2.03 -25.83 -9.05
CA ASP A 23 -2.16 -24.53 -8.37
C ASP A 23 -0.83 -23.76 -8.15
N SER A 24 0.06 -23.80 -9.13
CA SER A 24 1.32 -23.03 -9.08
C SER A 24 1.06 -21.52 -9.20
N GLY A 25 1.26 -20.79 -8.10
CA GLY A 25 1.02 -19.35 -7.96
C GLY A 25 -0.46 -18.97 -7.83
N VAL A 26 -0.89 -18.61 -6.63
CA VAL A 26 -2.22 -18.05 -6.32
C VAL A 26 -2.15 -16.93 -5.27
N THR A 27 -2.94 -15.87 -5.46
CA THR A 27 -3.05 -14.67 -4.60
C THR A 27 -1.77 -13.81 -4.51
N LEU A 28 -1.94 -12.52 -4.17
CA LEU A 28 -0.89 -11.48 -4.13
C LEU A 28 -0.90 -10.62 -2.85
N ALA A 29 -1.31 -11.21 -1.73
CA ALA A 29 -1.40 -10.56 -0.41
C ALA A 29 -0.05 -10.54 0.34
N PRO A 30 0.20 -9.54 1.22
CA PRO A 30 1.43 -9.46 2.01
C PRO A 30 1.49 -10.52 3.13
N LEU A 31 0.39 -10.70 3.88
CA LEU A 31 0.21 -11.74 4.90
C LEU A 31 -1.29 -11.96 5.16
N SER A 32 -1.93 -12.75 4.30
CA SER A 32 -3.39 -12.97 4.26
C SER A 32 -4.22 -11.69 4.03
N VAL A 33 -5.56 -11.83 3.91
CA VAL A 33 -6.54 -10.78 3.54
C VAL A 33 -6.32 -10.22 2.11
N PRO A 34 -7.36 -9.75 1.40
CA PRO A 34 -7.20 -9.00 0.13
C PRO A 34 -6.58 -7.60 0.36
N LYS A 35 -5.30 -7.59 0.80
CA LYS A 35 -4.49 -6.42 1.22
C LYS A 35 -5.14 -5.59 2.34
N PRO A 36 -4.71 -5.71 3.61
CA PRO A 36 -5.23 -4.88 4.70
C PRO A 36 -4.78 -3.41 4.57
N LYS A 37 -5.47 -2.52 5.29
CA LYS A 37 -5.22 -1.06 5.35
C LYS A 37 -4.84 -0.64 6.78
N LEU A 38 -3.58 -0.25 6.99
CA LEU A 38 -3.01 0.11 8.28
C LEU A 38 -1.91 1.19 8.19
N GLU A 39 -1.68 1.91 9.28
CA GLU A 39 -0.71 3.02 9.38
C GLU A 39 -0.16 3.20 10.81
N GLU A 40 0.22 2.07 11.42
CA GLU A 40 0.63 1.96 12.83
C GLU A 40 2.15 1.77 12.98
N LEU A 41 2.87 2.89 12.95
CA LEU A 41 4.32 3.02 13.17
C LEU A 41 4.61 3.61 14.56
N SER A 42 5.82 3.34 15.10
CA SER A 42 6.34 4.05 16.28
C SER A 42 6.77 5.49 15.91
N GLU A 43 7.00 6.38 16.87
CA GLU A 43 7.28 7.80 16.58
C GLU A 43 8.54 8.00 15.72
N GLN A 44 9.62 7.26 16.00
CA GLN A 44 10.85 7.30 15.18
C GLN A 44 10.65 6.56 13.84
N GLN A 45 9.98 5.40 13.86
CA GLN A 45 9.66 4.62 12.66
C GLN A 45 8.85 5.46 11.66
N LYS A 46 7.86 6.23 12.15
CA LYS A 46 7.03 7.14 11.35
C LYS A 46 7.88 8.23 10.68
N ILE A 47 8.87 8.80 11.37
CA ILE A 47 9.76 9.81 10.80
C ILE A 47 10.70 9.19 9.75
N ILE A 48 11.24 7.98 9.97
CA ILE A 48 12.11 7.31 8.98
C ILE A 48 11.31 7.00 7.70
N LEU A 49 10.10 6.47 7.88
CA LEU A 49 9.15 6.18 6.81
C LEU A 49 8.82 7.46 6.02
N ALA A 50 8.46 8.54 6.72
CA ALA A 50 8.11 9.82 6.14
C ALA A 50 9.29 10.51 5.44
N GLU A 51 10.45 10.64 6.09
CA GLU A 51 11.63 11.29 5.51
C GLU A 51 12.15 10.59 4.24
N TYR A 52 11.87 9.30 4.06
CA TYR A 52 12.23 8.56 2.85
C TYR A 52 11.34 8.95 1.66
N ILE A 53 10.01 8.80 1.79
CA ILE A 53 8.99 9.20 0.79
C ILE A 53 9.05 10.71 0.52
N ALA A 54 9.37 11.54 1.51
CA ALA A 54 9.54 12.98 1.35
C ALA A 54 10.80 13.36 0.54
N GLU A 55 11.80 12.47 0.47
CA GLU A 55 13.04 12.68 -0.28
C GLU A 55 12.97 12.09 -1.71
N VAL A 56 12.25 10.99 -1.94
CA VAL A 56 12.24 10.29 -3.24
C VAL A 56 10.86 10.20 -3.88
N GLY A 57 9.78 10.36 -3.13
CA GLY A 57 8.40 10.12 -3.57
C GLY A 57 8.00 8.63 -3.49
N LEU A 58 6.76 8.34 -3.11
CA LEU A 58 6.30 6.99 -2.78
C LEU A 58 6.30 5.99 -3.97
N GLN A 59 6.50 6.53 -5.17
CA GLN A 59 6.64 5.77 -6.42
C GLN A 59 8.07 5.21 -6.61
N ASN A 60 9.07 5.77 -5.93
CA ASN A 60 10.49 5.47 -6.13
C ASN A 60 11.14 4.68 -4.97
N ILE A 61 10.42 4.49 -3.88
CA ILE A 61 10.78 3.53 -2.82
C ILE A 61 10.58 2.08 -3.28
N THR A 62 11.23 1.15 -2.58
CA THR A 62 11.09 -0.30 -2.77
C THR A 62 10.86 -0.97 -1.42
N ALA A 63 10.05 -2.03 -1.36
CA ALA A 63 9.81 -2.81 -0.14
C ALA A 63 11.08 -3.49 0.38
N ILE A 64 12.01 -3.79 -0.52
CA ILE A 64 13.35 -4.33 -0.22
C ILE A 64 14.13 -3.31 0.61
N THR A 65 14.19 -2.07 0.13
CA THR A 65 14.93 -0.99 0.78
C THR A 65 14.18 -0.51 2.00
N LEU A 66 12.86 -0.34 1.95
CA LEU A 66 12.02 0.01 3.09
C LEU A 66 12.09 -1.03 4.22
N SER A 67 12.23 -2.32 3.87
CA SER A 67 12.53 -3.40 4.82
C SER A 67 13.79 -3.15 5.64
N LYS A 68 14.78 -2.51 5.01
CA LYS A 68 16.10 -2.22 5.59
C LYS A 68 16.24 -0.80 6.15
N LYS A 69 15.43 0.18 5.71
CA LYS A 69 15.38 1.53 6.27
C LYS A 69 14.91 1.52 7.72
N LEU A 70 13.94 0.65 8.02
CA LEU A 70 13.24 0.57 9.31
C LEU A 70 13.53 -0.71 10.11
N ASN A 71 14.37 -1.62 9.57
CA ASN A 71 14.63 -2.96 10.12
C ASN A 71 13.35 -3.78 10.34
N ILE A 72 12.48 -3.81 9.32
CA ILE A 72 11.21 -4.54 9.27
C ILE A 72 11.33 -5.80 8.38
N THR A 73 10.21 -6.37 7.94
CA THR A 73 10.15 -7.41 6.90
C THR A 73 9.75 -6.79 5.56
N VAL A 74 10.06 -7.47 4.44
CA VAL A 74 9.57 -7.06 3.10
C VAL A 74 8.04 -7.06 3.03
N GLU A 75 7.37 -7.92 3.80
CA GLU A 75 5.90 -8.03 3.80
C GLU A 75 5.28 -6.91 4.64
N LYS A 76 5.96 -6.50 5.73
CA LYS A 76 5.55 -5.40 6.59
C LYS A 76 5.71 -4.07 5.85
N ALA A 77 6.85 -3.90 5.16
CA ALA A 77 7.15 -2.78 4.28
C ALA A 77 6.16 -2.65 3.12
N LYS A 78 5.85 -3.77 2.45
CA LYS A 78 5.05 -3.79 1.22
C LYS A 78 3.58 -3.59 1.51
N ASN A 79 3.12 -3.91 2.72
CA ASN A 79 1.76 -3.57 3.13
C ASN A 79 1.49 -2.07 2.92
N TYR A 80 2.39 -1.21 3.42
CA TYR A 80 2.26 0.24 3.39
C TYR A 80 2.20 0.76 1.96
N ILE A 81 3.01 0.17 1.07
CA ILE A 81 3.08 0.54 -0.35
C ILE A 81 1.78 0.15 -1.05
N LYS A 82 1.16 -0.99 -0.71
CA LYS A 82 -0.05 -1.51 -1.36
C LYS A 82 -1.29 -0.71 -0.99
N ASN A 83 -1.44 -0.31 0.28
CA ASN A 83 -2.61 0.43 0.76
C ASN A 83 -2.42 1.95 0.65
N SER A 84 -1.25 2.46 1.04
CA SER A 84 -0.97 3.90 1.07
C SER A 84 -0.43 4.48 -0.23
N ASN A 85 -1.05 4.10 -1.36
CA ASN A 85 -0.46 4.26 -2.68
C ASN A 85 -0.74 5.60 -3.37
N ARG A 86 -1.96 6.13 -3.21
CA ARG A 86 -2.37 7.47 -3.72
C ARG A 86 -2.54 8.53 -2.63
N LEU A 87 -2.43 8.13 -1.35
CA LEU A 87 -2.38 9.05 -0.20
C LEU A 87 -1.01 9.75 -0.11
N GLY A 88 0.08 9.04 -0.42
CA GLY A 88 1.45 9.57 -0.39
C GLY A 88 1.84 10.41 -1.61
N ARG A 89 0.95 11.29 -2.09
CA ARG A 89 1.08 12.09 -3.33
C ARG A 89 0.86 13.61 -3.08
N THR A 90 0.94 14.38 -4.16
CA THR A 90 0.86 15.86 -4.21
C THR A 90 -0.22 16.40 -5.14
N ASN A 91 -1.06 15.52 -5.72
CA ASN A 91 -1.98 15.86 -6.81
C ASN A 91 -3.32 16.44 -6.32
N ASN A 92 -3.25 17.51 -5.53
CA ASN A 92 -4.37 18.13 -4.81
C ASN A 92 -4.38 19.69 -4.93
N LEU A 93 -3.68 20.25 -5.91
CA LEU A 93 -3.37 21.70 -6.00
C LEU A 93 -3.36 22.16 -7.47
N LYS A 94 -4.40 21.74 -8.22
CA LYS A 94 -4.63 22.07 -9.64
C LYS A 94 -5.70 23.16 -9.82
N THR A 95 -6.60 23.28 -8.85
CA THR A 95 -7.71 24.24 -8.82
C THR A 95 -8.18 24.46 -7.37
N ILE A 96 -8.10 25.70 -6.90
CA ILE A 96 -8.40 26.08 -5.51
C ILE A 96 -9.03 27.48 -5.37
N GLY A 97 -9.29 28.19 -6.47
CA GLY A 97 -9.67 29.61 -6.46
C GLY A 97 -8.54 30.57 -6.05
N ILE A 98 -7.31 30.06 -5.92
CA ILE A 98 -6.06 30.80 -5.64
C ILE A 98 -6.12 31.65 -4.35
N LEU A 99 -7.00 31.26 -3.43
CA LEU A 99 -7.38 31.99 -2.21
C LEU A 99 -7.84 33.45 -2.46
N GLN A 100 -8.28 33.75 -3.68
CA GLN A 100 -8.76 35.07 -4.13
C GLN A 100 -10.30 35.18 -4.10
N GLU A 101 -11.01 34.08 -4.36
CA GLU A 101 -12.47 33.99 -4.33
C GLU A 101 -12.95 32.67 -3.68
N GLU A 102 -14.07 32.72 -2.96
CA GLU A 102 -14.71 31.55 -2.35
C GLU A 102 -16.24 31.70 -2.37
N VAL A 103 -16.90 30.86 -3.18
CA VAL A 103 -18.37 30.81 -3.34
C VAL A 103 -18.82 29.36 -3.47
N SER A 104 -19.88 28.96 -2.75
CA SER A 104 -20.48 27.62 -2.85
C SER A 104 -21.90 27.57 -2.23
N SER A 105 -22.00 27.64 -0.91
CA SER A 105 -23.26 27.52 -0.16
C SER A 105 -24.03 28.84 -0.01
N MET A 106 -23.34 29.98 -0.16
CA MET A 106 -23.89 31.34 -0.15
C MET A 106 -23.51 32.05 -1.46
N GLU A 107 -24.51 32.35 -2.29
CA GLU A 107 -24.35 32.99 -3.61
C GLU A 107 -25.50 33.99 -3.86
N ALA A 108 -25.44 35.15 -3.18
CA ALA A 108 -26.45 36.21 -3.25
C ALA A 108 -25.83 37.61 -3.09
N LYS A 109 -26.41 38.63 -3.76
CA LYS A 109 -26.01 40.04 -3.70
C LYS A 109 -27.26 40.95 -3.63
N SER A 110 -27.17 42.03 -2.86
CA SER A 110 -28.30 42.93 -2.54
C SER A 110 -27.88 44.40 -2.55
N MET A 111 -27.55 44.93 -3.75
CA MET A 111 -27.11 46.31 -3.97
C MET A 111 -27.82 46.98 -5.16
N THR A 112 -27.63 48.31 -5.24
CA THR A 112 -28.22 49.22 -6.24
C THR A 112 -27.20 50.27 -6.69
N TRP A 113 -27.46 50.87 -7.85
CA TRP A 113 -26.56 51.77 -8.58
C TRP A 113 -27.11 53.21 -8.70
N GLY A 1 8.64 -36.87 31.87
CA GLY A 1 8.15 -38.06 31.14
C GLY A 1 6.64 -38.09 31.04
N SER A 2 6.10 -38.94 30.17
CA SER A 2 4.66 -39.06 29.87
C SER A 2 4.05 -40.33 30.47
N HIS A 3 3.12 -40.18 31.42
CA HIS A 3 2.44 -41.28 32.10
C HIS A 3 0.94 -41.02 32.31
N MET A 4 0.58 -39.93 32.99
CA MET A 4 -0.81 -39.59 33.37
C MET A 4 -1.05 -38.07 33.39
N ALA A 5 -0.80 -37.42 32.25
CA ALA A 5 -0.97 -35.98 32.07
C ALA A 5 -1.30 -35.60 30.62
N SER A 6 -2.08 -34.52 30.45
CA SER A 6 -2.44 -33.93 29.16
C SER A 6 -2.82 -32.45 29.31
N MET A 7 -2.14 -31.57 28.56
CA MET A 7 -2.34 -30.10 28.59
C MET A 7 -2.27 -29.44 27.19
N ASP A 8 -2.18 -30.21 26.12
CA ASP A 8 -2.06 -29.69 24.74
C ASP A 8 -2.73 -30.63 23.71
N PRO A 9 -3.88 -30.24 23.11
CA PRO A 9 -4.57 -31.03 22.08
C PRO A 9 -4.04 -30.86 20.65
N LEU A 10 -3.05 -29.98 20.46
CA LEU A 10 -2.47 -29.59 19.17
C LEU A 10 -0.96 -29.91 19.11
N ASP A 11 -0.55 -31.05 19.67
CA ASP A 11 0.84 -31.54 19.63
C ASP A 11 1.08 -32.72 18.68
N LYS A 12 0.01 -33.21 18.05
CA LYS A 12 -0.06 -34.55 17.43
C LYS A 12 -0.23 -34.50 15.90
N ILE A 13 -1.30 -33.83 15.47
CA ILE A 13 -1.74 -33.72 14.08
C ILE A 13 -2.00 -32.26 13.64
N ILE A 14 -1.56 -31.28 14.46
CA ILE A 14 -1.77 -29.84 14.27
C ILE A 14 -1.58 -29.37 12.80
N ASN A 15 -2.67 -29.06 12.09
CA ASN A 15 -2.65 -28.60 10.70
C ASN A 15 -3.81 -27.67 10.30
N ASP A 16 -4.60 -27.18 11.27
CA ASP A 16 -5.88 -26.50 10.99
C ASP A 16 -5.74 -25.00 10.60
N ILE A 17 -4.50 -24.54 10.44
CA ILE A 17 -4.13 -23.14 10.22
C ILE A 17 -2.87 -22.94 9.36
N LYS A 18 -2.59 -23.92 8.48
CA LYS A 18 -1.46 -23.85 7.53
C LYS A 18 -1.89 -23.91 6.05
N LYS A 19 -2.71 -24.90 5.67
CA LYS A 19 -3.12 -25.19 4.28
C LYS A 19 -4.28 -26.19 4.19
N GLU A 20 -5.25 -25.92 3.33
CA GLU A 20 -6.40 -26.81 3.06
C GLU A 20 -7.06 -26.59 1.67
N ALA A 21 -6.38 -25.91 0.73
CA ALA A 21 -6.96 -25.44 -0.53
C ALA A 21 -6.02 -25.60 -1.74
N ASN A 22 -6.60 -25.60 -2.96
CA ASN A 22 -5.88 -25.86 -4.22
C ASN A 22 -5.23 -24.60 -4.82
N ASP A 23 -5.90 -23.44 -4.71
CA ASP A 23 -5.39 -22.11 -5.09
C ASP A 23 -5.96 -21.02 -4.17
N SER A 24 -5.07 -20.25 -3.52
CA SER A 24 -5.42 -19.18 -2.54
C SER A 24 -4.47 -17.99 -2.61
N GLY A 25 -4.11 -17.54 -3.83
CA GLY A 25 -3.16 -16.44 -4.03
C GLY A 25 -3.32 -15.72 -5.37
N VAL A 26 -4.51 -15.18 -5.62
CA VAL A 26 -4.94 -14.61 -6.91
C VAL A 26 -5.82 -13.34 -6.74
N THR A 27 -5.80 -12.74 -5.54
CA THR A 27 -6.71 -11.67 -5.12
C THR A 27 -5.99 -10.55 -4.34
N LEU A 28 -6.46 -9.31 -4.44
CA LEU A 28 -5.79 -8.09 -3.93
C LEU A 28 -6.40 -7.53 -2.64
N ALA A 29 -6.93 -8.43 -1.82
CA ALA A 29 -7.97 -8.14 -0.83
C ALA A 29 -7.86 -9.09 0.38
N PRO A 30 -7.05 -8.78 1.40
CA PRO A 30 -6.70 -9.72 2.48
C PRO A 30 -7.81 -9.89 3.53
N LEU A 31 -8.63 -8.86 3.77
CA LEU A 31 -9.76 -8.89 4.71
C LEU A 31 -10.89 -7.97 4.18
N SER A 32 -11.40 -8.31 3.01
CA SER A 32 -12.25 -7.44 2.16
C SER A 32 -11.56 -6.14 1.70
N VAL A 33 -12.18 -5.43 0.75
CA VAL A 33 -11.72 -4.18 0.12
C VAL A 33 -10.40 -4.33 -0.68
N PRO A 34 -10.18 -3.56 -1.78
CA PRO A 34 -8.87 -3.40 -2.39
C PRO A 34 -7.90 -2.67 -1.44
N LYS A 35 -7.35 -3.42 -0.47
CA LYS A 35 -6.34 -3.07 0.55
C LYS A 35 -6.57 -1.69 1.22
N PRO A 36 -7.37 -1.61 2.30
CA PRO A 36 -7.68 -0.34 2.98
C PRO A 36 -6.47 0.29 3.67
N LYS A 37 -6.52 1.62 3.88
CA LYS A 37 -5.42 2.43 4.46
C LYS A 37 -5.03 2.01 5.89
N LEU A 38 -3.77 2.24 6.25
CA LEU A 38 -3.18 1.95 7.55
C LEU A 38 -2.19 3.07 7.97
N GLU A 39 -2.05 3.31 9.27
CA GLU A 39 -1.16 4.36 9.81
C GLU A 39 -0.50 3.96 11.15
N GLU A 40 0.07 2.76 11.14
CA GLU A 40 0.68 2.10 12.31
C GLU A 40 2.22 2.00 12.19
N LEU A 41 2.91 3.04 12.67
CA LEU A 41 4.35 3.14 12.88
C LEU A 41 4.63 3.72 14.28
N SER A 42 5.78 3.39 14.88
CA SER A 42 6.25 4.05 16.12
C SER A 42 6.70 5.48 15.82
N GLU A 43 6.88 6.36 16.82
CA GLU A 43 7.20 7.79 16.59
C GLU A 43 8.46 7.99 15.74
N GLN A 44 9.53 7.24 16.01
CA GLN A 44 10.77 7.26 15.21
C GLN A 44 10.57 6.60 13.85
N GLN A 45 9.86 5.46 13.80
CA GLN A 45 9.58 4.74 12.55
C GLN A 45 8.74 5.59 11.58
N LYS A 46 7.77 6.35 12.09
CA LYS A 46 6.95 7.27 11.29
C LYS A 46 7.83 8.35 10.65
N ILE A 47 8.82 8.89 11.38
CA ILE A 47 9.76 9.87 10.84
C ILE A 47 10.68 9.25 9.79
N ILE A 48 11.23 8.04 9.99
CA ILE A 48 12.11 7.40 9.00
C ILE A 48 11.32 7.09 7.71
N LEU A 49 10.11 6.53 7.87
CA LEU A 49 9.17 6.23 6.79
C LEU A 49 8.82 7.51 6.01
N ALA A 50 8.46 8.57 6.72
CA ALA A 50 8.15 9.87 6.13
C ALA A 50 9.36 10.50 5.44
N GLU A 51 10.52 10.60 6.11
CA GLU A 51 11.74 11.19 5.53
C GLU A 51 12.23 10.47 4.26
N TYR A 52 11.87 9.20 4.06
CA TYR A 52 12.16 8.46 2.84
C TYR A 52 11.28 8.98 1.67
N ILE A 53 9.96 8.81 1.76
CA ILE A 53 8.96 9.25 0.77
C ILE A 53 9.02 10.77 0.53
N ALA A 54 9.32 11.57 1.56
CA ALA A 54 9.45 13.02 1.46
C ALA A 54 10.72 13.46 0.71
N GLU A 55 11.74 12.61 0.66
CA GLU A 55 12.99 12.85 -0.09
C GLU A 55 12.94 12.30 -1.52
N VAL A 56 12.28 11.15 -1.76
CA VAL A 56 12.29 10.50 -3.10
C VAL A 56 10.95 10.47 -3.82
N GLY A 57 9.84 10.56 -3.10
CA GLY A 57 8.48 10.30 -3.61
C GLY A 57 8.13 8.81 -3.58
N LEU A 58 6.89 8.48 -3.19
CA LEU A 58 6.43 7.10 -2.98
C LEU A 58 6.39 6.23 -4.27
N GLN A 59 6.62 6.86 -5.40
CA GLN A 59 6.60 6.28 -6.76
C GLN A 59 7.85 5.43 -7.06
N ASN A 60 8.95 5.59 -6.32
CA ASN A 60 10.23 4.89 -6.55
C ASN A 60 10.87 4.21 -5.32
N ILE A 61 10.22 4.26 -4.15
CA ILE A 61 10.57 3.39 -3.03
C ILE A 61 10.36 1.91 -3.36
N THR A 62 11.05 1.03 -2.64
CA THR A 62 10.94 -0.43 -2.74
C THR A 62 10.76 -1.06 -1.37
N ALA A 63 9.98 -2.12 -1.26
CA ALA A 63 9.79 -2.88 -0.02
C ALA A 63 11.10 -3.53 0.47
N ILE A 64 12.04 -3.81 -0.44
CA ILE A 64 13.38 -4.32 -0.15
C ILE A 64 14.20 -3.26 0.60
N THR A 65 14.08 -2.00 0.17
CA THR A 65 14.80 -0.88 0.76
C THR A 65 14.10 -0.43 2.04
N LEU A 66 12.77 -0.32 2.01
CA LEU A 66 11.95 0.06 3.15
C LEU A 66 11.99 -0.99 4.29
N SER A 67 12.11 -2.28 3.96
CA SER A 67 12.37 -3.34 4.97
C SER A 67 13.69 -3.15 5.70
N LYS A 68 14.64 -2.47 5.06
CA LYS A 68 15.98 -2.21 5.57
C LYS A 68 16.12 -0.83 6.24
N LYS A 69 15.38 0.17 5.78
CA LYS A 69 15.32 1.53 6.35
C LYS A 69 14.82 1.51 7.79
N LEU A 70 13.86 0.62 8.08
CA LEU A 70 13.12 0.54 9.34
C LEU A 70 13.32 -0.79 10.11
N ASN A 71 14.28 -1.62 9.67
CA ASN A 71 14.59 -2.96 10.22
C ASN A 71 13.35 -3.87 10.44
N ILE A 72 12.64 -4.14 9.34
CA ILE A 72 11.35 -4.84 9.25
C ILE A 72 11.39 -5.96 8.18
N THR A 73 10.29 -6.71 8.01
CA THR A 73 10.15 -7.70 6.93
C THR A 73 9.79 -7.03 5.59
N VAL A 74 10.05 -7.72 4.46
CA VAL A 74 9.60 -7.26 3.14
C VAL A 74 8.07 -7.24 3.03
N GLU A 75 7.35 -8.10 3.75
CA GLU A 75 5.88 -8.17 3.70
C GLU A 75 5.28 -7.00 4.48
N LYS A 76 5.90 -6.67 5.62
CA LYS A 76 5.53 -5.55 6.48
C LYS A 76 5.76 -4.21 5.77
N ALA A 77 6.93 -4.07 5.16
CA ALA A 77 7.33 -2.96 4.32
C ALA A 77 6.43 -2.77 3.08
N LYS A 78 6.08 -3.86 2.39
CA LYS A 78 5.24 -3.86 1.19
C LYS A 78 3.79 -3.54 1.51
N ASN A 79 3.34 -3.86 2.72
CA ASN A 79 1.99 -3.56 3.16
C ASN A 79 1.68 -2.05 3.06
N TYR A 80 2.62 -1.18 3.46
CA TYR A 80 2.53 0.28 3.33
C TYR A 80 2.41 0.70 1.86
N ILE A 81 3.19 0.08 0.98
CA ILE A 81 3.22 0.37 -0.46
C ILE A 81 1.91 -0.10 -1.14
N LYS A 82 1.15 -1.03 -0.53
CA LYS A 82 -0.13 -1.55 -1.03
C LYS A 82 -1.34 -0.80 -0.48
N ASN A 83 -1.24 -0.13 0.67
CA ASN A 83 -2.33 0.65 1.27
C ASN A 83 -2.18 2.16 1.10
N SER A 84 -0.94 2.69 1.16
CA SER A 84 -0.70 4.14 1.21
C SER A 84 -0.62 4.81 -0.19
N ASN A 85 -0.53 4.02 -1.26
CA ASN A 85 -0.25 4.50 -2.63
C ASN A 85 -1.31 5.42 -3.26
N ARG A 86 -2.49 5.55 -2.65
CA ARG A 86 -3.60 6.41 -3.13
C ARG A 86 -3.49 7.87 -2.66
N LEU A 87 -2.57 8.17 -1.73
CA LEU A 87 -2.41 9.50 -1.11
C LEU A 87 -1.54 10.44 -1.98
N GLY A 88 -0.41 9.96 -2.49
CA GLY A 88 0.48 10.74 -3.37
C GLY A 88 1.21 11.86 -2.63
N ARG A 89 0.67 13.08 -2.68
CA ARG A 89 1.15 14.26 -1.92
C ARG A 89 0.27 14.51 -0.70
N THR A 90 -0.95 14.96 -0.94
CA THR A 90 -1.98 15.29 0.07
C THR A 90 -3.35 15.37 -0.60
N ASN A 91 -4.21 14.38 -0.31
CA ASN A 91 -5.53 14.21 -0.93
C ASN A 91 -6.54 13.62 0.07
N ASN A 92 -7.78 14.14 0.08
CA ASN A 92 -8.87 13.69 0.95
C ASN A 92 -10.24 13.83 0.26
N LEU A 93 -11.24 13.05 0.74
CA LEU A 93 -12.57 12.98 0.12
C LEU A 93 -13.55 14.02 0.67
N LYS A 94 -13.85 13.89 1.96
CA LYS A 94 -14.84 14.69 2.72
C LYS A 94 -14.42 14.95 4.18
N THR A 95 -13.12 14.96 4.44
CA THR A 95 -12.53 15.04 5.78
C THR A 95 -11.20 15.79 5.72
N ILE A 96 -11.15 16.94 6.40
CA ILE A 96 -9.98 17.82 6.47
C ILE A 96 -9.74 18.39 7.89
N GLY A 97 -10.49 17.91 8.90
CA GLY A 97 -10.49 18.44 10.27
C GLY A 97 -11.22 19.78 10.47
N ILE A 98 -11.61 20.45 9.37
CA ILE A 98 -12.27 21.78 9.35
C ILE A 98 -11.34 22.88 9.92
N LEU A 99 -10.07 22.85 9.49
CA LEU A 99 -9.04 23.89 9.68
C LEU A 99 -8.96 24.45 11.12
N GLN A 100 -8.85 23.55 12.10
CA GLN A 100 -8.93 23.84 13.55
C GLN A 100 -7.81 23.16 14.36
N GLU A 101 -6.76 22.68 13.68
CA GLU A 101 -5.69 21.82 14.21
C GLU A 101 -4.41 22.63 14.56
N GLU A 102 -4.57 23.79 15.20
CA GLU A 102 -3.49 24.74 15.51
C GLU A 102 -3.45 25.10 17.01
N VAL A 103 -3.56 24.07 17.86
CA VAL A 103 -3.55 24.19 19.33
C VAL A 103 -2.76 23.03 19.97
N SER A 104 -1.44 23.01 19.75
CA SER A 104 -0.51 22.12 20.45
C SER A 104 0.94 22.59 20.38
N SER A 105 1.59 22.49 19.21
CA SER A 105 3.03 22.78 19.02
C SER A 105 3.33 24.23 18.67
N MET A 106 2.34 24.95 18.11
CA MET A 106 2.39 26.38 17.79
C MET A 106 1.01 27.01 18.03
N GLU A 107 0.97 28.18 18.67
CA GLU A 107 -0.28 28.84 19.10
C GLU A 107 -0.16 30.38 19.07
N ALA A 108 0.67 30.91 18.16
CA ALA A 108 1.05 32.32 18.09
C ALA A 108 0.75 32.95 16.71
N LYS A 109 0.49 34.27 16.71
CA LYS A 109 0.22 35.07 15.50
C LYS A 109 1.51 35.73 14.98
N SER A 110 1.71 35.71 13.66
CA SER A 110 2.82 36.35 12.96
C SER A 110 2.41 36.80 11.56
N MET A 111 2.58 38.09 11.26
CA MET A 111 2.13 38.78 10.03
C MET A 111 3.12 39.89 9.63
N THR A 112 3.01 40.36 8.39
CA THR A 112 3.77 41.51 7.84
C THR A 112 2.83 42.62 7.33
N TRP A 113 3.40 43.82 7.14
CA TRP A 113 2.69 45.07 6.84
C TRP A 113 2.73 45.44 5.35
N GLY A 1 33.30 -22.85 -12.78
CA GLY A 1 32.07 -22.45 -12.05
C GLY A 1 30.92 -22.14 -13.00
N SER A 2 29.68 -22.25 -12.51
CA SER A 2 28.44 -22.16 -13.33
C SER A 2 27.53 -20.98 -12.95
N HIS A 3 27.96 -20.09 -12.04
CA HIS A 3 27.17 -18.93 -11.59
C HIS A 3 27.13 -17.83 -12.66
N MET A 4 25.94 -17.30 -12.97
CA MET A 4 25.72 -16.30 -14.04
C MET A 4 24.51 -15.39 -13.72
N ALA A 5 24.56 -14.15 -14.19
CA ALA A 5 23.51 -13.15 -13.98
C ALA A 5 22.33 -13.27 -14.97
N SER A 6 21.16 -12.80 -14.53
CA SER A 6 19.87 -12.87 -15.25
C SER A 6 19.02 -11.62 -14.97
N MET A 7 18.29 -11.14 -15.99
CA MET A 7 17.53 -9.87 -15.93
C MET A 7 16.10 -9.97 -16.52
N ASP A 8 15.59 -11.19 -16.74
CA ASP A 8 14.29 -11.45 -17.39
C ASP A 8 13.13 -11.46 -16.36
N PRO A 9 12.07 -10.63 -16.51
CA PRO A 9 10.95 -10.55 -15.57
C PRO A 9 9.81 -11.54 -15.83
N LEU A 10 9.91 -12.38 -16.87
CA LEU A 10 8.83 -13.25 -17.35
C LEU A 10 9.06 -14.75 -17.08
N ASP A 11 9.80 -15.10 -16.02
CA ASP A 11 10.04 -16.50 -15.62
C ASP A 11 9.15 -17.04 -14.48
N LYS A 12 8.32 -16.17 -13.88
CA LYS A 12 7.59 -16.46 -12.63
C LYS A 12 6.08 -16.17 -12.61
N ILE A 13 5.61 -15.16 -13.37
CA ILE A 13 4.19 -14.72 -13.42
C ILE A 13 3.69 -14.46 -14.85
N ILE A 14 4.38 -14.98 -15.86
CA ILE A 14 4.10 -14.78 -17.29
C ILE A 14 2.64 -15.08 -17.66
N ASN A 15 2.05 -14.19 -18.45
CA ASN A 15 0.65 -14.22 -18.86
C ASN A 15 0.47 -13.45 -20.18
N ASP A 16 -0.11 -14.09 -21.21
CA ASP A 16 -0.32 -13.49 -22.54
C ASP A 16 -1.34 -14.30 -23.34
N ILE A 17 -2.56 -14.33 -22.81
CA ILE A 17 -3.70 -15.11 -23.29
C ILE A 17 -3.30 -16.60 -23.41
N LYS A 18 -2.88 -17.17 -22.27
CA LYS A 18 -2.41 -18.56 -22.17
C LYS A 18 -2.59 -19.17 -20.76
N LYS A 19 -2.29 -18.40 -19.70
CA LYS A 19 -2.32 -18.83 -18.29
C LYS A 19 -3.51 -18.23 -17.52
N GLU A 20 -4.72 -18.63 -17.85
CA GLU A 20 -5.95 -18.04 -17.28
C GLU A 20 -7.10 -19.04 -16.97
N ALA A 21 -6.83 -20.34 -17.00
CA ALA A 21 -7.86 -21.38 -16.87
C ALA A 21 -8.31 -21.65 -15.41
N ASN A 22 -7.37 -21.68 -14.47
CA ASN A 22 -7.60 -22.00 -13.05
C ASN A 22 -6.62 -21.20 -12.15
N ASP A 23 -7.04 -20.01 -11.73
CA ASP A 23 -6.23 -19.06 -10.96
C ASP A 23 -7.04 -18.45 -9.81
N SER A 24 -6.87 -19.03 -8.61
CA SER A 24 -7.47 -18.57 -7.36
C SER A 24 -6.53 -18.85 -6.18
N GLY A 25 -6.06 -17.77 -5.53
CA GLY A 25 -5.20 -17.80 -4.34
C GLY A 25 -3.92 -16.95 -4.47
N VAL A 26 -3.54 -16.59 -5.69
CA VAL A 26 -2.41 -15.69 -6.02
C VAL A 26 -2.94 -14.44 -6.73
N THR A 27 -3.06 -13.35 -5.98
CA THR A 27 -3.61 -12.08 -6.49
C THR A 27 -3.11 -10.86 -5.72
N LEU A 28 -3.40 -9.68 -6.26
CA LEU A 28 -2.83 -8.37 -5.88
C LEU A 28 -3.59 -7.68 -4.72
N ALA A 29 -4.36 -8.49 -4.00
CA ALA A 29 -5.42 -8.09 -3.06
C ALA A 29 -5.69 -9.20 -2.03
N PRO A 30 -5.93 -8.88 -0.73
CA PRO A 30 -6.10 -9.87 0.33
C PRO A 30 -7.52 -10.44 0.45
N LEU A 31 -8.53 -9.68 0.00
CA LEU A 31 -9.96 -9.97 0.10
C LEU A 31 -10.72 -9.25 -1.04
N SER A 32 -12.03 -9.05 -0.89
CA SER A 32 -12.93 -8.33 -1.82
C SER A 32 -12.77 -6.80 -1.79
N VAL A 33 -11.51 -6.33 -1.73
CA VAL A 33 -11.12 -4.94 -1.52
C VAL A 33 -9.77 -4.64 -2.19
N PRO A 34 -9.54 -3.45 -2.78
CA PRO A 34 -8.26 -3.07 -3.39
C PRO A 34 -7.23 -2.64 -2.31
N LYS A 35 -6.90 -3.58 -1.42
CA LYS A 35 -6.13 -3.46 -0.16
C LYS A 35 -6.77 -2.53 0.90
N PRO A 36 -6.99 -3.00 2.14
CA PRO A 36 -7.47 -2.14 3.24
C PRO A 36 -6.34 -1.23 3.76
N LYS A 37 -6.70 -0.06 4.31
CA LYS A 37 -5.75 0.92 4.86
C LYS A 37 -5.29 0.54 6.27
N LEU A 38 -4.01 0.81 6.57
CA LEU A 38 -3.32 0.50 7.82
C LEU A 38 -2.20 1.55 8.03
N GLU A 39 -2.10 2.11 9.23
CA GLU A 39 -1.15 3.18 9.60
C GLU A 39 -0.72 3.00 11.07
N GLU A 40 0.19 2.04 11.30
CA GLU A 40 0.64 1.62 12.64
C GLU A 40 2.17 1.52 12.73
N LEU A 41 2.81 2.69 12.81
CA LEU A 41 4.25 2.90 13.02
C LEU A 41 4.52 3.46 14.43
N SER A 42 5.69 3.19 14.99
CA SER A 42 6.20 3.88 16.20
C SER A 42 6.62 5.32 15.85
N GLU A 43 6.86 6.19 16.84
CA GLU A 43 7.17 7.61 16.60
C GLU A 43 8.42 7.80 15.72
N GLN A 44 9.50 7.06 15.98
CA GLN A 44 10.70 7.10 15.14
C GLN A 44 10.52 6.39 13.80
N GLN A 45 9.77 5.28 13.78
CA GLN A 45 9.48 4.52 12.57
C GLN A 45 8.66 5.38 11.59
N LYS A 46 7.68 6.14 12.08
CA LYS A 46 6.88 7.08 11.28
C LYS A 46 7.75 8.14 10.62
N ILE A 47 8.73 8.70 11.34
CA ILE A 47 9.65 9.70 10.78
C ILE A 47 10.60 9.09 9.75
N ILE A 48 11.16 7.89 9.97
CA ILE A 48 12.04 7.25 8.97
C ILE A 48 11.25 6.93 7.69
N LEU A 49 10.04 6.41 7.84
CA LEU A 49 9.10 6.15 6.75
C LEU A 49 8.80 7.43 5.97
N ALA A 50 8.49 8.52 6.68
CA ALA A 50 8.16 9.82 6.12
C ALA A 50 9.36 10.49 5.42
N GLU A 51 10.52 10.58 6.08
CA GLU A 51 11.73 11.22 5.51
C GLU A 51 12.22 10.53 4.23
N TYR A 52 11.92 9.23 4.05
CA TYR A 52 12.29 8.48 2.85
C TYR A 52 11.40 8.86 1.66
N ILE A 53 10.07 8.77 1.79
CA ILE A 53 9.08 9.23 0.81
C ILE A 53 9.24 10.73 0.51
N ALA A 54 9.61 11.54 1.50
CA ALA A 54 9.89 12.97 1.32
C ALA A 54 11.16 13.25 0.49
N GLU A 55 12.08 12.28 0.38
CA GLU A 55 13.32 12.38 -0.39
C GLU A 55 13.20 11.77 -1.80
N VAL A 56 12.35 10.75 -2.02
CA VAL A 56 12.28 10.03 -3.31
C VAL A 56 10.87 9.99 -3.92
N GLY A 57 9.82 10.16 -3.14
CA GLY A 57 8.42 10.01 -3.54
C GLY A 57 7.88 8.57 -3.38
N LEU A 58 6.62 8.44 -3.00
CA LEU A 58 5.95 7.18 -2.63
C LEU A 58 5.93 6.10 -3.73
N GLN A 59 6.14 6.53 -4.97
CA GLN A 59 6.23 5.68 -6.16
C GLN A 59 7.65 5.14 -6.46
N ASN A 60 8.70 5.70 -5.83
CA ASN A 60 10.12 5.36 -6.09
C ASN A 60 10.81 4.59 -4.96
N ILE A 61 10.18 4.53 -3.79
CA ILE A 61 10.55 3.61 -2.71
C ILE A 61 10.36 2.15 -3.13
N THR A 62 11.09 1.23 -2.49
CA THR A 62 10.96 -0.22 -2.66
C THR A 62 10.75 -0.90 -1.33
N ALA A 63 9.94 -1.96 -1.26
CA ALA A 63 9.76 -2.77 -0.07
C ALA A 63 11.07 -3.43 0.39
N ILE A 64 12.01 -3.66 -0.54
CA ILE A 64 13.35 -4.15 -0.26
C ILE A 64 14.14 -3.15 0.58
N THR A 65 14.20 -1.91 0.11
CA THR A 65 14.93 -0.82 0.75
C THR A 65 14.20 -0.39 2.02
N LEU A 66 12.88 -0.29 1.97
CA LEU A 66 12.03 0.06 3.12
C LEU A 66 12.12 -0.99 4.23
N SER A 67 12.23 -2.28 3.89
CA SER A 67 12.57 -3.37 4.82
C SER A 67 13.86 -3.11 5.61
N LYS A 68 14.80 -2.42 4.97
CA LYS A 68 16.14 -2.16 5.49
C LYS A 68 16.33 -0.75 6.08
N LYS A 69 15.51 0.23 5.68
CA LYS A 69 15.47 1.58 6.27
C LYS A 69 14.99 1.55 7.72
N LEU A 70 14.01 0.68 8.00
CA LEU A 70 13.30 0.58 9.29
C LEU A 70 13.60 -0.70 10.08
N ASN A 71 14.45 -1.60 9.55
CA ASN A 71 14.74 -2.93 10.10
C ASN A 71 13.47 -3.79 10.32
N ILE A 72 12.63 -3.85 9.28
CA ILE A 72 11.35 -4.58 9.25
C ILE A 72 11.44 -5.83 8.33
N THR A 73 10.31 -6.40 7.93
CA THR A 73 10.22 -7.42 6.88
C THR A 73 9.80 -6.80 5.55
N VAL A 74 10.04 -7.49 4.43
CA VAL A 74 9.55 -7.05 3.11
C VAL A 74 8.02 -6.97 3.08
N GLU A 75 7.30 -7.77 3.86
CA GLU A 75 5.83 -7.75 3.89
C GLU A 75 5.32 -6.63 4.82
N LYS A 76 6.06 -6.36 5.90
CA LYS A 76 5.79 -5.33 6.89
C LYS A 76 6.23 -3.92 6.46
N ALA A 77 6.86 -3.88 5.28
CA ALA A 77 7.21 -2.73 4.46
C ALA A 77 6.26 -2.56 3.25
N LYS A 78 5.98 -3.65 2.51
CA LYS A 78 5.19 -3.64 1.27
C LYS A 78 3.73 -3.35 1.57
N ASN A 79 3.25 -3.72 2.76
CA ASN A 79 1.93 -3.35 3.23
C ASN A 79 1.65 -1.85 2.98
N TYR A 80 2.50 -0.95 3.45
CA TYR A 80 2.38 0.50 3.31
C TYR A 80 2.25 0.94 1.84
N ILE A 81 3.03 0.32 0.95
CA ILE A 81 3.08 0.60 -0.49
C ILE A 81 1.79 0.13 -1.20
N LYS A 82 1.10 -0.89 -0.65
CA LYS A 82 -0.18 -1.41 -1.13
C LYS A 82 -1.37 -0.66 -0.53
N ASN A 83 -1.27 -0.24 0.73
CA ASN A 83 -2.32 0.40 1.51
C ASN A 83 -2.44 1.85 1.06
N SER A 84 -1.27 2.50 0.87
CA SER A 84 -1.16 3.86 0.35
C SER A 84 -0.24 3.95 -0.88
N ASN A 85 -0.77 4.52 -1.97
CA ASN A 85 -0.10 4.51 -3.27
C ASN A 85 -0.44 5.71 -4.17
N ARG A 86 -1.74 6.02 -4.34
CA ARG A 86 -2.26 7.12 -5.18
C ARG A 86 -2.64 8.39 -4.39
N LEU A 87 -2.28 8.43 -3.10
CA LEU A 87 -2.72 9.45 -2.13
C LEU A 87 -1.55 10.17 -1.42
N GLY A 88 -0.49 9.45 -1.02
CA GLY A 88 0.53 9.96 -0.10
C GLY A 88 1.66 10.77 -0.76
N ARG A 89 1.36 11.95 -1.30
CA ARG A 89 2.31 12.87 -1.94
C ARG A 89 2.50 14.16 -1.14
N THR A 90 1.57 15.10 -1.25
CA THR A 90 1.58 16.37 -0.50
C THR A 90 0.19 16.99 -0.42
N ASN A 91 -0.27 17.23 0.81
CA ASN A 91 -1.60 17.77 1.13
C ASN A 91 -1.58 18.76 2.32
N ASN A 92 -0.38 19.15 2.79
CA ASN A 92 -0.15 19.84 4.07
C ASN A 92 0.83 21.05 3.93
N LEU A 93 1.04 21.54 2.71
CA LEU A 93 1.97 22.61 2.36
C LEU A 93 1.23 23.74 1.62
N LYS A 94 1.84 24.93 1.60
CA LYS A 94 1.29 26.19 1.07
C LYS A 94 2.14 26.81 -0.05
N THR A 95 3.15 26.08 -0.53
CA THR A 95 3.93 26.42 -1.72
C THR A 95 4.34 25.14 -2.45
N ILE A 96 3.94 25.04 -3.71
CA ILE A 96 4.16 23.89 -4.60
C ILE A 96 4.50 24.31 -6.05
N GLY A 97 4.66 25.60 -6.33
CA GLY A 97 4.79 26.15 -7.69
C GLY A 97 3.52 26.03 -8.55
N ILE A 98 2.39 25.62 -7.94
CA ILE A 98 1.06 25.43 -8.55
C ILE A 98 1.13 24.58 -9.85
N LEU A 99 1.99 23.55 -9.83
CA LEU A 99 2.28 22.62 -10.93
C LEU A 99 2.72 23.29 -12.26
N GLN A 100 3.24 24.52 -12.19
CA GLN A 100 3.48 25.43 -13.32
C GLN A 100 4.85 26.12 -13.20
N GLU A 101 5.92 25.33 -13.30
CA GLU A 101 7.33 25.81 -13.26
C GLU A 101 7.93 25.96 -14.67
N GLU A 102 8.92 26.84 -14.82
CA GLU A 102 9.50 27.25 -16.12
C GLU A 102 11.03 27.46 -16.11
N VAL A 103 11.73 26.58 -15.39
CA VAL A 103 13.19 26.57 -15.28
C VAL A 103 13.85 25.84 -16.45
N SER A 104 15.05 26.30 -16.81
CA SER A 104 15.97 25.59 -17.74
C SER A 104 17.40 26.15 -17.68
N SER A 105 17.64 27.34 -18.23
CA SER A 105 18.98 27.97 -18.29
C SER A 105 19.43 28.52 -16.92
N MET A 106 18.47 28.96 -16.11
CA MET A 106 18.63 29.33 -14.69
C MET A 106 17.58 28.61 -13.82
N GLU A 107 17.94 28.35 -12.57
CA GLU A 107 17.13 27.61 -11.58
C GLU A 107 17.24 28.23 -10.16
N ALA A 108 17.66 29.50 -10.07
CA ALA A 108 18.00 30.19 -8.83
C ALA A 108 17.13 31.44 -8.59
N LYS A 109 16.18 31.32 -7.65
CA LYS A 109 15.30 32.41 -7.18
C LYS A 109 15.30 32.59 -5.65
N SER A 110 16.20 31.90 -4.94
CA SER A 110 16.41 32.01 -3.49
C SER A 110 17.20 33.27 -3.10
N MET A 111 17.11 33.66 -1.83
CA MET A 111 17.77 34.84 -1.26
C MET A 111 18.25 34.62 0.18
N THR A 112 19.16 35.48 0.65
CA THR A 112 19.64 35.55 2.04
C THR A 112 19.11 36.80 2.76
N TRP A 113 19.24 36.83 4.08
CA TRP A 113 18.66 37.83 4.99
C TRP A 113 19.63 38.99 5.31
N GLY A 1 15.51 -44.84 -3.81
CA GLY A 1 15.74 -44.26 -5.16
C GLY A 1 14.90 -44.96 -6.21
N SER A 2 14.08 -44.21 -6.94
CA SER A 2 13.19 -44.73 -8.02
C SER A 2 13.06 -43.71 -9.16
N HIS A 3 14.20 -43.31 -9.73
CA HIS A 3 14.31 -42.34 -10.83
C HIS A 3 15.31 -42.84 -11.88
N MET A 4 14.81 -43.56 -12.89
CA MET A 4 15.62 -44.29 -13.89
C MET A 4 15.02 -44.34 -15.31
N ALA A 5 14.12 -43.40 -15.63
CA ALA A 5 13.47 -43.31 -16.93
C ALA A 5 13.02 -41.89 -17.28
N SER A 6 13.31 -41.47 -18.52
CA SER A 6 13.10 -40.11 -19.04
C SER A 6 12.86 -40.16 -20.56
N MET A 7 11.60 -40.01 -20.99
CA MET A 7 11.20 -40.04 -22.41
C MET A 7 10.00 -39.13 -22.72
N ASP A 8 9.76 -38.10 -21.91
CA ASP A 8 8.57 -37.23 -21.96
C ASP A 8 8.94 -35.75 -22.21
N PRO A 9 8.30 -35.06 -23.17
CA PRO A 9 8.65 -33.68 -23.54
C PRO A 9 8.10 -32.60 -22.62
N LEU A 10 7.12 -32.96 -21.79
CA LEU A 10 6.38 -32.07 -20.89
C LEU A 10 6.59 -32.43 -19.41
N ASP A 11 7.84 -32.75 -19.05
CA ASP A 11 8.23 -33.11 -17.67
C ASP A 11 9.16 -32.09 -16.99
N LYS A 12 9.49 -30.99 -17.69
CA LYS A 12 10.55 -30.04 -17.32
C LYS A 12 10.03 -28.62 -17.07
N ILE A 13 9.34 -28.08 -18.09
CA ILE A 13 8.85 -26.69 -18.17
C ILE A 13 7.36 -26.59 -18.55
N ILE A 14 6.64 -27.72 -18.46
CA ILE A 14 5.19 -27.82 -18.74
C ILE A 14 4.38 -26.66 -18.10
N ASN A 15 3.63 -25.93 -18.93
CA ASN A 15 2.86 -24.75 -18.50
C ASN A 15 1.54 -24.55 -19.28
N ASP A 16 1.09 -25.56 -20.04
CA ASP A 16 -0.05 -25.42 -20.97
C ASP A 16 -1.43 -25.73 -20.33
N ILE A 17 -1.44 -25.91 -19.01
CA ILE A 17 -2.59 -26.36 -18.21
C ILE A 17 -2.62 -25.78 -16.79
N LYS A 18 -2.08 -24.57 -16.62
CA LYS A 18 -2.00 -23.87 -15.32
C LYS A 18 -2.48 -22.41 -15.36
N LYS A 19 -2.08 -21.66 -16.39
CA LYS A 19 -2.43 -20.25 -16.62
C LYS A 19 -2.96 -20.01 -18.05
N GLU A 20 -3.53 -18.82 -18.27
CA GLU A 20 -4.18 -18.41 -19.53
C GLU A 20 -5.33 -19.34 -19.98
N ALA A 21 -6.07 -19.87 -19.00
CA ALA A 21 -7.17 -20.84 -19.20
C ALA A 21 -8.32 -20.63 -18.19
N ASN A 22 -8.03 -20.84 -16.90
CA ASN A 22 -8.99 -20.74 -15.80
C ASN A 22 -8.29 -20.26 -14.52
N ASP A 23 -8.83 -19.20 -13.91
CA ASP A 23 -8.39 -18.65 -12.61
C ASP A 23 -9.61 -18.13 -11.80
N SER A 24 -9.44 -17.99 -10.48
CA SER A 24 -10.47 -17.58 -9.51
C SER A 24 -10.04 -16.51 -8.51
N GLY A 25 -8.82 -15.97 -8.62
CA GLY A 25 -8.39 -14.83 -7.81
C GLY A 25 -7.13 -14.14 -8.35
N VAL A 26 -7.31 -12.97 -8.97
CA VAL A 26 -6.26 -12.18 -9.65
C VAL A 26 -6.20 -10.75 -9.11
N THR A 27 -6.32 -10.56 -7.79
CA THR A 27 -6.36 -9.23 -7.16
C THR A 27 -5.79 -9.18 -5.73
N LEU A 28 -5.51 -7.95 -5.28
CA LEU A 28 -4.70 -7.62 -4.10
C LEU A 28 -5.49 -7.05 -2.91
N ALA A 29 -6.77 -7.40 -2.84
CA ALA A 29 -7.75 -6.84 -1.90
C ALA A 29 -7.97 -7.78 -0.70
N PRO A 30 -7.76 -7.33 0.55
CA PRO A 30 -7.94 -8.17 1.75
C PRO A 30 -9.43 -8.32 2.16
N LEU A 31 -10.27 -7.36 1.76
CA LEU A 31 -11.71 -7.29 1.99
C LEU A 31 -12.39 -6.58 0.81
N SER A 32 -13.56 -5.98 0.99
CA SER A 32 -14.36 -5.25 -0.01
C SER A 32 -13.83 -3.84 -0.34
N VAL A 33 -12.50 -3.71 -0.39
CA VAL A 33 -11.76 -2.44 -0.49
C VAL A 33 -10.34 -2.67 -1.07
N PRO A 34 -9.83 -1.79 -1.96
CA PRO A 34 -8.50 -1.92 -2.55
C PRO A 34 -7.38 -1.48 -1.58
N LYS A 35 -7.18 -2.28 -0.53
CA LYS A 35 -6.25 -2.12 0.61
C LYS A 35 -6.48 -0.82 1.44
N PRO A 36 -7.06 -0.91 2.66
CA PRO A 36 -7.36 0.28 3.46
C PRO A 36 -6.11 0.89 4.10
N LYS A 37 -6.10 2.22 4.30
CA LYS A 37 -4.97 2.97 4.86
C LYS A 37 -4.64 2.57 6.30
N LEU A 38 -3.33 2.52 6.64
CA LEU A 38 -2.81 2.06 7.92
C LEU A 38 -1.83 3.11 8.52
N GLU A 39 -1.86 3.25 9.85
CA GLU A 39 -1.03 4.22 10.61
C GLU A 39 -0.50 3.57 11.90
N GLU A 40 0.34 2.55 11.72
CA GLU A 40 0.91 1.73 12.81
C GLU A 40 2.44 1.65 12.73
N LEU A 41 3.07 2.80 13.00
CA LEU A 41 4.51 3.00 13.17
C LEU A 41 4.81 3.63 14.54
N SER A 42 5.97 3.35 15.12
CA SER A 42 6.49 4.05 16.32
C SER A 42 6.93 5.48 15.96
N GLU A 43 7.19 6.35 16.95
CA GLU A 43 7.50 7.77 16.68
C GLU A 43 8.70 7.97 15.74
N GLN A 44 9.80 7.23 15.95
CA GLN A 44 10.99 7.29 15.07
C GLN A 44 10.73 6.56 13.75
N GLN A 45 10.09 5.38 13.79
CA GLN A 45 9.72 4.60 12.60
C GLN A 45 8.87 5.45 11.64
N LYS A 46 7.89 6.19 12.15
CA LYS A 46 7.01 7.09 11.39
C LYS A 46 7.82 8.19 10.68
N ILE A 47 8.81 8.79 11.34
CA ILE A 47 9.67 9.81 10.74
C ILE A 47 10.58 9.22 9.66
N ILE A 48 11.16 8.03 9.85
CA ILE A 48 12.00 7.39 8.83
C ILE A 48 11.16 7.05 7.58
N LEU A 49 9.95 6.52 7.81
CA LEU A 49 8.98 6.20 6.77
C LEU A 49 8.59 7.45 5.97
N ALA A 50 8.27 8.54 6.68
CA ALA A 50 7.88 9.82 6.12
C ALA A 50 9.03 10.51 5.38
N GLU A 51 10.21 10.64 6.00
CA GLU A 51 11.34 11.35 5.39
C GLU A 51 11.86 10.66 4.11
N TYR A 52 11.65 9.34 3.98
CA TYR A 52 11.98 8.59 2.78
C TYR A 52 11.07 9.00 1.62
N ILE A 53 9.75 8.85 1.79
CA ILE A 53 8.70 9.19 0.82
C ILE A 53 8.70 10.70 0.50
N ALA A 54 8.99 11.56 1.47
CA ALA A 54 9.05 13.00 1.29
C ALA A 54 10.29 13.44 0.47
N GLU A 55 11.37 12.65 0.49
CA GLU A 55 12.57 12.88 -0.32
C GLU A 55 12.48 12.23 -1.71
N VAL A 56 11.91 11.02 -1.82
CA VAL A 56 11.91 10.23 -3.09
C VAL A 56 10.55 10.14 -3.78
N GLY A 57 9.49 10.65 -3.14
CA GLY A 57 8.22 10.99 -3.79
C GLY A 57 7.20 9.85 -3.91
N LEU A 58 7.27 8.86 -3.00
CA LEU A 58 6.48 7.60 -2.98
C LEU A 58 6.58 6.73 -4.26
N GLN A 59 7.51 7.06 -5.15
CA GLN A 59 7.61 6.51 -6.52
C GLN A 59 8.97 5.86 -6.82
N ASN A 60 9.90 5.92 -5.86
CA ASN A 60 11.21 5.26 -5.92
C ASN A 60 11.47 4.32 -4.72
N ILE A 61 10.51 4.20 -3.79
CA ILE A 61 10.60 3.25 -2.66
C ILE A 61 10.36 1.82 -3.12
N THR A 62 10.95 0.86 -2.41
CA THR A 62 10.83 -0.58 -2.68
C THR A 62 10.70 -1.33 -1.37
N ALA A 63 9.90 -2.41 -1.33
CA ALA A 63 9.70 -3.21 -0.12
C ALA A 63 11.01 -3.84 0.38
N ILE A 64 11.97 -4.09 -0.52
CA ILE A 64 13.32 -4.58 -0.22
C ILE A 64 14.09 -3.54 0.59
N THR A 65 14.07 -2.29 0.13
CA THR A 65 14.84 -1.19 0.71
C THR A 65 14.13 -0.64 1.93
N LEU A 66 12.81 -0.49 1.88
CA LEU A 66 11.96 -0.11 3.01
C LEU A 66 12.00 -1.15 4.15
N SER A 67 12.10 -2.45 3.84
CA SER A 67 12.39 -3.52 4.80
C SER A 67 13.66 -3.27 5.60
N LYS A 68 14.64 -2.62 4.96
CA LYS A 68 15.96 -2.34 5.53
C LYS A 68 16.08 -0.95 6.16
N LYS A 69 15.36 0.06 5.66
CA LYS A 69 15.34 1.43 6.18
C LYS A 69 14.82 1.51 7.61
N LEU A 70 13.87 0.63 7.97
CA LEU A 70 13.22 0.57 9.29
C LEU A 70 13.47 -0.74 10.06
N ASN A 71 14.34 -1.62 9.56
CA ASN A 71 14.68 -2.94 10.14
C ASN A 71 13.44 -3.83 10.39
N ILE A 72 12.65 -4.06 9.33
CA ILE A 72 11.37 -4.76 9.32
C ILE A 72 11.41 -5.97 8.36
N THR A 73 10.26 -6.57 8.05
CA THR A 73 10.13 -7.61 7.00
C THR A 73 9.74 -6.99 5.67
N VAL A 74 9.98 -7.71 4.56
CA VAL A 74 9.51 -7.31 3.22
C VAL A 74 7.98 -7.26 3.16
N GLU A 75 7.26 -8.07 3.95
CA GLU A 75 5.79 -8.09 3.92
C GLU A 75 5.23 -6.92 4.71
N LYS A 76 5.88 -6.57 5.84
CA LYS A 76 5.50 -5.45 6.70
C LYS A 76 5.73 -4.12 5.99
N ALA A 77 6.88 -4.00 5.34
CA ALA A 77 7.25 -2.91 4.44
C ALA A 77 6.31 -2.79 3.22
N LYS A 78 5.98 -3.89 2.55
CA LYS A 78 5.15 -3.92 1.34
C LYS A 78 3.71 -3.57 1.66
N ASN A 79 3.25 -3.83 2.88
CA ASN A 79 1.91 -3.45 3.32
C ASN A 79 1.67 -1.94 3.15
N TYR A 80 2.65 -1.10 3.50
CA TYR A 80 2.61 0.36 3.35
C TYR A 80 2.51 0.76 1.89
N ILE A 81 3.29 0.13 1.03
CA ILE A 81 3.30 0.38 -0.42
C ILE A 81 1.95 -0.01 -1.05
N LYS A 82 1.25 -1.00 -0.48
CA LYS A 82 -0.04 -1.51 -0.97
C LYS A 82 -1.22 -0.60 -0.61
N ASN A 83 -1.24 0.00 0.59
CA ASN A 83 -2.33 0.89 0.99
C ASN A 83 -2.00 2.35 0.67
N SER A 84 -0.75 2.78 0.92
CA SER A 84 -0.34 4.16 0.72
C SER A 84 0.10 4.41 -0.73
N ASN A 85 -0.87 4.35 -1.65
CA ASN A 85 -0.64 4.42 -3.10
C ASN A 85 -1.58 5.39 -3.84
N ARG A 86 -2.62 5.89 -3.18
CA ARG A 86 -3.52 6.96 -3.70
C ARG A 86 -3.24 8.33 -3.05
N LEU A 87 -2.41 8.37 -2.00
CA LEU A 87 -1.94 9.59 -1.33
C LEU A 87 -0.88 10.35 -2.16
N GLY A 88 -0.09 9.62 -2.95
CA GLY A 88 0.90 10.18 -3.90
C GLY A 88 1.36 9.18 -4.94
N ARG A 89 1.76 9.70 -6.12
CA ARG A 89 2.12 8.88 -7.30
C ARG A 89 3.17 9.52 -8.21
N THR A 90 2.80 10.60 -8.91
CA THR A 90 3.58 11.16 -10.03
C THR A 90 3.17 12.61 -10.39
N ASN A 91 2.56 13.32 -9.43
CA ASN A 91 1.93 14.63 -9.64
C ASN A 91 2.85 15.78 -9.17
N ASN A 92 3.86 16.10 -9.99
CA ASN A 92 4.86 17.14 -9.72
C ASN A 92 5.17 18.02 -10.95
N LEU A 93 5.73 19.21 -10.68
CA LEU A 93 6.16 20.22 -11.64
C LEU A 93 7.70 20.37 -11.57
N LYS A 94 8.26 21.11 -12.55
CA LYS A 94 9.71 21.28 -12.79
C LYS A 94 10.14 22.75 -12.88
N THR A 95 9.27 23.68 -12.47
CA THR A 95 9.52 25.11 -12.39
C THR A 95 8.72 25.72 -11.25
N ILE A 96 9.42 26.44 -10.38
CA ILE A 96 8.89 27.06 -9.15
C ILE A 96 9.43 28.49 -8.93
N GLY A 97 10.16 29.07 -9.89
CA GLY A 97 10.90 30.33 -9.71
C GLY A 97 12.03 30.26 -8.65
N ILE A 98 12.39 29.04 -8.22
CA ILE A 98 13.44 28.74 -7.22
C ILE A 98 13.24 29.55 -5.93
N LEU A 99 11.98 29.68 -5.51
CA LEU A 99 11.50 30.42 -4.33
C LEU A 99 11.94 31.90 -4.26
N GLN A 100 12.25 32.51 -5.42
CA GLN A 100 12.89 33.82 -5.57
C GLN A 100 12.19 34.65 -6.66
N GLU A 101 10.93 35.00 -6.41
CA GLU A 101 10.10 35.87 -7.26
C GLU A 101 9.51 37.07 -6.48
N GLU A 102 9.23 38.17 -7.18
CA GLU A 102 8.64 39.39 -6.60
C GLU A 102 7.11 39.26 -6.51
N VAL A 103 6.63 38.71 -5.39
CA VAL A 103 5.20 38.57 -5.07
C VAL A 103 4.95 38.62 -3.55
N SER A 104 3.80 39.20 -3.16
CA SER A 104 3.39 39.39 -1.76
C SER A 104 1.87 39.30 -1.56
N SER A 105 1.10 40.11 -2.31
CA SER A 105 -0.36 40.23 -2.17
C SER A 105 -1.13 39.57 -3.34
N MET A 106 -0.71 39.83 -4.58
CA MET A 106 -1.36 39.36 -5.81
C MET A 106 -0.83 37.98 -6.26
N GLU A 107 -0.82 37.02 -5.33
CA GLU A 107 -0.30 35.66 -5.52
C GLU A 107 -1.32 34.75 -6.27
N ALA A 108 -1.73 35.16 -7.47
CA ALA A 108 -2.69 34.46 -8.33
C ALA A 108 -2.23 34.46 -9.80
N LYS A 109 -2.13 33.26 -10.40
CA LYS A 109 -1.68 33.04 -11.79
C LYS A 109 -2.52 31.98 -12.52
N SER A 110 -2.77 30.85 -11.86
CA SER A 110 -3.59 29.72 -12.37
C SER A 110 -4.26 28.95 -11.21
N MET A 111 -5.33 28.20 -11.53
CA MET A 111 -6.12 27.39 -10.59
C MET A 111 -6.59 26.07 -11.22
N THR A 112 -7.04 25.14 -10.38
CA THR A 112 -7.69 23.87 -10.76
C THR A 112 -9.00 23.66 -9.98
N TRP A 113 -9.83 22.72 -10.45
CA TRP A 113 -11.22 22.53 -10.04
C TRP A 113 -11.53 21.08 -9.61
N GLY A 1 -14.49 -6.85 -9.86
CA GLY A 1 -14.49 -8.08 -9.04
C GLY A 1 -14.69 -9.30 -9.92
N SER A 2 -13.66 -10.17 -10.01
CA SER A 2 -13.60 -11.34 -10.90
C SER A 2 -12.98 -12.56 -10.22
N HIS A 3 -13.20 -13.75 -10.78
CA HIS A 3 -12.68 -15.04 -10.28
C HIS A 3 -11.97 -15.83 -11.40
N MET A 4 -11.08 -16.75 -11.01
CA MET A 4 -10.24 -17.55 -11.91
C MET A 4 -10.52 -19.06 -11.76
N ALA A 5 -10.37 -19.80 -12.86
CA ALA A 5 -10.55 -21.25 -12.91
C ALA A 5 -9.34 -22.02 -12.35
N SER A 6 -9.59 -23.22 -11.81
CA SER A 6 -8.56 -24.12 -11.28
C SER A 6 -7.87 -24.93 -12.39
N MET A 7 -6.54 -25.06 -12.31
CA MET A 7 -5.72 -25.82 -13.27
C MET A 7 -4.49 -26.40 -12.54
N ASP A 8 -4.48 -27.72 -12.34
CA ASP A 8 -3.41 -28.52 -11.72
C ASP A 8 -2.71 -27.87 -10.50
N PRO A 9 -3.45 -27.52 -9.42
CA PRO A 9 -2.92 -26.72 -8.31
C PRO A 9 -1.90 -27.43 -7.41
N LEU A 10 -1.83 -28.75 -7.50
CA LEU A 10 -0.97 -29.63 -6.70
C LEU A 10 0.13 -30.37 -7.49
N ASP A 11 0.40 -29.99 -8.73
CA ASP A 11 1.38 -30.69 -9.59
C ASP A 11 2.86 -30.46 -9.24
N LYS A 12 3.12 -29.61 -8.24
CA LYS A 12 4.43 -28.98 -7.97
C LYS A 12 4.91 -29.21 -6.53
N ILE A 13 4.15 -28.72 -5.56
CA ILE A 13 4.47 -28.78 -4.12
C ILE A 13 3.67 -29.85 -3.36
N ILE A 14 2.58 -30.35 -3.96
CA ILE A 14 1.77 -31.52 -3.53
C ILE A 14 1.62 -31.72 -1.99
N ASN A 15 1.26 -30.64 -1.27
CA ASN A 15 1.26 -30.60 0.20
C ASN A 15 -0.13 -30.89 0.81
N ASP A 16 -0.88 -31.82 0.22
CA ASP A 16 -2.25 -32.17 0.64
C ASP A 16 -2.37 -33.55 1.30
N ILE A 17 -1.22 -34.16 1.61
CA ILE A 17 -1.10 -35.55 2.11
C ILE A 17 0.11 -35.76 3.04
N LYS A 18 0.50 -34.72 3.77
CA LYS A 18 1.68 -34.73 4.66
C LYS A 18 1.42 -34.05 6.02
N LYS A 19 0.79 -32.87 6.00
CA LYS A 19 0.48 -32.01 7.15
C LYS A 19 -0.96 -31.51 7.15
N GLU A 20 -1.46 -31.13 8.33
CA GLU A 20 -2.80 -30.56 8.55
C GLU A 20 -2.71 -29.04 8.72
N ALA A 21 -3.10 -28.31 7.66
CA ALA A 21 -2.89 -26.86 7.53
C ALA A 21 -3.91 -26.22 6.56
N ASN A 22 -3.91 -24.88 6.49
CA ASN A 22 -4.81 -24.10 5.63
C ASN A 22 -4.13 -22.90 4.94
N ASP A 23 -3.36 -22.09 5.67
CA ASP A 23 -2.62 -20.93 5.15
C ASP A 23 -1.34 -20.70 5.97
N SER A 24 -0.21 -20.47 5.30
CA SER A 24 1.12 -20.22 5.90
C SER A 24 1.79 -18.94 5.37
N GLY A 25 0.99 -17.97 4.90
CA GLY A 25 1.46 -16.68 4.40
C GLY A 25 1.90 -16.76 2.94
N VAL A 26 0.95 -17.04 2.06
CA VAL A 26 1.15 -17.38 0.63
C VAL A 26 0.24 -16.56 -0.32
N THR A 27 -0.37 -15.49 0.19
CA THR A 27 -1.52 -14.80 -0.43
C THR A 27 -1.36 -13.28 -0.45
N LEU A 28 -1.95 -12.62 -1.45
CA LEU A 28 -1.79 -11.20 -1.78
C LEU A 28 -2.87 -10.24 -1.24
N ALA A 29 -3.50 -10.61 -0.12
CA ALA A 29 -4.56 -9.85 0.54
C ALA A 29 -4.53 -10.06 2.08
N PRO A 30 -4.94 -9.05 2.90
CA PRO A 30 -4.85 -9.14 4.35
C PRO A 30 -5.99 -9.98 4.96
N LEU A 31 -7.25 -9.68 4.61
CA LEU A 31 -8.43 -10.45 5.06
C LEU A 31 -9.65 -10.25 4.15
N SER A 32 -9.98 -8.97 3.96
CA SER A 32 -11.07 -8.45 3.12
C SER A 32 -10.71 -7.04 2.61
N VAL A 33 -11.42 -6.57 1.57
CA VAL A 33 -11.13 -5.34 0.79
C VAL A 33 -9.78 -5.41 0.04
N PRO A 34 -9.61 -4.74 -1.11
CA PRO A 34 -8.29 -4.53 -1.74
C PRO A 34 -7.38 -3.64 -0.87
N LYS A 35 -6.81 -4.24 0.19
CA LYS A 35 -5.84 -3.72 1.16
C LYS A 35 -6.28 -2.39 1.82
N PRO A 36 -7.15 -2.44 2.86
CA PRO A 36 -7.63 -1.25 3.56
C PRO A 36 -6.55 -0.56 4.40
N LYS A 37 -6.49 0.77 4.33
CA LYS A 37 -5.40 1.63 4.86
C LYS A 37 -5.10 1.45 6.35
N LEU A 38 -3.84 1.71 6.73
CA LEU A 38 -3.25 1.46 8.03
C LEU A 38 -2.35 2.64 8.46
N GLU A 39 -2.31 2.95 9.77
CA GLU A 39 -1.49 4.01 10.38
C GLU A 39 -0.87 3.50 11.69
N GLU A 40 0.08 2.56 11.58
CA GLU A 40 0.72 1.87 12.72
C GLU A 40 2.25 1.79 12.58
N LEU A 41 2.91 2.91 12.90
CA LEU A 41 4.36 3.06 13.07
C LEU A 41 4.67 3.68 14.45
N SER A 42 5.84 3.39 15.01
CA SER A 42 6.37 4.09 16.21
C SER A 42 6.87 5.50 15.84
N GLU A 43 7.13 6.39 16.80
CA GLU A 43 7.48 7.79 16.53
C GLU A 43 8.69 7.96 15.60
N GLN A 44 9.77 7.21 15.84
CA GLN A 44 10.96 7.22 14.97
C GLN A 44 10.69 6.52 13.64
N GLN A 45 10.00 5.37 13.68
CA GLN A 45 9.65 4.58 12.49
C GLN A 45 8.79 5.41 11.51
N LYS A 46 7.82 6.17 12.05
CA LYS A 46 6.96 7.07 11.29
C LYS A 46 7.77 8.16 10.58
N ILE A 47 8.76 8.75 11.26
CA ILE A 47 9.65 9.76 10.66
C ILE A 47 10.54 9.15 9.58
N ILE A 48 11.11 7.95 9.76
CA ILE A 48 11.94 7.30 8.71
C ILE A 48 11.09 7.00 7.48
N LEU A 49 9.89 6.44 7.69
CA LEU A 49 8.91 6.14 6.65
C LEU A 49 8.52 7.41 5.87
N ALA A 50 8.18 8.47 6.59
CA ALA A 50 7.79 9.76 6.05
C ALA A 50 8.94 10.46 5.32
N GLU A 51 10.11 10.61 5.95
CA GLU A 51 11.27 11.28 5.32
C GLU A 51 11.76 10.58 4.06
N TYR A 52 11.58 9.26 3.94
CA TYR A 52 11.92 8.50 2.74
C TYR A 52 11.00 8.89 1.57
N ILE A 53 9.68 8.77 1.75
CA ILE A 53 8.63 9.11 0.80
C ILE A 53 8.59 10.61 0.50
N ALA A 54 8.94 11.46 1.45
CA ALA A 54 9.02 12.91 1.26
C ALA A 54 10.24 13.33 0.42
N GLU A 55 11.32 12.54 0.46
CA GLU A 55 12.53 12.76 -0.35
C GLU A 55 12.41 12.13 -1.76
N VAL A 56 11.83 10.94 -1.89
CA VAL A 56 11.78 10.19 -3.16
C VAL A 56 10.37 10.10 -3.78
N GLY A 57 9.37 10.63 -3.10
CA GLY A 57 8.06 11.03 -3.66
C GLY A 57 7.01 9.91 -3.73
N LEU A 58 7.18 8.84 -2.94
CA LEU A 58 6.47 7.55 -3.03
C LEU A 58 6.59 6.83 -4.41
N GLN A 59 7.39 7.39 -5.32
CA GLN A 59 7.54 6.95 -6.72
C GLN A 59 8.77 6.06 -6.94
N ASN A 60 9.69 6.04 -5.97
CA ASN A 60 10.99 5.37 -6.08
C ASN A 60 11.34 4.45 -4.89
N ILE A 61 10.41 4.23 -3.96
CA ILE A 61 10.61 3.30 -2.83
C ILE A 61 10.45 1.84 -3.27
N THR A 62 11.10 0.93 -2.54
CA THR A 62 11.00 -0.52 -2.76
C THR A 62 10.78 -1.23 -1.43
N ALA A 63 9.98 -2.31 -1.42
CA ALA A 63 9.71 -3.11 -0.22
C ALA A 63 11.00 -3.73 0.35
N ILE A 64 11.99 -3.99 -0.52
CA ILE A 64 13.32 -4.46 -0.13
C ILE A 64 14.01 -3.38 0.70
N THR A 65 14.13 -2.17 0.16
CA THR A 65 14.86 -1.07 0.79
C THR A 65 14.10 -0.60 2.02
N LEU A 66 12.78 -0.42 1.92
CA LEU A 66 11.89 -0.09 3.03
C LEU A 66 11.96 -1.14 4.16
N SER A 67 12.12 -2.44 3.84
CA SER A 67 12.35 -3.49 4.85
C SER A 67 13.67 -3.33 5.62
N LYS A 68 14.62 -2.58 5.06
CA LYS A 68 15.95 -2.34 5.62
C LYS A 68 16.11 -0.95 6.25
N LYS A 69 15.42 0.09 5.75
CA LYS A 69 15.46 1.43 6.33
C LYS A 69 14.84 1.48 7.73
N LEU A 70 13.87 0.60 7.99
CA LEU A 70 13.12 0.50 9.26
C LEU A 70 13.36 -0.83 10.03
N ASN A 71 14.24 -1.72 9.55
CA ASN A 71 14.58 -3.02 10.16
C ASN A 71 13.36 -3.95 10.37
N ILE A 72 12.67 -4.28 9.27
CA ILE A 72 11.36 -4.97 9.24
C ILE A 72 11.35 -6.09 8.18
N THR A 73 10.25 -6.84 8.07
CA THR A 73 10.07 -7.83 6.98
C THR A 73 9.68 -7.13 5.67
N VAL A 74 9.90 -7.80 4.53
CA VAL A 74 9.45 -7.31 3.20
C VAL A 74 7.93 -7.25 3.11
N GLU A 75 7.20 -8.09 3.85
CA GLU A 75 5.74 -8.09 3.84
C GLU A 75 5.21 -6.94 4.69
N LYS A 76 5.86 -6.66 5.82
CA LYS A 76 5.55 -5.57 6.73
C LYS A 76 5.81 -4.21 6.09
N ALA A 77 6.93 -4.10 5.40
CA ALA A 77 7.29 -2.96 4.54
C ALA A 77 6.29 -2.75 3.38
N LYS A 78 5.97 -3.81 2.62
CA LYS A 78 5.10 -3.76 1.43
C LYS A 78 3.66 -3.47 1.81
N ASN A 79 3.28 -3.79 3.04
CA ASN A 79 1.98 -3.42 3.61
C ASN A 79 1.74 -1.90 3.51
N TYR A 80 2.76 -1.07 3.74
CA TYR A 80 2.69 0.38 3.60
C TYR A 80 2.57 0.81 2.13
N ILE A 81 3.35 0.18 1.24
CA ILE A 81 3.38 0.48 -0.20
C ILE A 81 2.04 0.13 -0.87
N LYS A 82 1.34 -0.88 -0.36
CA LYS A 82 0.04 -1.36 -0.86
C LYS A 82 -1.17 -0.64 -0.21
N ASN A 83 -0.98 -0.06 0.98
CA ASN A 83 -1.98 0.78 1.66
C ASN A 83 -1.91 2.22 1.14
N SER A 84 -0.69 2.76 1.05
CA SER A 84 -0.41 4.13 0.62
C SER A 84 0.45 4.17 -0.64
N ASN A 85 -0.14 4.63 -1.75
CA ASN A 85 0.53 4.68 -3.04
C ASN A 85 0.08 5.87 -3.91
N ARG A 86 -1.16 5.84 -4.42
CA ARG A 86 -1.75 6.91 -5.26
C ARG A 86 -2.21 8.12 -4.43
N LEU A 87 -2.35 7.94 -3.11
CA LEU A 87 -2.71 8.95 -2.11
C LEU A 87 -1.47 9.52 -1.36
N GLY A 88 -0.28 9.45 -1.97
CA GLY A 88 0.96 10.00 -1.41
C GLY A 88 1.01 11.54 -1.42
N ARG A 89 1.82 12.13 -2.32
CA ARG A 89 1.91 13.59 -2.51
C ARG A 89 1.85 14.00 -3.99
N THR A 90 1.52 15.28 -4.21
CA THR A 90 1.25 15.92 -5.51
C THR A 90 2.52 16.45 -6.22
N ASN A 91 3.63 15.73 -6.09
CA ASN A 91 4.93 16.09 -6.68
C ASN A 91 5.48 14.95 -7.57
N ASN A 92 6.09 15.31 -8.70
CA ASN A 92 6.64 14.39 -9.69
C ASN A 92 8.01 14.87 -10.20
N LEU A 93 8.84 13.92 -10.63
CA LEU A 93 10.24 14.07 -11.02
C LEU A 93 10.42 13.78 -12.52
N LYS A 94 11.56 14.23 -13.07
CA LYS A 94 11.92 14.19 -14.51
C LYS A 94 13.20 13.39 -14.78
N THR A 95 13.60 12.57 -13.80
CA THR A 95 14.72 11.63 -13.89
C THR A 95 14.41 10.38 -13.06
N ILE A 96 14.45 9.24 -13.74
CA ILE A 96 14.12 7.92 -13.20
C ILE A 96 15.09 6.81 -13.69
N GLY A 97 16.19 7.19 -14.35
CA GLY A 97 17.05 6.30 -15.14
C GLY A 97 16.49 5.94 -16.52
N ILE A 98 15.21 6.23 -16.76
CA ILE A 98 14.35 5.71 -17.83
C ILE A 98 14.34 4.17 -17.79
N LEU A 99 13.30 3.60 -17.16
CA LEU A 99 13.16 2.17 -16.85
C LEU A 99 12.97 1.30 -18.13
N GLN A 100 14.07 1.07 -18.85
CA GLN A 100 14.12 0.26 -20.08
C GLN A 100 14.44 -1.23 -19.81
N GLU A 101 15.49 -1.48 -19.02
CA GLU A 101 16.11 -2.81 -18.83
C GLU A 101 16.58 -3.01 -17.38
N GLU A 102 16.49 -4.24 -16.86
CA GLU A 102 16.98 -4.62 -15.53
C GLU A 102 18.33 -5.32 -15.63
N VAL A 103 19.41 -4.55 -15.42
CA VAL A 103 20.80 -4.97 -15.63
C VAL A 103 21.69 -4.69 -14.42
N SER A 104 21.91 -3.41 -14.14
CA SER A 104 22.68 -2.84 -13.01
C SER A 104 24.11 -3.36 -12.75
N SER A 105 24.70 -4.13 -13.67
CA SER A 105 26.05 -4.73 -13.55
C SER A 105 26.98 -4.35 -14.71
N MET A 106 26.49 -4.39 -15.97
CA MET A 106 27.24 -4.03 -17.18
C MET A 106 26.36 -3.19 -18.11
N GLU A 107 25.92 -2.04 -17.60
CA GLU A 107 24.91 -1.16 -18.20
C GLU A 107 25.51 -0.20 -19.26
N ALA A 108 26.22 -0.77 -20.26
CA ALA A 108 26.88 -0.05 -21.33
C ALA A 108 25.87 0.47 -22.38
N LYS A 109 25.43 1.73 -22.22
CA LYS A 109 24.43 2.42 -23.06
C LYS A 109 24.99 3.78 -23.50
N SER A 110 25.32 3.92 -24.79
CA SER A 110 25.91 5.15 -25.37
C SER A 110 25.55 5.31 -26.86
N MET A 111 24.36 5.85 -27.12
CA MET A 111 23.87 6.25 -28.45
C MET A 111 22.77 7.31 -28.36
N THR A 112 22.51 7.99 -29.47
CA THR A 112 21.40 8.94 -29.64
C THR A 112 20.79 8.82 -31.04
N TRP A 113 19.47 8.99 -31.14
CA TRP A 113 18.67 8.78 -32.34
C TRP A 113 17.97 10.07 -32.83
N GLY A 1 -26.66 -19.78 31.31
CA GLY A 1 -25.44 -19.32 32.02
C GLY A 1 -25.76 -18.85 33.43
N SER A 2 -24.85 -19.07 34.38
CA SER A 2 -25.03 -18.75 35.82
C SER A 2 -23.78 -18.11 36.47
N HIS A 3 -22.90 -17.51 35.66
CA HIS A 3 -21.61 -16.92 36.07
C HIS A 3 -21.36 -15.55 35.42
N MET A 4 -20.63 -14.67 36.11
CA MET A 4 -20.23 -13.33 35.66
C MET A 4 -18.78 -13.33 35.17
N ALA A 5 -18.51 -14.12 34.14
CA ALA A 5 -17.19 -14.29 33.53
C ALA A 5 -17.28 -14.72 32.05
N SER A 6 -16.14 -14.71 31.34
CA SER A 6 -16.00 -15.15 29.95
C SER A 6 -14.94 -16.26 29.83
N MET A 7 -15.22 -17.26 28.97
CA MET A 7 -14.36 -18.43 28.73
C MET A 7 -14.41 -18.87 27.25
N ASP A 8 -14.62 -17.93 26.33
CA ASP A 8 -14.86 -18.17 24.90
C ASP A 8 -13.78 -17.49 24.02
N PRO A 9 -12.69 -18.21 23.64
CA PRO A 9 -11.61 -17.64 22.83
C PRO A 9 -11.92 -17.54 21.33
N LEU A 10 -12.97 -18.21 20.88
CA LEU A 10 -13.33 -18.39 19.47
C LEU A 10 -14.46 -17.46 18.99
N ASP A 11 -14.38 -16.17 19.33
CA ASP A 11 -15.27 -15.10 18.82
C ASP A 11 -14.60 -14.10 17.85
N LYS A 12 -13.29 -14.26 17.61
CA LYS A 12 -12.44 -13.25 16.94
C LYS A 12 -11.64 -13.80 15.77
N ILE A 13 -10.85 -14.86 16.05
CA ILE A 13 -9.96 -15.55 15.11
C ILE A 13 -10.47 -16.94 14.70
N ILE A 14 -11.71 -17.28 15.10
CA ILE A 14 -12.35 -18.57 14.76
C ILE A 14 -12.35 -18.83 13.24
N ASN A 15 -11.67 -19.90 12.81
CA ASN A 15 -11.52 -20.28 11.40
C ASN A 15 -11.38 -21.80 11.17
N ASP A 16 -11.69 -22.63 12.16
CA ASP A 16 -11.38 -24.06 12.14
C ASP A 16 -12.41 -24.95 11.41
N ILE A 17 -13.41 -24.31 10.81
CA ILE A 17 -14.61 -24.95 10.23
C ILE A 17 -15.16 -24.25 8.97
N LYS A 18 -14.30 -23.52 8.25
CA LYS A 18 -14.67 -22.82 7.01
C LYS A 18 -13.89 -23.29 5.77
N LYS A 19 -12.55 -23.38 5.86
CA LYS A 19 -11.60 -23.62 4.75
C LYS A 19 -11.77 -22.66 3.55
N GLU A 20 -11.01 -22.89 2.47
CA GLU A 20 -11.13 -22.22 1.16
C GLU A 20 -11.02 -20.67 1.21
N ALA A 21 -10.20 -20.17 2.13
CA ALA A 21 -10.17 -18.75 2.53
C ALA A 21 -8.88 -18.00 2.11
N ASN A 22 -8.10 -18.57 1.17
CA ASN A 22 -6.86 -17.99 0.65
C ASN A 22 -7.05 -17.42 -0.77
N ASP A 23 -6.84 -16.12 -0.93
CA ASP A 23 -7.01 -15.37 -2.18
C ASP A 23 -5.70 -14.85 -2.80
N SER A 24 -4.54 -15.35 -2.34
CA SER A 24 -3.26 -14.95 -2.89
C SER A 24 -3.06 -15.45 -4.34
N GLY A 25 -2.96 -14.51 -5.28
CA GLY A 25 -2.68 -14.75 -6.70
C GLY A 25 -3.66 -14.09 -7.68
N VAL A 26 -4.80 -13.59 -7.20
CA VAL A 26 -5.82 -12.90 -8.00
C VAL A 26 -6.22 -11.58 -7.31
N THR A 27 -6.15 -10.47 -8.06
CA THR A 27 -6.42 -9.10 -7.58
C THR A 27 -5.49 -8.70 -6.41
N LEU A 28 -5.82 -7.65 -5.65
CA LEU A 28 -5.03 -7.14 -4.51
C LEU A 28 -5.89 -6.82 -3.27
N ALA A 29 -6.94 -7.62 -3.06
CA ALA A 29 -7.96 -7.41 -2.04
C ALA A 29 -7.84 -8.44 -0.89
N PRO A 30 -7.45 -8.03 0.35
CA PRO A 30 -7.30 -8.95 1.47
C PRO A 30 -8.63 -9.33 2.15
N LEU A 31 -9.61 -8.42 2.16
CA LEU A 31 -10.91 -8.60 2.84
C LEU A 31 -12.02 -7.78 2.16
N SER A 32 -12.31 -8.09 0.89
CA SER A 32 -13.36 -7.43 0.08
C SER A 32 -13.22 -5.90 -0.03
N VAL A 33 -11.97 -5.44 -0.20
CA VAL A 33 -11.56 -4.03 -0.21
C VAL A 33 -10.27 -3.89 -1.02
N PRO A 34 -10.05 -2.81 -1.81
CA PRO A 34 -8.84 -2.63 -2.62
C PRO A 34 -7.62 -2.17 -1.79
N LYS A 35 -7.20 -3.03 -0.84
CA LYS A 35 -6.25 -2.83 0.26
C LYS A 35 -6.65 -1.70 1.25
N PRO A 36 -6.91 -1.99 2.54
CA PRO A 36 -7.33 -0.99 3.51
C PRO A 36 -6.15 -0.11 3.97
N LYS A 37 -6.40 1.16 4.27
CA LYS A 37 -5.37 2.09 4.78
C LYS A 37 -4.90 1.70 6.18
N LEU A 38 -3.58 1.64 6.39
CA LEU A 38 -2.94 1.19 7.61
C LEU A 38 -1.61 1.93 7.87
N GLU A 39 -1.45 2.40 9.11
CA GLU A 39 -0.23 3.01 9.65
C GLU A 39 0.05 2.46 11.06
N GLU A 40 1.17 1.75 11.26
CA GLU A 40 1.51 1.08 12.51
C GLU A 40 3.04 1.06 12.71
N LEU A 41 3.59 2.18 13.16
CA LEU A 41 5.03 2.44 13.30
C LEU A 41 5.34 3.10 14.66
N SER A 42 6.56 2.92 15.16
CA SER A 42 7.07 3.66 16.33
C SER A 42 7.34 5.13 15.96
N GLU A 43 7.51 6.03 16.93
CA GLU A 43 7.70 7.47 16.67
C GLU A 43 8.84 7.76 15.68
N GLN A 44 10.00 7.11 15.85
CA GLN A 44 11.13 7.24 14.93
C GLN A 44 10.89 6.54 13.58
N GLN A 45 10.19 5.40 13.59
CA GLN A 45 9.87 4.65 12.37
C GLN A 45 8.88 5.43 11.49
N LYS A 46 7.88 6.07 12.08
CA LYS A 46 6.94 6.94 11.35
C LYS A 46 7.69 8.10 10.66
N ILE A 47 8.68 8.70 11.33
CA ILE A 47 9.51 9.76 10.75
C ILE A 47 10.43 9.24 9.64
N ILE A 48 11.07 8.06 9.77
CA ILE A 48 11.92 7.51 8.70
C ILE A 48 11.07 7.19 7.47
N LEU A 49 9.89 6.60 7.69
CA LEU A 49 8.91 6.26 6.65
C LEU A 49 8.49 7.53 5.88
N ALA A 50 8.12 8.57 6.62
CA ALA A 50 7.77 9.88 6.09
C ALA A 50 8.94 10.57 5.37
N GLU A 51 10.11 10.70 6.01
CA GLU A 51 11.30 11.33 5.41
C GLU A 51 11.75 10.65 4.11
N TYR A 52 11.56 9.34 3.99
CA TYR A 52 11.89 8.58 2.78
C TYR A 52 10.97 9.00 1.61
N ILE A 53 9.66 8.87 1.78
CA ILE A 53 8.63 9.21 0.80
C ILE A 53 8.62 10.72 0.50
N ALA A 54 8.93 11.58 1.47
CA ALA A 54 9.01 13.02 1.29
C ALA A 54 10.25 13.45 0.47
N GLU A 55 11.33 12.64 0.50
CA GLU A 55 12.54 12.87 -0.29
C GLU A 55 12.46 12.23 -1.68
N VAL A 56 11.86 11.03 -1.82
CA VAL A 56 11.84 10.27 -3.09
C VAL A 56 10.47 10.20 -3.77
N GLY A 57 9.43 10.73 -3.12
CA GLY A 57 8.15 11.09 -3.73
C GLY A 57 7.15 9.95 -3.89
N LEU A 58 7.26 8.92 -3.04
CA LEU A 58 6.53 7.62 -3.09
C LEU A 58 6.70 6.82 -4.41
N GLN A 59 7.58 7.27 -5.29
CA GLN A 59 7.78 6.74 -6.66
C GLN A 59 9.02 5.84 -6.79
N ASN A 60 9.91 5.90 -5.79
CA ASN A 60 11.22 5.23 -5.83
C ASN A 60 11.48 4.32 -4.60
N ILE A 61 10.49 4.14 -3.72
CA ILE A 61 10.59 3.21 -2.60
C ILE A 61 10.33 1.76 -3.05
N THR A 62 10.91 0.81 -2.33
CA THR A 62 10.77 -0.63 -2.60
C THR A 62 10.62 -1.38 -1.28
N ALA A 63 9.83 -2.45 -1.23
CA ALA A 63 9.61 -3.23 0.00
C ALA A 63 10.90 -3.86 0.53
N ILE A 64 11.90 -4.06 -0.35
CA ILE A 64 13.24 -4.51 -0.01
C ILE A 64 13.98 -3.39 0.73
N THR A 65 14.05 -2.20 0.14
CA THR A 65 14.78 -1.08 0.72
C THR A 65 14.07 -0.57 1.97
N LEU A 66 12.74 -0.45 1.94
CA LEU A 66 11.89 -0.12 3.07
C LEU A 66 11.99 -1.16 4.20
N SER A 67 12.17 -2.45 3.88
CA SER A 67 12.49 -3.51 4.85
C SER A 67 13.78 -3.23 5.63
N LYS A 68 14.71 -2.48 5.03
CA LYS A 68 16.04 -2.19 5.58
C LYS A 68 16.19 -0.75 6.10
N LYS A 69 15.37 0.21 5.64
CA LYS A 69 15.35 1.60 6.14
C LYS A 69 14.85 1.67 7.59
N LEU A 70 13.92 0.78 7.96
CA LEU A 70 13.27 0.76 9.28
C LEU A 70 13.49 -0.54 10.08
N ASN A 71 14.34 -1.45 9.58
CA ASN A 71 14.66 -2.76 10.17
C ASN A 71 13.42 -3.66 10.40
N ILE A 72 12.69 -3.95 9.31
CA ILE A 72 11.38 -4.61 9.31
C ILE A 72 11.28 -5.71 8.24
N THR A 73 10.23 -6.53 8.31
CA THR A 73 9.96 -7.55 7.29
C THR A 73 9.54 -6.93 5.96
N VAL A 74 9.83 -7.62 4.86
CA VAL A 74 9.32 -7.24 3.52
C VAL A 74 7.80 -7.26 3.47
N GLU A 75 7.13 -8.07 4.30
CA GLU A 75 5.67 -8.21 4.29
C GLU A 75 5.02 -7.00 4.95
N LYS A 76 5.58 -6.50 6.07
CA LYS A 76 5.01 -5.33 6.75
C LYS A 76 5.40 -4.03 6.03
N ALA A 77 6.58 -4.00 5.41
CA ALA A 77 7.04 -2.91 4.55
C ALA A 77 6.16 -2.79 3.27
N LYS A 78 5.88 -3.90 2.59
CA LYS A 78 5.09 -3.94 1.36
C LYS A 78 3.64 -3.56 1.62
N ASN A 79 3.14 -3.86 2.82
CA ASN A 79 1.79 -3.47 3.23
C ASN A 79 1.53 -1.96 3.07
N TYR A 80 2.53 -1.12 3.39
CA TYR A 80 2.48 0.34 3.21
C TYR A 80 2.40 0.71 1.75
N ILE A 81 3.24 0.09 0.91
CA ILE A 81 3.31 0.36 -0.54
C ILE A 81 2.00 -0.04 -1.23
N LYS A 82 1.28 -1.05 -0.73
CA LYS A 82 0.00 -1.53 -1.27
C LYS A 82 -1.19 -0.65 -0.87
N ASN A 83 -1.24 -0.11 0.36
CA ASN A 83 -2.35 0.74 0.77
C ASN A 83 -2.08 2.21 0.48
N SER A 84 -0.88 2.69 0.79
CA SER A 84 -0.48 4.06 0.56
C SER A 84 0.30 4.18 -0.75
N ASN A 85 -0.40 4.49 -1.85
CA ASN A 85 0.20 4.62 -3.18
C ASN A 85 -0.39 5.78 -4.00
N ARG A 86 -1.72 5.80 -4.18
CA ARG A 86 -2.44 6.88 -4.89
C ARG A 86 -2.61 8.16 -4.03
N LEU A 87 -2.35 8.07 -2.72
CA LEU A 87 -2.39 9.20 -1.78
C LEU A 87 -1.24 10.20 -2.00
N GLY A 88 -0.05 9.71 -2.36
CA GLY A 88 1.10 10.54 -2.69
C GLY A 88 0.93 11.23 -4.04
N ARG A 89 1.32 12.51 -4.14
CA ARG A 89 1.07 13.38 -5.30
C ARG A 89 2.37 13.89 -5.92
N THR A 90 2.34 14.05 -7.25
CA THR A 90 3.45 14.56 -8.05
C THR A 90 3.73 16.05 -7.73
N ASN A 91 4.84 16.29 -7.03
CA ASN A 91 5.31 17.62 -6.63
C ASN A 91 6.81 17.75 -6.96
N ASN A 92 7.14 18.59 -7.94
CA ASN A 92 8.49 18.78 -8.47
C ASN A 92 8.76 20.24 -8.87
N LEU A 93 10.05 20.60 -8.95
CA LEU A 93 10.56 21.88 -9.41
C LEU A 93 10.78 21.87 -10.94
N LYS A 94 10.91 23.07 -11.50
CA LYS A 94 10.97 23.37 -12.95
C LYS A 94 12.20 24.18 -13.34
N THR A 95 13.17 24.29 -12.44
CA THR A 95 14.49 24.90 -12.65
C THR A 95 15.53 24.18 -11.80
N ILE A 96 16.56 23.66 -12.47
CA ILE A 96 17.71 22.98 -11.87
C ILE A 96 19.05 23.49 -12.46
N GLY A 97 18.98 24.35 -13.48
CA GLY A 97 20.10 24.70 -14.34
C GLY A 97 20.56 23.56 -15.27
N ILE A 98 19.70 22.55 -15.49
CA ILE A 98 20.05 21.32 -16.25
C ILE A 98 19.06 20.93 -17.33
N LEU A 99 17.82 21.35 -17.11
CA LEU A 99 16.73 21.36 -18.10
C LEU A 99 16.93 22.50 -19.14
N GLN A 100 18.13 22.54 -19.70
CA GLN A 100 18.69 23.59 -20.56
C GLN A 100 18.49 23.35 -22.07
N GLU A 101 18.02 22.16 -22.49
CA GLU A 101 17.74 21.84 -23.90
C GLU A 101 16.40 22.43 -24.35
N GLU A 102 16.44 23.48 -25.20
CA GLU A 102 15.26 24.18 -25.73
C GLU A 102 15.55 24.75 -27.14
N VAL A 103 15.65 23.85 -28.12
CA VAL A 103 15.87 24.17 -29.55
C VAL A 103 15.01 23.25 -30.43
N SER A 104 13.73 23.59 -30.58
CA SER A 104 12.82 22.97 -31.56
C SER A 104 11.56 23.80 -31.79
N SER A 105 10.59 23.76 -30.86
CA SER A 105 9.28 24.44 -30.96
C SER A 105 9.30 25.87 -30.40
N MET A 106 10.18 26.14 -29.43
CA MET A 106 10.55 27.46 -28.92
C MET A 106 12.08 27.61 -28.95
N GLU A 107 12.55 28.81 -29.28
CA GLU A 107 13.95 29.23 -29.24
C GLU A 107 13.99 30.77 -29.15
N ALA A 108 13.99 31.31 -27.93
CA ALA A 108 13.84 32.75 -27.67
C ALA A 108 14.66 33.23 -26.44
N LYS A 109 14.96 34.53 -26.40
CA LYS A 109 15.80 35.20 -25.39
C LYS A 109 14.97 35.74 -24.21
N SER A 110 14.47 34.84 -23.38
CA SER A 110 13.69 35.16 -22.16
C SER A 110 14.13 34.34 -20.94
N MET A 111 13.69 34.76 -19.75
CA MET A 111 13.99 34.15 -18.45
C MET A 111 12.69 34.01 -17.64
N THR A 112 12.05 32.84 -17.73
CA THR A 112 10.86 32.45 -16.93
C THR A 112 9.64 33.38 -17.06
N TRP A 113 9.59 34.08 -18.19
CA TRP A 113 8.55 35.04 -18.58
C TRP A 113 8.07 34.86 -20.03
N GLY A 1 17.13 11.57 -33.77
CA GLY A 1 16.74 12.02 -35.13
C GLY A 1 15.65 11.15 -35.72
N SER A 2 15.85 10.62 -36.92
CA SER A 2 14.85 9.86 -37.70
C SER A 2 14.79 8.36 -37.38
N HIS A 3 15.78 7.80 -36.68
CA HIS A 3 15.88 6.36 -36.38
C HIS A 3 14.87 5.91 -35.32
N MET A 4 14.21 4.76 -35.56
CA MET A 4 13.19 4.17 -34.69
C MET A 4 13.10 2.66 -34.93
N ALA A 5 12.99 1.86 -33.85
CA ALA A 5 12.72 0.43 -33.94
C ALA A 5 11.93 -0.12 -32.73
N SER A 6 10.82 -0.82 -33.02
CA SER A 6 9.82 -1.30 -32.06
C SER A 6 9.10 -2.53 -32.62
N MET A 7 9.80 -3.68 -32.67
CA MET A 7 9.33 -4.90 -33.37
C MET A 7 9.61 -6.20 -32.56
N ASP A 8 9.62 -6.12 -31.23
CA ASP A 8 9.93 -7.25 -30.32
C ASP A 8 8.66 -7.87 -29.71
N PRO A 9 8.40 -9.19 -29.87
CA PRO A 9 7.23 -9.87 -29.31
C PRO A 9 7.37 -10.30 -27.84
N LEU A 10 8.53 -10.09 -27.23
CA LEU A 10 8.86 -10.51 -25.86
C LEU A 10 8.94 -9.32 -24.88
N ASP A 11 7.99 -8.40 -24.97
CA ASP A 11 7.88 -7.21 -24.10
C ASP A 11 6.80 -7.29 -23.01
N LYS A 12 6.05 -8.39 -22.95
CA LYS A 12 4.80 -8.53 -22.17
C LYS A 12 4.85 -9.62 -21.11
N ILE A 13 5.12 -10.85 -21.57
CA ILE A 13 5.06 -12.11 -20.78
C ILE A 13 6.35 -12.94 -20.93
N ILE A 14 7.42 -12.33 -21.43
CA ILE A 14 8.76 -12.93 -21.62
C ILE A 14 9.17 -13.88 -20.46
N ASN A 15 9.43 -15.14 -20.79
CA ASN A 15 9.85 -16.18 -19.84
C ASN A 15 10.41 -17.39 -20.61
N ASP A 16 11.74 -17.61 -20.58
CA ASP A 16 12.41 -18.71 -21.28
C ASP A 16 13.82 -18.84 -20.74
N ILE A 17 13.93 -19.53 -19.60
CA ILE A 17 15.14 -19.62 -18.78
C ILE A 17 15.70 -18.22 -18.44
N LYS A 18 14.88 -17.46 -17.69
CA LYS A 18 15.18 -16.09 -17.24
C LYS A 18 14.52 -15.70 -15.91
N LYS A 19 13.25 -16.12 -15.71
CA LYS A 19 12.40 -15.82 -14.54
C LYS A 19 12.49 -14.36 -14.07
N GLU A 20 12.10 -13.43 -14.95
CA GLU A 20 12.15 -11.99 -14.73
C GLU A 20 10.75 -11.35 -14.90
N ALA A 21 10.35 -10.50 -13.96
CA ALA A 21 9.08 -9.74 -14.00
C ALA A 21 9.19 -8.42 -13.20
N ASN A 22 8.17 -7.56 -13.34
CA ASN A 22 8.10 -6.26 -12.67
C ASN A 22 6.64 -5.88 -12.33
N ASP A 23 6.43 -5.17 -11.22
CA ASP A 23 5.10 -4.73 -10.75
C ASP A 23 4.84 -3.26 -11.12
N SER A 24 4.12 -3.05 -12.24
CA SER A 24 3.73 -1.73 -12.75
C SER A 24 2.21 -1.59 -12.82
N GLY A 25 1.64 -0.82 -11.87
CA GLY A 25 0.21 -0.48 -11.81
C GLY A 25 -0.74 -1.66 -11.61
N VAL A 26 -0.30 -2.63 -10.80
CA VAL A 26 -1.02 -3.87 -10.51
C VAL A 26 -2.11 -3.63 -9.46
N THR A 27 -3.20 -4.38 -9.58
CA THR A 27 -4.27 -4.51 -8.57
C THR A 27 -3.76 -4.79 -7.15
N LEU A 28 -4.51 -4.31 -6.15
CA LEU A 28 -4.15 -4.28 -4.74
C LEU A 28 -5.33 -4.56 -3.78
N ALA A 29 -6.26 -5.42 -4.20
CA ALA A 29 -7.51 -5.71 -3.50
C ALA A 29 -7.54 -7.18 -2.99
N PRO A 30 -7.19 -7.44 -1.71
CA PRO A 30 -7.22 -8.79 -1.12
C PRO A 30 -8.62 -9.25 -0.70
N LEU A 31 -9.54 -8.29 -0.52
CA LEU A 31 -10.93 -8.48 -0.08
C LEU A 31 -11.82 -7.46 -0.84
N SER A 32 -13.01 -7.13 -0.31
CA SER A 32 -13.91 -6.11 -0.87
C SER A 32 -13.47 -4.66 -0.56
N VAL A 33 -12.16 -4.40 -0.70
CA VAL A 33 -11.49 -3.12 -0.38
C VAL A 33 -10.15 -3.03 -1.13
N PRO A 34 -9.74 -1.86 -1.65
CA PRO A 34 -8.43 -1.65 -2.27
C PRO A 34 -7.32 -1.46 -1.21
N LYS A 35 -7.07 -2.55 -0.45
CA LYS A 35 -6.20 -2.68 0.74
C LYS A 35 -6.66 -1.85 1.97
N PRO A 36 -6.87 -2.45 3.15
CA PRO A 36 -7.31 -1.72 4.35
C PRO A 36 -6.15 -1.01 5.05
N LYS A 37 -6.20 0.33 5.10
CA LYS A 37 -5.10 1.19 5.59
C LYS A 37 -4.63 0.83 7.01
N LEU A 38 -3.31 0.91 7.23
CA LEU A 38 -2.61 0.53 8.44
C LEU A 38 -1.45 1.51 8.71
N GLU A 39 -1.33 1.99 9.95
CA GLU A 39 -0.31 2.95 10.40
C GLU A 39 0.37 2.50 11.71
N GLU A 40 1.18 1.44 11.61
CA GLU A 40 1.77 0.72 12.76
C GLU A 40 3.28 0.94 12.91
N LEU A 41 3.64 2.15 13.34
CA LEU A 41 5.02 2.61 13.59
C LEU A 41 5.11 3.44 14.89
N SER A 42 6.25 3.38 15.58
CA SER A 42 6.59 4.26 16.71
C SER A 42 6.91 5.68 16.22
N GLU A 43 7.03 6.68 17.10
CA GLU A 43 7.19 8.08 16.70
C GLU A 43 8.42 8.32 15.78
N GLN A 44 9.58 7.72 16.10
CA GLN A 44 10.78 7.82 15.26
C GLN A 44 10.67 6.95 13.98
N GLN A 45 10.17 5.72 14.13
CA GLN A 45 9.88 4.80 13.02
C GLN A 45 8.98 5.46 11.96
N LYS A 46 7.91 6.15 12.38
CA LYS A 46 6.98 6.90 11.53
C LYS A 46 7.69 8.01 10.75
N ILE A 47 8.67 8.69 11.35
CA ILE A 47 9.44 9.76 10.69
C ILE A 47 10.48 9.19 9.72
N ILE A 48 11.13 8.05 10.01
CA ILE A 48 12.02 7.40 9.02
C ILE A 48 11.22 7.02 7.77
N LEU A 49 10.00 6.51 7.97
CA LEU A 49 9.05 6.20 6.90
C LEU A 49 8.73 7.46 6.06
N ALA A 50 8.32 8.53 6.74
CA ALA A 50 7.92 9.79 6.12
C ALA A 50 9.08 10.50 5.40
N GLU A 51 10.23 10.66 6.05
CA GLU A 51 11.41 11.34 5.48
C GLU A 51 11.97 10.63 4.24
N TYR A 52 11.74 9.32 4.08
CA TYR A 52 12.14 8.57 2.90
C TYR A 52 11.27 8.93 1.69
N ILE A 53 9.94 8.82 1.79
CA ILE A 53 8.97 9.24 0.78
C ILE A 53 9.10 10.74 0.47
N ALA A 54 9.39 11.57 1.47
CA ALA A 54 9.61 13.00 1.30
C ALA A 54 10.89 13.34 0.50
N GLU A 55 11.86 12.41 0.43
CA GLU A 55 13.11 12.55 -0.31
C GLU A 55 13.07 11.93 -1.72
N VAL A 56 12.27 10.86 -1.95
CA VAL A 56 12.28 10.12 -3.23
C VAL A 56 10.91 10.05 -3.91
N GLY A 57 9.81 10.19 -3.17
CA GLY A 57 8.43 9.99 -3.63
C GLY A 57 7.95 8.54 -3.45
N LEU A 58 6.67 8.38 -3.10
CA LEU A 58 6.01 7.10 -2.74
C LEU A 58 6.07 6.01 -3.83
N GLN A 59 6.34 6.45 -5.05
CA GLN A 59 6.45 5.63 -6.27
C GLN A 59 7.88 5.09 -6.50
N ASN A 60 8.89 5.71 -5.87
CA ASN A 60 10.32 5.42 -6.10
C ASN A 60 11.00 4.68 -4.93
N ILE A 61 10.31 4.57 -3.79
CA ILE A 61 10.64 3.61 -2.73
C ILE A 61 10.45 2.16 -3.21
N THR A 62 11.10 1.22 -2.52
CA THR A 62 11.00 -0.22 -2.74
C THR A 62 10.79 -0.93 -1.43
N ALA A 63 9.98 -1.99 -1.38
CA ALA A 63 9.79 -2.83 -0.19
C ALA A 63 11.11 -3.46 0.29
N ILE A 64 12.06 -3.67 -0.62
CA ILE A 64 13.41 -4.16 -0.32
C ILE A 64 14.22 -3.17 0.51
N THR A 65 14.15 -1.90 0.15
CA THR A 65 14.88 -0.83 0.82
C THR A 65 14.10 -0.37 2.05
N LEU A 66 12.77 -0.31 1.96
CA LEU A 66 11.87 0.04 3.06
C LEU A 66 11.95 -1.02 4.19
N SER A 67 12.09 -2.31 3.86
CA SER A 67 12.35 -3.38 4.84
C SER A 67 13.67 -3.18 5.60
N LYS A 68 14.62 -2.48 4.98
CA LYS A 68 15.96 -2.24 5.51
C LYS A 68 16.14 -0.86 6.17
N LYS A 69 15.39 0.16 5.74
CA LYS A 69 15.36 1.51 6.31
C LYS A 69 14.83 1.51 7.75
N LEU A 70 13.85 0.64 8.02
CA LEU A 70 13.11 0.56 9.29
C LEU A 70 13.32 -0.77 10.06
N ASN A 71 14.19 -1.66 9.54
CA ASN A 71 14.52 -2.98 10.11
C ASN A 71 13.28 -3.88 10.31
N ILE A 72 12.59 -4.18 9.21
CA ILE A 72 11.30 -4.88 9.12
C ILE A 72 11.32 -5.97 8.02
N THR A 73 10.23 -6.71 7.83
CA THR A 73 10.11 -7.68 6.71
C THR A 73 9.72 -6.98 5.40
N VAL A 74 9.97 -7.63 4.26
CA VAL A 74 9.52 -7.15 2.94
C VAL A 74 7.98 -7.09 2.86
N GLU A 75 7.26 -7.94 3.59
CA GLU A 75 5.79 -7.95 3.56
C GLU A 75 5.23 -6.85 4.47
N LYS A 76 5.88 -6.59 5.61
CA LYS A 76 5.55 -5.53 6.56
C LYS A 76 5.74 -4.16 5.91
N ALA A 77 6.86 -4.00 5.22
CA ALA A 77 7.19 -2.87 4.36
C ALA A 77 6.18 -2.69 3.20
N LYS A 78 5.88 -3.76 2.45
CA LYS A 78 5.05 -3.71 1.25
C LYS A 78 3.59 -3.46 1.59
N ASN A 79 3.16 -3.78 2.81
CA ASN A 79 1.82 -3.44 3.30
C ASN A 79 1.54 -1.93 3.14
N TYR A 80 2.54 -1.08 3.41
CA TYR A 80 2.41 0.37 3.29
C TYR A 80 2.28 0.80 1.84
N ILE A 81 3.06 0.18 0.95
CA ILE A 81 3.08 0.43 -0.50
C ILE A 81 1.78 -0.05 -1.17
N LYS A 82 1.09 -1.04 -0.61
CA LYS A 82 -0.24 -1.50 -1.04
C LYS A 82 -1.38 -0.64 -0.48
N ASN A 83 -1.22 -0.08 0.73
CA ASN A 83 -2.24 0.72 1.40
C ASN A 83 -2.22 2.15 0.90
N SER A 84 -1.02 2.72 0.78
CA SER A 84 -0.80 4.01 0.12
C SER A 84 0.13 3.90 -1.09
N ASN A 85 -0.36 4.39 -2.24
CA ASN A 85 0.29 4.20 -3.55
C ASN A 85 0.07 5.36 -4.54
N ARG A 86 -1.18 5.86 -4.64
CA ARG A 86 -1.57 7.04 -5.44
C ARG A 86 -2.08 8.22 -4.57
N LEU A 87 -1.75 8.20 -3.28
CA LEU A 87 -2.25 9.15 -2.28
C LEU A 87 -1.13 9.82 -1.46
N GLY A 88 -0.26 9.05 -0.82
CA GLY A 88 0.87 9.58 -0.04
C GLY A 88 0.47 10.59 1.05
N ARG A 89 1.03 11.80 0.96
CA ARG A 89 0.73 12.98 1.81
C ARG A 89 0.52 14.23 0.97
N THR A 90 -0.09 15.25 1.59
CA THR A 90 -0.49 16.53 0.99
C THR A 90 0.62 17.60 0.92
N ASN A 91 1.90 17.20 1.08
CA ASN A 91 3.03 18.12 1.24
C ASN A 91 3.56 18.74 -0.07
N ASN A 92 2.74 18.79 -1.12
CA ASN A 92 3.09 19.22 -2.48
C ASN A 92 2.56 20.63 -2.87
N LEU A 93 2.05 21.40 -1.89
CA LEU A 93 1.26 22.61 -2.12
C LEU A 93 1.80 23.87 -1.39
N LYS A 94 3.09 23.90 -1.03
CA LYS A 94 3.76 25.04 -0.36
C LYS A 94 4.47 25.98 -1.33
N THR A 95 4.63 25.56 -2.59
CA THR A 95 5.20 26.36 -3.68
C THR A 95 4.66 25.89 -5.03
N ILE A 96 4.03 26.81 -5.76
CA ILE A 96 3.35 26.56 -7.03
C ILE A 96 3.50 27.72 -8.05
N GLY A 97 4.32 28.74 -7.75
CA GLY A 97 4.37 30.01 -8.50
C GLY A 97 3.23 30.98 -8.19
N ILE A 98 2.21 30.53 -7.45
CA ILE A 98 0.93 31.20 -7.20
C ILE A 98 0.25 31.56 -8.54
N LEU A 99 -0.47 30.59 -9.10
CA LEU A 99 -1.02 30.59 -10.47
C LEU A 99 -1.97 31.79 -10.74
N GLN A 100 -1.40 32.89 -11.24
CA GLN A 100 -2.13 34.13 -11.55
C GLN A 100 -1.68 34.76 -12.89
N GLU A 101 -0.39 35.09 -13.03
CA GLU A 101 0.19 35.78 -14.20
C GLU A 101 1.61 35.29 -14.51
N GLU A 102 2.09 35.57 -15.72
CA GLU A 102 3.47 35.30 -16.18
C GLU A 102 4.12 36.61 -16.67
N VAL A 103 4.97 37.20 -15.83
CA VAL A 103 5.75 38.42 -16.11
C VAL A 103 7.08 38.41 -15.36
N SER A 104 8.19 38.71 -16.06
CA SER A 104 9.52 38.87 -15.46
C SER A 104 10.50 39.60 -16.41
N SER A 105 10.83 38.99 -17.55
CA SER A 105 11.83 39.52 -18.50
C SER A 105 11.22 40.44 -19.57
N MET A 106 9.93 40.25 -19.90
CA MET A 106 9.13 41.11 -20.77
C MET A 106 7.79 41.44 -20.11
N GLU A 107 7.38 42.71 -20.17
CA GLU A 107 6.19 43.26 -19.51
C GLU A 107 5.37 44.23 -20.41
N ALA A 108 5.76 44.38 -21.68
CA ALA A 108 5.19 45.32 -22.65
C ALA A 108 4.48 44.62 -23.82
N LYS A 109 3.59 45.35 -24.50
CA LYS A 109 2.79 44.90 -25.66
C LYS A 109 3.24 45.63 -26.94
N SER A 110 3.92 44.92 -27.84
CA SER A 110 4.47 45.46 -29.10
C SER A 110 4.51 44.37 -30.19
N MET A 111 3.33 43.85 -30.54
CA MET A 111 3.12 42.82 -31.56
C MET A 111 1.97 43.18 -32.53
N THR A 112 1.90 42.47 -33.66
CA THR A 112 0.88 42.65 -34.71
C THR A 112 0.14 41.35 -35.03
N TRP A 113 -1.05 41.49 -35.62
CA TRP A 113 -1.97 40.43 -36.02
C TRP A 113 -1.78 40.02 -37.49
#